data_3ZJ5
#
_entry.id   3ZJ5
#
_cell.length_a   131.520
_cell.length_b   154.800
_cell.length_c   160.740
_cell.angle_alpha   90.00
_cell.angle_beta   90.00
_cell.angle_gamma   90.00
#
_symmetry.space_group_name_H-M   'P 21 21 21'
#
loop_
_entity.id
_entity.type
_entity.pdbx_description
1 polymer CATALASE-3
2 non-polymer 1,2-ETHANEDIOL
3 non-polymer 'TETRAETHYLENE GLYCOL'
4 non-polymer 2-(2-ETHOXYETHOXY)ETHANOL
5 non-polymer 'PROTOPORPHYRIN IX CONTAINING FE'
6 non-polymer 'D(-)-TARTARIC ACID'
7 water water
#
_entity_poly.entity_id   1
_entity_poly.type   'polypeptide(L)'
_entity_poly.pdbx_seq_one_letter_code
;MNHKVHHHHHHIEGRHMELGTLEGSEFMRVNALLPLSGLIGTALAACPFADPSALGRRAEGGEVDARQRLKEVEVDDNGQ
FMTTDFGGNIEEQFSLKAGGRGSTLLEDFIFRQKLQHFDHERIPERVVHARGAGAHGIFTSYGDWSNITAASFLGAKDKQ
TPVFVRFSTVAGSRGSADTARDVHGFATRFYTDEGNFDIVGNNIPVFFIQDAIRFPDLIHSVKPSPDNEVPQAATAHDSA
WDFFSSQPSALHTLFWAMSGNGIPRSYRHMDGFGIHTFRLVTEDGKSKLVKWHWKTKQGKAALVWEEAQVLAGKNADFHR
QDLWDAIESGNAPSWELAVQLIDEDKAQAYGFDLLDPTKFLPEEFAPLQVLGEMTLNRNPMNYFAETEQISFQPGHIVRG
VDFTEDPLLQGRLYSYLDTQLNRHRGPNFEQLPINRPVSGVHNNHRDGQGQAWIHKNIHHYSPSYLNKGYPAQANQTVGR
GFFTTPGRTASGVLNRELSATFDDHYTQPRLFFNSLTPVEQQFVINAIRFEASHVTNEQVKKNVLEQLNKISNDVAKRVA
VALGLEAPQPDPTYYHNNVTRGVSIFNESLPTIATLRVGVLSTTKGGSLDKAKALKEQLEKDGLKVTVIAEYLASGVDQT
YSAADATAFDAVVVAEGAERVFSGKGAMSPLFPAGRPSQILTDGYRWGKPVAAVGSAKKALQSIGVEEKEAGVYAGAQDE
VIKGVEEGLKVFKFLERFAVDGDDEE
;
_entity_poly.pdbx_strand_id   A,B,C,D
#
loop_
_chem_comp.id
_chem_comp.type
_chem_comp.name
_chem_comp.formula
AE3 non-polymer 2-(2-ETHOXYETHOXY)ETHANOL 'C6 H14 O3'
EDO non-polymer 1,2-ETHANEDIOL 'C2 H6 O2'
HEM non-polymer 'PROTOPORPHYRIN IX CONTAINING FE' 'C34 H32 Fe N4 O4'
PG4 non-polymer 'TETRAETHYLENE GLYCOL' 'C8 H18 O5'
TAR non-polymer 'D(-)-TARTARIC ACID' 'C4 H6 O6'
#
# COMPACT_ATOMS: atom_id res chain seq x y z
N ASP A 65 -8.25 -13.51 32.87
CA ASP A 65 -8.70 -13.22 31.51
C ASP A 65 -7.52 -13.25 30.53
N ALA A 66 -7.54 -14.21 29.60
CA ALA A 66 -6.53 -14.29 28.56
C ALA A 66 -6.40 -13.01 27.73
N ARG A 67 -7.51 -12.29 27.58
CA ARG A 67 -7.49 -11.03 26.81
C ARG A 67 -7.06 -9.80 27.63
N GLN A 68 -6.59 -10.02 28.85
CA GLN A 68 -6.31 -8.91 29.79
C GLN A 68 -5.45 -7.77 29.22
N ARG A 69 -4.37 -8.14 28.53
CA ARG A 69 -3.45 -7.15 27.94
C ARG A 69 -4.13 -6.30 26.85
N LEU A 70 -5.20 -6.82 26.27
CA LEU A 70 -5.89 -6.09 25.19
C LEU A 70 -6.83 -5.01 25.72
N LYS A 71 -7.10 -5.01 27.02
CA LYS A 71 -8.06 -4.07 27.61
C LYS A 71 -7.70 -2.60 27.39
N GLU A 72 -6.42 -2.30 27.36
CA GLU A 72 -5.95 -0.92 27.24
C GLU A 72 -6.28 -0.30 25.88
N VAL A 73 -6.50 -1.12 24.87
CA VAL A 73 -6.85 -0.59 23.54
C VAL A 73 -8.33 -0.73 23.22
N GLU A 74 -9.12 -1.17 24.20
CA GLU A 74 -10.57 -1.30 24.01
C GLU A 74 -11.27 0.06 24.15
N VAL A 75 -12.25 0.29 23.30
CA VAL A 75 -12.90 1.59 23.22
C VAL A 75 -14.41 1.45 23.38
N ASP A 76 -14.92 2.07 24.43
CA ASP A 76 -16.34 2.01 24.79
C ASP A 76 -17.01 3.28 24.30
N ASP A 77 -18.04 3.15 23.47
CA ASP A 77 -18.72 4.32 22.88
C ASP A 77 -20.08 4.60 23.53
N ASN A 78 -20.40 3.84 24.57
CA ASN A 78 -21.69 4.00 25.22
C ASN A 78 -21.71 5.29 26.02
N GLY A 79 -22.82 6.01 25.91
CA GLY A 79 -23.01 7.23 26.68
C GLY A 79 -22.19 8.40 26.13
N GLN A 80 -21.73 8.27 24.89
CA GLN A 80 -20.87 9.30 24.30
C GLN A 80 -21.54 9.92 23.08
N PHE A 81 -21.17 11.17 22.78
CA PHE A 81 -21.51 11.79 21.50
C PHE A 81 -20.59 11.33 20.38
N MET A 82 -21.14 11.22 19.18
CA MET A 82 -20.43 10.92 17.93
C MET A 82 -19.32 11.95 17.71
N THR A 83 -18.16 11.51 17.21
CA THR A 83 -17.07 12.41 16.84
C THR A 83 -16.49 12.05 15.48
N THR A 84 -15.62 12.91 14.96
CA THR A 84 -14.75 12.54 13.83
C THR A 84 -13.60 11.71 14.38
N ASP A 85 -12.75 11.21 13.49
CA ASP A 85 -11.55 10.49 13.92
C ASP A 85 -10.45 11.40 14.51
N PHE A 86 -10.65 12.72 14.44
CA PHE A 86 -9.69 13.66 15.02
C PHE A 86 -10.29 14.45 16.19
N GLY A 87 -11.37 13.90 16.72
CA GLY A 87 -12.03 14.54 17.84
C GLY A 87 -13.02 15.57 17.38
N GLY A 88 -13.77 16.11 18.34
CA GLY A 88 -14.80 17.07 18.04
C GLY A 88 -16.12 16.35 17.83
N ASN A 89 -17.13 16.73 18.60
CA ASN A 89 -18.44 16.11 18.52
C ASN A 89 -19.16 16.54 17.25
N ILE A 90 -19.97 15.63 16.67
CA ILE A 90 -20.63 15.90 15.40
C ILE A 90 -21.97 15.20 15.25
N GLU A 91 -22.71 15.56 14.20
CA GLU A 91 -23.80 14.74 13.69
C GLU A 91 -23.34 14.26 12.32
N GLU A 92 -23.80 13.09 11.88
CA GLU A 92 -23.33 12.55 10.60
C GLU A 92 -24.39 11.72 9.91
N GLN A 93 -25.63 12.23 9.94
CA GLN A 93 -26.75 11.54 9.27
C GLN A 93 -27.26 12.34 8.08
N PHE A 94 -26.75 13.56 7.89
CA PHE A 94 -27.13 14.37 6.73
C PHE A 94 -25.90 14.95 6.02
N SER A 95 -25.86 14.86 4.69
CA SER A 95 -24.82 15.55 3.93
C SER A 95 -25.09 17.05 3.94
N LEU A 96 -24.02 17.84 3.95
CA LEU A 96 -24.13 19.30 3.81
C LEU A 96 -24.45 19.67 2.36
N LYS A 97 -25.52 20.41 2.14
CA LYS A 97 -26.03 20.68 0.80
C LYS A 97 -26.15 22.17 0.50
N ALA A 98 -26.04 22.53 -0.78
CA ALA A 98 -26.19 23.93 -1.17
C ALA A 98 -27.65 24.21 -1.50
N GLY A 99 -28.44 24.48 -0.47
CA GLY A 99 -29.88 24.71 -0.65
C GLY A 99 -30.70 23.47 -0.41
N GLY A 100 -32.01 23.64 -0.28
CA GLY A 100 -32.91 22.60 0.21
C GLY A 100 -32.85 21.25 -0.51
N ARG A 101 -32.87 21.30 -1.83
CA ARG A 101 -32.76 20.09 -2.62
C ARG A 101 -31.45 20.22 -3.41
N GLY A 102 -30.40 20.63 -2.70
CA GLY A 102 -29.14 20.98 -3.32
C GLY A 102 -28.10 19.88 -3.43
N SER A 103 -27.07 20.16 -4.23
CA SER A 103 -25.93 19.26 -4.38
C SER A 103 -25.09 19.24 -3.11
N THR A 104 -24.41 18.13 -2.86
CA THR A 104 -23.57 18.00 -1.68
C THR A 104 -22.27 18.81 -1.81
N LEU A 105 -21.90 19.48 -0.73
CA LEU A 105 -20.69 20.33 -0.72
C LEU A 105 -19.40 19.58 -0.45
N LEU A 106 -18.35 19.96 -1.18
CA LEU A 106 -17.03 19.38 -0.97
C LEU A 106 -16.50 19.71 0.43
N GLU A 107 -16.96 20.83 1.01
CA GLU A 107 -16.48 21.23 2.34
C GLU A 107 -17.15 20.44 3.46
N ASP A 108 -17.96 19.44 3.10
CA ASP A 108 -18.51 18.55 4.12
C ASP A 108 -17.41 17.58 4.56
N PHE A 109 -16.59 18.04 5.51
CA PHE A 109 -15.46 17.24 5.98
C PHE A 109 -15.96 16.03 6.75
N ILE A 110 -17.12 16.17 7.38
CA ILE A 110 -17.73 15.09 8.13
C ILE A 110 -18.15 13.92 7.24
N PHE A 111 -18.80 14.22 6.12
CA PHE A 111 -19.15 13.16 5.18
C PHE A 111 -17.91 12.43 4.69
N ARG A 112 -16.89 13.18 4.29
CA ARG A 112 -15.73 12.56 3.68
C ARG A 112 -14.89 11.75 4.66
N GLN A 113 -14.70 12.24 5.89
CA GLN A 113 -13.92 11.43 6.84
C GLN A 113 -14.66 10.13 7.21
N LYS A 114 -15.99 10.16 7.19
CA LYS A 114 -16.77 8.97 7.53
C LYS A 114 -16.75 7.96 6.37
N LEU A 115 -17.04 8.43 5.17
CA LEU A 115 -17.02 7.55 4.00
C LEU A 115 -15.62 7.07 3.66
N GLN A 116 -14.61 7.90 3.85
CA GLN A 116 -13.25 7.44 3.55
C GLN A 116 -12.93 6.25 4.42
N HIS A 117 -13.28 6.31 5.70
CA HIS A 117 -12.93 5.19 6.55
C HIS A 117 -13.67 3.92 6.12
N PHE A 118 -14.93 4.07 5.73
CA PHE A 118 -15.73 2.96 5.23
C PHE A 118 -15.14 2.41 3.93
N ASP A 119 -14.83 3.30 2.99
CA ASP A 119 -14.28 2.92 1.68
C ASP A 119 -13.00 2.08 1.79
N HIS A 120 -12.28 2.25 2.90
CA HIS A 120 -10.96 1.63 3.06
C HIS A 120 -10.96 0.54 4.12
N GLU A 121 -12.14 0.00 4.41
CA GLU A 121 -12.26 -0.95 5.52
C GLU A 121 -11.54 -2.28 5.25
N ARG A 122 -11.60 -2.75 4.01
CA ARG A 122 -11.13 -4.10 3.69
C ARG A 122 -9.61 -4.22 3.56
N ILE A 123 -9.08 -5.34 4.05
CA ILE A 123 -7.69 -5.71 3.80
C ILE A 123 -7.71 -7.03 3.03
N PRO A 124 -6.60 -7.35 2.34
CA PRO A 124 -6.56 -8.59 1.56
C PRO A 124 -6.82 -9.79 2.45
N GLU A 125 -7.58 -10.79 1.98
CA GLU A 125 -7.75 -11.99 2.78
C GLU A 125 -6.44 -12.77 2.76
N ARG A 126 -6.27 -13.71 3.69
CA ARG A 126 -5.11 -14.59 3.66
C ARG A 126 -5.06 -15.33 2.32
N VAL A 127 -3.85 -15.49 1.77
CA VAL A 127 -3.68 -16.16 0.46
C VAL A 127 -4.16 -17.61 0.49
N VAL A 128 -3.99 -18.28 1.63
CA VAL A 128 -4.66 -19.55 1.92
C VAL A 128 -5.25 -19.44 3.32
N HIS A 129 -6.20 -20.31 3.66
CA HIS A 129 -6.79 -20.31 5.01
C HIS A 129 -7.54 -19.01 5.28
N ALA A 130 -8.11 -18.42 4.22
CA ALA A 130 -8.81 -17.15 4.35
C ALA A 130 -10.04 -17.27 5.23
N ARG A 131 -10.70 -18.44 5.15
CA ARG A 131 -11.92 -18.69 5.92
C ARG A 131 -11.57 -19.33 7.26
N GLY A 132 -11.89 -18.65 8.36
CA GLY A 132 -11.57 -19.17 9.67
C GLY A 132 -12.10 -18.33 10.81
N ALA A 133 -11.91 -18.83 12.02
CA ALA A 133 -12.35 -18.11 13.20
C ALA A 133 -11.46 -18.53 14.35
N GLY A 134 -11.44 -17.74 15.41
CA GLY A 134 -10.50 -17.99 16.49
C GLY A 134 -11.04 -17.55 17.84
N ALA A 135 -10.23 -17.78 18.86
CA ALA A 135 -10.59 -17.46 20.24
C ALA A 135 -9.34 -17.43 21.10
N HIS A 136 -9.41 -16.75 22.24
CA HIS A 136 -8.31 -16.69 23.19
C HIS A 136 -8.44 -17.79 24.24
N GLY A 137 -7.34 -18.10 24.92
CA GLY A 137 -7.38 -19.09 25.98
C GLY A 137 -6.10 -19.13 26.80
N ILE A 138 -5.95 -20.18 27.61
CA ILE A 138 -4.77 -20.35 28.44
C ILE A 138 -4.15 -21.72 28.20
N PHE A 139 -2.84 -21.78 28.06
CA PHE A 139 -2.15 -23.07 28.05
C PHE A 139 -1.51 -23.30 29.42
N THR A 140 -1.67 -24.51 29.95
CA THR A 140 -1.07 -24.88 31.23
C THR A 140 -0.13 -26.07 31.07
N SER A 141 1.12 -25.89 31.51
CA SER A 141 2.11 -26.96 31.45
C SER A 141 1.86 -27.96 32.57
N TYR A 142 1.92 -29.25 32.25
CA TYR A 142 1.77 -30.28 33.28
C TYR A 142 3.06 -30.48 34.09
N GLY A 143 4.18 -29.97 33.59
CA GLY A 143 5.43 -30.15 34.29
C GLY A 143 6.58 -29.24 33.89
N ASP A 144 7.70 -29.42 34.59
CA ASP A 144 8.98 -28.83 34.24
C ASP A 144 9.63 -29.71 33.19
N TRP A 145 9.67 -29.23 31.95
CA TRP A 145 10.21 -30.05 30.85
C TRP A 145 11.60 -29.61 30.41
N SER A 146 12.34 -28.99 31.32
CA SER A 146 13.68 -28.49 31.01
C SER A 146 14.68 -29.62 30.69
N ASN A 147 14.25 -30.85 30.95
CA ASN A 147 15.04 -32.04 30.62
C ASN A 147 15.04 -32.31 29.12
N ILE A 148 14.02 -31.78 28.43
CA ILE A 148 13.92 -31.95 26.98
C ILE A 148 13.91 -30.63 26.21
N THR A 149 13.51 -29.54 26.86
CA THR A 149 13.52 -28.25 26.19
C THR A 149 13.78 -27.06 27.13
N ALA A 150 14.51 -26.06 26.62
CA ALA A 150 14.74 -24.82 27.35
C ALA A 150 13.57 -23.83 27.21
N ALA A 151 12.57 -24.19 26.41
CA ALA A 151 11.41 -23.32 26.15
C ALA A 151 10.71 -22.89 27.44
N SER A 152 10.63 -21.57 27.64
CA SER A 152 10.16 -21.03 28.91
C SER A 152 8.74 -21.46 29.26
N PHE A 153 7.87 -21.49 28.26
CA PHE A 153 6.47 -21.80 28.51
C PHE A 153 6.24 -23.24 29.00
N LEU A 154 7.24 -24.10 28.84
CA LEU A 154 7.15 -25.48 29.30
C LEU A 154 8.10 -25.72 30.48
N GLY A 155 8.47 -24.64 31.16
CA GLY A 155 9.55 -24.71 32.13
C GLY A 155 9.16 -25.07 33.56
N ALA A 156 7.86 -25.18 33.82
CA ALA A 156 7.39 -25.48 35.18
C ALA A 156 5.98 -26.05 35.22
N LYS A 157 5.70 -26.86 36.24
CA LYS A 157 4.37 -27.43 36.39
C LYS A 157 3.39 -26.30 36.71
N ASP A 158 2.22 -26.35 36.08
CA ASP A 158 1.16 -25.36 36.28
C ASP A 158 1.46 -23.97 35.71
N LYS A 159 2.51 -23.85 34.92
CA LYS A 159 2.85 -22.55 34.34
C LYS A 159 1.84 -22.23 33.26
N GLN A 160 1.28 -21.02 33.34
CA GLN A 160 0.23 -20.62 32.40
C GLN A 160 0.72 -19.61 31.38
N THR A 161 0.26 -19.79 30.14
CA THR A 161 0.63 -18.89 29.04
C THR A 161 -0.62 -18.58 28.23
N PRO A 162 -0.90 -17.27 28.02
CA PRO A 162 -2.05 -16.92 27.17
C PRO A 162 -1.86 -17.48 25.76
N VAL A 163 -2.96 -17.94 25.14
CA VAL A 163 -2.89 -18.32 23.74
C VAL A 163 -3.98 -17.65 22.89
N PHE A 164 -3.81 -17.70 21.58
CA PHE A 164 -4.90 -17.45 20.67
C PHE A 164 -4.80 -18.53 19.62
N VAL A 165 -5.95 -19.04 19.22
CA VAL A 165 -5.97 -20.11 18.25
C VAL A 165 -6.92 -19.73 17.14
N ARG A 166 -6.49 -19.88 15.88
CA ARG A 166 -7.40 -19.70 14.76
C ARG A 166 -7.50 -21.01 14.01
N PHE A 167 -8.74 -21.44 13.75
CA PHE A 167 -9.02 -22.64 12.97
C PHE A 167 -9.52 -22.17 11.62
N SER A 168 -9.41 -23.02 10.60
CA SER A 168 -9.72 -22.56 9.24
C SER A 168 -9.87 -23.71 8.27
N THR A 169 -10.38 -23.40 7.07
CA THR A 169 -10.22 -24.30 5.93
C THR A 169 -8.98 -23.82 5.19
N VAL A 170 -8.77 -24.25 3.94
CA VAL A 170 -7.55 -23.88 3.21
C VAL A 170 -7.84 -23.14 1.91
N ALA A 171 -8.72 -23.70 1.09
CA ALA A 171 -8.88 -23.23 -0.29
C ALA A 171 -9.82 -22.04 -0.40
N GLY A 172 -10.97 -22.13 0.26
CA GLY A 172 -12.02 -21.14 0.03
C GLY A 172 -11.65 -19.74 0.47
N SER A 173 -12.25 -18.73 -0.18
CA SER A 173 -12.07 -17.33 0.22
C SER A 173 -12.84 -17.00 1.50
N ARG A 174 -12.73 -15.77 2.00
N ARG A 174 -12.78 -15.74 1.91
CA ARG A 174 -13.55 -15.37 3.14
CA ARG A 174 -13.34 -15.25 3.18
C ARG A 174 -15.01 -15.44 2.74
C ARG A 174 -14.75 -15.68 3.57
N GLY A 175 -15.85 -16.04 3.57
N GLY A 175 -15.66 -15.72 2.60
CA GLY A 175 -17.26 -16.10 3.23
CA GLY A 175 -17.08 -15.94 2.87
C GLY A 175 -17.67 -17.42 2.62
C GLY A 175 -17.61 -17.32 2.54
N SER A 176 -16.71 -18.25 2.24
CA SER A 176 -17.07 -19.61 1.81
C SER A 176 -17.52 -20.41 3.03
N ALA A 177 -18.06 -21.60 2.81
CA ALA A 177 -18.70 -22.36 3.88
C ALA A 177 -17.71 -23.08 4.79
N ASP A 178 -18.03 -23.11 6.08
CA ASP A 178 -17.21 -23.85 7.04
C ASP A 178 -17.20 -25.34 6.71
N THR A 179 -18.30 -25.86 6.16
CA THR A 179 -18.38 -27.30 5.98
C THR A 179 -18.11 -27.72 4.56
N ALA A 180 -17.31 -26.92 3.86
CA ALA A 180 -16.69 -27.38 2.63
C ALA A 180 -15.80 -28.56 3.01
N ARG A 181 -15.53 -29.46 2.07
CA ARG A 181 -14.53 -30.49 2.30
C ARG A 181 -13.12 -29.95 2.04
N ASP A 182 -12.24 -30.02 3.04
CA ASP A 182 -10.92 -29.41 2.92
C ASP A 182 -10.01 -29.84 4.06
N VAL A 183 -8.72 -29.62 3.89
CA VAL A 183 -7.79 -29.69 5.02
C VAL A 183 -8.17 -28.52 5.92
N HIS A 184 -7.98 -28.65 7.22
CA HIS A 184 -8.29 -27.53 8.11
C HIS A 184 -7.07 -27.06 8.85
N GLY A 185 -6.96 -25.74 9.02
CA GLY A 185 -5.87 -25.14 9.77
C GLY A 185 -6.13 -25.17 11.26
N PHE A 186 -5.06 -25.21 12.04
CA PHE A 186 -5.17 -25.26 13.50
C PHE A 186 -3.90 -24.55 13.98
N ALA A 187 -3.98 -23.23 14.09
CA ALA A 187 -2.81 -22.40 14.36
C ALA A 187 -2.87 -21.84 15.77
N THR A 188 -1.82 -22.07 16.55
CA THR A 188 -1.78 -21.63 17.94
C THR A 188 -0.64 -20.67 18.20
N ARG A 189 -0.94 -19.55 18.87
CA ARG A 189 0.12 -18.67 19.37
C ARG A 189 0.25 -18.79 20.87
N PHE A 190 1.46 -19.06 21.36
CA PHE A 190 1.74 -18.98 22.79
C PHE A 190 2.42 -17.64 23.06
N TYR A 191 1.79 -16.78 23.85
CA TYR A 191 2.42 -15.49 24.15
C TYR A 191 3.35 -15.72 25.35
N THR A 192 4.53 -16.29 25.10
CA THR A 192 5.42 -16.70 26.19
C THR A 192 6.24 -15.52 26.69
N ASP A 193 6.86 -15.66 27.86
CA ASP A 193 7.64 -14.52 28.37
C ASP A 193 9.05 -14.48 27.75
N GLU A 194 9.31 -15.38 26.81
CA GLU A 194 10.50 -15.27 25.97
C GLU A 194 10.16 -15.16 24.49
N GLY A 195 9.01 -14.55 24.19
CA GLY A 195 8.63 -14.24 22.82
C GLY A 195 7.40 -15.01 22.36
N ASN A 196 6.79 -14.58 21.26
CA ASN A 196 5.68 -15.33 20.70
C ASN A 196 6.19 -16.62 20.06
N PHE A 197 5.56 -17.75 20.42
CA PHE A 197 5.88 -19.02 19.78
C PHE A 197 4.63 -19.54 19.09
N ASP A 198 4.69 -19.70 17.77
CA ASP A 198 3.54 -20.20 17.01
C ASP A 198 3.75 -21.64 16.56
N ILE A 199 2.73 -22.46 16.80
CA ILE A 199 2.65 -23.77 16.16
C ILE A 199 1.55 -23.66 15.12
N VAL A 200 1.96 -23.54 13.86
CA VAL A 200 1.00 -23.33 12.78
C VAL A 200 0.72 -24.68 12.16
N GLY A 201 -0.34 -25.33 12.64
CA GLY A 201 -0.61 -26.69 12.24
C GLY A 201 -1.88 -26.89 11.44
N ASN A 202 -2.20 -28.15 11.19
CA ASN A 202 -3.42 -28.54 10.49
C ASN A 202 -4.13 -29.64 11.27
N ASN A 203 -5.35 -30.00 10.87
CA ASN A 203 -6.05 -31.12 11.54
C ASN A 203 -5.69 -32.46 10.92
N ILE A 204 -4.71 -32.46 10.02
CA ILE A 204 -4.23 -33.65 9.32
C ILE A 204 -2.71 -33.63 9.41
N PRO A 205 -2.09 -34.79 9.73
CA PRO A 205 -0.65 -34.81 10.11
C PRO A 205 0.35 -34.81 8.97
N VAL A 206 -0.11 -34.85 7.73
CA VAL A 206 0.81 -34.87 6.60
C VAL A 206 0.36 -33.87 5.58
N PHE A 207 1.33 -33.34 4.83
CA PHE A 207 1.03 -32.34 3.81
C PHE A 207 1.17 -32.87 2.39
N PHE A 208 0.54 -32.19 1.44
CA PHE A 208 0.48 -32.63 0.04
C PHE A 208 1.83 -32.74 -0.64
N ILE A 209 2.78 -31.89 -0.26
CA ILE A 209 4.03 -31.75 -1.04
C ILE A 209 5.27 -31.75 -0.14
N GLN A 210 6.43 -32.00 -0.76
CA GLN A 210 7.69 -32.21 -0.04
C GLN A 210 8.66 -31.04 -0.10
N ASP A 211 8.41 -30.07 -0.98
CA ASP A 211 9.31 -28.93 -1.09
C ASP A 211 8.46 -27.67 -1.22
N ALA A 212 8.79 -26.65 -0.43
CA ALA A 212 7.99 -25.43 -0.32
C ALA A 212 7.86 -24.71 -1.65
N ILE A 213 8.82 -24.94 -2.53
CA ILE A 213 8.81 -24.23 -3.80
C ILE A 213 7.61 -24.64 -4.63
N ARG A 214 6.97 -25.75 -4.26
CA ARG A 214 5.82 -26.26 -5.02
C ARG A 214 4.47 -25.79 -4.47
N PHE A 215 4.49 -25.00 -3.39
CA PHE A 215 3.25 -24.54 -2.76
C PHE A 215 2.33 -23.76 -3.73
N PRO A 216 2.88 -22.81 -4.52
CA PRO A 216 1.97 -22.10 -5.45
C PRO A 216 1.35 -23.04 -6.47
N ASP A 217 2.06 -24.10 -6.84
CA ASP A 217 1.49 -25.05 -7.79
C ASP A 217 0.31 -25.79 -7.17
N LEU A 218 0.50 -26.33 -5.98
CA LEU A 218 -0.58 -26.99 -5.23
C LEU A 218 -1.80 -26.08 -5.11
N ILE A 219 -1.55 -24.89 -4.57
CA ILE A 219 -2.64 -23.96 -4.22
C ILE A 219 -3.39 -23.48 -5.46
N HIS A 220 -2.65 -23.04 -6.48
CA HIS A 220 -3.25 -22.74 -7.77
C HIS A 220 -4.14 -23.90 -8.26
N SER A 221 -3.69 -25.14 -8.10
CA SER A 221 -4.43 -26.27 -8.65
C SER A 221 -5.73 -26.59 -7.90
N VAL A 222 -5.76 -26.37 -6.58
CA VAL A 222 -6.98 -26.64 -5.82
C VAL A 222 -7.96 -25.44 -5.75
N LYS A 223 -7.43 -24.22 -5.86
CA LYS A 223 -8.28 -23.03 -5.85
C LYS A 223 -9.06 -22.93 -7.18
N PRO A 224 -10.00 -21.97 -7.30
CA PRO A 224 -10.82 -21.94 -8.52
C PRO A 224 -10.04 -21.78 -9.82
N SER A 225 -10.60 -22.31 -10.90
CA SER A 225 -10.01 -22.15 -12.23
C SER A 225 -9.84 -20.66 -12.51
N PRO A 226 -8.68 -20.28 -13.05
CA PRO A 226 -8.37 -18.85 -13.17
C PRO A 226 -9.11 -18.15 -14.29
N ASP A 227 -9.78 -18.90 -15.17
CA ASP A 227 -10.58 -18.25 -16.20
C ASP A 227 -11.94 -17.77 -15.67
N ASN A 228 -12.66 -18.63 -14.94
CA ASN A 228 -14.00 -18.25 -14.46
C ASN A 228 -14.16 -18.14 -12.94
N GLU A 229 -13.07 -18.36 -12.22
CA GLU A 229 -13.11 -18.50 -10.76
C GLU A 229 -14.19 -19.45 -10.25
N VAL A 230 -14.21 -20.64 -10.85
CA VAL A 230 -15.07 -21.74 -10.40
C VAL A 230 -14.15 -22.96 -10.25
N PRO A 231 -14.34 -23.79 -9.20
CA PRO A 231 -15.38 -23.75 -8.15
C PRO A 231 -14.89 -23.23 -6.81
N GLN A 232 -15.80 -22.70 -6.00
CA GLN A 232 -15.45 -22.18 -4.69
C GLN A 232 -15.24 -23.30 -3.67
N ALA A 233 -14.14 -23.23 -2.92
CA ALA A 233 -13.92 -24.08 -1.74
C ALA A 233 -14.11 -25.56 -2.02
N ALA A 234 -13.42 -26.06 -3.04
CA ALA A 234 -13.59 -27.46 -3.42
C ALA A 234 -12.46 -27.95 -4.29
N THR A 235 -12.06 -29.20 -4.08
CA THR A 235 -11.07 -29.84 -4.92
C THR A 235 -11.76 -30.68 -6.00
N ALA A 236 -13.09 -30.62 -6.05
CA ALA A 236 -13.86 -31.39 -7.03
C ALA A 236 -13.86 -30.76 -8.43
N HIS A 237 -12.68 -30.65 -9.02
CA HIS A 237 -12.56 -30.12 -10.38
C HIS A 237 -11.26 -30.57 -11.04
N ASP A 238 -11.17 -30.41 -12.35
CA ASP A 238 -10.06 -30.97 -13.14
C ASP A 238 -8.65 -30.70 -12.62
N SER A 239 -8.34 -29.42 -12.41
CA SER A 239 -6.96 -29.01 -12.13
C SER A 239 -6.44 -29.63 -10.84
N ALA A 240 -7.32 -29.75 -9.84
CA ALA A 240 -6.92 -30.32 -8.56
C ALA A 240 -6.50 -31.79 -8.73
N TRP A 241 -7.33 -32.55 -9.46
CA TRP A 241 -7.04 -33.97 -9.66
C TRP A 241 -5.92 -34.23 -10.68
N ASP A 242 -5.73 -33.29 -11.60
CA ASP A 242 -4.56 -33.32 -12.48
C ASP A 242 -3.32 -33.18 -11.58
N PHE A 243 -3.37 -32.26 -10.62
CA PHE A 243 -2.25 -32.10 -9.70
C PHE A 243 -1.99 -33.30 -8.81
N PHE A 244 -3.04 -33.83 -8.19
CA PHE A 244 -2.91 -34.95 -7.27
C PHE A 244 -2.30 -36.16 -7.98
N SER A 245 -2.71 -36.37 -9.23
CA SER A 245 -2.18 -37.48 -10.01
C SER A 245 -0.82 -37.19 -10.64
N SER A 246 -0.52 -35.92 -10.91
CA SER A 246 0.75 -35.59 -11.55
C SER A 246 1.86 -35.46 -10.52
N GLN A 247 1.47 -35.26 -9.27
CA GLN A 247 2.41 -35.04 -8.18
C GLN A 247 2.01 -35.97 -7.05
N PRO A 248 2.40 -37.25 -7.17
CA PRO A 248 1.86 -38.32 -6.31
C PRO A 248 2.14 -38.15 -4.83
N SER A 249 3.08 -37.28 -4.44
CA SER A 249 3.33 -37.05 -3.01
C SER A 249 2.05 -36.59 -2.31
N ALA A 250 1.13 -36.03 -3.11
CA ALA A 250 -0.12 -35.46 -2.62
C ALA A 250 -1.14 -36.49 -2.18
N LEU A 251 -0.91 -37.76 -2.54
CA LEU A 251 -1.94 -38.78 -2.33
C LEU A 251 -2.28 -39.02 -0.86
N HIS A 252 -1.28 -38.94 0.01
CA HIS A 252 -1.51 -39.21 1.43
C HIS A 252 -2.44 -38.19 2.07
N THR A 253 -2.11 -36.90 1.93
CA THR A 253 -2.98 -35.86 2.45
C THR A 253 -4.35 -35.96 1.79
N LEU A 254 -4.38 -36.26 0.50
CA LEU A 254 -5.64 -36.38 -0.22
C LEU A 254 -6.53 -37.44 0.44
N PHE A 255 -5.98 -38.60 0.74
CA PHE A 255 -6.77 -39.62 1.45
C PHE A 255 -7.33 -39.11 2.77
N TRP A 256 -6.51 -38.39 3.53
CA TRP A 256 -6.98 -37.84 4.81
C TRP A 256 -8.10 -36.82 4.59
N ALA A 257 -7.97 -36.04 3.52
CA ALA A 257 -8.98 -35.02 3.20
C ALA A 257 -10.28 -35.67 2.73
N MET A 258 -10.16 -36.86 2.15
CA MET A 258 -11.33 -37.58 1.66
C MET A 258 -11.99 -38.37 2.78
N SER A 259 -11.37 -38.37 3.96
CA SER A 259 -11.93 -39.04 5.13
C SER A 259 -12.71 -38.03 5.97
N GLY A 260 -13.08 -38.43 7.18
CA GLY A 260 -13.81 -37.56 8.08
C GLY A 260 -13.04 -36.30 8.43
N ASN A 261 -11.72 -36.34 8.35
CA ASN A 261 -10.91 -35.16 8.63
C ASN A 261 -11.23 -33.99 7.69
N GLY A 262 -11.74 -34.30 6.50
CA GLY A 262 -12.11 -33.27 5.53
C GLY A 262 -13.41 -32.55 5.85
N ILE A 263 -14.27 -33.19 6.64
CA ILE A 263 -15.55 -32.61 7.04
C ILE A 263 -15.85 -32.83 8.53
N PRO A 264 -15.02 -32.25 9.40
CA PRO A 264 -15.23 -32.46 10.84
C PRO A 264 -16.52 -31.82 11.33
N ARG A 265 -16.98 -32.27 12.49
CA ARG A 265 -18.21 -31.76 13.09
C ARG A 265 -18.01 -30.33 13.59
N SER A 266 -16.88 -30.07 14.23
CA SER A 266 -16.56 -28.72 14.69
C SER A 266 -15.04 -28.63 14.83
N TYR A 267 -14.57 -27.39 14.99
CA TYR A 267 -13.17 -27.13 15.31
C TYR A 267 -12.81 -27.83 16.61
N ARG A 268 -13.78 -27.93 17.50
CA ARG A 268 -13.54 -28.46 18.84
C ARG A 268 -13.35 -29.97 18.79
N HIS A 269 -13.80 -30.58 17.69
CA HIS A 269 -13.72 -32.03 17.51
C HIS A 269 -12.63 -32.43 16.51
N MET A 270 -11.59 -31.60 16.43
CA MET A 270 -10.42 -31.88 15.62
C MET A 270 -9.19 -32.09 16.49
N ASP A 271 -8.35 -33.03 16.08
CA ASP A 271 -6.96 -33.05 16.56
C ASP A 271 -6.16 -32.02 15.76
N GLY A 272 -4.95 -31.71 16.23
CA GLY A 272 -4.07 -30.81 15.51
C GLY A 272 -2.64 -31.33 15.44
N PHE A 273 -1.92 -30.95 14.40
CA PHE A 273 -0.56 -31.46 14.20
C PHE A 273 0.35 -30.37 13.69
N GLY A 274 1.59 -30.35 14.17
CA GLY A 274 2.57 -29.42 13.61
C GLY A 274 3.05 -29.91 12.26
N ILE A 275 2.78 -31.19 11.97
CA ILE A 275 3.25 -31.87 10.77
C ILE A 275 4.77 -32.07 10.65
N HIS A 276 5.53 -30.99 10.61
CA HIS A 276 6.98 -31.09 10.44
C HIS A 276 7.60 -31.68 11.68
N THR A 277 8.74 -32.34 11.50
CA THR A 277 9.58 -32.68 12.64
C THR A 277 10.31 -31.39 12.98
N PHE A 278 10.25 -30.99 14.24
CA PHE A 278 11.05 -29.87 14.69
C PHE A 278 12.09 -30.43 15.64
N ARG A 279 12.79 -29.53 16.34
CA ARG A 279 13.78 -29.95 17.35
C ARG A 279 13.47 -29.29 18.68
N LEU A 280 13.54 -30.06 19.76
CA LEU A 280 13.56 -29.47 21.09
C LEU A 280 15.03 -29.40 21.50
N VAL A 281 15.43 -28.30 22.13
CA VAL A 281 16.82 -28.10 22.49
C VAL A 281 16.91 -27.70 23.96
N THR A 282 17.84 -28.32 24.70
CA THR A 282 18.05 -28.01 26.12
C THR A 282 19.13 -26.94 26.32
N GLU A 283 19.22 -26.37 27.52
CA GLU A 283 20.19 -25.30 27.81
C GLU A 283 21.60 -25.62 27.35
N ASP A 284 22.02 -26.87 27.54
CA ASP A 284 23.38 -27.28 27.19
C ASP A 284 23.50 -27.57 25.70
N GLY A 285 22.39 -27.43 24.97
CA GLY A 285 22.44 -27.51 23.52
C GLY A 285 22.17 -28.89 22.93
N LYS A 286 21.74 -29.82 23.77
CA LYS A 286 21.41 -31.16 23.27
C LYS A 286 20.00 -31.16 22.67
N SER A 287 19.83 -31.89 21.57
CA SER A 287 18.58 -31.83 20.83
C SER A 287 17.87 -33.16 20.74
N LYS A 288 16.55 -33.08 20.57
CA LYS A 288 15.75 -34.23 20.20
C LYS A 288 14.83 -33.81 19.05
N LEU A 289 14.47 -34.76 18.18
CA LEU A 289 13.50 -34.49 17.13
C LEU A 289 12.10 -34.61 17.74
N VAL A 290 11.16 -33.85 17.21
CA VAL A 290 9.84 -33.80 17.83
C VAL A 290 8.72 -33.59 16.81
N LYS A 291 7.59 -34.27 17.05
CA LYS A 291 6.34 -33.99 16.35
C LYS A 291 5.39 -33.40 17.39
N TRP A 292 4.69 -32.32 17.05
CA TRP A 292 3.69 -31.73 17.95
C TRP A 292 2.33 -32.31 17.66
N HIS A 293 1.59 -32.66 18.73
CA HIS A 293 0.23 -33.17 18.60
C HIS A 293 -0.72 -32.40 19.52
N TRP A 294 -1.88 -32.00 18.98
CA TRP A 294 -2.98 -31.49 19.81
C TRP A 294 -4.07 -32.55 19.86
N LYS A 295 -4.38 -33.04 21.05
CA LYS A 295 -5.37 -34.11 21.18
C LYS A 295 -6.63 -33.54 21.78
N THR A 296 -7.71 -33.54 21.00
CA THR A 296 -8.95 -32.93 21.47
C THR A 296 -9.58 -33.67 22.64
N LYS A 297 -9.96 -32.92 23.67
CA LYS A 297 -10.62 -33.51 24.82
C LYS A 297 -12.11 -33.67 24.62
N GLN A 298 -12.62 -33.16 23.50
CA GLN A 298 -14.05 -33.29 23.18
C GLN A 298 -14.28 -34.53 22.33
N GLY A 299 -13.19 -35.13 21.86
CA GLY A 299 -13.26 -36.28 20.96
C GLY A 299 -13.41 -35.88 19.51
N LYS A 300 -12.89 -36.70 18.61
CA LYS A 300 -13.01 -36.44 17.18
C LYS A 300 -14.40 -36.84 16.68
N ALA A 301 -14.93 -36.07 15.74
CA ALA A 301 -16.27 -36.33 15.17
C ALA A 301 -16.33 -35.72 13.77
N ALA A 302 -17.11 -36.35 12.88
CA ALA A 302 -17.20 -35.88 11.50
C ALA A 302 -18.63 -35.96 10.96
N LEU A 303 -18.90 -35.18 9.92
CA LEU A 303 -20.20 -35.20 9.27
C LEU A 303 -20.17 -36.27 8.18
N VAL A 304 -21.26 -36.42 7.45
CA VAL A 304 -21.22 -37.17 6.21
C VAL A 304 -21.34 -36.15 5.07
N TRP A 305 -20.83 -36.50 3.89
CA TRP A 305 -20.70 -35.51 2.82
C TRP A 305 -22.03 -34.91 2.40
N GLU A 306 -23.04 -35.75 2.22
CA GLU A 306 -24.36 -35.29 1.76
C GLU A 306 -25.00 -34.35 2.77
N GLU A 307 -24.56 -34.46 4.02
CA GLU A 307 -25.02 -33.57 5.09
C GLU A 307 -24.24 -32.24 5.05
N ALA A 308 -22.92 -32.34 4.95
CA ALA A 308 -22.05 -31.14 4.91
C ALA A 308 -22.47 -30.19 3.80
N GLN A 309 -22.93 -30.75 2.68
CA GLN A 309 -23.32 -29.94 1.54
C GLN A 309 -24.55 -29.10 1.80
N VAL A 310 -25.56 -29.72 2.41
CA VAL A 310 -26.78 -28.99 2.74
C VAL A 310 -26.44 -27.94 3.77
N LEU A 311 -25.60 -28.32 4.73
CA LEU A 311 -25.17 -27.42 5.80
C LEU A 311 -24.41 -26.21 5.26
N ALA A 312 -23.57 -26.41 4.25
CA ALA A 312 -22.88 -25.30 3.60
C ALA A 312 -23.87 -24.20 3.19
N GLY A 313 -25.06 -24.61 2.74
CA GLY A 313 -26.08 -23.65 2.37
C GLY A 313 -26.95 -23.17 3.51
N LYS A 314 -27.32 -24.08 4.42
CA LYS A 314 -28.20 -23.73 5.53
C LYS A 314 -27.48 -22.91 6.59
N ASN A 315 -26.19 -23.17 6.81
CA ASN A 315 -25.43 -22.34 7.75
C ASN A 315 -23.94 -22.34 7.44
N ALA A 316 -23.52 -21.41 6.57
CA ALA A 316 -22.11 -21.28 6.20
C ALA A 316 -21.20 -21.07 7.41
N ASP A 317 -21.79 -20.59 8.51
CA ASP A 317 -21.01 -20.24 9.71
C ASP A 317 -21.06 -21.34 10.78
N PHE A 318 -21.43 -22.54 10.38
CA PHE A 318 -21.64 -23.64 11.32
C PHE A 318 -20.52 -23.82 12.34
N HIS A 319 -19.28 -23.77 11.90
CA HIS A 319 -18.15 -24.04 12.80
C HIS A 319 -17.81 -22.84 13.66
N ARG A 320 -17.83 -21.65 13.06
CA ARG A 320 -17.47 -20.47 13.82
C ARG A 320 -18.52 -20.19 14.88
N GLN A 321 -19.78 -20.52 14.57
CA GLN A 321 -20.85 -20.38 15.57
C GLN A 321 -20.73 -21.43 16.68
N ASP A 322 -20.39 -22.65 16.31
CA ASP A 322 -20.22 -23.72 17.29
C ASP A 322 -19.19 -23.33 18.35
N LEU A 323 -18.01 -22.89 17.90
CA LEU A 323 -16.95 -22.45 18.81
C LEU A 323 -17.38 -21.28 19.68
N TRP A 324 -18.03 -20.29 19.07
CA TRP A 324 -18.48 -19.10 19.78
C TRP A 324 -19.47 -19.49 20.87
N ASP A 325 -20.43 -20.34 20.52
CA ASP A 325 -21.49 -20.74 21.45
C ASP A 325 -20.95 -21.59 22.60
N ALA A 326 -19.99 -22.45 22.31
CA ALA A 326 -19.41 -23.32 23.33
C ALA A 326 -18.72 -22.47 24.37
N ILE A 327 -17.96 -21.48 23.90
CA ILE A 327 -17.26 -20.56 24.78
C ILE A 327 -18.24 -19.64 25.53
N GLU A 328 -19.25 -19.12 24.83
CA GLU A 328 -20.22 -18.27 25.50
C GLU A 328 -20.98 -19.00 26.61
N SER A 329 -21.22 -20.30 26.41
CA SER A 329 -22.04 -21.07 27.35
C SER A 329 -21.23 -21.67 28.49
N GLY A 330 -19.95 -21.32 28.57
CA GLY A 330 -19.09 -21.82 29.64
C GLY A 330 -18.58 -23.23 29.37
N ASN A 331 -18.69 -23.68 28.12
CA ASN A 331 -18.13 -24.98 27.73
C ASN A 331 -16.85 -24.85 26.91
N ALA A 332 -15.85 -24.21 27.49
CA ALA A 332 -14.59 -23.98 26.79
C ALA A 332 -13.93 -25.29 26.36
N PRO A 333 -13.61 -25.40 25.06
CA PRO A 333 -12.94 -26.62 24.59
C PRO A 333 -11.51 -26.73 25.11
N SER A 334 -11.01 -27.95 25.27
CA SER A 334 -9.61 -28.16 25.61
C SER A 334 -8.95 -29.17 24.68
N TRP A 335 -7.63 -29.02 24.54
CA TRP A 335 -6.81 -30.01 23.83
C TRP A 335 -5.62 -30.29 24.71
N GLU A 336 -5.08 -31.50 24.65
CA GLU A 336 -3.80 -31.75 25.31
C GLU A 336 -2.71 -31.60 24.30
N LEU A 337 -1.60 -30.99 24.72
CA LEU A 337 -0.43 -30.87 23.85
C LEU A 337 0.43 -32.09 24.09
N ALA A 338 0.72 -32.85 23.05
CA ALA A 338 1.53 -34.05 23.21
C ALA A 338 2.66 -34.08 22.18
N VAL A 339 3.72 -34.82 22.50
CA VAL A 339 4.84 -34.92 21.57
C VAL A 339 5.26 -36.36 21.33
N GLN A 340 5.81 -36.61 20.14
CA GLN A 340 6.62 -37.79 19.91
C GLN A 340 8.06 -37.30 19.90
N LEU A 341 8.93 -38.01 20.60
CA LEU A 341 10.33 -37.59 20.74
C LEU A 341 11.26 -38.65 20.15
N ILE A 342 12.18 -38.22 19.30
CA ILE A 342 13.00 -39.15 18.53
C ILE A 342 14.46 -38.74 18.61
N ASP A 343 15.36 -39.70 18.84
CA ASP A 343 16.80 -39.41 18.86
C ASP A 343 17.24 -38.93 17.49
N GLU A 344 18.18 -37.99 17.46
CA GLU A 344 18.69 -37.45 16.20
C GLU A 344 19.16 -38.59 15.29
N ASP A 345 19.78 -39.62 15.85
CA ASP A 345 20.32 -40.70 15.02
C ASP A 345 19.28 -41.63 14.43
N LYS A 346 18.02 -41.44 14.80
CA LYS A 346 16.95 -42.30 14.30
C LYS A 346 16.02 -41.60 13.28
N ALA A 347 16.51 -40.51 12.68
CA ALA A 347 15.70 -39.72 11.74
C ALA A 347 15.24 -40.54 10.54
N GLN A 348 16.01 -41.57 10.19
CA GLN A 348 15.65 -42.41 9.05
C GLN A 348 15.46 -43.86 9.47
N ALA A 349 15.18 -44.08 10.75
CA ALA A 349 15.04 -45.45 11.28
C ALA A 349 13.64 -46.07 11.16
N TYR A 350 12.62 -45.30 10.79
CA TYR A 350 11.25 -45.83 10.87
C TYR A 350 10.56 -46.13 9.53
N GLY A 351 11.34 -46.32 8.48
CA GLY A 351 10.77 -46.70 7.18
C GLY A 351 10.52 -45.51 6.27
N PHE A 352 10.90 -44.34 6.75
CA PHE A 352 10.82 -43.12 5.96
C PHE A 352 11.80 -42.10 6.55
N ASP A 353 11.87 -40.93 5.94
CA ASP A 353 12.77 -39.87 6.41
C ASP A 353 11.93 -38.88 7.21
N LEU A 354 12.30 -38.64 8.46
CA LEU A 354 11.55 -37.73 9.33
C LEU A 354 11.59 -36.25 8.88
N LEU A 355 12.40 -35.95 7.85
CA LEU A 355 12.40 -34.61 7.25
C LEU A 355 11.32 -34.51 6.18
N ASP A 356 10.66 -35.62 5.89
CA ASP A 356 9.63 -35.71 4.85
C ASP A 356 8.23 -35.48 5.46
N PRO A 357 7.59 -34.35 5.13
CA PRO A 357 6.31 -33.99 5.75
C PRO A 357 5.11 -34.72 5.15
N THR A 358 5.33 -35.62 4.19
CA THR A 358 4.24 -36.41 3.63
C THR A 358 4.04 -37.70 4.40
N LYS A 359 4.81 -37.86 5.48
CA LYS A 359 4.76 -39.06 6.29
C LYS A 359 4.52 -38.67 7.74
N PHE A 360 3.73 -39.49 8.45
CA PHE A 360 3.62 -39.39 9.90
C PHE A 360 4.29 -40.57 10.58
N LEU A 361 4.54 -40.43 11.88
CA LEU A 361 5.26 -41.45 12.63
C LEU A 361 4.25 -42.22 13.45
N PRO A 362 4.01 -43.50 13.09
CA PRO A 362 3.05 -44.37 13.77
C PRO A 362 3.31 -44.37 15.27
N GLU A 363 2.25 -44.23 16.06
CA GLU A 363 2.39 -44.12 17.50
C GLU A 363 2.96 -45.39 18.12
N GLU A 364 2.88 -46.49 17.39
CA GLU A 364 3.45 -47.74 17.88
C GLU A 364 4.98 -47.69 17.95
N PHE A 365 5.60 -46.78 17.19
CA PHE A 365 7.06 -46.63 17.21
C PHE A 365 7.48 -45.59 18.25
N ALA A 366 6.60 -44.63 18.49
CA ALA A 366 6.90 -43.52 19.41
C ALA A 366 5.57 -43.00 19.93
N PRO A 367 5.23 -43.32 21.18
CA PRO A 367 3.94 -42.96 21.78
C PRO A 367 3.89 -41.49 22.12
N LEU A 368 2.67 -40.94 22.24
CA LEU A 368 2.50 -39.54 22.60
C LEU A 368 2.86 -39.33 24.06
N GLN A 369 3.59 -38.26 24.33
CA GLN A 369 3.86 -37.88 25.71
C GLN A 369 3.23 -36.51 25.96
N VAL A 370 2.36 -36.44 26.96
CA VAL A 370 1.57 -35.23 27.21
C VAL A 370 2.36 -34.20 28.02
N LEU A 371 2.47 -32.97 27.50
CA LEU A 371 3.23 -31.91 28.16
C LEU A 371 2.32 -30.95 28.93
N GLY A 372 1.08 -30.85 28.49
CA GLY A 372 0.17 -29.87 29.07
C GLY A 372 -1.17 -29.79 28.35
N GLU A 373 -1.90 -28.73 28.63
CA GLU A 373 -3.25 -28.61 28.12
C GLU A 373 -3.61 -27.14 27.84
N MET A 374 -4.34 -26.92 26.74
CA MET A 374 -4.80 -25.59 26.36
C MET A 374 -6.33 -25.53 26.40
N THR A 375 -6.88 -24.46 26.97
CA THR A 375 -8.32 -24.26 27.04
C THR A 375 -8.70 -22.90 26.42
N LEU A 376 -9.58 -22.92 25.41
CA LEU A 376 -10.05 -21.67 24.79
C LEU A 376 -11.32 -21.17 25.47
N ASN A 377 -11.22 -20.09 26.25
CA ASN A 377 -12.37 -19.67 27.04
C ASN A 377 -12.84 -18.21 26.87
N ARG A 378 -12.24 -17.48 25.94
CA ARG A 378 -12.66 -16.10 25.70
C ARG A 378 -12.79 -15.82 24.19
N ASN A 379 -13.99 -15.43 23.77
CA ASN A 379 -14.20 -14.97 22.41
C ASN A 379 -13.54 -13.62 22.19
N PRO A 380 -13.26 -13.26 20.92
CA PRO A 380 -12.76 -11.90 20.68
C PRO A 380 -13.89 -10.90 20.85
N MET A 381 -13.52 -9.63 21.06
CA MET A 381 -14.49 -8.55 21.17
C MET A 381 -14.76 -7.95 19.80
N ASN A 382 -13.70 -7.81 18.99
CA ASN A 382 -13.85 -7.38 17.61
C ASN A 382 -13.16 -8.39 16.73
N TYR A 383 -13.94 -9.06 15.89
CA TYR A 383 -13.39 -10.13 15.06
C TYR A 383 -12.29 -9.61 14.13
N PHE A 384 -12.48 -8.43 13.54
CA PHE A 384 -11.49 -7.94 12.58
C PHE A 384 -10.16 -7.62 13.25
N ALA A 385 -10.22 -6.88 14.35
CA ALA A 385 -9.02 -6.37 15.02
C ALA A 385 -8.21 -7.54 15.55
N GLU A 386 -8.90 -8.61 15.93
CA GLU A 386 -8.27 -9.74 16.59
C GLU A 386 -8.09 -10.92 15.64
N THR A 387 -9.20 -11.56 15.25
CA THR A 387 -9.10 -12.74 14.40
C THR A 387 -8.56 -12.45 13.00
N GLU A 388 -9.08 -11.43 12.33
CA GLU A 388 -8.68 -11.22 10.94
C GLU A 388 -7.27 -10.69 10.87
N GLN A 389 -6.90 -9.83 11.81
CA GLN A 389 -5.58 -9.23 11.77
C GLN A 389 -4.42 -10.10 12.29
N ILE A 390 -4.71 -11.15 13.06
CA ILE A 390 -3.59 -11.90 13.65
C ILE A 390 -2.74 -12.56 12.58
N SER A 391 -1.42 -12.52 12.76
CA SER A 391 -0.46 -12.91 11.74
C SER A 391 0.47 -14.02 12.25
N PHE A 392 0.12 -15.27 11.96
CA PHE A 392 0.90 -16.41 12.45
C PHE A 392 2.14 -16.60 11.60
N GLN A 393 3.21 -17.15 12.19
CA GLN A 393 4.43 -17.52 11.46
C GLN A 393 5.10 -18.72 12.14
N PRO A 394 5.54 -19.71 11.35
CA PRO A 394 6.37 -20.77 11.94
C PRO A 394 7.76 -20.21 12.28
N GLY A 395 8.10 -19.06 11.67
CA GLY A 395 9.31 -18.34 12.04
C GLY A 395 9.25 -17.77 13.45
N HIS A 396 8.06 -17.76 14.05
CA HIS A 396 7.92 -17.33 15.44
C HIS A 396 8.40 -18.45 16.36
N ILE A 397 9.70 -18.50 16.56
CA ILE A 397 10.33 -19.55 17.36
C ILE A 397 10.95 -18.93 18.59
N VAL A 398 11.20 -19.74 19.62
CA VAL A 398 11.80 -19.26 20.86
C VAL A 398 12.96 -20.18 21.28
N ARG A 399 13.81 -19.68 22.17
CA ARG A 399 14.91 -20.47 22.71
C ARG A 399 14.36 -21.79 23.26
N GLY A 400 14.94 -22.91 22.85
CA GLY A 400 14.47 -24.22 23.29
C GLY A 400 13.86 -25.00 22.15
N VAL A 401 13.61 -24.33 21.04
CA VAL A 401 13.02 -24.97 19.87
C VAL A 401 13.91 -24.64 18.67
N ASP A 402 14.03 -25.56 17.70
CA ASP A 402 14.77 -25.27 16.47
C ASP A 402 14.11 -25.91 15.27
N PHE A 403 14.53 -25.49 14.07
CA PHE A 403 13.96 -26.03 12.84
C PHE A 403 14.68 -27.33 12.47
N THR A 404 14.14 -28.04 11.49
CA THR A 404 14.89 -29.12 10.86
C THR A 404 14.99 -28.77 9.39
N GLU A 405 15.76 -29.58 8.67
CA GLU A 405 15.95 -29.43 7.24
C GLU A 405 14.79 -29.98 6.40
N ASP A 406 13.59 -29.92 6.95
CA ASP A 406 12.38 -30.27 6.20
C ASP A 406 12.20 -29.21 5.11
N PRO A 407 12.36 -29.59 3.83
CA PRO A 407 12.36 -28.58 2.76
C PRO A 407 11.02 -27.86 2.59
N LEU A 408 9.96 -28.41 3.17
CA LEU A 408 8.67 -27.73 3.18
C LEU A 408 8.65 -26.67 4.27
N LEU A 409 9.08 -27.05 5.48
CA LEU A 409 9.17 -26.10 6.58
C LEU A 409 10.11 -24.95 6.24
N GLN A 410 11.22 -25.29 5.58
CA GLN A 410 12.27 -24.32 5.27
C GLN A 410 11.71 -23.09 4.56
N GLY A 411 10.90 -23.34 3.54
CA GLY A 411 10.36 -22.27 2.73
C GLY A 411 9.24 -21.51 3.41
N ARG A 412 8.53 -22.17 4.32
CA ARG A 412 7.48 -21.50 5.09
C ARG A 412 8.06 -20.34 5.88
N LEU A 413 9.29 -20.49 6.37
CA LEU A 413 9.87 -19.45 7.22
C LEU A 413 9.94 -18.14 6.44
N TYR A 414 10.23 -18.24 5.14
CA TYR A 414 10.27 -17.07 4.27
C TYR A 414 8.87 -16.52 4.02
N SER A 415 7.99 -17.41 3.59
CA SER A 415 6.69 -17.00 3.04
C SER A 415 5.76 -16.29 4.04
N TYR A 416 5.71 -16.72 5.30
CA TYR A 416 4.76 -16.09 6.21
C TYR A 416 5.22 -14.74 6.70
N LEU A 417 6.53 -14.51 6.72
CA LEU A 417 7.00 -13.18 7.07
C LEU A 417 6.63 -12.26 5.90
N ASP A 418 6.97 -12.70 4.70
CA ASP A 418 6.75 -11.92 3.50
C ASP A 418 5.27 -11.59 3.23
N THR A 419 4.38 -12.56 3.43
CA THR A 419 2.98 -12.35 3.05
C THR A 419 2.29 -11.27 3.91
N GLN A 420 2.78 -11.08 5.15
CA GLN A 420 2.27 -10.02 6.01
C GLN A 420 2.43 -8.64 5.39
N LEU A 421 3.48 -8.44 4.61
CA LEU A 421 3.69 -7.15 3.95
C LEU A 421 2.53 -6.83 3.00
N ASN A 422 1.93 -7.86 2.40
CA ASN A 422 0.79 -7.64 1.53
C ASN A 422 -0.46 -7.46 2.37
N ARG A 423 -0.69 -8.39 3.29
N ARG A 423 -0.68 -8.39 3.30
CA ARG A 423 -1.93 -8.37 4.07
CA ARG A 423 -1.92 -8.39 4.07
C ARG A 423 -2.05 -7.15 4.97
C ARG A 423 -2.05 -7.15 4.97
N HIS A 424 -0.93 -6.70 5.53
CA HIS A 424 -0.94 -5.52 6.41
C HIS A 424 -0.38 -4.25 5.76
N ARG A 425 0.11 -4.37 4.53
CA ARG A 425 0.57 -3.21 3.75
C ARG A 425 1.66 -2.40 4.48
N GLY A 426 2.58 -3.09 5.13
CA GLY A 426 3.65 -2.39 5.83
C GLY A 426 4.42 -3.34 6.75
N PRO A 427 5.51 -2.86 7.33
CA PRO A 427 6.45 -3.70 8.07
C PRO A 427 6.20 -3.74 9.56
N ASN A 428 5.20 -3.02 10.06
CA ASN A 428 5.00 -2.88 11.49
C ASN A 428 3.83 -3.71 12.07
N PHE A 429 3.45 -4.77 11.37
CA PHE A 429 2.31 -5.59 11.76
C PHE A 429 2.47 -6.26 13.13
N GLU A 430 3.70 -6.39 13.62
CA GLU A 430 3.89 -7.01 14.94
C GLU A 430 3.52 -6.04 16.06
N GLN A 431 3.29 -4.79 15.71
CA GLN A 431 2.88 -3.79 16.68
C GLN A 431 1.37 -3.77 16.88
N LEU A 432 0.63 -4.55 16.08
CA LEU A 432 -0.83 -4.61 16.24
C LEU A 432 -1.12 -5.34 17.55
N PRO A 433 -2.13 -4.87 18.29
CA PRO A 433 -2.40 -5.40 19.64
C PRO A 433 -2.44 -6.93 19.68
N ILE A 434 -3.06 -7.56 18.69
CA ILE A 434 -3.18 -9.03 18.69
C ILE A 434 -1.85 -9.74 18.37
N ASN A 435 -0.92 -9.02 17.74
CA ASN A 435 0.38 -9.60 17.39
C ASN A 435 1.47 -9.34 18.42
N ARG A 436 1.27 -8.33 19.26
CA ARG A 436 2.29 -7.94 20.24
C ARG A 436 2.63 -9.09 21.18
N PRO A 437 3.93 -9.31 21.43
CA PRO A 437 4.34 -10.25 22.48
C PRO A 437 4.03 -9.66 23.84
N VAL A 438 4.06 -10.47 24.89
CA VAL A 438 3.92 -9.90 26.22
C VAL A 438 5.29 -9.63 26.84
N SER A 439 6.35 -10.02 26.13
CA SER A 439 7.70 -9.98 26.70
C SER A 439 8.56 -8.77 26.30
N GLY A 440 8.07 -7.92 25.41
CA GLY A 440 8.78 -6.66 25.24
C GLY A 440 9.86 -6.66 24.18
N VAL A 441 9.93 -5.54 23.47
CA VAL A 441 10.71 -5.46 22.25
C VAL A 441 11.78 -4.39 22.40
N HIS A 442 13.03 -4.79 22.22
CA HIS A 442 14.13 -3.85 22.31
C HIS A 442 15.12 -4.12 21.20
N ASN A 443 15.17 -3.21 20.23
CA ASN A 443 16.09 -3.39 19.11
C ASN A 443 16.29 -2.07 18.38
N ASN A 444 17.06 -2.11 17.29
CA ASN A 444 17.41 -0.89 16.60
C ASN A 444 16.56 -0.64 15.38
N HIS A 445 15.44 -1.35 15.26
CA HIS A 445 14.49 -1.15 14.15
C HIS A 445 13.81 0.19 14.31
N ARG A 446 13.64 0.92 13.21
CA ARG A 446 13.00 2.23 13.25
C ARG A 446 12.24 2.51 11.96
N ASP A 447 11.23 3.36 12.11
CA ASP A 447 10.41 3.92 11.07
C ASP A 447 9.43 2.82 10.48
N GLY A 448 9.14 2.86 9.20
CA GLY A 448 8.19 1.89 8.72
C GLY A 448 6.76 2.39 8.79
N GLN A 449 6.00 2.16 7.71
CA GLN A 449 4.61 2.60 7.65
C GLN A 449 3.90 2.30 8.97
N GLY A 450 3.20 3.31 9.49
CA GLY A 450 2.38 3.15 10.67
C GLY A 450 3.09 2.95 12.00
N GLN A 451 4.38 3.33 12.08
CA GLN A 451 5.15 3.19 13.32
C GLN A 451 4.36 3.71 14.52
N ALA A 452 4.09 2.83 15.47
CA ALA A 452 3.19 3.14 16.58
C ALA A 452 3.91 3.56 17.85
N TRP A 453 5.24 3.44 17.87
CA TRP A 453 6.01 3.78 19.06
C TRP A 453 6.91 5.01 18.86
N ILE A 454 7.49 5.51 19.95
CA ILE A 454 8.49 6.58 19.86
C ILE A 454 9.75 6.14 20.58
N HIS A 455 10.79 5.84 19.82
CA HIS A 455 12.00 5.26 20.38
C HIS A 455 12.86 6.33 21.03
N LYS A 456 13.35 6.02 22.24
CA LYS A 456 14.16 6.93 23.02
C LYS A 456 15.65 6.86 22.66
N ASN A 457 16.15 5.67 22.36
CA ASN A 457 17.57 5.51 22.03
C ASN A 457 17.93 6.10 20.67
N ILE A 458 18.72 7.17 20.67
CA ILE A 458 19.09 7.83 19.41
C ILE A 458 20.26 7.17 18.71
N HIS A 459 20.94 6.25 19.40
CA HIS A 459 22.04 5.51 18.77
C HIS A 459 21.57 4.13 18.35
N HIS A 460 20.78 4.14 17.28
CA HIS A 460 20.06 2.98 16.78
C HIS A 460 20.91 2.07 15.89
N TYR A 461 22.07 1.67 16.40
CA TYR A 461 23.00 0.81 15.65
C TYR A 461 23.92 0.10 16.64
N SER A 462 24.41 -1.07 16.23
N SER A 462 24.38 -1.09 16.27
CA SER A 462 25.40 -1.84 16.98
CA SER A 462 25.42 -1.81 17.02
C SER A 462 26.53 -2.21 16.03
C SER A 462 26.54 -2.17 16.05
N PRO A 463 27.79 -2.25 16.52
CA PRO A 463 28.24 -1.94 17.87
C PRO A 463 28.35 -0.44 18.02
N SER A 464 28.46 0.03 19.27
CA SER A 464 28.47 1.45 19.54
C SER A 464 29.08 1.73 20.91
N TYR A 465 29.93 2.73 20.96
CA TYR A 465 30.43 3.27 22.23
C TYR A 465 29.36 4.16 22.86
N LEU A 466 28.65 4.92 22.02
CA LEU A 466 27.71 5.94 22.51
C LEU A 466 26.48 5.35 23.22
N ASN A 467 26.06 4.15 22.82
CA ASN A 467 24.91 3.53 23.49
C ASN A 467 25.31 2.50 24.56
N LYS A 468 26.60 2.51 24.88
CA LYS A 468 27.15 1.64 25.92
C LYS A 468 26.93 0.16 25.63
N GLY A 469 26.65 -0.18 24.37
CA GLY A 469 26.40 -1.57 24.01
C GLY A 469 24.96 -2.01 24.20
N TYR A 470 24.04 -1.07 24.45
CA TYR A 470 22.63 -1.41 24.60
C TYR A 470 21.76 -0.86 23.45
N PRO A 471 20.81 -1.67 22.94
CA PRO A 471 20.51 -3.03 23.41
C PRO A 471 21.60 -4.04 23.06
N ALA A 472 21.74 -5.05 23.92
CA ALA A 472 22.91 -5.92 23.91
C ALA A 472 22.65 -7.28 23.29
N GLN A 473 23.72 -7.87 22.75
CA GLN A 473 23.65 -9.20 22.16
C GLN A 473 23.27 -10.24 23.21
N ALA A 474 22.37 -11.14 22.86
CA ALA A 474 22.05 -12.31 23.66
C ALA A 474 22.32 -13.58 22.85
N ASN A 475 22.85 -14.61 23.50
CA ASN A 475 23.15 -15.88 22.83
C ASN A 475 22.89 -17.06 23.75
N GLN A 476 23.54 -18.20 23.48
CA GLN A 476 23.34 -19.40 24.30
C GLN A 476 23.71 -19.20 25.78
N THR A 477 24.75 -18.41 26.03
CA THR A 477 25.22 -18.27 27.41
C THR A 477 24.85 -16.93 28.08
N VAL A 478 24.57 -15.90 27.29
N VAL A 478 24.54 -15.94 27.25
CA VAL A 478 24.16 -14.64 27.89
CA VAL A 478 24.20 -14.60 27.74
C VAL A 478 22.85 -14.12 27.32
C VAL A 478 22.80 -14.17 27.29
N GLY A 479 22.01 -13.63 28.21
CA GLY A 479 20.73 -13.03 27.86
C GLY A 479 19.65 -13.98 27.38
N ARG A 480 19.85 -15.27 27.59
CA ARG A 480 18.92 -16.29 27.12
C ARG A 480 18.50 -16.06 25.67
N GLY A 481 19.48 -15.82 24.81
CA GLY A 481 19.19 -15.60 23.40
C GLY A 481 18.86 -16.89 22.70
N PHE A 482 18.21 -16.79 21.54
CA PHE A 482 17.98 -17.96 20.70
C PHE A 482 19.31 -18.51 20.25
N PHE A 483 19.38 -19.82 20.00
CA PHE A 483 20.55 -20.37 19.36
C PHE A 483 20.16 -21.56 18.51
N THR A 484 20.77 -21.63 17.34
CA THR A 484 20.61 -22.78 16.47
C THR A 484 21.27 -23.99 17.13
N THR A 485 20.64 -25.17 17.01
CA THR A 485 21.18 -26.43 17.55
C THR A 485 22.66 -26.58 17.24
N PRO A 486 23.50 -26.63 18.29
CA PRO A 486 24.96 -26.65 18.13
C PRO A 486 25.51 -27.80 17.27
N GLY A 487 24.86 -28.96 17.28
CA GLY A 487 25.40 -30.08 16.52
C GLY A 487 25.12 -30.09 15.02
N ARG A 488 24.24 -29.20 14.55
CA ARG A 488 23.83 -29.22 13.15
C ARG A 488 24.96 -28.86 12.19
N THR A 489 25.05 -29.62 11.11
CA THR A 489 26.09 -29.46 10.10
C THR A 489 25.48 -29.48 8.71
N ALA A 490 26.21 -28.95 7.75
CA ALA A 490 25.87 -29.06 6.34
C ALA A 490 26.97 -29.89 5.70
N SER A 491 26.58 -30.84 4.84
CA SER A 491 27.58 -31.67 4.17
C SER A 491 27.18 -31.93 2.73
N GLY A 492 28.11 -31.64 1.81
CA GLY A 492 27.90 -32.02 0.43
C GLY A 492 27.68 -30.87 -0.52
N VAL A 493 27.19 -31.20 -1.71
CA VAL A 493 27.09 -30.26 -2.81
C VAL A 493 25.78 -29.46 -2.73
N LEU A 494 25.86 -28.16 -3.05
CA LEU A 494 24.65 -27.36 -3.21
C LEU A 494 23.84 -28.02 -4.31
N ASN A 495 22.56 -28.27 -4.07
CA ASN A 495 21.76 -29.06 -5.00
C ASN A 495 20.32 -28.56 -5.08
N ARG A 496 19.73 -28.71 -6.27
CA ARG A 496 18.29 -28.51 -6.41
C ARG A 496 17.64 -29.88 -6.61
N GLU A 497 17.68 -30.69 -5.56
CA GLU A 497 17.12 -32.04 -5.60
C GLU A 497 16.39 -32.35 -4.30
N LEU A 498 15.75 -33.52 -4.27
CA LEU A 498 15.23 -34.05 -3.00
C LEU A 498 15.88 -35.40 -2.75
N SER A 499 16.13 -35.70 -1.47
CA SER A 499 16.69 -36.99 -1.08
C SER A 499 15.84 -38.15 -1.65
N ALA A 500 16.50 -39.19 -2.14
CA ALA A 500 15.79 -40.38 -2.62
C ALA A 500 15.00 -41.04 -1.50
N THR A 501 15.37 -40.75 -0.26
CA THR A 501 14.63 -41.25 0.89
C THR A 501 13.18 -40.72 0.91
N PHE A 502 12.90 -39.69 0.11
CA PHE A 502 11.58 -39.08 0.08
C PHE A 502 10.66 -39.75 -0.94
N ASP A 503 11.14 -40.80 -1.62
CA ASP A 503 10.49 -41.24 -2.86
C ASP A 503 9.23 -42.12 -2.77
N ASP A 504 8.94 -42.67 -1.59
CA ASP A 504 7.77 -43.56 -1.45
C ASP A 504 6.48 -42.77 -1.17
N HIS A 505 5.64 -42.65 -2.18
CA HIS A 505 4.40 -41.89 -2.06
C HIS A 505 3.15 -42.72 -1.81
N TYR A 506 3.31 -44.04 -1.65
CA TYR A 506 2.14 -44.91 -1.64
C TYR A 506 1.93 -45.71 -0.37
N THR A 507 3.03 -46.07 0.29
CA THR A 507 2.97 -46.95 1.46
C THR A 507 2.15 -46.36 2.60
N GLN A 508 2.33 -45.08 2.89
CA GLN A 508 1.55 -44.50 3.99
C GLN A 508 0.05 -44.22 3.70
N PRO A 509 -0.29 -43.80 2.47
CA PRO A 509 -1.72 -43.73 2.14
C PRO A 509 -2.39 -45.09 2.33
N ARG A 510 -1.68 -46.15 1.92
CA ARG A 510 -2.19 -47.51 2.10
C ARG A 510 -2.29 -47.82 3.60
N LEU A 511 -1.25 -47.47 4.37
CA LEU A 511 -1.31 -47.61 5.82
C LEU A 511 -2.50 -46.88 6.42
N PHE A 512 -2.68 -45.62 6.03
CA PHE A 512 -3.83 -44.86 6.52
C PHE A 512 -5.16 -45.56 6.20
N PHE A 513 -5.30 -45.99 4.95
CA PHE A 513 -6.54 -46.63 4.51
C PHE A 513 -6.84 -47.93 5.27
N ASN A 514 -5.80 -48.73 5.49
CA ASN A 514 -5.95 -49.98 6.23
C ASN A 514 -6.45 -49.75 7.65
N SER A 515 -6.23 -48.55 8.17
CA SER A 515 -6.43 -48.29 9.59
C SER A 515 -7.79 -47.68 9.91
N LEU A 516 -8.64 -47.52 8.89
CA LEU A 516 -10.00 -47.02 9.10
C LEU A 516 -11.01 -48.16 9.15
N THR A 517 -12.16 -47.92 9.78
CA THR A 517 -13.24 -48.92 9.80
C THR A 517 -13.76 -49.14 8.39
N PRO A 518 -14.46 -50.27 8.17
CA PRO A 518 -14.97 -50.55 6.82
C PRO A 518 -15.88 -49.47 6.27
N VAL A 519 -16.74 -48.86 7.09
CA VAL A 519 -17.61 -47.81 6.59
C VAL A 519 -16.84 -46.49 6.38
N GLU A 520 -15.87 -46.22 7.26
CA GLU A 520 -14.98 -45.08 7.05
C GLU A 520 -14.21 -45.24 5.76
N GLN A 521 -13.79 -46.47 5.47
CA GLN A 521 -13.11 -46.73 4.21
C GLN A 521 -14.06 -46.41 3.06
N GLN A 522 -15.33 -46.77 3.25
CA GLN A 522 -16.35 -46.52 2.23
C GLN A 522 -16.57 -45.02 2.01
N PHE A 523 -16.45 -44.24 3.09
CA PHE A 523 -16.68 -42.79 3.02
C PHE A 523 -15.57 -42.18 2.18
N VAL A 524 -14.35 -42.63 2.40
CA VAL A 524 -13.20 -42.18 1.61
C VAL A 524 -13.41 -42.49 0.14
N ILE A 525 -13.78 -43.73 -0.15
CA ILE A 525 -14.04 -44.14 -1.53
C ILE A 525 -15.17 -43.31 -2.17
N ASN A 526 -16.24 -43.09 -1.42
CA ASN A 526 -17.38 -42.32 -1.93
C ASN A 526 -17.05 -40.84 -2.12
N ALA A 527 -16.17 -40.33 -1.28
CA ALA A 527 -15.66 -38.97 -1.44
C ALA A 527 -14.88 -38.86 -2.75
N ILE A 528 -13.98 -39.81 -2.98
CA ILE A 528 -13.22 -39.85 -4.21
C ILE A 528 -14.12 -40.04 -5.44
N ARG A 529 -15.10 -40.94 -5.33
CA ARG A 529 -16.04 -41.19 -6.42
C ARG A 529 -16.79 -39.90 -6.76
N PHE A 530 -17.24 -39.22 -5.72
CA PHE A 530 -17.95 -37.95 -5.91
C PHE A 530 -17.04 -36.93 -6.60
N GLU A 531 -15.85 -36.73 -6.04
CA GLU A 531 -14.93 -35.74 -6.59
C GLU A 531 -14.45 -36.04 -7.99
N ALA A 532 -13.97 -37.26 -8.22
CA ALA A 532 -13.36 -37.55 -9.51
C ALA A 532 -14.43 -37.58 -10.61
N SER A 533 -15.70 -37.79 -10.23
CA SER A 533 -16.76 -37.79 -11.25
C SER A 533 -16.99 -36.39 -11.82
N HIS A 534 -16.46 -35.35 -11.16
CA HIS A 534 -16.57 -33.99 -11.68
C HIS A 534 -15.47 -33.66 -12.70
N VAL A 535 -14.46 -34.51 -12.82
CA VAL A 535 -13.34 -34.26 -13.72
C VAL A 535 -13.77 -34.52 -15.16
N THR A 536 -13.67 -33.51 -16.03
CA THR A 536 -14.17 -33.68 -17.40
C THR A 536 -13.15 -34.40 -18.29
N ASN A 537 -11.87 -34.17 -18.02
CA ASN A 537 -10.84 -34.79 -18.84
C ASN A 537 -10.69 -36.29 -18.57
N GLU A 538 -10.95 -37.12 -19.58
CA GLU A 538 -10.90 -38.57 -19.39
C GLU A 538 -9.53 -39.07 -18.96
N GLN A 539 -8.48 -38.54 -19.59
CA GLN A 539 -7.10 -38.97 -19.28
C GLN A 539 -6.68 -38.66 -17.84
N VAL A 540 -7.09 -37.48 -17.35
CA VAL A 540 -6.83 -37.12 -15.96
C VAL A 540 -7.48 -38.15 -15.04
N LYS A 541 -8.72 -38.53 -15.35
CA LYS A 541 -9.39 -39.57 -14.57
C LYS A 541 -8.61 -40.88 -14.62
N LYS A 542 -8.10 -41.24 -15.80
CA LYS A 542 -7.26 -42.43 -15.93
C LYS A 542 -5.98 -42.29 -15.09
N ASN A 543 -5.32 -41.13 -15.17
CA ASN A 543 -4.12 -40.88 -14.38
C ASN A 543 -4.40 -41.06 -12.89
N VAL A 544 -5.58 -40.59 -12.46
CA VAL A 544 -6.00 -40.76 -11.08
C VAL A 544 -6.15 -42.24 -10.67
N LEU A 545 -6.82 -43.03 -11.51
CA LEU A 545 -7.00 -44.44 -11.21
C LEU A 545 -5.66 -45.15 -11.10
N GLU A 546 -4.78 -44.83 -12.04
CA GLU A 546 -3.45 -45.41 -12.09
C GLU A 546 -2.71 -45.19 -10.78
N GLN A 547 -2.82 -43.98 -10.23
CA GLN A 547 -2.15 -43.68 -8.96
C GLN A 547 -2.86 -44.36 -7.79
N LEU A 548 -4.19 -44.31 -7.78
CA LEU A 548 -4.95 -44.97 -6.72
C LEU A 548 -4.59 -46.44 -6.67
N ASN A 549 -4.41 -47.04 -7.84
CA ASN A 549 -4.15 -48.47 -7.92
C ASN A 549 -2.79 -48.86 -7.34
N LYS A 550 -1.89 -47.89 -7.20
CA LYS A 550 -0.58 -48.15 -6.62
C LYS A 550 -0.70 -48.18 -5.11
N ILE A 551 -1.77 -47.58 -4.60
CA ILE A 551 -2.01 -47.61 -3.18
C ILE A 551 -2.78 -48.86 -2.78
N SER A 552 -3.84 -49.14 -3.52
CA SER A 552 -4.71 -50.29 -3.26
C SER A 552 -5.49 -50.65 -4.51
N ASN A 553 -5.44 -51.92 -4.88
CA ASN A 553 -6.15 -52.40 -6.05
C ASN A 553 -7.66 -52.37 -5.83
N ASP A 554 -8.09 -52.70 -4.62
CA ASP A 554 -9.51 -52.66 -4.29
C ASP A 554 -10.03 -51.22 -4.34
N VAL A 555 -9.23 -50.27 -3.85
CA VAL A 555 -9.67 -48.88 -3.86
C VAL A 555 -9.86 -48.42 -5.31
N ALA A 556 -8.92 -48.77 -6.17
CA ALA A 556 -8.99 -48.38 -7.58
C ALA A 556 -10.21 -48.97 -8.27
N LYS A 557 -10.48 -50.24 -7.98
CA LYS A 557 -11.65 -50.94 -8.52
C LYS A 557 -12.94 -50.24 -8.14
N ARG A 558 -13.08 -49.98 -6.85
CA ARG A 558 -14.30 -49.39 -6.32
C ARG A 558 -14.50 -47.97 -6.84
N VAL A 559 -13.42 -47.21 -6.94
CA VAL A 559 -13.52 -45.88 -7.54
C VAL A 559 -13.84 -45.97 -9.02
N ALA A 560 -13.19 -46.92 -9.70
CA ALA A 560 -13.38 -47.06 -11.14
C ALA A 560 -14.84 -47.28 -11.53
N VAL A 561 -15.59 -47.98 -10.67
CA VAL A 561 -17.00 -48.26 -10.96
C VAL A 561 -17.78 -46.97 -11.21
N ALA A 562 -17.64 -46.00 -10.30
CA ALA A 562 -18.32 -44.70 -10.44
C ALA A 562 -17.93 -43.99 -11.72
N LEU A 563 -16.67 -44.14 -12.11
CA LEU A 563 -16.17 -43.43 -13.27
C LEU A 563 -16.44 -44.17 -14.58
N GLY A 564 -17.01 -45.37 -14.47
CA GLY A 564 -17.25 -46.19 -15.66
C GLY A 564 -15.97 -46.54 -16.41
N LEU A 565 -14.89 -46.70 -15.66
CA LEU A 565 -13.61 -47.12 -16.24
C LEU A 565 -13.32 -48.56 -15.81
N GLU A 566 -12.52 -49.28 -16.60
CA GLU A 566 -12.24 -50.67 -16.30
C GLU A 566 -11.44 -50.85 -15.01
N ALA A 567 -11.82 -51.85 -14.22
CA ALA A 567 -11.03 -52.24 -13.06
C ALA A 567 -9.63 -52.63 -13.52
N PRO A 568 -8.61 -51.85 -13.12
CA PRO A 568 -7.21 -52.02 -13.53
C PRO A 568 -6.52 -53.20 -12.84
N GLN A 569 -5.42 -53.68 -13.43
CA GLN A 569 -4.71 -54.84 -12.88
C GLN A 569 -3.87 -54.42 -11.67
N PRO A 570 -3.71 -55.32 -10.69
CA PRO A 570 -2.89 -55.10 -9.50
C PRO A 570 -1.48 -54.58 -9.83
N ASP A 571 -1.02 -53.62 -9.04
CA ASP A 571 0.31 -53.05 -9.17
C ASP A 571 0.88 -53.10 -7.75
N PRO A 572 1.35 -54.28 -7.33
CA PRO A 572 1.53 -54.58 -5.90
C PRO A 572 2.79 -54.10 -5.22
N THR A 573 3.65 -53.36 -5.92
CA THR A 573 4.92 -52.90 -5.35
C THR A 573 4.77 -52.34 -3.94
N TYR A 574 3.75 -51.51 -3.72
CA TYR A 574 3.60 -50.82 -2.44
C TYR A 574 2.50 -51.38 -1.54
N TYR A 575 1.79 -52.40 -2.01
CA TYR A 575 0.70 -52.99 -1.22
C TYR A 575 1.23 -53.56 0.08
N HIS A 576 0.42 -53.49 1.13
CA HIS A 576 0.79 -54.08 2.42
C HIS A 576 -0.45 -54.08 3.29
N ASN A 577 -0.38 -54.81 4.40
CA ASN A 577 -1.54 -55.01 5.28
C ASN A 577 -1.39 -54.35 6.65
N ASN A 578 -0.34 -53.57 6.82
CA ASN A 578 -0.11 -52.94 8.12
C ASN A 578 -1.16 -51.92 8.52
N VAL A 579 -1.35 -51.79 9.84
CA VAL A 579 -2.30 -50.83 10.40
C VAL A 579 -1.58 -50.04 11.50
N THR A 580 -2.13 -48.87 11.84
CA THR A 580 -1.62 -48.10 12.97
C THR A 580 -2.81 -47.48 13.68
N ARG A 581 -2.65 -47.17 14.95
CA ARG A 581 -3.76 -46.69 15.76
C ARG A 581 -3.96 -45.18 15.69
N GLY A 582 -5.18 -44.74 15.96
CA GLY A 582 -5.46 -43.35 16.23
C GLY A 582 -5.71 -42.43 15.04
N VAL A 583 -5.92 -43.01 13.85
CA VAL A 583 -6.17 -42.17 12.67
C VAL A 583 -7.64 -42.27 12.25
N SER A 584 -8.38 -43.09 12.97
CA SER A 584 -9.80 -43.22 12.69
C SER A 584 -10.59 -42.21 13.51
N ILE A 585 -11.80 -41.92 13.06
CA ILE A 585 -12.67 -41.03 13.80
C ILE A 585 -13.87 -41.75 14.40
N PHE A 586 -14.55 -42.55 13.59
CA PHE A 586 -15.88 -43.03 13.93
C PHE A 586 -15.94 -44.22 14.90
N ASN A 587 -14.83 -44.92 15.07
CA ASN A 587 -14.83 -46.13 15.90
C ASN A 587 -14.48 -45.89 17.37
N GLU A 588 -14.49 -44.63 17.77
CA GLU A 588 -14.34 -44.33 19.19
C GLU A 588 -15.46 -43.40 19.61
N SER A 589 -16.14 -43.75 20.70
CA SER A 589 -17.25 -42.96 21.17
C SER A 589 -16.73 -41.68 21.81
N LEU A 590 -17.52 -40.62 21.73
CA LEU A 590 -17.13 -39.33 22.29
C LEU A 590 -17.04 -39.45 23.79
N PRO A 591 -16.07 -38.76 24.40
CA PRO A 591 -15.84 -38.86 25.85
C PRO A 591 -16.77 -37.93 26.60
N THR A 592 -17.50 -37.08 25.88
CA THR A 592 -18.48 -36.20 26.51
C THR A 592 -19.52 -35.78 25.47
N ILE A 593 -20.74 -35.49 25.92
CA ILE A 593 -21.75 -35.01 25.00
C ILE A 593 -22.15 -33.57 25.30
N ALA A 594 -21.40 -32.92 26.17
CA ALA A 594 -21.68 -31.52 26.51
C ALA A 594 -21.67 -30.69 25.22
N THR A 595 -22.57 -29.69 25.14
CA THR A 595 -22.76 -28.80 23.98
C THR A 595 -23.47 -29.40 22.78
N LEU A 596 -23.52 -30.73 22.67
CA LEU A 596 -24.15 -31.32 21.49
C LEU A 596 -25.62 -30.91 21.39
N ARG A 597 -26.13 -30.82 20.18
CA ARG A 597 -27.40 -30.14 19.93
C ARG A 597 -28.55 -31.10 19.65
N VAL A 598 -29.67 -30.87 20.33
CA VAL A 598 -30.84 -31.68 20.10
C VAL A 598 -31.97 -30.80 19.54
N GLY A 599 -32.44 -31.15 18.34
CA GLY A 599 -33.60 -30.48 17.80
C GLY A 599 -34.84 -31.24 18.22
N VAL A 600 -35.74 -30.57 18.93
CA VAL A 600 -36.97 -31.19 19.38
C VAL A 600 -38.14 -30.71 18.53
N LEU A 601 -38.69 -31.61 17.73
CA LEU A 601 -39.77 -31.25 16.82
C LEU A 601 -41.10 -31.30 17.55
N SER A 602 -41.77 -30.15 17.65
CA SER A 602 -43.03 -30.07 18.36
C SER A 602 -44.11 -29.42 17.49
N THR A 603 -45.16 -28.94 18.14
CA THR A 603 -46.24 -28.27 17.43
C THR A 603 -46.96 -27.35 18.41
N THR A 604 -47.60 -26.29 17.89
CA THR A 604 -48.27 -25.32 18.74
C THR A 604 -49.68 -25.76 19.12
N LYS A 605 -50.16 -26.80 18.46
CA LYS A 605 -51.48 -27.35 18.73
C LYS A 605 -51.38 -28.42 19.79
N GLY A 606 -52.29 -28.40 20.77
CA GLY A 606 -52.32 -29.44 21.78
C GLY A 606 -51.28 -29.28 22.87
N GLY A 607 -50.96 -30.38 23.55
CA GLY A 607 -50.08 -30.31 24.71
C GLY A 607 -48.63 -30.63 24.42
N SER A 608 -48.30 -30.74 23.13
CA SER A 608 -46.96 -31.14 22.70
C SER A 608 -45.89 -30.20 23.26
N LEU A 609 -46.17 -28.91 23.27
CA LEU A 609 -45.16 -27.93 23.64
C LEU A 609 -44.73 -28.07 25.10
N ASP A 610 -45.71 -28.25 25.98
CA ASP A 610 -45.42 -28.35 27.42
C ASP A 610 -44.56 -29.59 27.68
N LYS A 611 -44.84 -30.65 26.93
CA LYS A 611 -44.03 -31.86 26.98
C LYS A 611 -42.64 -31.57 26.41
N ALA A 612 -42.60 -30.84 25.30
CA ALA A 612 -41.34 -30.48 24.69
C ALA A 612 -40.48 -29.70 25.70
N LYS A 613 -41.11 -28.78 26.42
CA LYS A 613 -40.41 -27.97 27.41
C LYS A 613 -39.74 -28.81 28.51
N ALA A 614 -40.45 -29.82 28.98
CA ALA A 614 -39.95 -30.66 30.08
C ALA A 614 -38.79 -31.50 29.59
N LEU A 615 -38.94 -32.00 28.36
CA LEU A 615 -37.90 -32.79 27.69
C LEU A 615 -36.63 -31.96 27.58
N LYS A 616 -36.80 -30.70 27.18
CA LYS A 616 -35.68 -29.76 27.02
C LYS A 616 -34.94 -29.50 28.32
N GLU A 617 -35.69 -29.19 29.37
CA GLU A 617 -35.08 -28.89 30.67
C GLU A 617 -34.24 -30.05 31.18
N GLN A 618 -34.74 -31.28 31.00
CA GLN A 618 -33.95 -32.45 31.38
C GLN A 618 -32.67 -32.63 30.55
N LEU A 619 -32.81 -32.50 29.23
CA LEU A 619 -31.66 -32.67 28.33
C LEU A 619 -30.61 -31.62 28.61
N GLU A 620 -31.07 -30.41 28.94
CA GLU A 620 -30.17 -29.31 29.28
C GLU A 620 -29.40 -29.56 30.56
N LYS A 621 -30.05 -30.15 31.55
CA LYS A 621 -29.36 -30.49 32.82
C LYS A 621 -28.16 -31.37 32.53
N ASP A 622 -28.29 -32.19 31.49
CA ASP A 622 -27.22 -33.09 31.08
C ASP A 622 -26.18 -32.45 30.15
N GLY A 623 -26.29 -31.12 29.95
CA GLY A 623 -25.27 -30.39 29.22
C GLY A 623 -25.50 -30.19 27.74
N LEU A 624 -26.67 -30.58 27.25
CA LEU A 624 -26.98 -30.47 25.82
C LEU A 624 -27.60 -29.12 25.47
N LYS A 625 -27.46 -28.71 24.21
CA LYS A 625 -28.12 -27.49 23.74
C LYS A 625 -29.37 -27.87 22.96
N VAL A 626 -30.54 -27.56 23.51
CA VAL A 626 -31.79 -28.04 22.92
C VAL A 626 -32.55 -26.94 22.18
N THR A 627 -33.01 -27.25 20.98
CA THR A 627 -33.83 -26.32 20.20
C THR A 627 -35.24 -26.90 20.04
N VAL A 628 -36.23 -26.24 20.66
CA VAL A 628 -37.62 -26.64 20.47
C VAL A 628 -38.16 -25.97 19.21
N ILE A 629 -38.61 -26.78 18.26
CA ILE A 629 -39.06 -26.29 16.96
C ILE A 629 -40.56 -26.46 16.78
N ALA A 630 -41.23 -25.42 16.31
CA ALA A 630 -42.66 -25.51 15.99
C ALA A 630 -43.04 -24.62 14.82
N GLU A 631 -44.32 -24.55 14.51
CA GLU A 631 -44.81 -23.78 13.35
C GLU A 631 -44.53 -22.27 13.47
N TYR A 632 -44.71 -21.73 14.67
CA TYR A 632 -44.37 -20.33 14.95
C TYR A 632 -43.76 -20.19 16.34
N LEU A 633 -43.24 -18.99 16.64
CA LEU A 633 -42.52 -18.74 17.88
C LEU A 633 -43.44 -18.61 19.08
N ALA A 634 -44.13 -19.68 19.41
CA ALA A 634 -44.97 -19.68 20.59
C ALA A 634 -44.08 -19.67 21.82
N SER A 635 -44.69 -19.48 22.98
CA SER A 635 -43.95 -19.54 24.24
C SER A 635 -43.24 -20.89 24.36
N GLY A 636 -41.93 -20.85 24.59
CA GLY A 636 -41.13 -22.07 24.68
C GLY A 636 -40.50 -22.51 23.37
N VAL A 637 -40.92 -21.91 22.27
CA VAL A 637 -40.38 -22.27 20.96
C VAL A 637 -39.08 -21.52 20.65
N ASP A 638 -38.03 -22.27 20.31
CA ASP A 638 -36.73 -21.67 20.01
C ASP A 638 -36.58 -21.30 18.54
N GLN A 639 -37.29 -22.02 17.66
CA GLN A 639 -37.07 -21.87 16.23
C GLN A 639 -38.27 -22.38 15.45
N THR A 640 -38.60 -21.71 14.35
CA THR A 640 -39.71 -22.15 13.51
C THR A 640 -39.29 -23.28 12.58
N TYR A 641 -40.25 -24.05 12.07
CA TYR A 641 -39.95 -25.09 11.09
C TYR A 641 -39.34 -24.49 9.81
N SER A 642 -39.84 -23.30 9.43
CA SER A 642 -39.31 -22.61 8.27
C SER A 642 -37.82 -22.35 8.43
N ALA A 643 -37.40 -21.98 9.64
CA ALA A 643 -35.99 -21.65 9.90
C ALA A 643 -35.13 -22.86 10.23
N ALA A 644 -35.77 -24.01 10.39
CA ALA A 644 -35.10 -25.22 10.90
C ALA A 644 -34.56 -26.13 9.80
N ASP A 645 -33.50 -26.84 10.13
CA ASP A 645 -32.95 -27.88 9.26
C ASP A 645 -32.22 -28.90 10.13
N ALA A 646 -32.20 -30.14 9.67
CA ALA A 646 -31.56 -31.21 10.42
C ALA A 646 -30.06 -30.97 10.60
N THR A 647 -29.43 -30.28 9.65
CA THR A 647 -27.98 -30.02 9.71
C THR A 647 -27.55 -29.32 11.00
N ALA A 648 -28.48 -28.62 11.64
CA ALA A 648 -28.16 -27.83 12.81
C ALA A 648 -27.98 -28.69 14.06
N PHE A 649 -28.44 -29.94 14.00
CA PHE A 649 -28.52 -30.76 15.21
C PHE A 649 -27.72 -32.04 15.15
N ASP A 650 -27.34 -32.54 16.33
CA ASP A 650 -26.65 -33.81 16.44
C ASP A 650 -27.64 -34.96 16.73
N ALA A 651 -28.84 -34.60 17.21
CA ALA A 651 -29.92 -35.55 17.46
C ALA A 651 -31.25 -34.89 17.16
N VAL A 652 -32.22 -35.67 16.69
CA VAL A 652 -33.54 -35.15 16.38
C VAL A 652 -34.60 -35.97 17.15
N VAL A 653 -35.39 -35.33 17.98
N VAL A 653 -35.41 -35.28 17.94
CA VAL A 653 -36.47 -36.06 18.63
CA VAL A 653 -36.46 -35.92 18.76
C VAL A 653 -37.81 -35.37 18.44
C VAL A 653 -37.82 -35.33 18.44
N VAL A 654 -38.80 -36.19 18.11
CA VAL A 654 -40.16 -35.73 17.91
C VAL A 654 -40.90 -35.79 19.25
N ALA A 655 -41.32 -34.64 19.75
CA ALA A 655 -42.06 -34.57 21.00
C ALA A 655 -43.46 -35.17 20.84
N GLU A 656 -44.02 -35.69 21.92
CA GLU A 656 -45.30 -36.37 21.84
C GLU A 656 -46.38 -35.44 21.33
N GLY A 657 -47.13 -35.91 20.35
CA GLY A 657 -48.21 -35.13 19.76
C GLY A 657 -47.82 -34.48 18.43
N ALA A 658 -46.53 -34.32 18.20
CA ALA A 658 -46.04 -33.64 16.99
C ALA A 658 -46.16 -34.49 15.74
N GLU A 659 -46.65 -35.72 15.87
CA GLU A 659 -46.90 -36.56 14.72
C GLU A 659 -47.93 -35.89 13.79
N ARG A 660 -48.67 -34.91 14.31
CA ARG A 660 -49.70 -34.22 13.54
C ARG A 660 -49.13 -33.38 12.40
N VAL A 661 -47.84 -33.08 12.43
CA VAL A 661 -47.26 -32.28 11.36
C VAL A 661 -46.53 -33.12 10.32
N PHE A 662 -46.60 -34.44 10.47
CA PHE A 662 -45.97 -35.36 9.54
C PHE A 662 -46.96 -35.93 8.54
N SER A 663 -48.24 -35.66 8.76
CA SER A 663 -49.31 -36.07 7.84
C SER A 663 -50.58 -35.27 8.13
N GLY A 664 -51.47 -35.19 7.14
CA GLY A 664 -52.76 -34.54 7.33
C GLY A 664 -52.73 -33.02 7.27
N LYS A 665 -53.72 -32.40 7.89
CA LYS A 665 -53.86 -30.94 7.83
C LYS A 665 -52.69 -30.22 8.50
N GLY A 666 -52.19 -30.78 9.60
CA GLY A 666 -51.07 -30.21 10.34
C GLY A 666 -49.76 -30.10 9.55
N ALA A 667 -49.61 -30.94 8.53
CA ALA A 667 -48.41 -30.92 7.69
C ALA A 667 -48.57 -29.96 6.52
N MET A 668 -49.72 -29.31 6.43
CA MET A 668 -50.04 -28.46 5.29
C MET A 668 -50.14 -26.98 5.66
N SER A 669 -49.10 -26.48 6.34
CA SER A 669 -49.14 -25.11 6.82
C SER A 669 -48.47 -24.16 5.85
N PRO A 670 -48.99 -22.94 5.74
CA PRO A 670 -48.35 -21.86 4.98
C PRO A 670 -47.10 -21.37 5.71
N LEU A 671 -46.97 -21.77 6.97
CA LEU A 671 -45.88 -21.30 7.83
C LEU A 671 -44.53 -21.97 7.57
N PHE A 672 -44.54 -23.08 6.84
CA PHE A 672 -43.29 -23.75 6.49
C PHE A 672 -43.37 -24.43 5.12
N PRO A 673 -42.22 -24.62 4.45
CA PRO A 673 -42.20 -25.31 3.15
C PRO A 673 -42.81 -26.71 3.28
N ALA A 674 -43.54 -27.14 2.25
CA ALA A 674 -44.17 -28.45 2.27
C ALA A 674 -43.18 -29.55 2.63
N GLY A 675 -43.57 -30.40 3.59
CA GLY A 675 -42.80 -31.58 3.91
C GLY A 675 -41.69 -31.35 4.93
N ARG A 676 -41.53 -30.09 5.35
CA ARG A 676 -40.39 -29.72 6.21
C ARG A 676 -40.18 -30.59 7.48
N PRO A 677 -41.24 -30.81 8.28
CA PRO A 677 -40.97 -31.63 9.47
C PRO A 677 -40.50 -33.04 9.13
N SER A 678 -41.12 -33.64 8.11
CA SER A 678 -40.71 -34.97 7.66
C SER A 678 -39.31 -34.95 7.08
N GLN A 679 -38.98 -33.91 6.31
CA GLN A 679 -37.64 -33.82 5.74
C GLN A 679 -36.57 -33.75 6.84
N ILE A 680 -36.87 -33.01 7.90
CA ILE A 680 -35.94 -32.88 9.02
C ILE A 680 -35.65 -34.23 9.66
N LEU A 681 -36.71 -35.01 9.92
CA LEU A 681 -36.55 -36.32 10.56
C LEU A 681 -35.84 -37.27 9.60
N THR A 682 -36.22 -37.20 8.32
CA THR A 682 -35.59 -38.01 7.27
C THR A 682 -34.09 -37.74 7.13
N ASP A 683 -33.72 -36.46 6.99
CA ASP A 683 -32.31 -36.07 6.89
C ASP A 683 -31.54 -36.58 8.11
N GLY A 684 -32.08 -36.32 9.29
CA GLY A 684 -31.44 -36.74 10.53
C GLY A 684 -31.16 -38.24 10.51
N TYR A 685 -32.14 -39.03 10.08
CA TYR A 685 -31.96 -40.48 10.06
C TYR A 685 -30.92 -40.87 9.03
N ARG A 686 -31.14 -40.45 7.78
CA ARG A 686 -30.23 -40.81 6.70
C ARG A 686 -28.79 -40.33 6.90
N TRP A 687 -28.62 -39.29 7.70
CA TRP A 687 -27.26 -38.80 7.96
C TRP A 687 -26.66 -39.44 9.21
N GLY A 688 -27.31 -40.50 9.70
CA GLY A 688 -26.75 -41.31 10.78
C GLY A 688 -26.92 -40.78 12.20
N LYS A 689 -27.80 -39.82 12.39
CA LYS A 689 -28.02 -39.24 13.72
C LYS A 689 -28.88 -40.14 14.59
N PRO A 690 -28.67 -40.07 15.91
CA PRO A 690 -29.66 -40.62 16.84
C PRO A 690 -30.97 -39.91 16.57
N VAL A 691 -32.05 -40.65 16.30
CA VAL A 691 -33.38 -40.04 16.16
C VAL A 691 -34.35 -40.72 17.10
N ALA A 692 -35.36 -39.99 17.53
CA ALA A 692 -36.26 -40.51 18.54
C ALA A 692 -37.66 -39.92 18.46
N ALA A 693 -38.62 -40.61 19.07
CA ALA A 693 -39.99 -40.12 19.16
C ALA A 693 -40.57 -40.49 20.52
N VAL A 694 -41.14 -39.51 21.22
CA VAL A 694 -41.73 -39.77 22.53
C VAL A 694 -43.21 -40.15 22.40
N GLY A 695 -43.58 -41.30 22.96
CA GLY A 695 -44.97 -41.71 23.01
C GLY A 695 -45.64 -41.83 21.65
N SER A 696 -46.77 -41.14 21.48
CA SER A 696 -47.53 -41.23 20.23
C SER A 696 -46.77 -40.70 19.01
N ALA A 697 -45.63 -40.04 19.25
CA ALA A 697 -44.87 -39.48 18.13
C ALA A 697 -44.17 -40.56 17.33
N LYS A 698 -44.16 -41.79 17.86
CA LYS A 698 -43.61 -42.93 17.10
C LYS A 698 -44.27 -43.05 15.72
N LYS A 699 -45.45 -42.47 15.59
CA LYS A 699 -46.15 -42.39 14.30
C LYS A 699 -45.33 -41.63 13.27
N ALA A 700 -44.59 -40.63 13.72
CA ALA A 700 -43.74 -39.84 12.82
C ALA A 700 -42.65 -40.70 12.21
N LEU A 701 -42.04 -41.54 13.04
CA LEU A 701 -41.05 -42.54 12.58
C LEU A 701 -41.64 -43.50 11.55
N GLN A 702 -42.85 -43.99 11.79
CA GLN A 702 -43.50 -44.89 10.85
C GLN A 702 -43.71 -44.16 9.54
N SER A 703 -44.12 -42.90 9.63
CA SER A 703 -44.49 -42.12 8.43
C SER A 703 -43.32 -41.97 7.48
N ILE A 704 -42.10 -42.07 7.99
CA ILE A 704 -40.92 -42.02 7.12
C ILE A 704 -40.22 -43.37 6.99
N GLY A 705 -40.89 -44.44 7.39
CA GLY A 705 -40.39 -45.79 7.15
C GLY A 705 -39.25 -46.25 8.05
N VAL A 706 -39.14 -45.61 9.22
CA VAL A 706 -38.10 -45.97 10.19
C VAL A 706 -38.70 -46.86 11.27
N GLU A 707 -38.03 -47.95 11.59
CA GLU A 707 -38.56 -48.90 12.57
C GLU A 707 -38.05 -48.63 13.98
N GLU A 708 -38.92 -48.88 14.96
CA GLU A 708 -38.70 -48.41 16.33
C GLU A 708 -37.44 -48.92 17.04
N LYS A 709 -36.95 -50.09 16.65
CA LYS A 709 -35.80 -50.67 17.34
C LYS A 709 -34.53 -50.72 16.50
N GLU A 710 -34.47 -49.93 15.43
CA GLU A 710 -33.23 -49.81 14.66
C GLU A 710 -32.13 -49.27 15.57
N ALA A 711 -30.90 -49.50 15.18
CA ALA A 711 -29.77 -48.91 15.89
C ALA A 711 -29.88 -47.39 15.83
N GLY A 712 -29.75 -46.72 16.97
CA GLY A 712 -29.82 -45.28 17.01
C GLY A 712 -31.20 -44.69 16.81
N VAL A 713 -32.23 -45.53 16.95
CA VAL A 713 -33.60 -45.04 16.96
C VAL A 713 -34.24 -45.36 18.31
N TYR A 714 -34.85 -44.37 18.95
CA TYR A 714 -35.41 -44.56 20.28
C TYR A 714 -36.86 -44.13 20.32
N ALA A 715 -37.72 -45.04 20.74
CA ALA A 715 -39.14 -44.76 20.84
C ALA A 715 -39.64 -45.27 22.17
N GLY A 716 -40.37 -44.41 22.89
CA GLY A 716 -40.90 -44.79 24.18
C GLY A 716 -41.32 -43.57 24.95
N ALA A 717 -41.25 -43.65 26.28
CA ALA A 717 -41.61 -42.53 27.12
C ALA A 717 -40.40 -41.60 27.27
N GLN A 718 -40.63 -40.41 27.80
CA GLN A 718 -39.58 -39.39 27.87
C GLN A 718 -38.26 -39.87 28.47
N ASP A 719 -38.34 -40.54 29.63
CA ASP A 719 -37.15 -41.08 30.31
C ASP A 719 -36.32 -41.96 29.39
N GLU A 720 -36.98 -42.92 28.74
CA GLU A 720 -36.35 -43.83 27.78
C GLU A 720 -35.63 -43.06 26.70
N VAL A 721 -36.39 -42.19 26.04
CA VAL A 721 -35.87 -41.43 24.91
C VAL A 721 -34.63 -40.65 25.29
N ILE A 722 -34.69 -39.96 26.42
CA ILE A 722 -33.54 -39.18 26.91
C ILE A 722 -32.33 -40.07 27.07
N LYS A 723 -32.51 -41.17 27.80
CA LYS A 723 -31.46 -42.17 27.99
C LYS A 723 -30.89 -42.62 26.65
N GLY A 724 -31.78 -42.96 25.73
CA GLY A 724 -31.35 -43.53 24.46
C GLY A 724 -30.57 -42.54 23.63
N VAL A 725 -31.08 -41.31 23.57
CA VAL A 725 -30.47 -40.25 22.78
C VAL A 725 -29.07 -39.92 23.30
N GLU A 726 -28.93 -39.78 24.61
CA GLU A 726 -27.63 -39.48 25.20
C GLU A 726 -26.63 -40.59 24.93
N GLU A 727 -27.10 -41.85 24.92
CA GLU A 727 -26.25 -42.99 24.57
C GLU A 727 -25.85 -42.86 23.12
N GLY A 728 -26.86 -42.58 22.29
CA GLY A 728 -26.67 -42.49 20.85
C GLY A 728 -25.70 -41.40 20.50
N LEU A 729 -25.78 -40.28 21.22
CA LEU A 729 -24.88 -39.14 20.99
C LEU A 729 -23.40 -39.49 21.21
N LYS A 730 -23.12 -40.39 22.14
CA LYS A 730 -21.72 -40.80 22.33
C LYS A 730 -21.20 -41.58 21.12
N VAL A 731 -22.04 -42.41 20.53
CA VAL A 731 -21.70 -43.12 19.29
C VAL A 731 -21.60 -42.08 18.17
N PHE A 732 -22.49 -41.10 18.24
CA PHE A 732 -22.53 -39.92 17.37
C PHE A 732 -23.11 -40.18 15.98
N LYS A 733 -22.52 -41.10 15.22
CA LYS A 733 -23.04 -41.47 13.91
C LYS A 733 -23.24 -42.98 13.85
N PHE A 734 -24.41 -43.42 13.42
CA PHE A 734 -24.69 -44.86 13.31
C PHE A 734 -24.40 -45.38 11.92
N LEU A 735 -23.23 -46.02 11.79
CA LEU A 735 -22.66 -46.36 10.49
C LEU A 735 -23.34 -47.50 9.76
N GLU A 736 -24.19 -48.26 10.45
CA GLU A 736 -24.87 -49.37 9.78
C GLU A 736 -25.92 -48.86 8.80
N ARG A 737 -26.14 -47.55 8.80
CA ARG A 737 -27.12 -46.95 7.89
C ARG A 737 -26.50 -46.60 6.53
N PHE A 738 -25.23 -46.96 6.36
CA PHE A 738 -24.55 -46.62 5.11
C PHE A 738 -24.09 -47.85 4.36
N ALA A 739 -24.56 -47.99 3.13
CA ALA A 739 -24.22 -49.14 2.29
C ALA A 739 -22.74 -49.19 1.96
N VAL A 740 -22.19 -50.41 1.96
CA VAL A 740 -20.79 -50.63 1.66
C VAL A 740 -20.73 -51.48 0.40
N ASP A 741 -19.79 -51.18 -0.49
CA ASP A 741 -19.61 -51.92 -1.73
C ASP A 741 -19.69 -53.43 -1.49
N GLY A 742 -20.63 -54.10 -2.17
CA GLY A 742 -20.91 -55.49 -1.90
C GLY A 742 -22.02 -55.66 -0.87
N ASP A 743 -23.13 -54.97 -1.09
CA ASP A 743 -24.33 -55.14 -0.27
C ASP A 743 -25.53 -55.47 -1.15
N ASP A 744 -25.47 -55.05 -2.41
CA ASP A 744 -26.53 -55.37 -3.38
C ASP A 744 -26.11 -56.48 -4.34
N ASP B 65 18.48 2.96 -31.28
CA ASP B 65 18.03 3.62 -30.05
C ASP B 65 17.84 2.61 -28.91
N ALA B 66 18.57 2.81 -27.82
CA ALA B 66 18.51 1.92 -26.65
C ALA B 66 17.11 1.91 -26.03
N ARG B 67 16.40 3.03 -26.17
CA ARG B 67 15.05 3.18 -25.62
C ARG B 67 13.96 2.67 -26.56
N GLN B 68 14.35 1.91 -27.57
CA GLN B 68 13.41 1.53 -28.63
C GLN B 68 12.16 0.81 -28.10
N ARG B 69 12.36 -0.14 -27.19
CA ARG B 69 11.25 -0.93 -26.64
C ARG B 69 10.27 -0.10 -25.81
N LEU B 70 10.71 1.09 -25.39
CA LEU B 70 9.85 1.94 -24.55
C LEU B 70 8.90 2.79 -25.39
N LYS B 71 9.10 2.82 -26.70
CA LYS B 71 8.32 3.71 -27.55
C LYS B 71 6.82 3.46 -27.45
N GLU B 72 6.44 2.19 -27.33
CA GLU B 72 5.03 1.83 -27.33
C GLU B 72 4.24 2.30 -26.10
N VAL B 73 4.94 2.75 -25.06
CA VAL B 73 4.25 3.27 -23.88
C VAL B 73 4.41 4.78 -23.75
N GLU B 74 4.97 5.40 -24.77
CA GLU B 74 5.12 6.85 -24.77
C GLU B 74 3.82 7.52 -25.21
N VAL B 75 3.53 8.66 -24.56
CA VAL B 75 2.24 9.32 -24.71
C VAL B 75 2.44 10.78 -25.12
N ASP B 76 2.01 11.11 -26.34
CA ASP B 76 2.18 12.46 -26.86
C ASP B 76 0.85 13.23 -26.71
N ASP B 77 0.88 14.33 -25.97
CA ASP B 77 -0.32 15.12 -25.76
C ASP B 77 -0.40 16.37 -26.64
N ASN B 78 0.59 16.58 -27.50
CA ASN B 78 0.56 17.71 -28.42
C ASN B 78 -0.68 17.67 -29.33
N GLY B 79 -1.30 18.82 -29.52
CA GLY B 79 -2.45 18.92 -30.42
C GLY B 79 -3.70 18.21 -29.91
N GLN B 80 -3.74 17.91 -28.61
CA GLN B 80 -4.88 17.17 -28.08
C GLN B 80 -5.67 17.99 -27.07
N PHE B 81 -6.95 17.64 -26.90
CA PHE B 81 -7.76 18.22 -25.84
C PHE B 81 -7.50 17.50 -24.52
N MET B 82 -7.55 18.26 -23.43
CA MET B 82 -7.45 17.71 -22.09
C MET B 82 -8.53 16.64 -21.87
N THR B 83 -8.18 15.57 -21.14
CA THR B 83 -9.15 14.54 -20.78
C THR B 83 -9.03 14.15 -19.31
N THR B 84 -10.02 13.44 -18.80
CA THR B 84 -9.89 12.74 -17.52
C THR B 84 -9.01 11.52 -17.75
N ASP B 85 -8.67 10.81 -16.68
CA ASP B 85 -7.91 9.56 -16.80
C ASP B 85 -8.76 8.40 -17.34
N PHE B 86 -10.07 8.62 -17.51
CA PHE B 86 -10.92 7.59 -18.14
C PHE B 86 -11.49 8.04 -19.48
N GLY B 87 -10.81 8.97 -20.14
CA GLY B 87 -11.27 9.48 -21.41
C GLY B 87 -12.40 10.47 -21.22
N GLY B 88 -12.76 11.13 -22.31
CA GLY B 88 -13.72 12.22 -22.24
C GLY B 88 -12.96 13.52 -22.14
N ASN B 89 -13.21 14.40 -23.11
CA ASN B 89 -12.57 15.71 -23.13
C ASN B 89 -13.16 16.61 -22.05
N ILE B 90 -12.31 17.45 -21.46
CA ILE B 90 -12.74 18.31 -20.36
C ILE B 90 -12.01 19.65 -20.36
N GLU B 91 -12.48 20.55 -19.51
CA GLU B 91 -11.70 21.69 -19.05
C GLU B 91 -11.43 21.46 -17.58
N GLU B 92 -10.30 21.95 -17.06
CA GLU B 92 -9.99 21.67 -15.67
C GLU B 92 -9.26 22.82 -14.98
N GLN B 93 -9.74 24.03 -15.24
CA GLN B 93 -9.14 25.24 -14.66
C GLN B 93 -10.06 25.96 -13.67
N PHE B 94 -11.32 25.51 -13.56
CA PHE B 94 -12.23 26.08 -12.58
C PHE B 94 -12.96 24.96 -11.85
N SER B 95 -13.04 25.07 -10.52
CA SER B 95 -13.86 24.15 -9.74
C SER B 95 -15.32 24.47 -10.02
N LEU B 96 -16.17 23.44 -10.00
CA LEU B 96 -17.62 23.64 -10.14
C LEU B 96 -18.17 24.16 -8.82
N LYS B 97 -18.90 25.29 -8.87
CA LYS B 97 -19.34 25.99 -7.67
C LYS B 97 -20.85 26.21 -7.63
N ALA B 98 -21.43 26.19 -6.43
CA ALA B 98 -22.86 26.50 -6.28
C ALA B 98 -23.09 28.01 -6.18
N GLY B 99 -23.26 28.67 -7.31
CA GLY B 99 -23.42 30.12 -7.33
C GLY B 99 -22.12 30.88 -7.50
N GLY B 100 -22.22 32.15 -7.90
CA GLY B 100 -21.04 32.93 -8.30
C GLY B 100 -19.83 32.92 -7.38
N ARG B 101 -20.09 33.12 -6.10
CA ARG B 101 -19.03 33.12 -5.08
C ARG B 101 -19.35 31.97 -4.14
N GLY B 102 -19.70 30.82 -4.72
CA GLY B 102 -20.26 29.71 -3.96
C GLY B 102 -19.27 28.62 -3.62
N SER B 103 -19.70 27.67 -2.78
CA SER B 103 -18.86 26.54 -2.37
C SER B 103 -18.65 25.55 -3.52
N THR B 104 -17.53 24.82 -3.48
CA THR B 104 -17.22 23.78 -4.48
C THR B 104 -18.08 22.53 -4.26
N LEU B 105 -18.62 21.99 -5.35
CA LEU B 105 -19.47 20.80 -5.28
C LEU B 105 -18.71 19.48 -5.25
N LEU B 106 -19.19 18.55 -4.42
CA LEU B 106 -18.63 17.21 -4.38
C LEU B 106 -18.77 16.52 -5.74
N GLU B 107 -19.79 16.91 -6.52
CA GLU B 107 -20.02 16.28 -7.83
C GLU B 107 -19.04 16.73 -8.91
N ASP B 108 -18.11 17.61 -8.56
CA ASP B 108 -17.05 17.99 -9.49
C ASP B 108 -16.10 16.82 -9.60
N PHE B 109 -16.44 15.88 -10.47
CA PHE B 109 -15.62 14.70 -10.65
C PHE B 109 -14.30 15.07 -11.29
N ILE B 110 -14.30 16.15 -12.07
CA ILE B 110 -13.11 16.58 -12.79
C ILE B 110 -12.07 17.05 -11.78
N PHE B 111 -12.49 17.90 -10.86
CA PHE B 111 -11.60 18.34 -9.79
C PHE B 111 -11.00 17.17 -9.04
N ARG B 112 -11.84 16.24 -8.58
CA ARG B 112 -11.34 15.16 -7.72
C ARG B 112 -10.39 14.18 -8.43
N GLN B 113 -10.68 13.81 -9.69
CA GLN B 113 -9.77 12.90 -10.38
C GLN B 113 -8.42 13.56 -10.68
N LYS B 114 -8.42 14.87 -10.93
CA LYS B 114 -7.15 15.60 -11.13
C LYS B 114 -6.33 15.71 -9.82
N LEU B 115 -6.98 16.16 -8.75
CA LEU B 115 -6.26 16.35 -7.49
C LEU B 115 -5.89 15.03 -6.85
N GLN B 116 -6.71 14.00 -7.03
CA GLN B 116 -6.37 12.71 -6.44
C GLN B 116 -5.08 12.18 -7.06
N HIS B 117 -4.94 12.32 -8.37
CA HIS B 117 -3.71 11.84 -8.98
C HIS B 117 -2.50 12.66 -8.50
N PHE B 118 -2.66 13.97 -8.37
CA PHE B 118 -1.61 14.81 -7.82
C PHE B 118 -1.26 14.39 -6.39
N ASP B 119 -2.30 14.22 -5.56
CA ASP B 119 -2.14 13.89 -4.14
C ASP B 119 -1.34 12.61 -3.94
N HIS B 120 -1.38 11.73 -4.93
CA HIS B 120 -0.78 10.39 -4.79
C HIS B 120 0.47 10.20 -5.67
N GLU B 121 1.06 11.31 -6.11
CA GLU B 121 2.24 11.25 -6.99
C GLU B 121 3.46 10.56 -6.40
N ARG B 122 3.69 10.73 -5.10
CA ARG B 122 4.99 10.32 -4.53
C ARG B 122 5.02 8.86 -4.15
N ILE B 123 6.19 8.25 -4.33
CA ILE B 123 6.42 6.88 -3.87
C ILE B 123 7.64 6.95 -2.94
N PRO B 124 7.79 5.97 -2.04
CA PRO B 124 8.91 6.07 -1.11
C PRO B 124 10.24 6.18 -1.87
N GLU B 125 11.19 6.95 -1.35
CA GLU B 125 12.50 7.01 -1.98
C GLU B 125 13.25 5.73 -1.62
N ARG B 126 14.31 5.41 -2.36
CA ARG B 126 15.12 4.23 -2.07
C ARG B 126 15.67 4.35 -0.65
N VAL B 127 15.71 3.23 0.09
CA VAL B 127 16.11 3.30 1.50
C VAL B 127 17.59 3.76 1.61
N VAL B 128 18.39 3.40 0.61
CA VAL B 128 19.73 3.97 0.42
C VAL B 128 19.90 4.36 -1.06
N HIS B 129 20.88 5.21 -1.35
CA HIS B 129 21.10 5.72 -2.72
C HIS B 129 19.88 6.45 -3.28
N ALA B 130 19.13 7.13 -2.41
CA ALA B 130 17.91 7.82 -2.84
C ALA B 130 18.16 8.90 -3.89
N ARG B 131 19.33 9.53 -3.80
CA ARG B 131 19.67 10.65 -4.67
C ARG B 131 20.56 10.14 -5.81
N GLY B 132 20.09 10.27 -7.05
CA GLY B 132 20.83 9.73 -8.17
C GLY B 132 20.21 10.05 -9.51
N ALA B 133 20.89 9.67 -10.59
CA ALA B 133 20.40 9.93 -11.94
C ALA B 133 20.90 8.86 -12.90
N GLY B 134 20.18 8.66 -14.00
CA GLY B 134 20.52 7.60 -14.91
C GLY B 134 20.30 7.91 -16.38
N ALA B 135 20.64 6.93 -17.22
CA ALA B 135 20.54 7.08 -18.66
C ALA B 135 20.62 5.72 -19.32
N HIS B 136 20.15 5.65 -20.56
CA HIS B 136 20.17 4.43 -21.34
C HIS B 136 21.42 4.37 -22.22
N GLY B 137 21.79 3.16 -22.64
CA GLY B 137 22.91 3.02 -23.56
C GLY B 137 23.01 1.63 -24.15
N ILE B 138 24.16 1.34 -24.76
CA ILE B 138 24.37 0.05 -25.38
C ILE B 138 25.66 -0.52 -24.86
N PHE B 139 25.67 -1.80 -24.47
CA PHE B 139 26.93 -2.49 -24.19
C PHE B 139 27.33 -3.33 -25.41
N THR B 140 28.60 -3.26 -25.78
CA THR B 140 29.11 -4.08 -26.89
C THR B 140 30.23 -5.01 -26.43
N SER B 141 30.08 -6.31 -26.67
CA SER B 141 31.14 -7.27 -26.34
C SER B 141 32.31 -7.15 -27.31
N TYR B 142 33.52 -7.21 -26.78
CA TYR B 142 34.73 -7.24 -27.61
C TYR B 142 35.07 -8.66 -28.09
N GLY B 143 34.41 -9.68 -27.55
CA GLY B 143 34.75 -11.03 -27.93
C GLY B 143 33.71 -12.09 -27.65
N ASP B 144 34.01 -13.30 -28.10
CA ASP B 144 33.26 -14.48 -27.72
C ASP B 144 33.92 -14.98 -26.45
N TRP B 145 33.27 -14.76 -25.30
CA TRP B 145 33.87 -15.12 -24.02
C TRP B 145 33.39 -16.48 -23.48
N SER B 146 32.88 -17.34 -24.36
CA SER B 146 32.32 -18.64 -23.95
C SER B 146 33.31 -19.56 -23.23
N ASN B 147 34.60 -19.30 -23.36
CA ASN B 147 35.58 -20.11 -22.65
C ASN B 147 35.66 -19.77 -21.16
N ILE B 148 35.09 -18.63 -20.76
CA ILE B 148 35.02 -18.30 -19.34
C ILE B 148 33.58 -18.22 -18.80
N THR B 149 32.62 -17.93 -19.67
CA THR B 149 31.24 -17.76 -19.21
C THR B 149 30.21 -18.12 -20.26
N ALA B 150 29.14 -18.78 -19.82
CA ALA B 150 28.03 -19.10 -20.71
C ALA B 150 27.11 -17.91 -20.97
N ALA B 151 27.41 -16.76 -20.35
CA ALA B 151 26.54 -15.58 -20.43
C ALA B 151 26.31 -15.11 -21.86
N SER B 152 25.04 -15.10 -22.28
CA SER B 152 24.72 -14.74 -23.65
C SER B 152 25.26 -13.38 -24.11
N PHE B 153 25.18 -12.37 -23.26
CA PHE B 153 25.54 -11.01 -23.68
C PHE B 153 27.04 -10.84 -23.94
N LEU B 154 27.81 -11.85 -23.53
CA LEU B 154 29.26 -11.86 -23.71
C LEU B 154 29.64 -12.94 -24.72
N GLY B 155 28.66 -13.40 -25.52
CA GLY B 155 28.78 -14.62 -26.28
C GLY B 155 29.35 -14.51 -27.69
N ALA B 156 29.52 -13.28 -28.17
CA ALA B 156 30.09 -13.06 -29.50
C ALA B 156 30.66 -11.67 -29.61
N LYS B 157 31.69 -11.55 -30.45
CA LYS B 157 32.27 -10.26 -30.77
C LYS B 157 31.23 -9.34 -31.41
N ASP B 158 31.26 -8.06 -31.03
CA ASP B 158 30.33 -7.04 -31.54
C ASP B 158 28.88 -7.19 -31.10
N LYS B 159 28.56 -8.19 -30.28
CA LYS B 159 27.19 -8.35 -29.80
C LYS B 159 26.77 -7.18 -28.92
N GLN B 160 25.62 -6.60 -29.23
CA GLN B 160 25.14 -5.43 -28.52
C GLN B 160 23.95 -5.76 -27.63
N THR B 161 23.94 -5.13 -26.45
CA THR B 161 22.88 -5.34 -25.45
C THR B 161 22.51 -3.97 -24.87
N PRO B 162 21.19 -3.66 -24.82
CA PRO B 162 20.78 -2.37 -24.25
C PRO B 162 21.08 -2.34 -22.76
N VAL B 163 21.52 -1.19 -22.26
CA VAL B 163 21.68 -1.03 -20.81
C VAL B 163 20.89 0.16 -20.27
N PHE B 164 20.73 0.20 -18.95
CA PHE B 164 20.39 1.43 -18.26
C PHE B 164 21.29 1.47 -17.05
N VAL B 165 21.82 2.66 -16.74
CA VAL B 165 22.71 2.81 -15.60
C VAL B 165 22.19 3.93 -14.71
N ARG B 166 22.21 3.70 -13.39
CA ARG B 166 21.91 4.78 -12.45
C ARG B 166 23.10 4.99 -11.51
N PHE B 167 23.49 6.26 -11.38
CA PHE B 167 24.57 6.65 -10.48
C PHE B 167 23.93 7.37 -9.31
N SER B 168 24.59 7.39 -8.15
CA SER B 168 23.96 7.92 -6.95
C SER B 168 24.98 8.20 -5.85
N THR B 169 24.55 8.93 -4.82
CA THR B 169 25.24 8.93 -3.53
C THR B 169 24.61 7.82 -2.69
N VAL B 170 24.89 7.77 -1.40
CA VAL B 170 24.37 6.69 -0.54
C VAL B 170 23.44 7.19 0.58
N ALA B 171 23.91 8.18 1.35
CA ALA B 171 23.22 8.59 2.57
C ALA B 171 22.06 9.54 2.34
N GLY B 172 22.26 10.53 1.46
CA GLY B 172 21.29 11.60 1.31
C GLY B 172 19.92 11.16 0.84
N SER B 173 18.90 11.94 1.18
CA SER B 173 17.56 11.74 0.67
C SER B 173 17.44 12.31 -0.74
N ARG B 174 16.26 12.21 -1.35
N ARG B 174 16.30 12.13 -1.39
CA ARG B 174 16.03 12.50 -2.78
CA ARG B 174 16.05 12.78 -2.69
C ARG B 174 16.56 13.83 -3.30
C ARG B 174 16.31 14.26 -2.48
N GLY B 175 16.47 14.87 -2.50
N GLY B 175 16.85 14.94 -3.49
CA GLY B 175 16.80 16.22 -2.94
CA GLY B 175 17.05 16.36 -3.35
C GLY B 175 18.10 16.77 -2.39
C GLY B 175 18.21 16.81 -2.48
N SER B 176 18.92 15.88 -1.84
CA SER B 176 20.21 16.27 -1.25
C SER B 176 21.20 16.53 -2.39
N ALA B 177 22.34 17.15 -2.08
CA ALA B 177 23.24 17.65 -3.13
C ALA B 177 24.09 16.56 -3.78
N ASP B 178 24.29 16.63 -5.11
CA ASP B 178 25.18 15.66 -5.76
C ASP B 178 26.60 15.65 -5.20
N THR B 179 27.10 16.82 -4.80
CA THR B 179 28.50 16.93 -4.39
C THR B 179 28.70 16.87 -2.88
N ALA B 180 27.81 16.16 -2.19
CA ALA B 180 28.08 15.73 -0.82
C ALA B 180 29.23 14.74 -0.88
N ARG B 181 29.97 14.58 0.21
CA ARG B 181 31.01 13.55 0.23
C ARG B 181 30.37 12.22 0.57
N ASP B 182 30.56 11.22 -0.28
CA ASP B 182 29.89 9.94 -0.04
C ASP B 182 30.47 8.89 -0.96
N VAL B 183 30.24 7.63 -0.60
CA VAL B 183 30.41 6.52 -1.52
C VAL B 183 29.39 6.78 -2.62
N HIS B 184 29.69 6.37 -3.86
CA HIS B 184 28.73 6.54 -4.95
C HIS B 184 28.28 5.23 -5.57
N GLY B 185 26.99 5.14 -5.91
CA GLY B 185 26.46 3.98 -6.61
C GLY B 185 26.73 4.05 -8.09
N PHE B 186 26.87 2.88 -8.71
CA PHE B 186 27.11 2.72 -10.14
C PHE B 186 26.41 1.39 -10.44
N ALA B 187 25.14 1.48 -10.81
CA ALA B 187 24.31 0.29 -11.01
C ALA B 187 23.98 0.13 -12.48
N THR B 188 24.33 -1.02 -13.05
CA THR B 188 24.13 -1.26 -14.48
C THR B 188 23.18 -2.45 -14.72
N ARG B 189 22.20 -2.25 -15.59
CA ARG B 189 21.38 -3.35 -16.05
C ARG B 189 21.69 -3.65 -17.50
N PHE B 190 21.94 -4.93 -17.80
CA PHE B 190 22.06 -5.39 -19.18
C PHE B 190 20.75 -6.06 -19.53
N TYR B 191 20.07 -5.58 -20.56
CA TYR B 191 18.81 -6.22 -20.93
C TYR B 191 19.12 -7.34 -21.91
N THR B 192 19.69 -8.44 -21.40
CA THR B 192 20.19 -9.51 -22.27
C THR B 192 19.06 -10.35 -22.83
N ASP B 193 19.35 -11.18 -23.83
CA ASP B 193 18.32 -12.02 -24.45
C ASP B 193 18.05 -13.28 -23.62
N GLU B 194 18.76 -13.40 -22.50
CA GLU B 194 18.50 -14.47 -21.54
C GLU B 194 18.18 -13.93 -20.13
N GLY B 195 17.55 -12.77 -20.08
CA GLY B 195 17.09 -12.20 -18.82
C GLY B 195 17.83 -10.94 -18.46
N ASN B 196 17.28 -10.16 -17.53
CA ASN B 196 18.00 -8.99 -17.05
C ASN B 196 19.16 -9.40 -16.14
N PHE B 197 20.34 -8.87 -16.43
CA PHE B 197 21.51 -9.08 -15.57
C PHE B 197 21.89 -7.73 -14.99
N ASP B 198 21.90 -7.61 -13.67
CA ASP B 198 22.32 -6.35 -13.03
C ASP B 198 23.68 -6.49 -12.35
N ILE B 199 24.57 -5.53 -12.61
CA ILE B 199 25.76 -5.38 -11.77
C ILE B 199 25.53 -4.15 -10.94
N VAL B 200 25.23 -4.37 -9.67
CA VAL B 200 24.88 -3.27 -8.77
C VAL B 200 26.11 -2.94 -7.99
N GLY B 201 26.87 -1.96 -8.47
CA GLY B 201 28.16 -1.66 -7.87
C GLY B 201 28.29 -0.25 -7.30
N ASN B 202 29.48 0.09 -6.82
CA ASN B 202 29.80 1.43 -6.32
C ASN B 202 31.04 2.00 -7.03
N ASN B 203 31.42 3.23 -6.72
CA ASN B 203 32.63 3.81 -7.32
C ASN B 203 33.87 3.53 -6.49
N ILE B 204 33.71 2.65 -5.48
CA ILE B 204 34.77 2.28 -4.56
C ILE B 204 34.74 0.76 -4.48
N PRO B 205 35.90 0.09 -4.54
CA PRO B 205 35.91 -1.36 -4.72
C PRO B 205 35.70 -2.19 -3.47
N VAL B 206 35.62 -1.56 -2.30
CA VAL B 206 35.43 -2.30 -1.05
C VAL B 206 34.27 -1.70 -0.27
N PHE B 207 33.60 -2.54 0.53
CA PHE B 207 32.48 -2.04 1.31
C PHE B 207 32.79 -1.99 2.80
N PHE B 208 31.97 -1.27 3.56
CA PHE B 208 32.22 -0.99 4.99
C PHE B 208 32.15 -2.21 5.90
N ILE B 209 31.34 -3.19 5.54
CA ILE B 209 31.04 -4.25 6.49
C ILE B 209 31.19 -5.61 5.84
N GLN B 210 31.32 -6.64 6.66
CA GLN B 210 31.60 -7.98 6.13
C GLN B 210 30.40 -8.95 6.17
N ASP B 211 29.28 -8.51 6.73
CA ASP B 211 28.12 -9.40 6.82
C ASP B 211 26.85 -8.57 6.64
N ALA B 212 25.99 -8.97 5.71
CA ALA B 212 24.81 -8.19 5.34
C ALA B 212 23.87 -7.86 6.50
N ILE B 213 23.92 -8.67 7.57
CA ILE B 213 23.07 -8.42 8.73
C ILE B 213 23.40 -7.11 9.43
N ARG B 214 24.59 -6.57 9.16
CA ARG B 214 25.03 -5.33 9.80
C ARG B 214 24.71 -4.08 8.98
N PHE B 215 24.06 -4.26 7.84
CA PHE B 215 23.72 -3.13 6.98
C PHE B 215 22.87 -2.05 7.68
N PRO B 216 21.80 -2.44 8.39
CA PRO B 216 21.00 -1.38 9.04
C PRO B 216 21.81 -0.62 10.08
N ASP B 217 22.77 -1.29 10.73
CA ASP B 217 23.60 -0.60 11.70
C ASP B 217 24.47 0.43 11.03
N LEU B 218 25.14 0.01 9.97
CA LEU B 218 25.99 0.93 9.21
C LEU B 218 25.14 2.09 8.73
N ILE B 219 24.02 1.76 8.08
CA ILE B 219 23.23 2.80 7.44
C ILE B 219 22.58 3.74 8.46
N HIS B 220 22.05 3.19 9.54
CA HIS B 220 21.52 4.06 10.60
C HIS B 220 22.59 5.03 11.05
N SER B 221 23.83 4.56 11.16
CA SER B 221 24.88 5.36 11.77
C SER B 221 25.32 6.53 10.88
N VAL B 222 25.29 6.36 9.56
CA VAL B 222 25.77 7.45 8.69
C VAL B 222 24.64 8.41 8.33
N LYS B 223 23.41 7.90 8.29
CA LYS B 223 22.24 8.74 8.01
C LYS B 223 21.96 9.69 9.20
N PRO B 224 21.04 10.66 9.04
CA PRO B 224 20.92 11.70 10.08
C PRO B 224 20.49 11.16 11.43
N SER B 225 20.84 11.88 12.49
CA SER B 225 20.49 11.46 13.85
C SER B 225 18.99 11.38 13.94
N PRO B 226 18.46 10.33 14.60
CA PRO B 226 17.02 10.09 14.53
C PRO B 226 16.16 10.96 15.45
N ASP B 227 16.78 11.76 16.31
CA ASP B 227 16.00 12.68 17.13
C ASP B 227 15.67 13.95 16.32
N ASN B 228 16.66 14.50 15.62
CA ASN B 228 16.43 15.75 14.89
C ASN B 228 16.56 15.68 13.36
N GLU B 229 16.88 14.50 12.83
CA GLU B 229 17.17 14.31 11.40
C GLU B 229 18.22 15.30 10.88
N VAL B 230 19.33 15.38 11.63
CA VAL B 230 20.51 16.17 11.26
C VAL B 230 21.73 15.25 11.44
N PRO B 231 22.71 15.29 10.50
CA PRO B 231 22.84 16.13 9.31
C PRO B 231 22.51 15.41 8.03
N GLN B 232 22.10 16.17 7.02
CA GLN B 232 21.75 15.63 5.71
C GLN B 232 23.00 15.26 4.90
N ALA B 233 23.00 14.06 4.32
CA ALA B 233 24.02 13.67 3.33
C ALA B 233 25.45 13.90 3.81
N ALA B 234 25.77 13.39 5.00
CA ALA B 234 27.09 13.64 5.58
C ALA B 234 27.44 12.62 6.66
N THR B 235 28.69 12.22 6.71
CA THR B 235 29.17 11.33 7.76
C THR B 235 29.84 12.13 8.87
N ALA B 236 29.90 13.45 8.70
CA ALA B 236 30.52 14.33 9.70
C ALA B 236 29.62 14.54 10.93
N HIS B 237 29.34 13.46 11.62
CA HIS B 237 28.60 13.54 12.88
C HIS B 237 28.97 12.38 13.78
N ASP B 238 28.64 12.50 15.06
CA ASP B 238 29.13 11.55 16.05
C ASP B 238 28.85 10.07 15.74
N SER B 239 27.64 9.77 15.29
CA SER B 239 27.21 8.39 15.23
C SER B 239 27.96 7.61 14.16
N ALA B 240 28.32 8.30 13.08
CA ALA B 240 29.00 7.64 11.98
C ALA B 240 30.42 7.26 12.41
N TRP B 241 31.12 8.19 13.01
CA TRP B 241 32.49 7.95 13.44
C TRP B 241 32.55 7.04 14.67
N ASP B 242 31.48 7.04 15.45
CA ASP B 242 31.30 6.03 16.49
C ASP B 242 31.28 4.64 15.84
N PHE B 243 30.45 4.47 14.82
CA PHE B 243 30.38 3.20 14.10
C PHE B 243 31.71 2.84 13.42
N PHE B 244 32.33 3.81 12.74
CA PHE B 244 33.58 3.53 12.01
C PHE B 244 34.65 3.00 12.96
N SER B 245 34.65 3.49 14.20
CA SER B 245 35.68 3.09 15.16
C SER B 245 35.28 1.85 15.95
N SER B 246 33.98 1.59 16.05
CA SER B 246 33.49 0.42 16.77
C SER B 246 33.48 -0.80 15.87
N GLN B 247 33.48 -0.55 14.57
CA GLN B 247 33.41 -1.63 13.61
C GLN B 247 34.55 -1.44 12.60
N PRO B 248 35.79 -1.79 13.00
CA PRO B 248 37.02 -1.49 12.26
C PRO B 248 37.01 -1.93 10.79
N SER B 249 36.20 -2.93 10.43
CA SER B 249 36.09 -3.33 9.02
C SER B 249 35.80 -2.12 8.11
N ALA B 250 35.18 -1.09 8.69
CA ALA B 250 34.69 0.06 7.95
C ALA B 250 35.81 0.98 7.47
N LEU B 251 37.00 0.82 8.05
CA LEU B 251 38.11 1.73 7.82
C LEU B 251 38.58 1.83 6.36
N HIS B 252 38.59 0.70 5.65
CA HIS B 252 39.05 0.71 4.26
C HIS B 252 38.15 1.60 3.38
N THR B 253 36.86 1.29 3.34
CA THR B 253 35.91 2.11 2.59
C THR B 253 35.91 3.56 3.07
N LEU B 254 36.08 3.73 4.38
CA LEU B 254 36.17 5.08 4.94
C LEU B 254 37.31 5.86 4.28
N PHE B 255 38.48 5.23 4.14
CA PHE B 255 39.61 5.92 3.51
C PHE B 255 39.30 6.27 2.07
N TRP B 256 38.64 5.38 1.34
CA TRP B 256 38.30 5.65 -0.06
C TRP B 256 37.35 6.85 -0.12
N ALA B 257 36.35 6.86 0.76
CA ALA B 257 35.36 7.94 0.78
C ALA B 257 35.97 9.28 1.18
N MET B 258 37.05 9.24 1.95
CA MET B 258 37.75 10.44 2.36
C MET B 258 38.74 10.91 1.30
N SER B 259 38.89 10.13 0.24
CA SER B 259 39.78 10.50 -0.86
C SER B 259 38.94 11.12 -1.96
N GLY B 260 39.54 11.29 -3.14
CA GLY B 260 38.82 11.85 -4.27
C GLY B 260 37.55 11.10 -4.67
N ASN B 261 37.50 9.80 -4.40
CA ASN B 261 36.32 8.99 -4.71
C ASN B 261 35.05 9.48 -4.01
N GLY B 262 35.22 10.22 -2.92
CA GLY B 262 34.08 10.70 -2.16
C GLY B 262 33.48 11.97 -2.75
N ILE B 263 34.25 12.67 -3.57
CA ILE B 263 33.78 13.88 -4.21
C ILE B 263 34.18 13.93 -5.69
N PRO B 264 33.67 12.98 -6.48
CA PRO B 264 34.07 12.94 -7.88
C PRO B 264 33.63 14.19 -8.66
N ARG B 265 34.37 14.50 -9.73
CA ARG B 265 33.98 15.60 -10.62
C ARG B 265 32.64 15.34 -11.33
N SER B 266 32.40 14.09 -11.72
CA SER B 266 31.12 13.74 -12.34
C SER B 266 30.94 12.24 -12.36
N TYR B 267 29.74 11.77 -12.69
CA TYR B 267 29.50 10.34 -12.79
C TYR B 267 30.39 9.78 -13.90
N ARG B 268 30.61 10.58 -14.94
CA ARG B 268 31.35 10.13 -16.12
C ARG B 268 32.82 9.92 -15.78
N HIS B 269 33.26 10.53 -14.69
CA HIS B 269 34.66 10.46 -14.29
C HIS B 269 34.88 9.55 -13.07
N MET B 270 33.99 8.57 -12.92
CA MET B 270 34.16 7.53 -11.91
C MET B 270 34.44 6.18 -12.55
N ASP B 271 35.24 5.35 -11.87
CA ASP B 271 35.32 3.93 -12.19
C ASP B 271 34.19 3.27 -11.41
N GLY B 272 33.87 2.03 -11.75
CA GLY B 272 32.87 1.27 -11.01
C GLY B 272 33.39 -0.11 -10.65
N PHE B 273 32.81 -0.70 -9.62
CA PHE B 273 33.24 -2.01 -9.15
C PHE B 273 32.06 -2.82 -8.67
N GLY B 274 32.11 -4.13 -8.87
CA GLY B 274 31.05 -4.99 -8.39
C GLY B 274 31.27 -5.29 -6.91
N ILE B 275 32.49 -5.00 -6.46
CA ILE B 275 32.94 -5.26 -5.09
C ILE B 275 33.10 -6.73 -4.76
N HIS B 276 32.00 -7.48 -4.77
CA HIS B 276 32.06 -8.89 -4.42
C HIS B 276 32.79 -9.71 -5.47
N THR B 277 33.39 -10.79 -5.01
CA THR B 277 33.77 -11.87 -5.90
C THR B 277 32.52 -12.61 -6.31
N PHE B 278 32.34 -12.81 -7.63
CA PHE B 278 31.25 -13.61 -8.14
C PHE B 278 31.88 -14.81 -8.85
N ARG B 279 31.07 -15.58 -9.58
CA ARG B 279 31.59 -16.67 -10.39
C ARG B 279 31.13 -16.52 -11.83
N LEU B 280 32.06 -16.77 -12.76
CA LEU B 280 31.68 -16.96 -14.15
C LEU B 280 31.68 -18.47 -14.37
N VAL B 281 30.70 -18.97 -15.11
CA VAL B 281 30.48 -20.40 -15.27
C VAL B 281 30.26 -20.74 -16.74
N THR B 282 31.03 -21.70 -17.27
CA THR B 282 30.89 -22.10 -18.66
C THR B 282 29.77 -23.12 -18.79
N GLU B 283 29.37 -23.44 -20.02
CA GLU B 283 28.28 -24.40 -20.25
C GLU B 283 28.54 -25.75 -19.59
N ASP B 284 29.81 -26.17 -19.55
CA ASP B 284 30.14 -27.47 -19.00
C ASP B 284 30.34 -27.38 -17.48
N GLY B 285 30.13 -26.19 -16.94
CA GLY B 285 30.08 -26.03 -15.48
C GLY B 285 31.38 -25.61 -14.82
N LYS B 286 32.39 -25.32 -15.62
CA LYS B 286 33.69 -24.90 -15.09
C LYS B 286 33.61 -23.45 -14.62
N SER B 287 34.16 -23.16 -13.45
CA SER B 287 34.00 -21.84 -12.85
C SER B 287 35.31 -21.08 -12.59
N LYS B 288 35.20 -19.76 -12.61
CA LYS B 288 36.28 -18.86 -12.23
C LYS B 288 35.71 -17.82 -11.27
N LEU B 289 36.46 -17.50 -10.21
CA LEU B 289 36.09 -16.39 -9.35
C LEU B 289 36.34 -15.11 -10.16
N VAL B 290 35.48 -14.11 -10.00
CA VAL B 290 35.57 -12.92 -10.85
C VAL B 290 35.29 -11.63 -10.06
N LYS B 291 36.07 -10.57 -10.33
CA LYS B 291 35.73 -9.22 -9.84
C LYS B 291 35.37 -8.36 -11.04
N TRP B 292 34.24 -7.64 -11.00
CA TRP B 292 33.85 -6.74 -12.09
C TRP B 292 34.43 -5.35 -11.88
N HIS B 293 34.96 -4.76 -12.96
CA HIS B 293 35.48 -3.39 -12.99
C HIS B 293 34.87 -2.63 -14.16
N TRP B 294 34.54 -1.35 -13.94
CA TRP B 294 34.16 -0.46 -15.03
C TRP B 294 35.26 0.57 -15.08
N LYS B 295 35.90 0.73 -16.24
CA LYS B 295 37.00 1.67 -16.36
C LYS B 295 36.55 2.85 -17.22
N THR B 296 36.52 4.04 -16.62
CA THR B 296 36.01 5.20 -17.33
C THR B 296 36.92 5.61 -18.48
N LYS B 297 36.32 5.88 -19.63
CA LYS B 297 37.12 6.33 -20.76
C LYS B 297 37.29 7.84 -20.69
N GLN B 298 36.58 8.48 -19.76
CA GLN B 298 36.69 9.92 -19.59
C GLN B 298 37.83 10.28 -18.64
N GLY B 299 38.35 9.26 -17.94
CA GLY B 299 39.36 9.49 -16.91
C GLY B 299 38.75 9.82 -15.55
N LYS B 300 39.45 9.43 -14.49
CA LYS B 300 39.01 9.74 -13.13
C LYS B 300 39.39 11.17 -12.80
N ALA B 301 38.48 11.88 -12.12
CA ALA B 301 38.74 13.26 -11.72
C ALA B 301 37.92 13.54 -10.47
N ALA B 302 38.42 14.42 -9.61
CA ALA B 302 37.71 14.71 -8.37
C ALA B 302 37.80 16.19 -8.02
N LEU B 303 36.87 16.64 -7.17
CA LEU B 303 36.89 18.02 -6.69
C LEU B 303 37.76 18.14 -5.46
N VAL B 304 37.91 19.36 -4.95
CA VAL B 304 38.42 19.54 -3.61
C VAL B 304 37.23 19.89 -2.69
N TRP B 305 37.37 19.59 -1.40
CA TRP B 305 36.23 19.67 -0.47
C TRP B 305 35.62 21.06 -0.34
N GLU B 306 36.46 22.07 -0.15
CA GLU B 306 35.99 23.45 -0.01
C GLU B 306 35.21 23.90 -1.24
N GLU B 307 35.51 23.30 -2.38
CA GLU B 307 34.79 23.54 -3.64
C GLU B 307 33.46 22.76 -3.67
N ALA B 308 33.53 21.50 -3.25
CA ALA B 308 32.34 20.64 -3.27
C ALA B 308 31.23 21.21 -2.40
N GLN B 309 31.61 21.78 -1.27
CA GLN B 309 30.66 22.42 -0.35
C GLN B 309 29.89 23.60 -0.96
N VAL B 310 30.61 24.52 -1.60
CA VAL B 310 29.98 25.66 -2.27
C VAL B 310 29.09 25.19 -3.41
N LEU B 311 29.60 24.21 -4.16
CA LEU B 311 28.86 23.62 -5.28
C LEU B 311 27.56 22.97 -4.81
N ALA B 312 27.58 22.36 -3.63
CA ALA B 312 26.38 21.72 -3.08
C ALA B 312 25.26 22.73 -2.92
N GLY B 313 25.63 24.00 -2.74
CA GLY B 313 24.68 25.09 -2.59
C GLY B 313 24.37 25.80 -3.90
N LYS B 314 25.39 25.99 -4.74
CA LYS B 314 25.21 26.70 -6.01
C LYS B 314 24.49 25.85 -7.05
N ASN B 315 24.76 24.55 -7.04
CA ASN B 315 24.04 23.65 -7.94
C ASN B 315 23.99 22.25 -7.38
N ALA B 316 22.95 21.95 -6.63
CA ALA B 316 22.74 20.61 -6.07
C ALA B 316 22.64 19.56 -7.18
N ASP B 317 22.36 19.99 -8.40
CA ASP B 317 22.15 19.07 -9.52
C ASP B 317 23.38 18.92 -10.42
N PHE B 318 24.55 19.30 -9.91
CA PHE B 318 25.77 19.36 -10.72
C PHE B 318 26.08 18.07 -11.50
N HIS B 319 25.98 16.92 -10.85
CA HIS B 319 26.28 15.65 -11.54
C HIS B 319 25.17 15.21 -12.48
N ARG B 320 23.92 15.35 -12.08
CA ARG B 320 22.87 14.91 -12.99
C ARG B 320 22.81 15.79 -14.23
N GLN B 321 23.06 17.08 -14.07
CA GLN B 321 23.11 17.97 -15.25
C GLN B 321 24.30 17.65 -16.15
N ASP B 322 25.44 17.39 -15.52
CA ASP B 322 26.65 17.05 -16.27
C ASP B 322 26.40 15.83 -17.15
N LEU B 323 25.76 14.79 -16.60
CA LEU B 323 25.48 13.59 -17.39
C LEU B 323 24.46 13.89 -18.49
N TRP B 324 23.39 14.57 -18.12
CA TRP B 324 22.35 14.94 -19.08
C TRP B 324 22.95 15.70 -20.25
N ASP B 325 23.79 16.71 -19.95
CA ASP B 325 24.33 17.59 -20.99
C ASP B 325 25.29 16.89 -21.91
N ALA B 326 26.12 16.02 -21.34
CA ALA B 326 27.10 15.31 -22.15
C ALA B 326 26.39 14.46 -23.19
N ILE B 327 25.30 13.81 -22.77
CA ILE B 327 24.55 12.95 -23.68
C ILE B 327 23.81 13.76 -24.73
N GLU B 328 23.21 14.86 -24.32
CA GLU B 328 22.46 15.72 -25.24
C GLU B 328 23.38 16.37 -26.27
N SER B 329 24.61 16.67 -25.86
CA SER B 329 25.57 17.34 -26.75
C SER B 329 26.26 16.35 -27.68
N GLY B 330 25.88 15.08 -27.61
CA GLY B 330 26.49 14.08 -28.45
C GLY B 330 27.83 13.62 -27.91
N ASN B 331 28.10 13.89 -26.65
CA ASN B 331 29.33 13.42 -26.03
C ASN B 331 29.10 12.27 -25.07
N ALA B 332 28.43 11.21 -25.55
CA ALA B 332 28.09 10.07 -24.70
C ALA B 332 29.32 9.52 -23.98
N PRO B 333 29.22 9.26 -22.65
CA PRO B 333 30.35 8.68 -21.93
C PRO B 333 30.45 7.17 -22.14
N SER B 334 31.68 6.65 -22.05
CA SER B 334 31.87 5.21 -22.10
C SER B 334 32.68 4.69 -20.93
N TRP B 335 32.49 3.40 -20.64
CA TRP B 335 33.29 2.67 -19.68
C TRP B 335 33.62 1.34 -20.31
N GLU B 336 34.80 0.80 -20.02
CA GLU B 336 35.07 -0.57 -20.46
C GLU B 336 34.74 -1.50 -19.33
N LEU B 337 34.12 -2.63 -19.65
CA LEU B 337 33.87 -3.64 -18.63
C LEU B 337 35.10 -4.53 -18.59
N ALA B 338 35.68 -4.69 -17.41
CA ALA B 338 36.86 -5.54 -17.25
C ALA B 338 36.71 -6.46 -16.03
N VAL B 339 37.45 -7.56 -16.03
CA VAL B 339 37.38 -8.52 -14.93
C VAL B 339 38.77 -8.96 -14.47
N GLN B 340 38.87 -9.32 -13.19
CA GLN B 340 39.98 -10.12 -12.72
C GLN B 340 39.41 -11.53 -12.58
N LEU B 341 40.15 -12.53 -13.07
CA LEU B 341 39.68 -13.91 -12.98
C LEU B 341 40.62 -14.72 -12.09
N ILE B 342 40.05 -15.43 -11.12
CA ILE B 342 40.86 -16.17 -10.15
C ILE B 342 40.44 -17.64 -10.11
N ASP B 343 41.42 -18.55 -10.13
CA ASP B 343 41.14 -19.97 -9.94
C ASP B 343 40.48 -20.19 -8.59
N GLU B 344 39.52 -21.11 -8.53
CA GLU B 344 38.82 -21.40 -7.28
C GLU B 344 39.79 -21.77 -6.16
N ASP B 345 40.86 -22.49 -6.51
CA ASP B 345 41.77 -22.99 -5.48
C ASP B 345 42.68 -21.89 -4.92
N LYS B 346 42.55 -20.67 -5.43
CA LYS B 346 43.36 -19.58 -4.97
C LYS B 346 42.55 -18.49 -4.30
N ALA B 347 41.35 -18.85 -3.84
CA ALA B 347 40.47 -17.88 -3.18
C ALA B 347 41.13 -17.27 -1.94
N GLN B 348 42.02 -18.01 -1.29
CA GLN B 348 42.63 -17.49 -0.06
C GLN B 348 44.13 -17.27 -0.17
N ALA B 349 44.62 -17.16 -1.40
CA ALA B 349 46.05 -17.16 -1.67
C ALA B 349 46.72 -15.79 -1.75
N TYR B 350 45.95 -14.71 -1.77
CA TYR B 350 46.55 -13.40 -2.02
C TYR B 350 46.68 -12.52 -0.78
N GLY B 351 46.73 -13.13 0.40
CA GLY B 351 46.94 -12.38 1.63
C GLY B 351 45.65 -11.95 2.33
N PHE B 352 44.53 -12.40 1.79
CA PHE B 352 43.21 -12.11 2.35
C PHE B 352 42.25 -13.13 1.75
N ASP B 353 40.99 -13.13 2.18
CA ASP B 353 39.99 -14.08 1.69
C ASP B 353 39.12 -13.39 0.63
N LEU B 354 38.99 -13.98 -0.55
CA LEU B 354 38.26 -13.31 -1.63
C LEU B 354 36.75 -13.28 -1.40
N LEU B 355 36.29 -13.94 -0.34
CA LEU B 355 34.89 -13.85 0.07
C LEU B 355 34.65 -12.61 0.93
N ASP B 356 35.73 -11.88 1.22
CA ASP B 356 35.72 -10.72 2.12
C ASP B 356 35.59 -9.44 1.30
N PRO B 357 34.46 -8.74 1.41
CA PRO B 357 34.24 -7.59 0.54
C PRO B 357 34.92 -6.32 1.05
N THR B 358 35.71 -6.42 2.11
CA THR B 358 36.41 -5.24 2.60
C THR B 358 37.83 -5.18 2.06
N LYS B 359 38.14 -6.14 1.18
CA LYS B 359 39.46 -6.20 0.53
C LYS B 359 39.29 -6.13 -0.99
N PHE B 360 40.26 -5.54 -1.68
CA PHE B 360 40.31 -5.67 -3.14
C PHE B 360 41.58 -6.43 -3.51
N LEU B 361 41.61 -6.94 -4.74
CA LEU B 361 42.76 -7.73 -5.20
C LEU B 361 43.67 -6.84 -6.03
N PRO B 362 44.89 -6.57 -5.52
CA PRO B 362 45.84 -5.73 -6.27
C PRO B 362 46.02 -6.23 -7.70
N GLU B 363 45.99 -5.31 -8.67
CA GLU B 363 46.07 -5.72 -10.07
C GLU B 363 47.42 -6.32 -10.41
N GLU B 364 48.43 -6.06 -9.58
CA GLU B 364 49.72 -6.71 -9.75
C GLU B 364 49.54 -8.22 -9.70
N PHE B 365 48.66 -8.71 -8.84
CA PHE B 365 48.45 -10.16 -8.72
C PHE B 365 47.52 -10.74 -9.79
N ALA B 366 46.70 -9.89 -10.39
CA ALA B 366 45.69 -10.37 -11.33
C ALA B 366 45.26 -9.20 -12.22
N PRO B 367 45.86 -9.09 -13.40
CA PRO B 367 45.53 -7.94 -14.23
C PRO B 367 44.14 -8.02 -14.85
N LEU B 368 43.63 -6.89 -15.32
CA LEU B 368 42.30 -6.81 -15.89
C LEU B 368 42.25 -7.38 -17.30
N GLN B 369 41.22 -8.17 -17.57
CA GLN B 369 40.88 -8.58 -18.91
C GLN B 369 39.65 -7.79 -19.33
N VAL B 370 39.73 -7.18 -20.51
CA VAL B 370 38.71 -6.24 -20.97
C VAL B 370 37.69 -6.97 -21.85
N LEU B 371 36.43 -6.97 -21.41
CA LEU B 371 35.40 -7.80 -22.05
C LEU B 371 34.64 -7.06 -23.13
N GLY B 372 34.53 -5.74 -22.96
CA GLY B 372 33.73 -4.96 -23.88
C GLY B 372 33.55 -3.55 -23.35
N GLU B 373 32.57 -2.85 -23.90
CA GLU B 373 32.47 -1.42 -23.73
C GLU B 373 30.99 -1.05 -23.63
N MET B 374 30.62 -0.18 -22.68
CA MET B 374 29.26 0.39 -22.70
C MET B 374 29.28 1.91 -22.84
N THR B 375 28.34 2.41 -23.62
CA THR B 375 28.25 3.83 -23.94
C THR B 375 26.85 4.30 -23.61
N LEU B 376 26.73 5.33 -22.77
CA LEU B 376 25.40 5.82 -22.38
C LEU B 376 25.01 6.94 -23.33
N ASN B 377 24.07 6.71 -24.24
CA ASN B 377 23.79 7.72 -25.25
C ASN B 377 22.36 8.22 -25.37
N ARG B 378 21.49 7.86 -24.42
CA ARG B 378 20.10 8.34 -24.45
C ARG B 378 19.63 8.75 -23.06
N ASN B 379 19.17 9.98 -22.94
CA ASN B 379 18.55 10.40 -21.68
C ASN B 379 17.15 9.83 -21.59
N PRO B 380 16.65 9.65 -20.37
CA PRO B 380 15.25 9.21 -20.25
C PRO B 380 14.31 10.30 -20.76
N MET B 381 13.06 9.93 -21.06
CA MET B 381 12.05 10.91 -21.46
C MET B 381 11.24 11.40 -20.26
N ASN B 382 10.94 10.48 -19.35
CA ASN B 382 10.33 10.87 -18.08
C ASN B 382 11.17 10.34 -16.92
N TYR B 383 11.75 11.25 -16.15
CA TYR B 383 12.63 10.84 -15.07
C TYR B 383 11.95 9.86 -14.11
N PHE B 384 10.75 10.18 -13.64
CA PHE B 384 10.07 9.34 -12.67
C PHE B 384 9.80 7.94 -13.21
N ALA B 385 9.23 7.87 -14.40
CA ALA B 385 8.83 6.58 -14.97
C ALA B 385 10.02 5.67 -15.21
N GLU B 386 11.16 6.28 -15.53
CA GLU B 386 12.34 5.52 -15.91
C GLU B 386 13.35 5.46 -14.75
N THR B 387 13.99 6.58 -14.47
CA THR B 387 15.04 6.60 -13.45
C THR B 387 14.52 6.32 -12.05
N GLU B 388 13.46 7.00 -11.63
CA GLU B 388 13.01 6.82 -10.25
C GLU B 388 12.47 5.41 -10.02
N GLN B 389 11.72 4.90 -11.00
CA GLN B 389 11.08 3.59 -10.85
C GLN B 389 11.96 2.36 -11.07
N ILE B 390 13.08 2.49 -11.77
CA ILE B 390 13.89 1.30 -12.06
C ILE B 390 14.32 0.63 -10.75
N SER B 391 14.28 -0.71 -10.76
CA SER B 391 14.53 -1.52 -9.56
C SER B 391 15.67 -2.51 -9.78
N PHE B 392 16.88 -2.14 -9.37
CA PHE B 392 18.03 -3.05 -9.49
C PHE B 392 18.00 -4.13 -8.43
N GLN B 393 18.56 -5.29 -8.75
CA GLN B 393 18.77 -6.37 -7.79
C GLN B 393 20.01 -7.19 -8.16
N PRO B 394 20.88 -7.46 -7.17
CA PRO B 394 22.01 -8.36 -7.39
C PRO B 394 21.52 -9.77 -7.64
N GLY B 395 20.26 -10.01 -7.31
CA GLY B 395 19.62 -11.29 -7.61
C GLY B 395 19.22 -11.40 -9.06
N HIS B 396 19.30 -10.29 -9.82
CA HIS B 396 19.06 -10.36 -11.26
C HIS B 396 20.29 -10.99 -11.90
N ILE B 397 20.29 -12.32 -11.99
CA ILE B 397 21.44 -13.05 -12.51
C ILE B 397 21.00 -13.89 -13.69
N VAL B 398 21.94 -14.25 -14.57
CA VAL B 398 21.63 -15.06 -15.74
C VAL B 398 22.57 -16.25 -15.83
N ARG B 399 22.20 -17.21 -16.68
CA ARG B 399 23.05 -18.37 -16.93
C ARG B 399 24.47 -17.94 -17.33
N GLY B 400 25.46 -18.55 -16.69
CA GLY B 400 26.85 -18.18 -16.92
C GLY B 400 27.44 -17.33 -15.83
N VAL B 401 26.62 -16.96 -14.84
CA VAL B 401 27.13 -16.20 -13.71
C VAL B 401 26.58 -16.85 -12.45
N ASP B 402 27.36 -16.87 -11.37
CA ASP B 402 26.85 -17.43 -10.12
C ASP B 402 27.31 -16.60 -8.92
N PHE B 403 26.71 -16.85 -7.76
CA PHE B 403 27.09 -16.12 -6.55
C PHE B 403 28.28 -16.78 -5.86
N THR B 404 28.84 -16.10 -4.86
CA THR B 404 29.77 -16.74 -3.95
C THR B 404 29.26 -16.56 -2.54
N GLU B 405 29.97 -17.16 -1.60
CA GLU B 405 29.57 -17.18 -0.21
C GLU B 405 30.02 -15.92 0.55
N ASP B 406 30.18 -14.82 -0.18
CA ASP B 406 30.42 -13.50 0.41
C ASP B 406 29.19 -13.19 1.28
N PRO B 407 29.38 -13.08 2.61
CA PRO B 407 28.25 -12.90 3.52
C PRO B 407 27.53 -11.56 3.33
N LEU B 408 28.21 -10.60 2.71
CA LEU B 408 27.60 -9.33 2.41
C LEU B 408 26.67 -9.48 1.21
N LEU B 409 27.19 -10.11 0.17
CA LEU B 409 26.41 -10.35 -1.05
C LEU B 409 25.20 -11.23 -0.76
N GLN B 410 25.41 -12.27 0.04
CA GLN B 410 24.36 -13.24 0.38
C GLN B 410 23.09 -12.57 0.88
N GLY B 411 23.24 -11.55 1.72
CA GLY B 411 22.08 -10.92 2.32
C GLY B 411 21.42 -9.89 1.41
N ARG B 412 22.22 -9.32 0.51
CA ARG B 412 21.69 -8.40 -0.49
C ARG B 412 20.65 -9.08 -1.36
N LEU B 413 20.88 -10.35 -1.69
CA LEU B 413 19.97 -11.09 -2.55
C LEU B 413 18.54 -11.01 -2.02
N TYR B 414 18.39 -11.18 -0.70
CA TYR B 414 17.08 -11.05 -0.05
C TYR B 414 16.57 -9.61 -0.05
N SER B 415 17.45 -8.68 0.30
N SER B 415 17.46 -8.65 0.18
CA SER B 415 17.05 -7.31 0.61
CA SER B 415 17.06 -7.31 0.58
C SER B 415 16.53 -6.51 -0.59
C SER B 415 16.47 -6.54 -0.61
N TYR B 416 17.11 -6.69 -1.76
CA TYR B 416 16.67 -5.91 -2.93
C TYR B 416 15.33 -6.40 -3.47
N LEU B 417 15.07 -7.69 -3.38
CA LEU B 417 13.76 -8.20 -3.79
C LEU B 417 12.71 -7.67 -2.84
N ASP B 418 12.96 -7.80 -1.54
CA ASP B 418 12.03 -7.38 -0.50
C ASP B 418 11.70 -5.88 -0.57
N THR B 419 12.73 -5.05 -0.72
CA THR B 419 12.53 -3.60 -0.64
C THR B 419 11.61 -3.08 -1.75
N GLN B 420 11.55 -3.78 -2.88
CA GLN B 420 10.70 -3.34 -3.96
C GLN B 420 9.22 -3.37 -3.55
N LEU B 421 8.89 -4.27 -2.63
CA LEU B 421 7.52 -4.37 -2.11
C LEU B 421 7.12 -3.07 -1.42
N ASN B 422 8.08 -2.42 -0.76
CA ASN B 422 7.80 -1.12 -0.15
C ASN B 422 7.74 -0.02 -1.18
N ARG B 423 8.77 0.05 -2.03
CA ARG B 423 8.91 1.16 -2.96
C ARG B 423 7.81 1.17 -4.01
N HIS B 424 7.43 0.00 -4.49
CA HIS B 424 6.42 -0.09 -5.53
C HIS B 424 5.06 -0.57 -5.02
N ARG B 425 4.99 -0.91 -3.73
CA ARG B 425 3.72 -1.23 -3.07
C ARG B 425 2.96 -2.40 -3.68
N GLY B 426 3.71 -3.39 -4.16
CA GLY B 426 3.11 -4.56 -4.77
C GLY B 426 4.17 -5.40 -5.44
N PRO B 427 3.79 -6.57 -5.97
CA PRO B 427 4.73 -7.59 -6.42
C PRO B 427 4.94 -7.62 -7.93
N ASN B 428 4.33 -6.70 -8.67
CA ASN B 428 4.41 -6.72 -10.13
C ASN B 428 5.27 -5.60 -10.70
N PHE B 429 6.18 -5.09 -9.87
CA PHE B 429 7.14 -4.06 -10.29
C PHE B 429 8.02 -4.48 -11.50
N GLU B 430 8.27 -5.78 -11.69
CA GLU B 430 9.01 -6.20 -12.86
C GLU B 430 8.22 -6.00 -14.16
N GLN B 431 6.93 -5.66 -14.05
CA GLN B 431 6.11 -5.40 -15.24
C GLN B 431 6.17 -3.95 -15.72
N LEU B 432 6.76 -3.07 -14.92
CA LEU B 432 6.89 -1.67 -15.31
C LEU B 432 7.79 -1.62 -16.55
N PRO B 433 7.50 -0.72 -17.49
CA PRO B 433 8.29 -0.70 -18.73
C PRO B 433 9.81 -0.67 -18.51
N ILE B 434 10.31 0.11 -17.56
CA ILE B 434 11.76 0.20 -17.36
C ILE B 434 12.36 -1.08 -16.75
N ASN B 435 11.53 -1.91 -16.12
CA ASN B 435 12.01 -3.13 -15.47
C ASN B 435 11.85 -4.39 -16.32
N ARG B 436 10.98 -4.35 -17.32
CA ARG B 436 10.71 -5.54 -18.13
C ARG B 436 11.98 -5.99 -18.85
N PRO B 437 12.17 -7.31 -18.96
CA PRO B 437 13.26 -7.83 -19.79
C PRO B 437 12.88 -7.72 -21.25
N VAL B 438 13.80 -7.97 -22.17
CA VAL B 438 13.45 -8.00 -23.58
C VAL B 438 13.25 -9.44 -24.06
N SER B 439 13.45 -10.39 -23.15
CA SER B 439 13.54 -11.81 -23.51
C SER B 439 12.30 -12.66 -23.23
N GLY B 440 11.28 -12.10 -22.62
CA GLY B 440 10.01 -12.81 -22.54
C GLY B 440 9.82 -13.54 -21.24
N VAL B 441 8.62 -13.45 -20.67
CA VAL B 441 8.36 -14.00 -19.36
C VAL B 441 7.26 -15.04 -19.47
N HIS B 442 7.58 -16.26 -19.04
CA HIS B 442 6.64 -17.37 -19.13
C HIS B 442 6.67 -18.23 -17.86
N ASN B 443 5.68 -18.04 -17.01
CA ASN B 443 5.61 -18.80 -15.77
C ASN B 443 4.21 -18.86 -15.21
N ASN B 444 4.06 -19.44 -14.04
CA ASN B 444 2.72 -19.63 -13.51
C ASN B 444 2.33 -18.61 -12.44
N HIS B 445 3.06 -17.48 -12.41
CA HIS B 445 2.72 -16.37 -11.52
C HIS B 445 1.43 -15.71 -12.00
N ARG B 446 0.55 -15.36 -11.07
CA ARG B 446 -0.71 -14.75 -11.43
C ARG B 446 -1.07 -13.65 -10.43
N ASP B 447 -1.97 -12.77 -10.85
CA ASP B 447 -2.58 -11.79 -9.96
C ASP B 447 -1.56 -10.80 -9.36
N GLY B 448 -1.82 -10.37 -8.12
CA GLY B 448 -1.03 -9.33 -7.47
C GLY B 448 -1.51 -7.95 -7.85
N GLN B 449 -1.28 -6.95 -6.98
CA GLN B 449 -1.63 -5.56 -7.28
C GLN B 449 -1.11 -5.13 -8.63
N GLY B 450 -1.95 -4.45 -9.39
CA GLY B 450 -1.52 -3.87 -10.66
C GLY B 450 -1.22 -4.84 -11.78
N GLN B 451 -1.68 -6.10 -11.67
CA GLN B 451 -1.42 -7.08 -12.72
C GLN B 451 -1.78 -6.51 -14.10
N ALA B 452 -0.76 -6.37 -14.95
CA ALA B 452 -0.91 -5.64 -16.20
C ALA B 452 -1.13 -6.52 -17.40
N TRP B 453 -1.04 -7.84 -17.21
CA TRP B 453 -1.19 -8.77 -18.33
C TRP B 453 -2.42 -9.64 -18.18
N ILE B 454 -2.79 -10.30 -19.27
CA ILE B 454 -3.88 -11.27 -19.24
C ILE B 454 -3.32 -12.62 -19.69
N HIS B 455 -3.19 -13.54 -18.73
CA HIS B 455 -2.60 -14.85 -18.99
C HIS B 455 -3.56 -15.83 -19.65
N LYS B 456 -3.07 -16.50 -20.69
CA LYS B 456 -3.87 -17.44 -21.48
C LYS B 456 -3.88 -18.85 -20.88
N ASN B 457 -2.77 -19.26 -20.28
CA ASN B 457 -2.70 -20.61 -19.72
C ASN B 457 -3.52 -20.70 -18.45
N ILE B 458 -4.65 -21.41 -18.50
CA ILE B 458 -5.51 -21.55 -17.31
C ILE B 458 -5.02 -22.65 -16.38
N HIS B 459 -4.05 -23.42 -16.84
CA HIS B 459 -3.46 -24.45 -15.98
C HIS B 459 -2.15 -23.95 -15.42
N HIS B 460 -2.30 -23.04 -14.45
CA HIS B 460 -1.22 -22.24 -13.90
C HIS B 460 -0.45 -22.96 -12.78
N TYR B 461 0.02 -24.18 -13.09
CA TYR B 461 0.74 -25.01 -12.11
C TYR B 461 1.60 -26.07 -12.81
N SER B 462 2.56 -26.62 -12.09
N SER B 462 2.54 -26.64 -12.08
CA SER B 462 3.42 -27.70 -12.57
CA SER B 462 3.42 -27.70 -12.56
C SER B 462 3.62 -28.71 -11.43
C SER B 462 3.65 -28.70 -11.42
N PRO B 463 3.71 -30.01 -11.75
CA PRO B 463 3.57 -30.59 -13.08
C PRO B 463 2.11 -30.72 -13.43
N SER B 464 1.81 -30.98 -14.69
CA SER B 464 0.42 -30.99 -15.14
C SER B 464 0.28 -31.73 -16.46
N TYR B 465 -0.77 -32.54 -16.58
CA TYR B 465 -1.09 -33.16 -17.87
C TYR B 465 -1.83 -32.17 -18.74
N LEU B 466 -2.64 -31.34 -18.11
CA LEU B 466 -3.55 -30.46 -18.84
C LEU B 466 -2.85 -29.33 -19.59
N ASN B 467 -1.70 -28.87 -19.11
CA ASN B 467 -0.94 -27.85 -19.84
C ASN B 467 0.16 -28.43 -20.75
N LYS B 468 0.14 -29.75 -20.93
CA LYS B 468 1.12 -30.45 -21.76
C LYS B 468 2.57 -30.22 -21.32
N GLY B 469 2.75 -29.75 -20.09
CA GLY B 469 4.09 -29.52 -19.56
C GLY B 469 4.67 -28.16 -19.87
N TYR B 470 3.81 -27.22 -20.28
CA TYR B 470 4.24 -25.85 -20.57
C TYR B 470 3.60 -24.85 -19.62
N PRO B 471 4.38 -23.90 -19.08
CA PRO B 471 5.82 -23.69 -19.34
C PRO B 471 6.71 -24.79 -18.75
N ALA B 472 7.78 -25.14 -19.48
CA ALA B 472 8.58 -26.33 -19.16
C ALA B 472 9.82 -26.00 -18.35
N GLN B 473 10.30 -27.01 -17.63
CA GLN B 473 11.51 -26.86 -16.80
C GLN B 473 12.75 -26.67 -17.67
N ALA B 474 13.60 -25.72 -17.29
CA ALA B 474 14.91 -25.52 -17.94
C ALA B 474 16.03 -25.73 -16.92
N ASN B 475 17.11 -26.38 -17.34
CA ASN B 475 18.26 -26.62 -16.46
C ASN B 475 19.59 -26.47 -17.18
N GLN B 476 20.65 -27.05 -16.61
CA GLN B 476 21.98 -26.91 -17.21
C GLN B 476 22.02 -27.51 -18.62
N THR B 477 21.29 -28.60 -18.81
CA THR B 477 21.37 -29.35 -20.07
C THR B 477 20.21 -29.09 -21.05
N VAL B 478 19.06 -28.64 -20.54
N VAL B 478 19.10 -28.56 -20.53
CA VAL B 478 17.95 -28.34 -21.44
CA VAL B 478 17.89 -28.35 -21.31
C VAL B 478 17.38 -26.93 -21.23
C VAL B 478 17.34 -26.92 -21.20
N GLY B 479 17.05 -26.28 -22.34
CA GLY B 479 16.46 -24.96 -22.35
C GLY B 479 17.28 -23.80 -21.80
N ARG B 480 18.60 -23.98 -21.71
CA ARG B 480 19.51 -22.94 -21.23
C ARG B 480 19.07 -22.30 -19.90
N GLY B 481 18.68 -23.16 -18.96
CA GLY B 481 18.22 -22.69 -17.67
C GLY B 481 19.39 -22.23 -16.82
N PHE B 482 19.11 -21.42 -15.81
CA PHE B 482 20.14 -21.09 -14.84
C PHE B 482 20.61 -22.37 -14.16
N PHE B 483 21.88 -22.40 -13.77
CA PHE B 483 22.33 -23.46 -12.88
C PHE B 483 23.39 -22.95 -11.94
N THR B 484 23.27 -23.34 -10.67
CA THR B 484 24.29 -23.07 -9.67
C THR B 484 25.55 -23.82 -10.06
N THR B 485 26.71 -23.23 -9.79
CA THR B 485 28.00 -23.85 -10.09
C THR B 485 28.05 -25.28 -9.57
N PRO B 486 28.19 -26.25 -10.49
N PRO B 486 28.18 -26.26 -10.48
CA PRO B 486 28.34 -27.64 -10.07
CA PRO B 486 28.08 -27.69 -10.13
C PRO B 486 29.63 -27.77 -9.28
C PRO B 486 28.98 -28.20 -8.99
N GLY B 487 29.56 -28.39 -8.11
N GLY B 487 30.12 -27.54 -8.73
CA GLY B 487 30.75 -28.62 -7.33
CA GLY B 487 31.08 -28.07 -7.78
C GLY B 487 30.91 -27.64 -6.18
C GLY B 487 31.05 -27.49 -6.37
N ARG B 488 30.12 -26.59 -6.14
CA ARG B 488 30.04 -25.81 -4.92
C ARG B 488 29.51 -26.74 -3.82
N THR B 489 30.20 -26.75 -2.70
CA THR B 489 29.84 -27.63 -1.61
C THR B 489 29.61 -26.83 -0.33
N ALA B 490 28.91 -27.44 0.62
CA ALA B 490 28.86 -26.94 1.98
C ALA B 490 29.58 -27.94 2.87
N SER B 491 30.15 -27.46 3.97
CA SER B 491 30.85 -28.36 4.88
C SER B 491 31.05 -27.68 6.23
N GLY B 492 30.76 -28.42 7.31
CA GLY B 492 30.98 -27.87 8.64
C GLY B 492 29.67 -27.54 9.33
N VAL B 493 29.78 -26.96 10.53
CA VAL B 493 28.61 -26.73 11.36
C VAL B 493 27.85 -25.49 10.91
N LEU B 494 26.54 -25.50 11.12
CA LEU B 494 25.76 -24.29 10.97
C LEU B 494 26.30 -23.32 12.00
N ASN B 495 26.67 -22.11 11.58
CA ASN B 495 27.25 -21.15 12.49
C ASN B 495 26.75 -19.73 12.28
N ARG B 496 26.76 -18.92 13.34
CA ARG B 496 26.62 -17.49 13.22
C ARG B 496 27.98 -16.87 13.50
N GLU B 497 28.94 -17.16 12.62
CA GLU B 497 30.26 -16.59 12.77
C GLU B 497 30.73 -16.02 11.45
N LEU B 498 31.97 -15.56 11.47
CA LEU B 498 32.68 -15.09 10.29
C LEU B 498 34.03 -15.79 10.35
N SER B 499 34.53 -16.24 9.20
CA SER B 499 35.85 -16.87 9.15
C SER B 499 36.91 -15.98 9.80
N ALA B 500 37.94 -16.56 10.41
CA ALA B 500 38.99 -15.73 10.99
C ALA B 500 39.84 -15.12 9.88
N THR B 501 39.70 -15.64 8.66
CA THR B 501 40.38 -15.07 7.49
C THR B 501 39.95 -13.62 7.22
N PHE B 502 38.83 -13.22 7.81
CA PHE B 502 38.29 -11.87 7.67
C PHE B 502 38.88 -10.84 8.65
N ASP B 503 39.77 -11.27 9.54
CA ASP B 503 40.07 -10.47 10.74
C ASP B 503 40.99 -9.24 10.60
N ASP B 504 41.70 -9.09 9.48
CA ASP B 504 42.66 -7.99 9.34
C ASP B 504 41.98 -6.80 8.71
N HIS B 505 41.69 -5.77 9.52
CA HIS B 505 40.99 -4.59 9.05
C HIS B 505 41.90 -3.40 8.72
N TYR B 506 43.22 -3.58 8.80
CA TYR B 506 44.14 -2.45 8.75
C TYR B 506 45.15 -2.46 7.61
N THR B 507 45.55 -3.66 7.17
CA THR B 507 46.58 -3.76 6.14
C THR B 507 46.19 -3.10 4.83
N GLN B 508 44.97 -3.37 4.35
CA GLN B 508 44.57 -2.75 3.09
C GLN B 508 44.29 -1.25 3.14
N PRO B 509 43.68 -0.74 4.24
CA PRO B 509 43.63 0.73 4.34
C PRO B 509 45.03 1.34 4.25
N ARG B 510 46.02 0.71 4.89
CA ARG B 510 47.39 1.22 4.80
C ARG B 510 47.93 1.12 3.37
N LEU B 511 47.63 0.00 2.71
CA LEU B 511 48.02 -0.22 1.32
C LEU B 511 47.40 0.86 0.43
N PHE B 512 46.12 1.12 0.63
CA PHE B 512 45.44 2.18 -0.10
C PHE B 512 46.13 3.52 0.12
N PHE B 513 46.35 3.87 1.38
CA PHE B 513 46.94 5.18 1.70
C PHE B 513 48.35 5.32 1.13
N ASN B 514 49.14 4.25 1.22
CA ASN B 514 50.48 4.23 0.64
C ASN B 514 50.48 4.53 -0.85
N SER B 515 49.37 4.25 -1.53
CA SER B 515 49.34 4.22 -2.98
C SER B 515 48.83 5.52 -3.57
N LEU B 516 48.61 6.50 -2.71
CA LEU B 516 48.18 7.84 -3.11
C LEU B 516 49.38 8.78 -3.21
N THR B 517 49.29 9.80 -4.05
CA THR B 517 50.34 10.83 -4.12
C THR B 517 50.36 11.63 -2.82
N PRO B 518 51.47 12.36 -2.56
CA PRO B 518 51.51 13.06 -1.27
C PRO B 518 50.38 14.08 -1.07
N VAL B 519 49.97 14.79 -2.12
CA VAL B 519 48.86 15.73 -1.95
C VAL B 519 47.51 14.99 -1.81
N GLU B 520 47.35 13.86 -2.49
CA GLU B 520 46.15 13.06 -2.33
C GLU B 520 46.05 12.54 -0.91
N GLN B 521 47.20 12.22 -0.32
CA GLN B 521 47.24 11.76 1.06
C GLN B 521 46.81 12.89 1.97
N GLN B 522 47.23 14.10 1.63
CA GLN B 522 46.89 15.25 2.45
C GLN B 522 45.40 15.49 2.38
N PHE B 523 44.81 15.28 1.20
CA PHE B 523 43.36 15.40 1.02
C PHE B 523 42.59 14.44 1.93
N VAL B 524 43.01 13.18 1.96
CA VAL B 524 42.41 12.19 2.85
C VAL B 524 42.52 12.67 4.29
N ILE B 525 43.71 13.15 4.64
CA ILE B 525 43.99 13.59 6.01
C ILE B 525 43.10 14.77 6.38
N ASN B 526 43.03 15.76 5.49
CA ASN B 526 42.21 16.93 5.73
C ASN B 526 40.71 16.64 5.75
N ALA B 527 40.28 15.61 5.04
CA ALA B 527 38.87 15.22 5.08
C ALA B 527 38.56 14.63 6.44
N ILE B 528 39.44 13.74 6.93
CA ILE B 528 39.28 13.21 8.28
C ILE B 528 39.35 14.30 9.35
N ARG B 529 40.27 15.25 9.18
CA ARG B 529 40.35 16.39 10.09
C ARG B 529 39.04 17.17 10.13
N PHE B 530 38.52 17.51 8.95
CA PHE B 530 37.26 18.21 8.85
C PHE B 530 36.16 17.39 9.52
N GLU B 531 35.99 16.12 9.10
CA GLU B 531 34.89 15.30 9.63
C GLU B 531 35.02 15.03 11.12
N ALA B 532 36.19 14.54 11.54
CA ALA B 532 36.35 14.17 12.95
C ALA B 532 36.19 15.38 13.88
N SER B 533 36.49 16.58 13.40
CA SER B 533 36.34 17.78 14.24
C SER B 533 34.88 18.13 14.52
N HIS B 534 33.96 17.51 13.79
CA HIS B 534 32.53 17.70 14.07
C HIS B 534 32.05 16.75 15.18
N VAL B 535 32.87 15.78 15.56
CA VAL B 535 32.44 14.81 16.57
C VAL B 535 32.44 15.48 17.94
N THR B 536 31.29 15.48 18.60
CA THR B 536 31.21 16.18 19.89
C THR B 536 31.74 15.33 21.03
N ASN B 537 31.57 14.02 20.95
CA ASN B 537 32.03 13.17 22.05
C ASN B 537 33.54 12.96 22.03
N GLU B 538 34.19 13.27 23.15
CA GLU B 538 35.64 13.26 23.20
C GLU B 538 36.20 11.85 23.06
N GLN B 539 35.59 10.90 23.77
CA GLN B 539 36.08 9.52 23.69
C GLN B 539 35.90 8.92 22.29
N VAL B 540 34.84 9.30 21.58
CA VAL B 540 34.68 8.79 20.21
C VAL B 540 35.86 9.24 19.35
N LYS B 541 36.23 10.51 19.47
CA LYS B 541 37.42 11.00 18.77
C LYS B 541 38.67 10.22 19.14
N LYS B 542 38.83 9.92 20.42
CA LYS B 542 39.98 9.12 20.85
C LYS B 542 39.92 7.72 20.28
N ASN B 543 38.72 7.13 20.23
CA ASN B 543 38.53 5.82 19.64
C ASN B 543 38.95 5.84 18.17
N VAL B 544 38.56 6.90 17.47
CA VAL B 544 38.94 7.06 16.07
C VAL B 544 40.46 7.10 15.89
N LEU B 545 41.14 7.91 16.70
CA LEU B 545 42.60 8.04 16.61
C LEU B 545 43.30 6.71 16.85
N GLU B 546 42.80 5.97 17.84
CA GLU B 546 43.36 4.66 18.17
C GLU B 546 43.27 3.71 16.96
N GLN B 547 42.16 3.77 16.25
CA GLN B 547 41.99 2.92 15.07
C GLN B 547 42.87 3.37 13.92
N LEU B 548 42.92 4.68 13.66
CA LEU B 548 43.77 5.21 12.60
C LEU B 548 45.23 4.88 12.86
N ASN B 549 45.62 4.90 14.13
CA ASN B 549 46.99 4.60 14.51
C ASN B 549 47.39 3.15 14.19
N LYS B 550 46.41 2.26 14.11
CA LYS B 550 46.71 0.87 13.75
C LYS B 550 46.98 0.77 12.25
N ILE B 551 46.56 1.79 11.51
CA ILE B 551 46.77 1.83 10.06
C ILE B 551 48.09 2.54 9.75
N SER B 552 48.29 3.68 10.40
CA SER B 552 49.51 4.45 10.22
C SER B 552 49.67 5.45 11.36
N ASN B 553 50.83 5.44 12.01
CA ASN B 553 51.06 6.38 13.09
C ASN B 553 51.14 7.81 12.56
N ASP B 554 51.63 7.98 11.33
CA ASP B 554 51.70 9.32 10.76
C ASP B 554 50.31 9.89 10.51
N VAL B 555 49.41 9.08 9.97
CA VAL B 555 48.02 9.51 9.75
C VAL B 555 47.36 9.92 11.08
N ALA B 556 47.55 9.09 12.09
CA ALA B 556 46.96 9.35 13.39
C ALA B 556 47.49 10.64 13.97
N LYS B 557 48.81 10.82 13.89
CA LYS B 557 49.43 12.05 14.39
C LYS B 557 48.91 13.28 13.66
N ARG B 558 48.82 13.18 12.34
CA ARG B 558 48.41 14.34 11.55
C ARG B 558 46.94 14.70 11.79
N VAL B 559 46.09 13.68 11.92
CA VAL B 559 44.69 13.94 12.26
C VAL B 559 44.57 14.51 13.66
N ALA B 560 45.35 13.97 14.59
CA ALA B 560 45.27 14.38 15.99
C ALA B 560 45.58 15.86 16.21
N VAL B 561 46.45 16.43 15.37
CA VAL B 561 46.74 17.86 15.44
C VAL B 561 45.44 18.67 15.39
N ALA B 562 44.61 18.40 14.39
CA ALA B 562 43.36 19.16 14.22
C ALA B 562 42.42 19.00 15.42
N LEU B 563 42.45 17.83 16.05
CA LEU B 563 41.52 17.55 17.14
C LEU B 563 42.06 18.01 18.50
N GLY B 564 43.27 18.55 18.49
CA GLY B 564 43.92 18.97 19.72
C GLY B 564 44.14 17.81 20.69
N LEU B 565 44.39 16.63 20.13
CA LEU B 565 44.60 15.45 20.94
C LEU B 565 46.01 14.92 20.76
N GLU B 566 46.38 13.99 21.63
CA GLU B 566 47.65 13.31 21.53
C GLU B 566 47.44 11.95 20.85
N ALA B 567 48.10 11.75 19.70
CA ALA B 567 47.99 10.48 18.99
C ALA B 567 48.69 9.39 19.79
N PRO B 568 48.09 8.19 19.82
CA PRO B 568 48.66 7.06 20.56
C PRO B 568 50.06 6.72 20.06
N GLN B 569 50.84 6.00 20.86
CA GLN B 569 52.17 5.62 20.41
C GLN B 569 52.05 4.62 19.26
N PRO B 570 53.05 4.60 18.37
CA PRO B 570 52.99 3.72 17.19
C PRO B 570 52.66 2.28 17.56
N ASP B 571 51.80 1.66 16.77
CA ASP B 571 51.52 0.27 16.92
C ASP B 571 51.82 -0.36 15.61
N PRO B 572 52.96 -1.00 15.55
CA PRO B 572 53.57 -1.46 14.31
C PRO B 572 52.92 -2.68 13.68
N THR B 573 52.03 -3.37 14.40
CA THR B 573 51.46 -4.63 13.93
C THR B 573 51.21 -4.67 12.41
N TYR B 574 50.34 -3.78 11.95
CA TYR B 574 49.87 -3.78 10.57
C TYR B 574 50.63 -2.84 9.60
N TYR B 575 51.65 -2.11 10.09
CA TYR B 575 52.32 -1.13 9.25
C TYR B 575 53.07 -1.83 8.13
N HIS B 576 53.10 -1.23 6.96
CA HIS B 576 53.87 -1.77 5.86
C HIS B 576 54.03 -0.70 4.80
N ASN B 577 54.87 -0.96 3.79
CA ASN B 577 55.16 0.03 2.77
C ASN B 577 54.75 -0.39 1.37
N ASN B 578 53.93 -1.43 1.28
CA ASN B 578 53.48 -1.92 -0.02
C ASN B 578 52.61 -0.91 -0.73
N VAL B 579 52.65 -0.93 -2.05
CA VAL B 579 51.86 0.00 -2.85
C VAL B 579 51.20 -0.78 -3.97
N THR B 580 50.16 -0.20 -4.56
CA THR B 580 49.46 -0.84 -5.66
C THR B 580 49.00 0.22 -6.63
N ARG B 581 49.03 -0.08 -7.93
N ARG B 581 49.03 -0.08 -7.93
CA ARG B 581 48.70 0.90 -8.96
CA ARG B 581 48.70 0.88 -8.96
C ARG B 581 47.19 1.04 -9.15
C ARG B 581 47.19 1.04 -9.17
N GLY B 582 46.78 2.23 -9.61
CA GLY B 582 45.42 2.45 -10.07
C GLY B 582 44.38 2.89 -9.06
N VAL B 583 44.76 3.14 -7.81
CA VAL B 583 43.77 3.54 -6.84
C VAL B 583 43.76 5.04 -6.64
N SER B 584 44.70 5.69 -7.34
CA SER B 584 44.86 7.14 -7.27
C SER B 584 44.01 7.83 -8.32
N ILE B 585 43.89 9.16 -8.20
CA ILE B 585 43.08 9.94 -9.14
C ILE B 585 43.87 11.09 -9.78
N PHE B 586 44.44 11.95 -8.96
CA PHE B 586 44.95 13.24 -9.44
C PHE B 586 46.29 13.12 -10.17
N ASN B 587 46.90 11.94 -10.08
CA ASN B 587 48.24 11.71 -10.61
C ASN B 587 48.26 11.60 -12.13
N GLU B 588 47.20 11.03 -12.69
CA GLU B 588 47.17 10.85 -14.14
C GLU B 588 46.35 11.96 -14.81
N SER B 589 46.87 12.49 -15.91
CA SER B 589 46.16 13.53 -16.63
C SER B 589 45.00 12.91 -17.42
N LEU B 590 44.00 13.71 -17.73
CA LEU B 590 42.80 13.21 -18.40
C LEU B 590 43.08 12.81 -19.84
N PRO B 591 42.38 11.76 -20.32
CA PRO B 591 42.49 11.28 -21.71
C PRO B 591 41.82 12.20 -22.72
N THR B 592 40.92 13.05 -22.25
CA THR B 592 40.23 13.98 -23.14
C THR B 592 39.73 15.14 -22.31
N ILE B 593 39.54 16.29 -22.96
CA ILE B 593 39.00 17.45 -22.28
C ILE B 593 37.63 17.80 -22.86
N ALA B 594 37.14 16.99 -23.77
CA ALA B 594 35.80 17.22 -24.33
C ALA B 594 34.78 17.29 -23.20
N THR B 595 33.76 18.12 -23.40
CA THR B 595 32.73 18.47 -22.40
C THR B 595 33.18 19.33 -21.23
N LEU B 596 34.48 19.48 -21.00
CA LEU B 596 34.90 20.27 -19.85
C LEU B 596 34.46 21.74 -20.01
N ARG B 597 34.23 22.42 -18.90
N ARG B 597 34.26 22.41 -18.88
CA ARG B 597 33.62 23.74 -18.94
CA ARG B 597 33.60 23.72 -18.81
C ARG B 597 34.57 24.89 -18.67
C ARG B 597 34.55 24.90 -18.65
N VAL B 598 34.50 25.88 -19.56
CA VAL B 598 35.27 27.09 -19.40
C VAL B 598 34.33 28.26 -19.15
N GLY B 599 34.58 28.99 -18.06
CA GLY B 599 33.85 30.21 -17.77
C GLY B 599 34.68 31.40 -18.21
N VAL B 600 34.12 32.21 -19.11
CA VAL B 600 34.85 33.37 -19.66
C VAL B 600 34.31 34.66 -19.05
N LEU B 601 35.05 35.24 -18.13
CA LEU B 601 34.63 36.46 -17.44
C LEU B 601 34.84 37.69 -18.33
N SER B 602 33.76 38.34 -18.74
CA SER B 602 33.85 39.49 -19.64
C SER B 602 33.05 40.67 -19.07
N THR B 603 32.65 41.59 -19.95
CA THR B 603 31.96 42.81 -19.55
C THR B 603 31.24 43.40 -20.77
N THR B 604 30.11 44.06 -20.53
CA THR B 604 29.32 44.64 -21.60
C THR B 604 29.96 45.91 -22.15
N LYS B 605 30.98 46.42 -21.45
CA LYS B 605 31.68 47.65 -21.85
C LYS B 605 32.77 47.38 -22.86
N GLY B 606 32.96 48.32 -23.79
CA GLY B 606 34.05 48.22 -24.75
C GLY B 606 33.97 47.02 -25.68
N GLY B 607 35.12 46.47 -26.03
CA GLY B 607 35.15 45.39 -27.00
C GLY B 607 35.33 44.01 -26.40
N SER B 608 35.27 43.93 -25.07
CA SER B 608 35.55 42.68 -24.36
C SER B 608 34.67 41.53 -24.87
N LEU B 609 33.38 41.81 -25.02
CA LEU B 609 32.43 40.78 -25.43
C LEU B 609 32.77 40.19 -26.79
N ASP B 610 33.15 41.04 -27.74
CA ASP B 610 33.51 40.56 -29.07
C ASP B 610 34.71 39.61 -29.01
N LYS B 611 35.68 39.94 -28.16
CA LYS B 611 36.84 39.08 -27.96
C LYS B 611 36.46 37.81 -27.21
N ALA B 612 35.47 37.90 -26.33
CA ALA B 612 35.00 36.72 -25.63
C ALA B 612 34.35 35.74 -26.61
N LYS B 613 33.56 36.26 -27.54
CA LYS B 613 32.90 35.43 -28.54
C LYS B 613 33.90 34.64 -29.39
N ALA B 614 35.02 35.28 -29.75
CA ALA B 614 36.06 34.61 -30.53
C ALA B 614 36.76 33.52 -29.73
N LEU B 615 37.09 33.85 -28.48
CA LEU B 615 37.61 32.89 -27.52
C LEU B 615 36.66 31.69 -27.41
N LYS B 616 35.38 31.99 -27.26
CA LYS B 616 34.37 30.95 -27.15
C LYS B 616 34.36 30.03 -28.38
N GLU B 617 34.43 30.61 -29.58
CA GLU B 617 34.38 29.79 -30.78
C GLU B 617 35.56 28.83 -30.92
N GLN B 618 36.78 29.32 -30.67
CA GLN B 618 37.97 28.47 -30.75
C GLN B 618 37.87 27.33 -29.75
N LEU B 619 37.64 27.69 -28.48
CA LEU B 619 37.46 26.71 -27.40
C LEU B 619 36.42 25.65 -27.76
N GLU B 620 35.31 26.07 -28.35
CA GLU B 620 34.23 25.14 -28.69
C GLU B 620 34.62 24.18 -29.80
N LYS B 621 35.37 24.66 -30.78
CA LYS B 621 35.85 23.79 -31.86
C LYS B 621 36.65 22.65 -31.25
N ASP B 622 37.27 22.93 -30.12
CA ASP B 622 38.14 21.97 -29.44
C ASP B 622 37.36 21.13 -28.45
N GLY B 623 36.04 21.30 -28.42
CA GLY B 623 35.19 20.36 -27.71
C GLY B 623 34.78 20.78 -26.31
N LEU B 624 35.16 22.00 -25.93
CA LEU B 624 34.82 22.52 -24.60
C LEU B 624 33.41 23.12 -24.59
N LYS B 625 32.80 23.17 -23.42
CA LYS B 625 31.52 23.86 -23.27
C LYS B 625 31.82 25.21 -22.65
N VAL B 626 31.55 26.29 -23.38
CA VAL B 626 31.95 27.61 -22.91
C VAL B 626 30.80 28.52 -22.48
N THR B 627 30.94 29.10 -21.28
CA THR B 627 29.97 30.07 -20.78
C THR B 627 30.63 31.46 -20.71
N VAL B 628 30.16 32.37 -21.57
CA VAL B 628 30.59 33.77 -21.51
C VAL B 628 29.73 34.50 -20.48
N ILE B 629 30.39 35.13 -19.51
CA ILE B 629 29.72 35.76 -18.38
C ILE B 629 29.92 37.28 -18.44
N ALA B 630 28.87 38.04 -18.14
CA ALA B 630 28.97 39.50 -18.07
C ALA B 630 27.96 40.08 -17.10
N GLU B 631 27.96 41.40 -16.94
CA GLU B 631 27.04 42.08 -16.01
C GLU B 631 25.58 41.78 -16.33
N TYR B 632 25.26 41.75 -17.61
CA TYR B 632 23.89 41.44 -18.00
C TYR B 632 23.85 40.67 -19.31
N LEU B 633 22.68 40.14 -19.65
CA LEU B 633 22.54 39.26 -20.82
C LEU B 633 22.54 40.01 -22.14
N ALA B 634 23.66 40.66 -22.47
CA ALA B 634 23.82 41.29 -23.77
C ALA B 634 24.02 40.21 -24.82
N SER B 635 24.00 40.61 -26.09
CA SER B 635 24.22 39.67 -27.20
C SER B 635 25.50 38.87 -26.98
N GLY B 636 25.40 37.55 -27.03
CA GLY B 636 26.56 36.68 -26.86
C GLY B 636 26.93 36.34 -25.42
N VAL B 637 26.17 36.88 -24.47
CA VAL B 637 26.38 36.58 -23.06
C VAL B 637 25.51 35.38 -22.67
N ASP B 638 26.13 34.38 -22.04
CA ASP B 638 25.42 33.15 -21.70
C ASP B 638 24.90 33.16 -20.26
N GLN B 639 25.52 33.96 -19.40
CA GLN B 639 25.16 33.93 -18.00
C GLN B 639 25.56 35.25 -17.33
N THR B 640 24.78 35.72 -16.38
CA THR B 640 25.11 36.96 -15.67
C THR B 640 26.07 36.63 -14.55
N TYR B 641 26.83 37.61 -14.10
CA TYR B 641 27.70 37.45 -12.95
C TYR B 641 26.90 37.06 -11.71
N SER B 642 25.68 37.59 -11.61
CA SER B 642 24.82 37.24 -10.47
C SER B 642 24.55 35.74 -10.45
N ALA B 643 24.36 35.17 -11.64
CA ALA B 643 24.05 33.75 -11.75
C ALA B 643 25.28 32.84 -11.74
N ALA B 644 26.48 33.43 -11.84
CA ALA B 644 27.69 32.65 -12.07
C ALA B 644 28.43 32.27 -10.80
N ASP B 645 29.07 31.11 -10.81
CA ASP B 645 29.96 30.69 -9.72
C ASP B 645 31.09 29.84 -10.29
N ALA B 646 32.28 29.97 -9.71
CA ALA B 646 33.43 29.21 -10.20
C ALA B 646 33.20 27.69 -10.15
N THR B 647 32.35 27.22 -9.23
CA THR B 647 32.13 25.76 -9.10
C THR B 647 31.59 25.14 -10.37
N ALA B 648 30.94 25.94 -11.22
CA ALA B 648 30.32 25.40 -12.42
C ALA B 648 31.35 25.08 -13.52
N PHE B 649 32.58 25.55 -13.34
CA PHE B 649 33.56 25.46 -14.42
C PHE B 649 34.82 24.67 -14.07
N ASP B 650 35.49 24.18 -15.11
CA ASP B 650 36.75 23.48 -14.93
C ASP B 650 37.92 24.43 -15.17
N ALA B 651 37.65 25.54 -15.85
CA ALA B 651 38.66 26.57 -16.04
C ALA B 651 38.01 27.95 -16.04
N VAL B 652 38.77 28.98 -15.65
CA VAL B 652 38.25 30.35 -15.63
C VAL B 652 39.17 31.30 -16.40
N VAL B 653 38.63 31.96 -17.42
CA VAL B 653 39.39 32.89 -18.24
C VAL B 653 38.81 34.30 -18.21
N VAL B 654 39.65 35.30 -17.91
CA VAL B 654 39.22 36.69 -17.94
C VAL B 654 39.51 37.26 -19.33
N ALA B 655 38.46 37.67 -20.04
CA ALA B 655 38.65 38.25 -21.37
C ALA B 655 39.25 39.66 -21.24
N GLU B 656 39.89 40.14 -22.31
CA GLU B 656 40.52 41.45 -22.28
C GLU B 656 39.48 42.54 -22.05
N GLY B 657 39.77 43.46 -21.14
CA GLY B 657 38.88 44.57 -20.87
C GLY B 657 38.07 44.34 -19.61
N ALA B 658 37.83 43.07 -19.29
CA ALA B 658 36.99 42.73 -18.14
C ALA B 658 37.71 42.98 -16.82
N GLU B 659 38.99 43.35 -16.88
CA GLU B 659 39.70 43.68 -15.64
C GLU B 659 39.03 44.84 -14.92
N ARG B 660 38.22 45.60 -15.66
CA ARG B 660 37.45 46.72 -15.09
C ARG B 660 36.47 46.31 -13.98
N VAL B 661 36.01 45.06 -13.97
CA VAL B 661 35.04 44.66 -12.95
C VAL B 661 35.71 44.03 -11.73
N PHE B 662 37.03 44.13 -11.66
CA PHE B 662 37.80 43.51 -10.58
C PHE B 662 38.25 44.48 -9.48
N SER B 663 37.95 45.76 -9.65
CA SER B 663 38.23 46.74 -8.60
C SER B 663 37.36 47.97 -8.72
N GLY B 664 37.29 48.73 -7.62
CA GLY B 664 36.52 49.96 -7.59
C GLY B 664 35.02 49.73 -7.69
N LYS B 665 34.33 50.70 -8.30
CA LYS B 665 32.89 50.63 -8.52
C LYS B 665 32.53 49.61 -9.58
N GLY B 666 33.48 49.32 -10.48
CA GLY B 666 33.25 48.32 -11.51
C GLY B 666 32.96 46.97 -10.87
N ALA B 667 33.50 46.76 -9.68
CA ALA B 667 33.28 45.55 -8.91
C ALA B 667 32.05 45.64 -8.00
N MET B 668 31.27 46.71 -8.13
CA MET B 668 30.04 46.81 -7.33
C MET B 668 28.85 47.44 -8.06
N SER B 669 28.46 46.79 -9.14
CA SER B 669 27.22 47.09 -9.82
C SER B 669 26.05 46.59 -8.97
N PRO B 670 24.88 47.21 -9.12
CA PRO B 670 23.69 46.60 -8.50
C PRO B 670 23.32 45.27 -9.16
N LEU B 671 23.98 44.95 -10.28
CA LEU B 671 23.63 43.77 -11.08
C LEU B 671 24.26 42.47 -10.57
N PHE B 672 25.19 42.57 -9.63
CA PHE B 672 25.76 41.38 -9.01
C PHE B 672 26.25 41.64 -7.59
N PRO B 673 26.43 40.57 -6.79
CA PRO B 673 26.96 40.77 -5.44
C PRO B 673 28.36 41.37 -5.45
N ALA B 674 28.66 42.22 -4.47
CA ALA B 674 29.95 42.88 -4.40
C ALA B 674 31.10 41.87 -4.48
N GLY B 675 32.04 42.13 -5.39
CA GLY B 675 33.24 41.33 -5.50
C GLY B 675 33.08 40.07 -6.33
N ARG B 676 31.89 39.83 -6.87
CA ARG B 676 31.58 38.58 -7.57
C ARG B 676 32.63 38.15 -8.61
N PRO B 677 33.04 39.08 -9.50
CA PRO B 677 34.04 38.64 -10.49
C PRO B 677 35.35 38.21 -9.84
N SER B 678 35.80 38.95 -8.84
CA SER B 678 37.06 38.61 -8.18
C SER B 678 36.93 37.30 -7.44
N GLN B 679 35.77 37.09 -6.82
CA GLN B 679 35.51 35.85 -6.11
C GLN B 679 35.58 34.64 -7.02
N ILE B 680 35.02 34.76 -8.23
CA ILE B 680 35.04 33.65 -9.18
C ILE B 680 36.48 33.28 -9.55
N LEU B 681 37.28 34.29 -9.88
CA LEU B 681 38.68 34.06 -10.22
C LEU B 681 39.44 33.51 -9.02
N THR B 682 39.15 34.06 -7.85
CA THR B 682 39.81 33.63 -6.61
C THR B 682 39.46 32.18 -6.29
N ASP B 683 38.17 31.86 -6.34
CA ASP B 683 37.71 30.50 -6.09
C ASP B 683 38.39 29.56 -7.09
N GLY B 684 38.31 29.91 -8.37
CA GLY B 684 38.86 29.06 -9.42
C GLY B 684 40.34 28.76 -9.19
N TYR B 685 41.08 29.79 -8.77
CA TYR B 685 42.50 29.61 -8.49
C TYR B 685 42.72 28.74 -7.25
N ARG B 686 42.08 29.08 -6.14
CA ARG B 686 42.31 28.35 -4.90
C ARG B 686 41.85 26.89 -4.95
N TRP B 687 40.93 26.59 -5.87
CA TRP B 687 40.46 25.22 -6.02
C TRP B 687 41.29 24.46 -7.07
N GLY B 688 42.37 25.07 -7.52
CA GLY B 688 43.34 24.35 -8.33
C GLY B 688 43.05 24.31 -9.81
N LYS B 689 42.13 25.15 -10.27
CA LYS B 689 41.75 25.12 -11.69
C LYS B 689 42.75 25.88 -12.56
N PRO B 690 42.82 25.52 -13.85
CA PRO B 690 43.46 26.37 -14.84
C PRO B 690 42.79 27.74 -14.82
N VAL B 691 43.55 28.80 -14.58
CA VAL B 691 43.01 30.15 -14.70
C VAL B 691 43.86 30.96 -15.68
N ALA B 692 43.24 31.94 -16.33
CA ALA B 692 43.90 32.63 -17.43
C ALA B 692 43.37 34.03 -17.57
N ALA B 693 44.13 34.87 -18.28
CA ALA B 693 43.71 36.24 -18.57
C ALA B 693 44.38 36.70 -19.85
N VAL B 694 43.57 37.24 -20.77
CA VAL B 694 44.04 37.65 -22.08
C VAL B 694 44.41 39.13 -22.09
N GLY B 695 45.62 39.44 -22.55
CA GLY B 695 46.04 40.82 -22.73
C GLY B 695 45.99 41.64 -21.45
N SER B 696 45.31 42.77 -21.48
CA SER B 696 45.29 43.66 -20.32
C SER B 696 44.52 43.06 -19.15
N ALA B 697 43.88 41.92 -19.38
CA ALA B 697 43.11 41.27 -18.32
C ALA B 697 44.00 40.61 -17.28
N LYS B 698 45.30 40.56 -17.51
CA LYS B 698 46.19 39.97 -16.51
C LYS B 698 46.22 40.84 -15.26
N LYS B 699 45.76 42.08 -15.41
CA LYS B 699 45.50 42.94 -14.28
C LYS B 699 44.53 42.29 -13.27
N ALA B 700 43.59 41.50 -13.80
CA ALA B 700 42.68 40.77 -12.92
C ALA B 700 43.44 39.81 -12.03
N LEU B 701 44.38 39.08 -12.63
CA LEU B 701 45.22 38.15 -11.90
C LEU B 701 46.04 38.90 -10.86
N GLN B 702 46.58 40.04 -11.26
CA GLN B 702 47.41 40.85 -10.37
C GLN B 702 46.59 41.30 -9.18
N SER B 703 45.32 41.65 -9.41
CA SER B 703 44.45 42.12 -8.33
C SER B 703 44.26 41.09 -7.23
N ILE B 704 44.33 39.80 -7.57
CA ILE B 704 44.18 38.77 -6.55
C ILE B 704 45.50 38.15 -6.13
N GLY B 705 46.60 38.76 -6.56
CA GLY B 705 47.92 38.33 -6.14
C GLY B 705 48.40 37.03 -6.79
N VAL B 706 47.95 36.78 -8.01
CA VAL B 706 48.35 35.57 -8.73
C VAL B 706 49.33 35.90 -9.85
N GLU B 707 50.45 35.18 -9.89
CA GLU B 707 51.51 35.44 -10.85
C GLU B 707 51.41 34.56 -12.11
N GLU B 708 51.66 35.16 -13.26
CA GLU B 708 51.59 34.48 -14.56
C GLU B 708 52.55 33.29 -14.67
N LYS B 709 53.61 33.32 -13.88
CA LYS B 709 54.65 32.28 -13.90
C LYS B 709 54.22 31.01 -13.19
N GLU B 710 53.13 31.08 -12.43
CA GLU B 710 52.67 29.92 -11.67
C GLU B 710 52.15 28.83 -12.60
N ALA B 711 52.30 27.58 -12.18
CA ALA B 711 51.73 26.45 -12.91
C ALA B 711 50.21 26.62 -12.98
N GLY B 712 49.64 26.37 -14.16
CA GLY B 712 48.19 26.42 -14.32
C GLY B 712 47.59 27.82 -14.42
N VAL B 713 48.46 28.81 -14.58
CA VAL B 713 48.03 30.20 -14.76
C VAL B 713 48.61 30.67 -16.08
N TYR B 714 47.76 31.20 -16.95
CA TYR B 714 48.18 31.53 -18.30
C TYR B 714 47.82 32.96 -18.63
N ALA B 715 48.80 33.72 -19.13
CA ALA B 715 48.53 35.11 -19.51
C ALA B 715 49.09 35.36 -20.91
N GLY B 716 48.61 36.42 -21.57
CA GLY B 716 49.17 36.76 -22.87
C GLY B 716 48.08 36.89 -23.92
N ALA B 717 48.47 36.71 -25.18
CA ALA B 717 47.56 36.79 -26.31
C ALA B 717 46.57 35.63 -26.30
N GLN B 718 45.48 35.77 -27.06
CA GLN B 718 44.40 34.78 -27.09
C GLN B 718 44.88 33.39 -27.43
N ASP B 719 45.63 33.27 -28.53
CA ASP B 719 46.20 32.01 -28.99
C ASP B 719 46.95 31.30 -27.86
N GLU B 720 47.82 32.05 -27.21
CA GLU B 720 48.63 31.54 -26.12
C GLU B 720 47.75 31.07 -24.96
N VAL B 721 46.71 31.85 -24.68
CA VAL B 721 45.82 31.54 -23.56
C VAL B 721 45.04 30.26 -23.79
N ILE B 722 44.50 30.13 -25.00
CA ILE B 722 43.74 28.94 -25.39
C ILE B 722 44.58 27.67 -25.30
N LYS B 723 45.80 27.72 -25.86
CA LYS B 723 46.74 26.61 -25.80
C LYS B 723 47.01 26.24 -24.34
N GLY B 724 47.24 27.26 -23.52
CA GLY B 724 47.55 27.03 -22.13
C GLY B 724 46.39 26.41 -21.38
N VAL B 725 45.21 27.01 -21.51
CA VAL B 725 44.04 26.51 -20.79
C VAL B 725 43.75 25.06 -21.16
N GLU B 726 43.86 24.74 -22.44
CA GLU B 726 43.60 23.38 -22.91
C GLU B 726 44.60 22.37 -22.38
N GLU B 727 45.83 22.78 -22.14
CA GLU B 727 46.77 21.84 -21.54
C GLU B 727 46.51 21.70 -20.05
N GLY B 728 46.18 22.80 -19.40
CA GLY B 728 45.87 22.79 -17.97
C GLY B 728 44.67 21.92 -17.66
N LEU B 729 43.68 21.93 -18.56
CA LEU B 729 42.46 21.16 -18.35
C LEU B 729 42.75 19.66 -18.31
N LYS B 730 43.81 19.25 -19.01
CA LYS B 730 44.19 17.84 -19.03
C LYS B 730 44.77 17.42 -17.69
N VAL B 731 45.57 18.31 -17.12
CA VAL B 731 46.08 18.12 -15.75
C VAL B 731 44.92 18.23 -14.76
N PHE B 732 43.93 19.03 -15.14
CA PHE B 732 42.67 19.22 -14.40
C PHE B 732 42.76 19.98 -13.08
N LYS B 733 43.57 19.49 -12.15
CA LYS B 733 43.77 20.18 -10.87
C LYS B 733 45.25 20.40 -10.62
N PHE B 734 45.62 21.63 -10.24
CA PHE B 734 47.01 21.94 -9.95
C PHE B 734 47.31 21.81 -8.46
N LEU B 735 47.94 20.70 -8.10
CA LEU B 735 48.02 20.27 -6.71
C LEU B 735 49.08 21.03 -5.91
N GLU B 736 49.94 21.77 -6.58
CA GLU B 736 50.96 22.52 -5.88
C GLU B 736 50.33 23.68 -5.12
N ARG B 737 49.05 23.96 -5.37
CA ARG B 737 48.36 25.05 -4.67
C ARG B 737 47.80 24.64 -3.31
N PHE B 738 48.08 23.40 -2.93
CA PHE B 738 47.57 22.86 -1.67
C PHE B 738 48.71 22.48 -0.73
N ALA B 739 48.76 23.12 0.43
CA ALA B 739 49.82 22.89 1.40
C ALA B 739 49.75 21.49 2.02
N VAL B 740 50.91 20.92 2.29
CA VAL B 740 51.02 19.62 2.94
C VAL B 740 51.67 19.80 4.32
N ASP B 741 51.29 18.96 5.29
CA ASP B 741 51.80 19.06 6.65
C ASP B 741 53.33 19.09 6.69
N ASP C 65 4.82 19.60 30.52
CA ASP C 65 5.41 19.00 29.32
C ASP C 65 4.35 18.81 28.23
N ALA C 66 4.52 19.50 27.10
CA ALA C 66 3.58 19.40 25.99
C ALA C 66 3.52 17.99 25.40
N ARG C 67 4.60 17.21 25.55
CA ARG C 67 4.64 15.85 25.01
C ARG C 67 4.15 14.78 26.00
N GLN C 68 3.57 15.22 27.12
CA GLN C 68 3.18 14.31 28.18
C GLN C 68 2.39 13.08 27.70
N ARG C 69 1.37 13.32 26.87
CA ARG C 69 0.54 12.23 26.34
C ARG C 69 1.30 11.19 25.51
N LEU C 70 2.49 11.54 25.03
CA LEU C 70 3.26 10.63 24.19
C LEU C 70 4.13 9.68 25.00
N LYS C 71 4.22 9.94 26.30
CA LYS C 71 5.11 9.16 27.15
C LYS C 71 4.76 7.67 27.14
N GLU C 72 3.48 7.35 27.07
CA GLU C 72 3.04 5.97 27.13
C GLU C 72 3.42 5.15 25.88
N VAL C 73 3.81 5.82 24.80
CA VAL C 73 4.29 5.09 23.62
C VAL C 73 5.81 5.16 23.46
N GLU C 74 6.51 5.70 24.47
CA GLU C 74 7.97 5.78 24.36
C GLU C 74 8.64 4.48 24.78
N VAL C 75 9.67 4.08 24.02
CA VAL C 75 10.34 2.82 24.25
C VAL C 75 11.80 3.04 24.66
N ASP C 76 12.14 2.56 25.85
CA ASP C 76 13.49 2.74 26.40
C ASP C 76 14.26 1.44 26.22
N ASP C 77 15.43 1.53 25.60
CA ASP C 77 16.22 0.31 25.35
C ASP C 77 17.45 0.23 26.25
N ASN C 78 17.63 1.23 27.12
CA ASN C 78 18.79 1.24 28.02
C ASN C 78 18.82 -0.02 28.87
N GLY C 79 20.01 -0.63 28.95
CA GLY C 79 20.22 -1.82 29.76
C GLY C 79 19.52 -3.09 29.29
N GLN C 80 18.90 -3.04 28.10
CA GLN C 80 18.05 -4.15 27.64
C GLN C 80 18.76 -5.08 26.68
N PHE C 81 18.34 -6.35 26.62
CA PHE C 81 18.86 -7.27 25.61
C PHE C 81 18.14 -7.08 24.27
N MET C 82 18.88 -7.28 23.19
CA MET C 82 18.33 -7.22 21.83
C MET C 82 17.24 -8.27 21.65
N THR C 83 16.13 -7.90 20.96
CA THR C 83 15.07 -8.87 20.65
C THR C 83 14.62 -8.78 19.18
N THR C 84 13.80 -9.75 18.76
CA THR C 84 13.09 -9.61 17.50
C THR C 84 11.89 -8.72 17.74
N ASP C 85 11.16 -8.38 16.68
CA ASP C 85 9.94 -7.58 16.81
C ASP C 85 8.77 -8.39 17.36
N PHE C 86 8.97 -9.69 17.58
CA PHE C 86 7.96 -10.49 18.25
C PHE C 86 8.47 -11.01 19.60
N GLY C 87 9.47 -10.33 20.13
CA GLY C 87 10.04 -10.72 21.41
C GLY C 87 10.97 -11.91 21.26
N GLY C 88 11.58 -12.30 22.37
CA GLY C 88 12.63 -13.31 22.33
C GLY C 88 13.97 -12.62 22.14
N ASN C 89 14.88 -12.84 23.08
CA ASN C 89 16.21 -12.26 22.96
C ASN C 89 17.03 -12.93 21.87
N ILE C 90 17.82 -12.13 21.17
CA ILE C 90 18.63 -12.60 20.04
C ILE C 90 20.01 -11.95 20.00
N GLU C 91 20.90 -12.51 19.19
CA GLU C 91 22.06 -11.77 18.71
C GLU C 91 21.78 -11.52 17.24
N GLU C 92 22.35 -10.46 16.68
CA GLU C 92 22.04 -10.17 15.29
C GLU C 92 23.17 -9.49 14.55
N GLN C 93 24.40 -9.92 14.82
CA GLN C 93 25.57 -9.38 14.13
C GLN C 93 26.19 -10.38 13.15
N PHE C 94 25.69 -11.61 13.16
CA PHE C 94 26.18 -12.62 12.22
C PHE C 94 25.03 -13.35 11.54
N SER C 95 25.11 -13.46 10.22
CA SER C 95 24.15 -14.29 9.48
C SER C 95 24.39 -15.76 9.80
N LEU C 96 23.33 -16.56 9.82
CA LEU C 96 23.45 -18.02 9.97
C LEU C 96 23.91 -18.67 8.65
N LYS C 97 25.02 -19.40 8.71
CA LYS C 97 25.67 -19.93 7.51
C LYS C 97 25.83 -21.46 7.56
N ALA C 98 25.81 -22.07 6.38
CA ALA C 98 26.05 -23.50 6.22
C ALA C 98 27.56 -23.80 6.07
N GLY C 99 28.27 -23.86 7.20
CA GLY C 99 29.71 -24.01 7.18
C GLY C 99 30.46 -22.71 7.41
N GLY C 100 31.76 -22.79 7.72
CA GLY C 100 32.54 -21.63 8.10
C GLY C 100 32.58 -20.50 7.08
N ARG C 101 32.79 -20.86 5.82
CA ARG C 101 32.78 -19.90 4.73
C ARG C 101 31.59 -20.23 3.85
N GLY C 102 30.45 -20.48 4.48
CA GLY C 102 29.27 -20.97 3.76
C GLY C 102 28.21 -19.94 3.42
N SER C 103 27.22 -20.36 2.64
CA SER C 103 26.12 -19.50 2.23
C SER C 103 25.16 -19.27 3.39
N THR C 104 24.49 -18.12 3.37
CA THR C 104 23.48 -17.77 4.35
C THR C 104 22.21 -18.62 4.22
N LEU C 105 21.67 -19.06 5.35
CA LEU C 105 20.50 -19.94 5.35
C LEU C 105 19.17 -19.21 5.33
N LEU C 106 18.23 -19.70 4.52
CA LEU C 106 16.90 -19.11 4.47
C LEU C 106 16.25 -19.16 5.88
N GLU C 107 16.63 -20.15 6.70
CA GLU C 107 16.04 -20.30 8.02
C GLU C 107 16.58 -19.32 9.06
N ASP C 108 17.42 -18.39 8.63
CA ASP C 108 17.85 -17.33 9.53
C ASP C 108 16.73 -16.31 9.65
N PHE C 109 15.78 -16.58 10.54
CA PHE C 109 14.61 -15.73 10.75
C PHE C 109 15.05 -14.41 11.37
N ILE C 110 16.15 -14.45 12.10
CA ILE C 110 16.67 -13.26 12.74
C ILE C 110 17.14 -12.26 11.69
N PHE C 111 17.89 -12.74 10.70
CA PHE C 111 18.41 -11.88 9.65
C PHE C 111 17.25 -11.24 8.90
N ARG C 112 16.25 -12.03 8.55
CA ARG C 112 15.17 -11.51 7.70
C ARG C 112 14.25 -10.54 8.44
N GLN C 113 13.97 -10.78 9.71
CA GLN C 113 13.07 -9.87 10.43
C GLN C 113 13.73 -8.52 10.62
N LYS C 114 15.06 -8.52 10.72
CA LYS C 114 15.79 -7.29 10.91
C LYS C 114 15.94 -6.51 9.60
N LEU C 115 16.30 -7.19 8.52
CA LEU C 115 16.48 -6.51 7.25
C LEU C 115 15.15 -6.11 6.64
N GLN C 116 14.13 -6.94 6.84
CA GLN C 116 12.81 -6.61 6.29
C GLN C 116 12.37 -5.28 6.87
N HIS C 117 12.54 -5.10 8.17
CA HIS C 117 12.13 -3.84 8.77
C HIS C 117 12.94 -2.67 8.20
N PHE C 118 14.26 -2.84 8.06
CA PHE C 118 15.09 -1.83 7.40
C PHE C 118 14.62 -1.56 5.97
N ASP C 119 14.40 -2.63 5.22
CA ASP C 119 14.01 -2.53 3.81
C ASP C 119 12.74 -1.70 3.62
N HIS C 120 11.93 -1.60 4.67
CA HIS C 120 10.64 -0.96 4.55
C HIS C 120 10.55 0.32 5.39
N GLU C 121 11.68 0.94 5.70
CA GLU C 121 11.65 2.10 6.60
C GLU C 121 10.98 3.32 5.99
N ARG C 122 11.12 3.51 4.68
CA ARG C 122 10.70 4.78 4.06
C ARG C 122 9.21 4.84 3.73
N ILE C 123 8.64 6.03 3.89
CA ILE C 123 7.29 6.31 3.44
C ILE C 123 7.40 7.46 2.44
N PRO C 124 6.36 7.65 1.62
CA PRO C 124 6.47 8.74 0.63
C PRO C 124 6.58 10.08 1.34
N GLU C 125 7.41 10.97 0.82
CA GLU C 125 7.51 12.31 1.35
C GLU C 125 6.24 13.08 1.01
N ARG C 126 5.95 14.13 1.77
CA ARG C 126 4.78 14.96 1.46
C ARG C 126 4.89 15.43 0.01
N VAL C 127 3.76 15.46 -0.70
CA VAL C 127 3.77 15.87 -2.11
C VAL C 127 4.25 17.32 -2.28
N VAL C 128 3.99 18.17 -1.30
CA VAL C 128 4.59 19.51 -1.22
C VAL C 128 5.02 19.70 0.22
N HIS C 129 5.93 20.65 0.46
CA HIS C 129 6.44 20.93 1.81
C HIS C 129 7.16 19.69 2.39
N ALA C 130 7.81 18.91 1.53
CA ALA C 130 8.53 17.69 1.95
C ALA C 130 9.67 17.96 2.93
N ARG C 131 10.33 19.11 2.76
CA ARG C 131 11.49 19.45 3.59
C ARG C 131 11.00 20.34 4.73
N GLY C 132 11.18 19.89 5.97
CA GLY C 132 10.64 20.64 7.09
C GLY C 132 11.05 20.09 8.45
N ALA C 133 10.70 20.82 9.50
CA ALA C 133 11.04 20.40 10.84
C ALA C 133 10.08 21.00 11.83
N GLY C 134 9.97 20.39 13.01
CA GLY C 134 8.96 20.81 13.94
C GLY C 134 9.28 20.66 15.39
N ALA C 135 8.36 21.15 16.23
CA ALA C 135 8.53 21.08 17.67
C ALA C 135 7.18 21.10 18.37
N HIS C 136 7.16 20.66 19.63
CA HIS C 136 5.96 20.74 20.45
C HIS C 136 5.97 21.99 21.30
N GLY C 137 4.81 22.35 21.83
CA GLY C 137 4.72 23.48 22.71
C GLY C 137 3.35 23.67 23.32
N ILE C 138 3.12 24.88 23.83
CA ILE C 138 1.89 25.20 24.54
C ILE C 138 1.34 26.52 24.00
N PHE C 139 0.05 26.55 23.67
CA PHE C 139 -0.61 27.82 23.38
C PHE C 139 -1.36 28.29 24.61
N THR C 140 -1.24 29.56 24.93
CA THR C 140 -1.99 30.16 26.04
C THR C 140 -2.92 31.28 25.57
N SER C 141 -4.21 31.16 25.87
CA SER C 141 -5.16 32.21 25.53
C SER C 141 -4.99 33.40 26.47
N TYR C 142 -5.02 34.62 25.93
CA TYR C 142 -4.93 35.81 26.78
C TYR C 142 -6.27 36.21 27.35
N GLY C 143 -7.35 35.56 26.92
CA GLY C 143 -8.68 35.96 27.34
C GLY C 143 -9.79 34.95 27.06
N ASP C 144 -10.96 35.25 27.60
CA ASP C 144 -12.18 34.54 27.26
C ASP C 144 -12.71 35.21 26.01
N TRP C 145 -12.63 34.52 24.88
CA TRP C 145 -13.00 35.15 23.62
C TRP C 145 -14.36 34.67 23.14
N SER C 146 -15.21 34.26 24.08
CA SER C 146 -16.53 33.71 23.74
C SER C 146 -17.41 34.70 22.97
N ASN C 147 -17.09 35.98 23.05
CA ASN C 147 -17.87 36.96 22.32
C ASN C 147 -17.56 36.99 20.82
N ILE C 148 -16.48 36.32 20.40
CA ILE C 148 -16.18 36.26 18.97
C ILE C 148 -16.15 34.82 18.45
N THR C 149 -15.96 33.85 19.33
CA THR C 149 -15.95 32.45 18.90
C THR C 149 -16.33 31.47 19.99
N ALA C 150 -17.01 30.38 19.59
CA ALA C 150 -17.36 29.30 20.51
C ALA C 150 -16.19 28.35 20.75
N ALA C 151 -15.09 28.56 20.03
CA ALA C 151 -13.94 27.65 20.08
C ALA C 151 -13.38 27.46 21.50
N SER C 152 -13.36 26.21 21.95
CA SER C 152 -12.95 25.91 23.33
C SER C 152 -11.54 26.38 23.70
N PHE C 153 -10.58 26.30 22.78
CA PHE C 153 -9.20 26.61 23.14
C PHE C 153 -8.99 28.12 23.38
N LEU C 154 -9.95 28.92 22.92
CA LEU C 154 -9.92 30.37 23.11
C LEU C 154 -10.97 30.82 24.13
N GLY C 155 -11.41 29.91 25.00
CA GLY C 155 -12.61 30.15 25.78
C GLY C 155 -12.43 30.69 27.19
N ALA C 156 -11.18 30.88 27.61
CA ALA C 156 -10.91 31.35 28.96
C ALA C 156 -9.50 31.91 29.04
N LYS C 157 -9.33 32.94 29.87
CA LYS C 157 -8.03 33.55 30.06
C LYS C 157 -7.10 32.52 30.69
N ASP C 158 -5.86 32.49 30.19
CA ASP C 158 -4.81 31.59 30.67
C ASP C 158 -5.03 30.12 30.31
N LYS C 159 -6.07 29.82 29.53
CA LYS C 159 -6.31 28.43 29.17
C LYS C 159 -5.18 27.93 28.28
N GLN C 160 -4.59 26.78 28.64
CA GLN C 160 -3.45 26.26 27.89
C GLN C 160 -3.86 25.06 27.03
N THR C 161 -3.26 24.97 25.85
CA THR C 161 -3.52 23.87 24.91
C THR C 161 -2.19 23.43 24.29
N PRO C 162 -1.91 22.12 24.28
CA PRO C 162 -0.68 21.63 23.62
C PRO C 162 -0.74 21.92 22.12
N VAL C 163 0.42 22.23 21.53
CA VAL C 163 0.51 22.40 20.08
C VAL C 163 1.69 21.60 19.55
N PHE C 164 1.69 21.38 18.24
CA PHE C 164 2.87 20.95 17.52
C PHE C 164 2.89 21.80 16.26
N VAL C 165 4.06 22.26 15.86
CA VAL C 165 4.20 23.11 14.69
C VAL C 165 5.26 22.51 13.80
N ARG C 166 4.99 22.44 12.50
CA ARG C 166 6.01 22.03 11.53
C ARG C 166 6.25 23.20 10.56
N PHE C 167 7.51 23.58 10.39
CA PHE C 167 7.84 24.61 9.41
C PHE C 167 8.49 23.91 8.25
N SER C 168 8.49 24.52 7.06
CA SER C 168 8.94 23.82 5.87
C SER C 168 9.24 24.78 4.73
N THR C 169 9.88 24.29 3.67
CA THR C 169 9.83 24.99 2.39
C THR C 169 8.65 24.38 1.63
N VAL C 170 8.57 24.60 0.32
CA VAL C 170 7.47 24.04 -0.47
C VAL C 170 7.91 23.04 -1.55
N ALA C 171 8.83 23.44 -2.40
CA ALA C 171 9.13 22.70 -3.64
C ALA C 171 10.10 21.55 -3.46
N GLY C 172 11.11 21.75 -2.64
CA GLY C 172 12.18 20.78 -2.54
C GLY C 172 11.76 19.45 -1.95
N SER C 173 12.47 18.39 -2.31
CA SER C 173 12.27 17.07 -1.70
C SER C 173 12.94 17.07 -0.33
N ARG C 174 12.78 15.97 0.42
N ARG C 174 12.64 16.04 0.48
CA ARG C 174 13.16 15.90 1.83
CA ARG C 174 13.29 15.92 1.78
C ARG C 174 14.58 16.30 2.21
C ARG C 174 14.75 15.73 1.49
N GLY C 175 15.53 16.09 1.30
N GLY C 175 15.60 16.51 2.12
CA GLY C 175 16.93 16.26 1.62
CA GLY C 175 17.02 16.40 1.87
C GLY C 175 17.48 17.58 1.15
C GLY C 175 17.52 17.65 1.18
N SER C 176 16.61 18.39 0.56
CA SER C 176 16.97 19.68 -0.02
C SER C 176 17.28 20.70 1.06
N ALA C 177 17.90 21.82 0.67
CA ALA C 177 18.41 22.77 1.66
C ALA C 177 17.35 23.65 2.36
N ASP C 178 17.57 23.95 3.64
CA ASP C 178 16.66 24.86 4.35
C ASP C 178 16.65 26.26 3.72
N THR C 179 17.80 26.69 3.19
CA THR C 179 17.96 28.07 2.75
C THR C 179 17.81 28.23 1.25
N ALA C 180 17.04 27.33 0.64
CA ALA C 180 16.58 27.57 -0.72
C ALA C 180 15.62 28.75 -0.66
N ARG C 181 15.48 29.49 -1.75
CA ARG C 181 14.49 30.55 -1.78
C ARG C 181 13.15 29.91 -2.10
N ASP C 182 12.16 30.09 -1.24
CA ASP C 182 10.87 29.44 -1.45
C ASP C 182 9.86 30.08 -0.50
N VAL C 183 8.59 29.77 -0.74
CA VAL C 183 7.53 30.06 0.21
C VAL C 183 7.79 29.10 1.37
N HIS C 184 7.38 29.45 2.59
CA HIS C 184 7.61 28.54 3.70
C HIS C 184 6.32 28.16 4.38
N GLY C 185 6.19 26.88 4.77
CA GLY C 185 5.03 26.45 5.52
C GLY C 185 5.16 26.69 7.01
N PHE C 186 4.03 26.80 7.69
CA PHE C 186 3.98 27.15 9.10
C PHE C 186 2.64 26.58 9.52
N ALA C 187 2.66 25.31 9.91
CA ALA C 187 1.46 24.54 10.20
C ALA C 187 1.39 24.25 11.69
N THR C 188 0.30 24.67 12.33
CA THR C 188 0.12 24.52 13.77
C THR C 188 -1.08 23.63 14.10
N ARG C 189 -0.87 22.63 14.95
CA ARG C 189 -2.01 21.88 15.46
C ARG C 189 -2.26 22.27 16.90
N PHE C 190 -3.51 22.63 17.21
CA PHE C 190 -3.96 22.80 18.59
C PHE C 190 -4.68 21.53 18.97
N TYR C 191 -4.19 20.84 20.00
CA TYR C 191 -4.85 19.63 20.47
C TYR C 191 -5.86 20.06 21.52
N THR C 192 -6.99 20.58 21.07
CA THR C 192 -7.96 21.19 21.99
C THR C 192 -8.82 20.13 22.63
N ASP C 193 -9.60 20.50 23.65
CA ASP C 193 -10.42 19.50 24.32
C ASP C 193 -11.71 19.25 23.57
N GLU C 194 -11.84 19.87 22.40
CA GLU C 194 -12.97 19.63 21.51
C GLU C 194 -12.50 19.25 20.10
N GLY C 195 -11.31 18.65 20.04
CA GLY C 195 -10.81 18.08 18.80
C GLY C 195 -9.54 18.76 18.34
N ASN C 196 -8.84 18.14 17.39
CA ASN C 196 -7.65 18.79 16.81
C ASN C 196 -8.05 19.94 15.89
N PHE C 197 -7.42 21.09 16.07
CA PHE C 197 -7.67 22.23 15.21
C PHE C 197 -6.35 22.68 14.59
N ASP C 198 -6.29 22.64 13.26
CA ASP C 198 -5.04 22.92 12.55
C ASP C 198 -5.18 24.24 11.84
N ILE C 199 -4.18 25.10 12.00
CA ILE C 199 -4.05 26.24 11.10
C ILE C 199 -2.86 25.93 10.21
N VAL C 200 -3.15 25.55 8.97
CA VAL C 200 -2.11 25.10 8.06
C VAL C 200 -1.73 26.31 7.22
N GLY C 201 -0.69 27.01 7.68
CA GLY C 201 -0.37 28.32 7.13
C GLY C 201 0.97 28.40 6.42
N ASN C 202 1.26 29.58 5.88
CA ASN C 202 2.56 29.85 5.26
C ASN C 202 3.20 31.08 5.91
N ASN C 203 4.45 31.38 5.60
CA ASN C 203 5.07 32.62 6.11
C ASN C 203 4.84 33.82 5.20
N ILE C 204 3.94 33.65 4.24
CA ILE C 204 3.57 34.70 3.29
C ILE C 204 2.04 34.71 3.27
N PRO C 205 1.41 35.90 3.40
CA PRO C 205 -0.04 35.99 3.61
C PRO C 205 -0.92 35.76 2.37
N VAL C 206 -0.33 35.60 1.19
CA VAL C 206 -1.12 35.40 -0.04
C VAL C 206 -0.63 34.16 -0.83
N PHE C 207 -1.49 33.57 -1.64
CA PHE C 207 -1.09 32.37 -2.40
C PHE C 207 -1.10 32.60 -3.90
N PHE C 208 -0.38 31.76 -4.63
CA PHE C 208 -0.15 32.00 -6.06
C PHE C 208 -1.41 31.94 -6.90
N ILE C 209 -2.39 31.18 -6.44
CA ILE C 209 -3.53 30.85 -7.31
C ILE C 209 -4.87 31.03 -6.60
N GLN C 210 -5.93 31.17 -7.39
CA GLN C 210 -7.26 31.50 -6.87
C GLN C 210 -8.26 30.35 -6.81
N ASP C 211 -7.90 29.20 -7.40
CA ASP C 211 -8.80 28.06 -7.40
C ASP C 211 -7.97 26.79 -7.20
N ALA C 212 -8.38 25.93 -6.27
CA ALA C 212 -7.60 24.73 -5.90
C ALA C 212 -7.36 23.78 -7.06
N ILE C 213 -8.23 23.80 -8.06
CA ILE C 213 -8.03 22.90 -9.21
C ILE C 213 -6.72 23.18 -9.95
N ARG C 214 -6.17 24.39 -9.78
CA ARG C 214 -4.92 24.78 -10.44
C ARG C 214 -3.65 24.43 -9.65
N PHE C 215 -3.82 23.84 -8.49
CA PHE C 215 -2.65 23.50 -7.66
C PHE C 215 -1.66 22.55 -8.37
N PRO C 216 -2.14 21.48 -9.06
CA PRO C 216 -1.14 20.62 -9.71
C PRO C 216 -0.35 21.37 -10.77
N ASP C 217 -0.98 22.36 -11.40
CA ASP C 217 -0.30 23.12 -12.44
C ASP C 217 0.76 24.00 -11.83
N LEU C 218 0.38 24.71 -10.77
CA LEU C 218 1.34 25.52 -10.04
C LEU C 218 2.53 24.68 -9.61
N ILE C 219 2.24 23.56 -8.96
CA ILE C 219 3.30 22.78 -8.33
C ILE C 219 4.19 22.04 -9.34
N HIS C 220 3.59 21.44 -10.35
CA HIS C 220 4.38 20.89 -11.46
C HIS C 220 5.35 21.95 -12.02
N SER C 221 4.87 23.17 -12.20
CA SER C 221 5.71 24.20 -12.84
C SER C 221 6.89 24.64 -11.99
N VAL C 222 6.73 24.65 -10.66
CA VAL C 222 7.85 25.09 -9.82
C VAL C 222 8.79 23.94 -9.45
N LYS C 223 8.25 22.73 -9.43
CA LYS C 223 9.07 21.54 -9.16
C LYS C 223 10.00 21.21 -10.35
N PRO C 224 10.95 20.28 -10.17
CA PRO C 224 11.92 20.02 -11.25
C PRO C 224 11.27 19.60 -12.57
N SER C 225 11.94 19.96 -13.67
CA SER C 225 11.52 19.57 -15.02
C SER C 225 11.36 18.06 -15.05
N PRO C 226 10.25 17.55 -15.62
CA PRO C 226 9.98 16.12 -15.49
C PRO C 226 10.85 15.22 -16.38
N ASP C 227 11.64 15.78 -17.29
CA ASP C 227 12.53 14.95 -18.10
C ASP C 227 13.81 14.58 -17.35
N ASN C 228 14.45 15.58 -16.75
CA ASN C 228 15.70 15.34 -16.04
C ASN C 228 15.65 15.53 -14.52
N GLU C 229 14.52 15.99 -14.01
CA GLU C 229 14.36 16.34 -12.59
C GLU C 229 15.42 17.34 -12.13
N VAL C 230 15.51 18.44 -12.88
CA VAL C 230 16.37 19.56 -12.55
C VAL C 230 15.44 20.75 -12.71
N PRO C 231 15.52 21.77 -11.82
CA PRO C 231 16.42 21.93 -10.66
C PRO C 231 15.75 21.65 -9.33
N GLN C 232 16.55 21.21 -8.36
CA GLN C 232 16.06 20.97 -7.00
C GLN C 232 15.74 22.27 -6.26
N ALA C 233 14.58 22.32 -5.62
CA ALA C 233 14.26 23.36 -4.64
C ALA C 233 14.50 24.78 -5.15
N ALA C 234 13.97 25.08 -6.33
CA ALA C 234 14.21 26.37 -6.96
C ALA C 234 13.16 26.68 -8.00
N THR C 235 12.80 27.97 -8.10
CA THR C 235 11.87 28.45 -9.11
C THR C 235 12.63 29.08 -10.27
N ALA C 236 13.96 29.02 -10.18
CA ALA C 236 14.83 29.63 -11.18
C ALA C 236 14.96 28.74 -12.42
N HIS C 237 13.85 28.53 -13.12
CA HIS C 237 13.85 27.75 -14.35
C HIS C 237 12.65 28.09 -15.24
N ASP C 238 12.71 27.67 -16.50
CA ASP C 238 11.72 28.10 -17.50
C ASP C 238 10.28 27.85 -17.09
N SER C 239 9.96 26.64 -16.64
CA SER C 239 8.55 26.28 -16.42
C SER C 239 7.88 27.14 -15.35
N ALA C 240 8.62 27.44 -14.28
CA ALA C 240 8.07 28.24 -13.20
C ALA C 240 7.68 29.62 -13.72
N TRP C 241 8.62 30.30 -14.36
CA TRP C 241 8.39 31.65 -14.85
C TRP C 241 7.43 31.68 -16.03
N ASP C 242 7.34 30.57 -16.76
CA ASP C 242 6.29 30.43 -17.76
C ASP C 242 4.92 30.45 -17.07
N PHE C 243 4.82 29.75 -15.94
CA PHE C 243 3.57 29.70 -15.20
C PHE C 243 3.25 31.04 -14.55
N PHE C 244 4.24 31.64 -13.90
CA PHE C 244 4.02 32.93 -13.24
C PHE C 244 3.51 33.95 -14.22
N SER C 245 4.04 33.93 -15.46
CA SER C 245 3.64 34.91 -16.47
C SER C 245 2.36 34.53 -17.19
N SER C 246 2.06 33.24 -17.26
CA SER C 246 0.83 32.77 -17.91
C SER C 246 -0.36 32.86 -16.98
N GLN C 247 -0.09 32.88 -15.68
CA GLN C 247 -1.13 32.88 -14.67
C GLN C 247 -0.86 34.02 -13.69
N PRO C 248 -1.19 35.28 -14.09
CA PRO C 248 -0.72 36.46 -13.34
C PRO C 248 -1.19 36.54 -11.89
N SER C 249 -2.21 35.78 -11.51
CA SER C 249 -2.62 35.75 -10.10
C SER C 249 -1.38 35.46 -9.24
N ALA C 250 -0.45 34.68 -9.80
CA ALA C 250 0.77 34.27 -9.13
C ALA C 250 1.72 35.42 -8.76
N LEU C 251 1.51 36.60 -9.34
CA LEU C 251 2.52 37.66 -9.19
C LEU C 251 2.70 38.16 -7.75
N HIS C 252 1.62 38.20 -6.99
CA HIS C 252 1.73 38.74 -5.63
C HIS C 252 2.60 37.83 -4.75
N THR C 253 2.25 36.56 -4.66
CA THR C 253 3.08 35.62 -3.91
C THR C 253 4.50 35.58 -4.47
N LEU C 254 4.64 35.71 -5.78
CA LEU C 254 5.97 35.75 -6.37
C LEU C 254 6.79 36.88 -5.76
N PHE C 255 6.22 38.09 -5.69
CA PHE C 255 6.96 39.22 -5.13
C PHE C 255 7.38 38.95 -3.67
N TRP C 256 6.50 38.33 -2.90
CA TRP C 256 6.84 38.02 -1.51
C TRP C 256 7.99 37.01 -1.44
N ALA C 257 7.94 36.00 -2.32
CA ALA C 257 8.98 34.96 -2.33
C ALA C 257 10.32 35.52 -2.82
N MET C 258 10.25 36.56 -3.65
CA MET C 258 11.47 37.24 -4.10
C MET C 258 12.00 38.26 -3.08
N SER C 259 11.28 38.44 -1.97
CA SER C 259 11.76 39.34 -0.92
C SER C 259 12.40 38.49 0.16
N GLY C 260 12.60 39.08 1.33
CA GLY C 260 13.26 38.39 2.45
C GLY C 260 12.46 37.20 2.96
N ASN C 261 11.15 37.20 2.72
CA ASN C 261 10.28 36.08 3.11
C ASN C 261 10.69 34.79 2.42
N GLY C 262 11.36 34.93 1.27
CA GLY C 262 11.83 33.78 0.52
C GLY C 262 13.05 33.16 1.15
N ILE C 263 13.82 33.96 1.89
CA ILE C 263 15.06 33.50 2.52
C ILE C 263 15.18 33.94 3.98
N PRO C 264 14.24 33.47 4.83
CA PRO C 264 14.21 33.94 6.21
C PRO C 264 15.42 33.45 7.00
N ARG C 265 15.78 34.19 8.04
CA ARG C 265 16.94 33.84 8.87
C ARG C 265 16.73 32.53 9.62
N SER C 266 15.51 32.32 10.10
CA SER C 266 15.18 31.09 10.84
C SER C 266 13.68 30.93 10.86
N TYR C 267 13.19 29.75 11.22
CA TYR C 267 11.77 29.55 11.44
C TYR C 267 11.28 30.49 12.54
N ARG C 268 12.10 30.70 13.55
CA ARG C 268 11.75 31.52 14.71
C ARG C 268 11.62 33.00 14.34
N HIS C 269 12.17 33.36 13.19
CA HIS C 269 12.09 34.73 12.70
C HIS C 269 11.13 34.92 11.53
N MET C 270 10.08 34.08 11.48
CA MET C 270 9.03 34.21 10.47
C MET C 270 7.71 34.57 11.13
N ASP C 271 6.89 35.37 10.45
CA ASP C 271 5.46 35.46 10.82
C ASP C 271 4.77 34.30 10.13
N GLY C 272 3.54 34.00 10.53
CA GLY C 272 2.76 32.97 9.86
C GLY C 272 1.37 33.46 9.54
N PHE C 273 0.72 32.85 8.55
CA PHE C 273 -0.59 33.32 8.10
C PHE C 273 -1.49 32.17 7.66
N GLY C 274 -2.75 32.24 8.04
CA GLY C 274 -3.72 31.26 7.58
C GLY C 274 -4.09 31.50 6.12
N ILE C 275 -3.68 32.65 5.58
CA ILE C 275 -4.00 33.11 4.24
C ILE C 275 -5.50 33.34 3.92
N HIS C 276 -6.24 32.27 3.99
CA HIS C 276 -7.67 32.38 3.70
C HIS C 276 -8.42 33.18 4.75
N THR C 277 -9.53 33.78 4.33
CA THR C 277 -10.50 34.28 5.25
C THR C 277 -11.28 33.08 5.74
N PHE C 278 -11.36 32.90 7.07
CA PHE C 278 -12.24 31.88 7.65
C PHE C 278 -13.38 32.59 8.35
N ARG C 279 -14.19 31.83 9.08
CA ARG C 279 -15.22 32.43 9.93
C ARG C 279 -15.01 32.03 11.40
N LEU C 280 -15.21 32.98 12.31
CA LEU C 280 -15.37 32.66 13.73
C LEU C 280 -16.85 32.70 14.01
N VAL C 281 -17.34 31.69 14.71
CA VAL C 281 -18.79 31.55 14.92
C VAL C 281 -19.04 31.45 16.42
N THR C 282 -20.00 32.23 16.91
CA THR C 282 -20.34 32.18 18.33
C THR C 282 -21.46 31.15 18.54
N GLU C 283 -21.79 30.88 19.79
CA GLU C 283 -22.80 29.87 20.12
C GLU C 283 -24.14 30.12 19.42
N ASP C 284 -24.49 31.38 19.24
CA ASP C 284 -25.78 31.74 18.66
C ASP C 284 -25.80 31.61 17.15
N GLY C 285 -24.65 31.30 16.56
CA GLY C 285 -24.58 31.07 15.12
C GLY C 285 -24.14 32.29 14.33
N LYS C 286 -23.94 33.41 15.01
CA LYS C 286 -23.44 34.61 14.34
C LYS C 286 -21.96 34.45 13.98
N SER C 287 -21.57 35.01 12.85
CA SER C 287 -20.23 34.82 12.34
C SER C 287 -19.51 36.14 12.03
N LYS C 288 -18.18 36.08 12.07
CA LYS C 288 -17.32 37.16 11.62
C LYS C 288 -16.25 36.57 10.70
N LEU C 289 -15.87 37.32 9.66
CA LEU C 289 -14.78 36.89 8.79
C LEU C 289 -13.49 37.09 9.57
N VAL C 290 -12.52 36.19 9.38
CA VAL C 290 -11.29 36.28 10.18
C VAL C 290 -10.07 35.93 9.34
N LYS C 291 -8.96 36.64 9.59
CA LYS C 291 -7.65 36.24 9.09
C LYS C 291 -6.79 35.88 10.29
N TRP C 292 -6.13 34.73 10.23
CA TRP C 292 -5.23 34.29 11.29
C TRP C 292 -3.82 34.79 11.02
N HIS C 293 -3.16 35.31 12.06
CA HIS C 293 -1.77 35.77 11.95
C HIS C 293 -0.96 35.20 13.12
N TRP C 294 0.26 34.76 12.85
CA TRP C 294 1.22 34.45 13.92
C TRP C 294 2.30 35.53 13.87
N LYS C 295 2.55 36.22 14.97
CA LYS C 295 3.56 37.29 14.99
C LYS C 295 4.73 36.86 15.83
N THR C 296 5.88 36.73 15.17
CA THR C 296 7.05 36.23 15.89
C THR C 296 7.53 37.22 16.94
N LYS C 297 7.77 36.72 18.15
CA LYS C 297 8.27 37.57 19.22
C LYS C 297 9.78 37.77 19.11
N GLN C 298 10.39 37.07 18.16
CA GLN C 298 11.84 37.12 17.96
C GLN C 298 12.18 38.17 16.92
N GLY C 299 11.16 38.64 16.20
CA GLY C 299 11.33 39.59 15.11
C GLY C 299 11.57 38.91 13.78
N LYS C 300 11.16 39.54 12.68
CA LYS C 300 11.45 39.01 11.35
C LYS C 300 12.88 39.35 10.91
N ALA C 301 13.55 38.38 10.30
CA ALA C 301 14.92 38.57 9.80
C ALA C 301 15.14 37.72 8.56
N ALA C 302 16.01 38.17 7.67
CA ALA C 302 16.23 37.47 6.42
C ALA C 302 17.70 37.49 6.03
N LEU C 303 18.10 36.52 5.22
CA LEU C 303 19.46 36.47 4.70
C LEU C 303 19.51 37.32 3.44
N VAL C 304 20.67 37.35 2.79
CA VAL C 304 20.76 37.84 1.41
C VAL C 304 21.01 36.62 0.52
N TRP C 305 20.63 36.70 -0.74
CA TRP C 305 20.64 35.52 -1.61
C TRP C 305 22.00 34.86 -1.74
N GLU C 306 23.03 35.66 -2.04
CA GLU C 306 24.39 35.13 -2.22
C GLU C 306 24.90 34.39 -0.99
N GLU C 307 24.40 34.77 0.18
CA GLU C 307 24.70 34.12 1.44
C GLU C 307 23.88 32.82 1.61
N ALA C 308 22.59 32.90 1.25
CA ALA C 308 21.71 31.73 1.31
C ALA C 308 22.21 30.58 0.44
N GLN C 309 22.82 30.91 -0.71
CA GLN C 309 23.32 29.88 -1.62
C GLN C 309 24.48 29.12 -1.02
N VAL C 310 25.43 29.85 -0.44
CA VAL C 310 26.60 29.21 0.18
C VAL C 310 26.14 28.36 1.36
N LEU C 311 25.19 28.89 2.13
CA LEU C 311 24.71 28.22 3.33
C LEU C 311 23.99 26.91 3.01
N ALA C 312 23.30 26.89 1.88
CA ALA C 312 22.65 25.67 1.40
C ALA C 312 23.65 24.53 1.23
N GLY C 313 24.88 24.85 0.83
CA GLY C 313 25.91 23.84 0.71
C GLY C 313 26.66 23.59 2.02
N LYS C 314 26.90 24.66 2.78
CA LYS C 314 27.69 24.53 4.01
C LYS C 314 26.88 23.89 5.15
N ASN C 315 25.59 24.18 5.20
CA ASN C 315 24.71 23.57 6.19
C ASN C 315 23.27 23.50 5.71
N ALA C 316 22.91 22.41 5.03
CA ALA C 316 21.55 22.24 4.53
C ALA C 316 20.55 22.27 5.66
N ASP C 317 21.02 21.98 6.87
CA ASP C 317 20.15 21.85 8.05
C ASP C 317 20.06 23.10 8.91
N PHE C 318 20.45 24.24 8.34
CA PHE C 318 20.55 25.50 9.07
C PHE C 318 19.30 25.85 9.88
N HIS C 319 18.12 25.83 9.24
CA HIS C 319 16.89 26.16 9.96
C HIS C 319 16.45 25.10 10.98
N ARG C 320 16.56 23.82 10.64
CA ARG C 320 16.10 22.81 11.60
C ARG C 320 17.03 22.73 12.81
N GLN C 321 18.31 22.97 12.58
CA GLN C 321 19.26 22.98 13.69
C GLN C 321 19.07 24.24 14.55
N ASP C 322 18.77 25.36 13.91
CA ASP C 322 18.50 26.59 14.65
C ASP C 322 17.33 26.41 15.63
N LEU C 323 16.25 25.80 15.17
CA LEU C 323 15.09 25.57 16.03
C LEU C 323 15.40 24.58 17.14
N TRP C 324 16.06 23.48 16.79
CA TRP C 324 16.45 22.47 17.78
C TRP C 324 17.31 23.08 18.89
N ASP C 325 18.39 23.75 18.50
CA ASP C 325 19.32 24.37 19.44
C ASP C 325 18.67 25.40 20.34
N ALA C 326 17.78 26.21 19.76
CA ALA C 326 17.08 27.22 20.53
C ALA C 326 16.24 26.57 21.64
N ILE C 327 15.51 25.52 21.29
CA ILE C 327 14.71 24.83 22.30
C ILE C 327 15.61 24.14 23.34
N GLU C 328 16.64 23.45 22.88
CA GLU C 328 17.56 22.75 23.78
C GLU C 328 18.26 23.67 24.77
N SER C 329 18.50 24.92 24.39
CA SER C 329 19.26 25.84 25.24
C SER C 329 18.33 26.60 26.16
N GLY C 330 17.03 26.28 26.13
CA GLY C 330 16.08 26.98 26.97
C GLY C 330 15.64 28.32 26.41
N ASN C 331 15.91 28.54 25.13
CA ASN C 331 15.48 29.78 24.47
C ASN C 331 14.27 29.54 23.56
N ALA C 332 13.23 28.95 24.12
CA ALA C 332 12.04 28.58 23.36
C ALA C 332 11.45 29.76 22.59
N PRO C 333 11.18 29.60 21.28
CA PRO C 333 10.61 30.74 20.54
C PRO C 333 9.13 30.91 20.82
N SER C 334 8.61 32.12 20.65
CA SER C 334 7.18 32.39 20.83
C SER C 334 6.61 33.18 19.66
N TRP C 335 5.31 32.99 19.42
CA TRP C 335 4.55 33.77 18.44
C TRP C 335 3.24 34.18 19.08
N GLU C 336 2.81 35.42 18.86
CA GLU C 336 1.47 35.78 19.31
C GLU C 336 0.48 35.43 18.23
N LEU C 337 -0.66 34.85 18.62
CA LEU C 337 -1.75 34.60 17.70
C LEU C 337 -2.58 35.86 17.63
N ALA C 338 -2.80 36.36 16.42
CA ALA C 338 -3.56 37.60 16.26
C ALA C 338 -4.56 37.43 15.14
N VAL C 339 -5.66 38.19 15.18
CA VAL C 339 -6.67 38.07 14.13
C VAL C 339 -7.08 39.42 13.60
N GLN C 340 -7.46 39.43 12.33
CA GLN C 340 -8.21 40.56 11.78
C GLN C 340 -9.64 40.09 11.72
N LEU C 341 -10.55 40.90 12.24
CA LEU C 341 -11.97 40.57 12.29
C LEU C 341 -12.76 41.50 11.36
N ILE C 342 -13.60 40.90 10.51
CA ILE C 342 -14.33 41.66 9.50
C ILE C 342 -15.81 41.28 9.52
N ASP C 343 -16.70 42.26 9.63
CA ASP C 343 -18.13 42.00 9.52
C ASP C 343 -18.43 41.35 8.18
N GLU C 344 -19.41 40.45 8.15
CA GLU C 344 -19.80 39.78 6.92
C GLU C 344 -20.17 40.77 5.82
N ASP C 345 -20.78 41.90 6.18
CA ASP C 345 -21.19 42.87 5.16
C ASP C 345 -20.03 43.68 4.59
N LYS C 346 -18.83 43.44 5.09
CA LYS C 346 -17.65 44.13 4.57
C LYS C 346 -16.72 43.22 3.76
N ALA C 347 -17.23 42.09 3.28
CA ALA C 347 -16.41 41.13 2.55
C ALA C 347 -15.73 41.76 1.35
N GLN C 348 -16.42 42.70 0.71
CA GLN C 348 -15.88 43.35 -0.48
C GLN C 348 -15.63 44.84 -0.30
N ALA C 349 -15.37 45.26 0.94
CA ALA C 349 -15.29 46.67 1.28
C ALA C 349 -13.93 47.30 1.01
N TYR C 350 -12.89 46.48 0.89
CA TYR C 350 -11.54 47.03 0.99
C TYR C 350 -10.74 47.01 -0.31
N GLY C 351 -11.42 47.06 -1.45
CA GLY C 351 -10.72 47.16 -2.73
C GLY C 351 -10.44 45.80 -3.36
N PHE C 352 -10.95 44.76 -2.72
CA PHE C 352 -10.82 43.40 -3.23
C PHE C 352 -11.83 42.51 -2.52
N ASP C 353 -11.91 41.25 -2.93
CA ASP C 353 -12.86 40.29 -2.37
C ASP C 353 -12.12 39.45 -1.33
N LEU C 354 -12.63 39.40 -0.10
CA LEU C 354 -11.97 38.64 0.95
C LEU C 354 -12.06 37.13 0.76
N LEU C 355 -12.79 36.69 -0.26
CA LEU C 355 -12.79 35.27 -0.64
C LEU C 355 -11.58 34.93 -1.54
N ASP C 356 -10.81 35.95 -1.91
CA ASP C 356 -9.70 35.83 -2.86
C ASP C 356 -8.39 35.73 -2.10
N PRO C 357 -7.73 34.55 -2.13
CA PRO C 357 -6.52 34.33 -1.33
C PRO C 357 -5.25 34.94 -1.92
N THR C 358 -5.36 35.71 -3.01
CA THR C 358 -4.18 36.37 -3.57
C THR C 358 -4.06 37.82 -3.12
N LYS C 359 -4.95 38.23 -2.22
CA LYS C 359 -4.83 39.56 -1.60
C LYS C 359 -4.79 39.41 -0.07
N PHE C 360 -4.11 40.33 0.61
CA PHE C 360 -4.17 40.38 2.07
C PHE C 360 -4.94 41.62 2.49
N LEU C 361 -5.31 41.69 3.77
CA LEU C 361 -6.03 42.85 4.28
C LEU C 361 -5.08 43.79 5.02
N PRO C 362 -4.88 45.01 4.48
CA PRO C 362 -4.00 45.99 5.10
C PRO C 362 -4.35 46.27 6.56
N GLU C 363 -3.37 46.32 7.46
CA GLU C 363 -3.65 46.57 8.87
C GLU C 363 -4.36 47.92 9.10
N GLU C 364 -4.27 48.83 8.14
CA GLU C 364 -4.94 50.13 8.27
C GLU C 364 -6.46 49.96 8.32
N PHE C 365 -6.97 48.92 7.67
CA PHE C 365 -8.42 48.67 7.66
C PHE C 365 -8.87 47.81 8.83
N ALA C 366 -7.97 46.98 9.32
CA ALA C 366 -8.31 46.05 10.39
C ALA C 366 -7.05 45.73 11.13
N PRO C 367 -6.90 46.33 12.31
CA PRO C 367 -5.73 46.13 13.16
C PRO C 367 -5.63 44.70 13.65
N LEU C 368 -4.41 44.26 13.91
CA LEU C 368 -4.22 42.93 14.45
C LEU C 368 -4.67 42.91 15.90
N GLN C 369 -5.54 41.97 16.24
CA GLN C 369 -5.98 41.82 17.62
C GLN C 369 -5.39 40.54 18.21
N VAL C 370 -4.57 40.68 19.25
CA VAL C 370 -3.85 39.53 19.82
C VAL C 370 -4.74 38.72 20.75
N LEU C 371 -4.81 37.40 20.52
CA LEU C 371 -5.70 36.51 21.28
C LEU C 371 -4.93 35.68 22.29
N GLY C 372 -3.65 35.44 22.02
CA GLY C 372 -2.85 34.59 22.89
C GLY C 372 -1.45 34.42 22.37
N GLU C 373 -0.72 33.46 22.95
CA GLU C 373 0.70 33.25 22.65
C GLU C 373 0.99 31.76 22.59
N MET C 374 1.86 31.38 21.66
CA MET C 374 2.32 30.00 21.53
C MET C 374 3.83 29.99 21.74
N THR C 375 4.29 29.07 22.59
CA THR C 375 5.74 28.90 22.81
C THR C 375 6.11 27.44 22.51
N LEU C 376 7.15 27.24 21.72
CA LEU C 376 7.59 25.90 21.37
C LEU C 376 8.79 25.55 22.25
N ASN C 377 8.60 24.63 23.18
CA ASN C 377 9.64 24.37 24.17
C ASN C 377 10.03 22.91 24.34
N ARG C 378 9.55 22.03 23.45
CA ARG C 378 9.96 20.61 23.51
C ARG C 378 10.24 20.10 22.12
N ASN C 379 11.46 19.63 21.90
CA ASN C 379 11.82 18.96 20.66
C ASN C 379 11.19 17.56 20.64
N PRO C 380 11.02 16.97 19.44
CA PRO C 380 10.55 15.59 19.43
C PRO C 380 11.65 14.65 19.90
N MET C 381 11.26 13.44 20.31
CA MET C 381 12.21 12.40 20.68
C MET C 381 12.60 11.55 19.46
N ASN C 382 11.65 11.28 18.58
CA ASN C 382 11.97 10.59 17.33
C ASN C 382 11.38 11.40 16.16
N TYR C 383 12.25 11.89 15.28
CA TYR C 383 11.82 12.79 14.21
C TYR C 383 10.79 12.11 13.31
N PHE C 384 11.07 10.88 12.89
CA PHE C 384 10.15 10.18 11.98
C PHE C 384 8.77 10.00 12.58
N ALA C 385 8.73 9.44 13.79
CA ALA C 385 7.45 9.10 14.41
C ALA C 385 6.59 10.34 14.67
N GLU C 386 7.23 11.46 14.98
CA GLU C 386 6.51 12.66 15.34
C GLU C 386 6.47 13.64 14.15
N THR C 387 7.62 14.21 13.80
CA THR C 387 7.65 15.21 12.73
C THR C 387 7.30 14.65 11.33
N GLU C 388 7.89 13.53 10.92
CA GLU C 388 7.60 13.04 9.57
C GLU C 388 6.16 12.52 9.44
N GLN C 389 5.66 11.90 10.50
CA GLN C 389 4.36 11.24 10.43
C GLN C 389 3.16 12.18 10.62
N ILE C 390 3.35 13.34 11.24
CA ILE C 390 2.20 14.20 11.54
C ILE C 390 1.50 14.61 10.25
N SER C 391 0.17 14.65 10.31
CA SER C 391 -0.64 14.87 9.13
C SER C 391 -1.61 16.02 9.36
N PHE C 392 -1.26 17.21 8.87
CA PHE C 392 -2.13 18.37 9.04
C PHE C 392 -3.23 18.36 8.00
N GLN C 393 -4.38 18.93 8.36
CA GLN C 393 -5.47 19.16 7.40
C GLN C 393 -6.17 20.46 7.73
N PRO C 394 -6.50 21.29 6.72
CA PRO C 394 -7.35 22.44 6.97
C PRO C 394 -8.77 21.98 7.33
N GLY C 395 -9.13 20.73 7.01
CA GLY C 395 -10.42 20.21 7.39
C GLY C 395 -10.50 19.83 8.86
N HIS C 396 -9.37 19.91 9.57
CA HIS C 396 -9.35 19.74 11.02
C HIS C 396 -9.88 21.01 11.67
N ILE C 397 -11.21 21.05 11.78
CA ILE C 397 -11.90 22.23 12.29
C ILE C 397 -12.71 21.86 13.53
N VAL C 398 -12.98 22.84 14.39
CA VAL C 398 -13.72 22.59 15.62
C VAL C 398 -14.90 23.55 15.74
N ARG C 399 -15.86 23.24 16.61
CA ARG C 399 -16.98 24.13 16.89
C ARG C 399 -16.48 25.53 17.19
N GLY C 400 -17.05 26.53 16.52
CA GLY C 400 -16.64 27.92 16.70
C GLY C 400 -15.79 28.48 15.56
N VAL C 401 -15.43 27.62 14.60
CA VAL C 401 -14.72 28.06 13.39
C VAL C 401 -15.49 27.51 12.20
N ASP C 402 -15.51 28.22 11.07
CA ASP C 402 -16.13 27.67 9.86
C ASP C 402 -15.34 28.10 8.62
N PHE C 403 -15.61 27.46 7.50
CA PHE C 403 -14.93 27.78 6.25
C PHE C 403 -15.59 28.97 5.56
N THR C 404 -14.94 29.51 4.53
CA THR C 404 -15.61 30.44 3.61
C THR C 404 -15.53 29.86 2.21
N GLU C 405 -16.22 30.51 1.28
CA GLU C 405 -16.31 30.09 -0.11
C GLU C 405 -15.07 30.47 -0.93
N ASP C 406 -13.92 30.55 -0.26
CA ASP C 406 -12.64 30.76 -0.91
C ASP C 406 -12.37 29.51 -1.75
N PRO C 407 -12.30 29.66 -3.10
CA PRO C 407 -12.18 28.49 -3.97
C PRO C 407 -10.88 27.71 -3.81
N LEU C 408 -9.86 28.34 -3.22
CA LEU C 408 -8.60 27.67 -2.97
C LEU C 408 -8.73 26.83 -1.70
N LEU C 409 -9.29 27.44 -0.65
CA LEU C 409 -9.56 26.73 0.60
C LEU C 409 -10.45 25.50 0.39
N GLN C 410 -11.48 25.69 -0.45
CA GLN C 410 -12.49 24.66 -0.67
C GLN C 410 -11.87 23.37 -1.17
N GLY C 411 -10.92 23.48 -2.11
CA GLY C 411 -10.29 22.29 -2.65
C GLY C 411 -9.30 21.63 -1.71
N ARG C 412 -8.64 22.45 -0.89
CA ARG C 412 -7.67 21.91 0.06
C ARG C 412 -8.34 20.91 0.99
N LEU C 413 -9.60 21.16 1.35
CA LEU C 413 -10.30 20.30 2.29
C LEU C 413 -10.27 18.87 1.77
N TYR C 414 -10.51 18.70 0.48
CA TYR C 414 -10.46 17.38 -0.15
C TYR C 414 -9.05 16.80 -0.19
N SER C 415 -8.08 17.70 -0.35
N SER C 415 -8.09 17.62 -0.61
CA SER C 415 -6.77 17.33 -0.87
CA SER C 415 -6.73 17.17 -0.89
C SER C 415 -5.89 16.75 0.24
C SER C 415 -5.97 16.61 0.31
N TYR C 416 -6.04 17.28 1.44
CA TYR C 416 -5.23 16.86 2.59
C TYR C 416 -5.73 15.56 3.21
N LEU C 417 -7.03 15.31 3.14
CA LEU C 417 -7.53 14.04 3.65
C LEU C 417 -7.07 12.96 2.70
N ASP C 418 -7.31 13.17 1.42
CA ASP C 418 -6.98 12.20 0.39
C ASP C 418 -5.49 11.83 0.36
N THR C 419 -4.61 12.83 0.51
CA THR C 419 -3.19 12.56 0.33
C THR C 419 -2.63 11.67 1.45
N GLN C 420 -3.24 11.70 2.63
CA GLN C 420 -2.76 10.88 3.75
C GLN C 420 -2.87 9.40 3.41
N LEU C 421 -3.82 9.06 2.53
CA LEU C 421 -3.98 7.68 2.10
C LEU C 421 -2.74 7.21 1.36
N ASN C 422 -2.06 8.12 0.68
CA ASN C 422 -0.86 7.72 -0.04
C ASN C 422 0.32 7.70 0.91
N ARG C 423 0.44 8.77 1.68
CA ARG C 423 1.62 8.95 2.50
C ARG C 423 1.62 7.91 3.60
N HIS C 424 0.44 7.61 4.15
CA HIS C 424 0.34 6.64 5.26
C HIS C 424 -0.22 5.27 4.85
N ARG C 425 -0.56 5.12 3.58
CA ARG C 425 -0.94 3.82 3.04
C ARG C 425 -2.12 3.14 3.74
N GLY C 426 -3.06 3.95 4.24
CA GLY C 426 -4.21 3.40 4.93
C GLY C 426 -5.05 4.50 5.52
N PRO C 427 -6.24 4.14 6.05
CA PRO C 427 -7.25 5.08 6.53
C PRO C 427 -7.13 5.38 8.03
N ASN C 428 -6.19 4.73 8.72
CA ASN C 428 -6.10 4.85 10.18
C ASN C 428 -5.00 5.76 10.73
N PHE C 429 -4.51 6.67 9.88
CA PHE C 429 -3.41 7.56 10.26
C PHE C 429 -3.74 8.49 11.45
N GLU C 430 -5.02 8.77 11.71
CA GLU C 430 -5.37 9.59 12.87
C GLU C 430 -5.11 8.82 14.17
N GLN C 431 -4.87 7.53 14.07
CA GLN C 431 -4.60 6.74 15.27
C GLN C 431 -3.13 6.80 15.67
N LEU C 432 -2.28 7.31 14.78
CA LEU C 432 -0.86 7.45 15.10
C LEU C 432 -0.75 8.41 16.27
N PRO C 433 0.09 8.08 17.26
CA PRO C 433 0.24 8.91 18.47
C PRO C 433 0.31 10.42 18.20
N ILE C 434 1.10 10.85 17.23
CA ILE C 434 1.25 12.28 16.95
C ILE C 434 -0.02 12.89 16.34
N ASN C 435 -0.87 12.06 15.73
CA ASN C 435 -2.11 12.58 15.16
C ASN C 435 -3.31 12.49 16.10
N ARG C 436 -3.22 11.66 17.15
CA ARG C 436 -4.37 11.46 18.05
C ARG C 436 -4.80 12.74 18.75
N PRO C 437 -6.12 12.97 18.85
CA PRO C 437 -6.59 14.11 19.65
C PRO C 437 -6.51 13.74 21.12
N VAL C 438 -6.58 14.72 22.03
CA VAL C 438 -6.61 14.40 23.44
C VAL C 438 -8.05 14.25 23.94
N SER C 439 -9.02 14.43 23.04
CA SER C 439 -10.42 14.61 23.45
C SER C 439 -11.38 13.43 23.26
N GLY C 440 -10.92 12.30 22.76
CA GLY C 440 -11.80 11.15 22.72
C GLY C 440 -12.45 10.94 21.36
N VAL C 441 -12.43 9.70 20.88
CA VAL C 441 -12.99 9.37 19.58
C VAL C 441 -14.07 8.30 19.73
N HIS C 442 -15.28 8.66 19.35
CA HIS C 442 -16.42 7.75 19.50
C HIS C 442 -17.25 7.85 18.25
N ASN C 443 -17.17 6.82 17.41
CA ASN C 443 -17.99 6.77 16.21
C ASN C 443 -18.13 5.33 15.73
N ASN C 444 -18.76 5.12 14.58
CA ASN C 444 -18.99 3.76 14.12
C ASN C 444 -18.03 3.28 13.03
N HIS C 445 -16.92 3.99 12.86
CA HIS C 445 -15.85 3.56 11.97
C HIS C 445 -15.19 2.28 12.51
N ARG C 446 -14.86 1.34 11.63
CA ARG C 446 -14.26 0.09 12.06
C ARG C 446 -13.22 -0.33 11.05
N ASP C 447 -12.36 -1.25 11.47
CA ASP C 447 -11.43 -1.95 10.57
C ASP C 447 -10.47 -1.01 9.88
N GLY C 448 -10.16 -1.30 8.62
CA GLY C 448 -9.15 -0.56 7.88
C GLY C 448 -7.73 -1.02 8.25
N GLN C 449 -6.78 -0.79 7.35
CA GLN C 449 -5.40 -1.20 7.56
C GLN C 449 -4.88 -0.70 8.88
N GLY C 450 -4.18 -1.55 9.62
CA GLY C 450 -3.50 -1.14 10.85
C GLY C 450 -4.41 -0.72 11.99
N GLN C 451 -5.67 -1.16 11.97
CA GLN C 451 -6.61 -0.86 13.05
C GLN C 451 -6.01 -1.14 14.44
N ALA C 452 -5.77 -0.08 15.21
CA ALA C 452 -5.03 -0.21 16.46
C ALA C 452 -5.90 -0.35 17.70
N TRP C 453 -7.22 -0.26 17.54
CA TRP C 453 -8.13 -0.34 18.69
C TRP C 453 -9.04 -1.56 18.61
N ILE C 454 -9.74 -1.83 19.70
CA ILE C 454 -10.75 -2.88 19.71
C ILE C 454 -12.06 -2.30 20.23
N HIS C 455 -13.03 -2.18 19.32
CA HIS C 455 -14.29 -1.50 19.62
C HIS C 455 -15.24 -2.41 20.37
N LYS C 456 -15.82 -1.86 21.45
CA LYS C 456 -16.71 -2.63 22.32
C LYS C 456 -18.13 -2.68 21.75
N ASN C 457 -18.54 -1.61 21.10
CA ASN C 457 -19.92 -1.50 20.61
C ASN C 457 -20.14 -2.32 19.35
N ILE C 458 -20.91 -3.39 19.46
CA ILE C 458 -21.12 -4.28 18.31
C ILE C 458 -22.21 -3.80 17.36
N HIS C 459 -23.01 -2.83 17.80
CA HIS C 459 -24.01 -2.23 16.91
C HIS C 459 -23.45 -0.94 16.33
N HIS C 460 -22.58 -1.12 15.34
CA HIS C 460 -21.76 -0.08 14.74
C HIS C 460 -22.47 0.65 13.60
N TYR C 461 -23.66 1.16 13.92
CA TYR C 461 -24.48 1.85 12.93
C TYR C 461 -25.47 2.76 13.67
N SER C 462 -26.06 3.68 12.91
N SER C 462 -26.05 3.70 12.92
CA SER C 462 -27.04 4.60 13.45
CA SER C 462 -27.03 4.62 13.47
C SER C 462 -28.04 4.94 12.34
C SER C 462 -28.03 4.91 12.34
N PRO C 463 -29.33 5.05 12.66
CA PRO C 463 -29.92 4.94 14.01
C PRO C 463 -30.10 3.49 14.41
N SER C 464 -30.30 3.25 15.71
CA SER C 464 -30.34 1.89 16.22
C SER C 464 -31.08 1.83 17.54
N TYR C 465 -31.91 0.81 17.72
CA TYR C 465 -32.47 0.54 19.04
C TYR C 465 -31.44 -0.17 19.93
N LEU C 466 -30.67 -1.06 19.32
CA LEU C 466 -29.79 -1.95 20.08
C LEU C 466 -28.62 -1.25 20.78
N ASN C 467 -28.12 -0.14 20.23
CA ASN C 467 -27.05 0.57 20.91
C ASN C 467 -27.55 1.70 21.78
N LYS C 468 -28.87 1.78 21.92
CA LYS C 468 -29.52 2.76 22.79
C LYS C 468 -29.29 4.21 22.34
N GLY C 469 -28.89 4.38 21.08
CA GLY C 469 -28.64 5.71 20.55
C GLY C 469 -27.22 6.22 20.78
N TYR C 470 -26.31 5.34 21.16
CA TYR C 470 -24.92 5.74 21.35
C TYR C 470 -23.99 5.01 20.40
N PRO C 471 -22.98 5.72 19.86
CA PRO C 471 -22.70 7.16 20.05
C PRO C 471 -23.78 8.07 19.45
N ALA C 472 -24.06 9.19 20.13
CA ALA C 472 -25.23 10.01 19.83
C ALA C 472 -24.91 11.24 18.97
N GLN C 473 -25.91 11.69 18.21
CA GLN C 473 -25.75 12.86 17.36
C GLN C 473 -25.53 14.12 18.21
N ALA C 474 -24.55 14.94 17.81
CA ALA C 474 -24.36 16.25 18.41
C ALA C 474 -24.55 17.35 17.37
N ASN C 475 -25.04 18.50 17.80
CA ASN C 475 -25.24 19.62 16.88
C ASN C 475 -25.05 20.98 17.55
N GLN C 476 -25.61 22.03 16.92
CA GLN C 476 -25.48 23.36 17.50
C GLN C 476 -26.09 23.41 18.89
N THR C 477 -27.23 22.74 19.07
CA THR C 477 -27.96 22.83 20.34
C THR C 477 -27.57 21.79 21.40
N VAL C 478 -27.19 20.58 20.98
CA VAL C 478 -26.79 19.57 21.97
C VAL C 478 -25.42 18.97 21.70
N GLY C 479 -24.68 18.73 22.78
CA GLY C 479 -23.41 18.01 22.72
C GLY C 479 -22.26 18.79 22.10
N ARG C 480 -22.40 20.11 22.03
CA ARG C 480 -21.40 20.98 21.42
C ARG C 480 -20.88 20.45 20.10
N GLY C 481 -21.81 19.98 19.26
CA GLY C 481 -21.43 19.50 17.94
C GLY C 481 -20.98 20.63 17.04
N PHE C 482 -20.20 20.30 16.02
CA PHE C 482 -19.86 21.25 14.97
C PHE C 482 -21.14 21.68 14.27
N PHE C 483 -21.16 22.91 13.77
CA PHE C 483 -22.26 23.32 12.89
C PHE C 483 -21.78 24.34 11.87
N THR C 484 -22.30 24.23 10.66
CA THR C 484 -22.01 25.21 9.62
C THR C 484 -22.74 26.51 9.96
N THR C 485 -22.07 27.66 9.75
CA THR C 485 -22.67 28.98 9.98
C THR C 485 -24.09 29.04 9.41
N PRO C 486 -25.10 29.15 10.30
CA PRO C 486 -26.52 29.08 9.93
C PRO C 486 -26.93 30.01 8.77
N GLY C 487 -26.31 31.18 8.67
CA GLY C 487 -26.77 32.14 7.68
C GLY C 487 -26.22 31.99 6.28
N ARG C 488 -25.29 31.05 6.08
CA ARG C 488 -24.65 30.90 4.77
C ARG C 488 -25.67 30.39 3.76
N THR C 489 -25.68 31.02 2.59
CA THR C 489 -26.61 30.68 1.54
C THR C 489 -25.84 30.39 0.25
N ALA C 490 -26.44 29.56 -0.60
CA ALA C 490 -25.98 29.42 -1.97
C ALA C 490 -26.98 30.13 -2.86
N SER C 491 -26.50 30.86 -3.86
CA SER C 491 -27.41 31.53 -4.77
C SER C 491 -26.81 31.70 -6.15
N GLY C 492 -27.55 31.25 -7.16
CA GLY C 492 -27.13 31.45 -8.53
C GLY C 492 -26.98 30.15 -9.26
N VAL C 493 -26.30 30.20 -10.39
CA VAL C 493 -26.18 29.06 -11.28
C VAL C 493 -24.96 28.24 -10.86
N LEU C 494 -25.01 26.93 -11.07
CA LEU C 494 -23.82 26.10 -10.91
C LEU C 494 -22.88 26.52 -12.03
N ASN C 495 -21.63 26.83 -11.67
CA ASN C 495 -20.71 27.41 -12.64
C ASN C 495 -19.29 26.89 -12.45
N ARG C 496 -18.53 26.85 -13.54
CA ARG C 496 -17.10 26.63 -13.45
C ARG C 496 -16.42 27.94 -13.82
N GLU C 497 -16.61 28.92 -12.94
CA GLU C 497 -16.07 30.27 -13.15
C GLU C 497 -15.44 30.79 -11.88
N LEU C 498 -14.79 31.95 -11.99
CA LEU C 498 -14.38 32.72 -10.83
C LEU C 498 -15.04 34.09 -10.92
N SER C 499 -15.37 34.67 -9.78
CA SER C 499 -16.00 35.99 -9.75
C SER C 499 -15.10 37.04 -10.39
N ALA C 500 -15.69 37.99 -11.12
CA ALA C 500 -14.92 39.07 -11.72
C ALA C 500 -14.24 39.93 -10.66
N THR C 501 -14.66 39.78 -9.39
CA THR C 501 -14.04 40.57 -8.32
C THR C 501 -12.61 40.09 -8.08
N PHE C 502 -12.24 38.97 -8.70
CA PHE C 502 -10.92 38.34 -8.52
C PHE C 502 -9.89 38.82 -9.53
N ASP C 503 -10.32 39.65 -10.48
CA ASP C 503 -9.55 39.93 -11.70
C ASP C 503 -8.33 40.85 -11.62
N ASP C 504 -8.16 41.59 -10.51
CA ASP C 504 -7.02 42.51 -10.40
C ASP C 504 -5.83 41.80 -9.78
N HIS C 505 -4.85 41.42 -10.62
CA HIS C 505 -3.68 40.70 -10.15
C HIS C 505 -2.46 41.59 -9.92
N TYR C 506 -2.62 42.90 -10.04
CA TYR C 506 -1.46 43.80 -10.11
C TYR C 506 -1.37 44.85 -9.00
N THR C 507 -2.52 45.32 -8.53
CA THR C 507 -2.55 46.41 -7.53
C THR C 507 -1.84 46.07 -6.21
N GLN C 508 -2.13 44.89 -5.64
CA GLN C 508 -1.47 44.51 -4.39
C GLN C 508 0.02 44.16 -4.51
N PRO C 509 0.44 43.51 -5.59
CA PRO C 509 1.89 43.37 -5.78
C PRO C 509 2.57 44.73 -5.75
N ARG C 510 1.94 45.72 -6.39
CA ARG C 510 2.47 47.08 -6.35
C ARG C 510 2.43 47.65 -4.93
N LEU C 511 1.34 47.40 -4.21
CA LEU C 511 1.23 47.86 -2.84
C LEU C 511 2.36 47.29 -1.99
N PHE C 512 2.59 45.99 -2.16
CA PHE C 512 3.63 45.29 -1.41
C PHE C 512 5.00 45.90 -1.73
N PHE C 513 5.30 46.04 -3.02
CA PHE C 513 6.60 46.56 -3.41
C PHE C 513 6.81 47.98 -2.90
N ASN C 514 5.77 48.80 -2.97
CA ASN C 514 5.81 50.18 -2.44
C ASN C 514 6.16 50.25 -0.95
N SER C 515 5.91 49.16 -0.22
CA SER C 515 5.98 49.20 1.24
C SER C 515 7.25 48.58 1.80
N LEU C 516 8.26 48.43 0.94
CA LEU C 516 9.57 47.92 1.35
C LEU C 516 10.60 49.05 1.34
N THR C 517 11.69 48.91 2.08
CA THR C 517 12.71 49.95 2.07
C THR C 517 13.40 49.95 0.71
N PRO C 518 14.14 51.02 0.37
CA PRO C 518 14.75 51.04 -0.97
C PRO C 518 15.69 49.85 -1.24
N VAL C 519 16.52 49.46 -0.28
CA VAL C 519 17.42 48.33 -0.51
C VAL C 519 16.63 47.02 -0.52
N GLU C 520 15.58 47.00 0.29
CA GLU C 520 14.70 45.85 0.34
C GLU C 520 14.06 45.67 -1.02
N GLN C 521 13.66 46.80 -1.62
CA GLN C 521 13.13 46.77 -2.98
C GLN C 521 14.19 46.25 -3.93
N GLN C 522 15.44 46.65 -3.70
CA GLN C 522 16.52 46.22 -4.60
C GLN C 522 16.74 44.71 -4.51
N PHE C 523 16.57 44.15 -3.32
CA PHE C 523 16.69 42.71 -3.08
C PHE C 523 15.67 41.95 -3.94
N VAL C 524 14.43 42.44 -3.96
CA VAL C 524 13.36 41.84 -4.75
C VAL C 524 13.70 41.88 -6.23
N ILE C 525 14.23 43.02 -6.68
CA ILE C 525 14.57 43.19 -8.08
C ILE C 525 15.75 42.28 -8.43
N ASN C 526 16.73 42.19 -7.52
CA ASN C 526 17.89 41.34 -7.78
C ASN C 526 17.58 39.86 -7.70
N ALA C 527 16.56 39.50 -6.93
CA ALA C 527 16.10 38.12 -6.92
C ALA C 527 15.43 37.79 -8.25
N ILE C 528 14.58 38.70 -8.73
CA ILE C 528 13.96 38.51 -10.04
C ILE C 528 14.99 38.48 -11.18
N ARG C 529 15.94 39.42 -11.15
CA ARG C 529 17.03 39.45 -12.12
C ARG C 529 17.80 38.13 -12.15
N PHE C 530 18.15 37.61 -10.98
CA PHE C 530 18.84 36.34 -10.86
C PHE C 530 18.02 35.21 -11.49
N GLU C 531 16.79 35.05 -11.01
CA GLU C 531 15.94 33.94 -11.45
C GLU C 531 15.60 34.00 -12.93
N ALA C 532 15.06 35.12 -13.38
CA ALA C 532 14.61 35.20 -14.78
C ALA C 532 15.78 35.07 -15.75
N SER C 533 16.99 35.37 -15.29
CA SER C 533 18.15 35.20 -16.17
C SER C 533 18.45 33.73 -16.43
N HIS C 534 17.84 32.83 -15.64
CA HIS C 534 18.02 31.39 -15.90
C HIS C 534 17.08 30.87 -16.97
N VAL C 535 16.10 31.69 -17.34
CA VAL C 535 15.09 31.27 -18.30
C VAL C 535 15.68 31.27 -19.70
N THR C 536 15.64 30.12 -20.37
CA THR C 536 16.27 29.98 -21.67
C THR C 536 15.40 30.57 -22.75
N ASN C 537 14.09 30.46 -22.58
CA ASN C 537 13.16 30.88 -23.63
C ASN C 537 12.94 32.37 -23.66
N GLU C 538 13.26 33.01 -24.79
CA GLU C 538 13.21 34.46 -24.84
C GLU C 538 11.79 35.01 -24.70
N GLN C 539 10.83 34.37 -25.34
CA GLN C 539 9.46 34.84 -25.25
C GLN C 539 8.91 34.75 -23.82
N VAL C 540 9.25 33.68 -23.10
CA VAL C 540 8.85 33.61 -21.69
C VAL C 540 9.44 34.81 -20.94
N LYS C 541 10.70 35.12 -21.19
CA LYS C 541 11.29 36.28 -20.53
C LYS C 541 10.56 37.58 -20.90
N LYS C 542 10.13 37.69 -22.15
CA LYS C 542 9.34 38.84 -22.58
C LYS C 542 7.98 38.89 -21.93
N ASN C 543 7.36 37.72 -21.78
CA ASN C 543 6.07 37.64 -21.13
C ASN C 543 6.15 38.08 -19.69
N VAL C 544 7.23 37.68 -19.01
CA VAL C 544 7.45 38.08 -17.63
C VAL C 544 7.56 39.60 -17.51
N LEU C 545 8.34 40.21 -18.41
N LEU C 545 8.36 40.22 -18.38
CA LEU C 545 8.53 41.66 -18.41
CA LEU C 545 8.51 41.68 -18.35
C LEU C 545 7.21 42.40 -18.61
C LEU C 545 7.19 42.40 -18.60
N GLU C 546 6.38 41.86 -19.50
CA GLU C 546 5.07 42.46 -19.79
C GLU C 546 4.21 42.43 -18.51
N GLN C 547 4.30 41.35 -17.74
CA GLN C 547 3.51 41.27 -16.50
C GLN C 547 4.08 42.17 -15.41
N LEU C 548 5.41 42.19 -15.29
CA LEU C 548 6.04 43.05 -14.29
C LEU C 548 5.70 44.51 -14.58
N ASN C 549 5.61 44.85 -15.86
CA ASN C 549 5.39 46.24 -16.24
C ASN C 549 3.97 46.71 -15.89
N LYS C 550 3.07 45.77 -15.67
CA LYS C 550 1.71 46.11 -15.26
C LYS C 550 1.66 46.47 -13.77
N ILE C 551 2.68 46.04 -13.05
CA ILE C 551 2.79 46.32 -11.62
C ILE C 551 3.59 47.61 -11.40
N SER C 552 4.71 47.72 -12.09
CA SER C 552 5.57 48.89 -11.98
C SER C 552 6.48 48.99 -13.20
N ASN C 553 6.45 50.14 -13.86
CA ASN C 553 7.31 50.34 -15.01
C ASN C 553 8.77 50.34 -14.58
N ASP C 554 9.05 50.94 -13.42
CA ASP C 554 10.42 51.01 -12.90
C ASP C 554 10.96 49.61 -12.65
N VAL C 555 10.16 48.77 -11.98
CA VAL C 555 10.55 47.38 -11.71
C VAL C 555 10.83 46.65 -13.02
N ALA C 556 9.96 46.85 -14.00
CA ALA C 556 10.14 46.20 -15.29
C ALA C 556 11.45 46.65 -15.96
N LYS C 557 11.70 47.96 -15.96
CA LYS C 557 12.93 48.47 -16.55
C LYS C 557 14.16 47.90 -15.86
N ARG C 558 14.16 47.92 -14.53
CA ARG C 558 15.33 47.45 -13.80
C ARG C 558 15.59 45.97 -14.01
N VAL C 559 14.53 45.15 -14.04
CA VAL C 559 14.70 43.73 -14.36
C VAL C 559 15.16 43.57 -15.81
N ALA C 560 14.54 44.31 -16.71
CA ALA C 560 14.86 44.21 -18.14
C ALA C 560 16.35 44.43 -18.44
N VAL C 561 17.00 45.27 -17.62
CA VAL C 561 18.44 45.51 -17.77
C VAL C 561 19.23 44.22 -17.72
N ALA C 562 18.94 43.38 -16.74
CA ALA C 562 19.70 42.16 -16.54
C ALA C 562 19.45 41.15 -17.65
N LEU C 563 18.27 41.20 -18.24
CA LEU C 563 17.89 40.24 -19.26
C LEU C 563 18.28 40.76 -20.63
N GLY C 564 18.79 41.99 -20.68
CA GLY C 564 19.21 42.59 -21.93
C GLY C 564 18.04 42.85 -22.86
N LEU C 565 16.87 43.07 -22.27
CA LEU C 565 15.68 43.33 -23.07
C LEU C 565 15.29 44.79 -22.94
N GLU C 566 14.52 45.29 -23.92
CA GLU C 566 14.16 46.71 -23.88
C GLU C 566 13.25 47.05 -22.71
N ALA C 567 13.62 48.13 -22.02
CA ALA C 567 12.77 48.84 -21.09
C ALA C 567 11.43 49.16 -21.78
N PRO C 568 10.35 48.48 -21.35
CA PRO C 568 9.04 48.63 -22.00
C PRO C 568 8.31 49.95 -21.63
N GLN C 569 7.30 50.29 -22.44
CA GLN C 569 6.51 51.51 -22.25
C GLN C 569 5.53 51.37 -21.10
N PRO C 570 5.43 52.41 -20.26
CA PRO C 570 4.54 52.32 -19.09
C PRO C 570 3.10 51.99 -19.43
N ASP C 571 2.48 51.17 -18.60
N ASP C 571 2.48 51.16 -18.60
CA ASP C 571 1.04 50.95 -18.64
CA ASP C 571 1.03 50.95 -18.65
C ASP C 571 0.49 51.31 -17.28
C ASP C 571 0.50 51.32 -17.28
N PRO C 572 -0.06 52.52 -17.16
CA PRO C 572 -0.41 53.05 -15.84
C PRO C 572 -1.69 52.48 -15.22
N THR C 573 -2.37 51.57 -15.91
CA THR C 573 -3.68 51.10 -15.46
C THR C 573 -3.74 50.79 -13.96
N TYR C 574 -2.73 50.10 -13.44
CA TYR C 574 -2.74 49.68 -12.02
C TYR C 574 -1.71 50.39 -11.14
N TYR C 575 -0.90 51.27 -11.71
CA TYR C 575 0.13 51.94 -10.90
C TYR C 575 -0.53 52.75 -9.80
N HIS C 576 0.13 52.79 -8.64
CA HIS C 576 -0.31 53.61 -7.52
C HIS C 576 0.85 53.74 -6.52
N ASN C 577 0.76 54.71 -5.62
CA ASN C 577 1.83 55.02 -4.70
C ASN C 577 1.52 54.65 -3.25
N ASN C 578 0.44 53.88 -3.06
CA ASN C 578 0.00 53.56 -1.71
C ASN C 578 0.96 52.61 -0.99
N VAL C 579 1.08 52.78 0.33
CA VAL C 579 1.92 51.91 1.14
C VAL C 579 1.07 51.29 2.27
N THR C 580 1.57 50.20 2.86
CA THR C 580 0.86 49.59 4.00
C THR C 580 1.90 49.12 5.00
N ARG C 581 1.53 49.11 6.28
N ARG C 581 1.50 49.08 6.27
CA ARG C 581 2.48 48.76 7.33
CA ARG C 581 2.40 48.72 7.36
C ARG C 581 2.57 47.26 7.53
C ARG C 581 2.58 47.21 7.48
N GLY C 582 3.72 46.81 8.04
CA GLY C 582 3.90 45.44 8.47
C GLY C 582 4.39 44.39 7.48
N VAL C 583 4.71 44.79 6.25
CA VAL C 583 5.16 43.80 5.27
C VAL C 583 6.68 43.81 5.08
N SER C 584 7.35 44.81 5.64
CA SER C 584 8.79 44.92 5.53
C SER C 584 9.49 44.11 6.61
N ILE C 585 10.64 43.55 6.26
CA ILE C 585 11.48 42.85 7.23
C ILE C 585 12.61 43.75 7.72
N PHE C 586 13.29 44.40 6.77
CA PHE C 586 14.50 45.18 7.12
C PHE C 586 14.22 46.55 7.76
N ASN C 587 12.97 47.01 7.70
CA ASN C 587 12.58 48.31 8.24
C ASN C 587 12.55 48.35 9.77
N GLU C 588 12.59 47.18 10.40
CA GLU C 588 12.45 47.08 11.85
C GLU C 588 13.65 46.37 12.48
N SER C 589 14.14 46.91 13.58
N SER C 589 14.14 46.93 13.59
CA SER C 589 15.22 46.25 14.31
CA SER C 589 15.21 46.27 14.33
C SER C 589 14.64 45.11 15.15
C SER C 589 14.63 45.10 15.11
N LEU C 590 15.47 44.12 15.44
CA LEU C 590 15.04 42.96 16.22
C LEU C 590 14.74 43.35 17.66
N PRO C 591 13.73 42.70 18.26
CA PRO C 591 13.33 42.97 19.64
C PRO C 591 14.30 42.35 20.66
N THR C 592 15.06 41.36 20.23
CA THR C 592 16.01 40.68 21.12
C THR C 592 17.14 40.12 20.28
N ILE C 593 18.32 39.94 20.88
CA ILE C 593 19.43 39.33 20.16
C ILE C 593 19.79 37.99 20.78
N ALA C 594 18.96 37.56 21.72
CA ALA C 594 19.09 36.26 22.36
C ALA C 594 19.10 35.15 21.30
N THR C 595 20.06 34.27 21.44
CA THR C 595 20.37 33.13 20.58
C THR C 595 21.30 33.43 19.35
N LEU C 596 21.18 34.62 18.77
N LEU C 596 21.28 34.67 18.86
CA LEU C 596 22.06 35.03 17.68
CA LEU C 596 22.12 35.06 17.73
C LEU C 596 23.49 34.56 17.91
C LEU C 596 23.56 34.59 17.93
N ARG C 597 24.08 33.95 16.89
N ARG C 597 24.09 33.91 16.92
CA ARG C 597 25.44 33.44 16.99
CA ARG C 597 25.46 33.41 16.98
C ARG C 597 26.44 34.51 16.58
C ARG C 597 26.46 34.48 16.57
N VAL C 598 27.64 34.46 17.19
CA VAL C 598 28.85 35.23 16.96
C VAL C 598 30.06 34.31 16.81
N GLY C 599 30.72 34.40 15.65
CA GLY C 599 31.90 33.59 15.39
C GLY C 599 33.11 34.44 15.71
N VAL C 600 33.93 33.96 16.65
CA VAL C 600 35.12 34.68 17.07
C VAL C 600 36.34 34.04 16.42
N LEU C 601 36.97 34.77 15.50
CA LEU C 601 38.14 34.25 14.80
C LEU C 601 39.37 34.43 15.66
N SER C 602 39.98 33.33 16.06
CA SER C 602 41.16 33.41 16.89
C SER C 602 42.30 32.59 16.28
N THR C 603 43.29 32.27 17.11
CA THR C 603 44.45 31.50 16.67
C THR C 603 45.14 30.87 17.87
N THR C 604 45.77 29.70 17.67
CA THR C 604 46.39 28.98 18.79
C THR C 604 47.74 29.58 19.16
N LYS C 605 48.24 30.49 18.32
CA LYS C 605 49.52 31.13 18.61
C LYS C 605 49.37 32.42 19.42
N GLY C 606 50.18 32.58 20.46
CA GLY C 606 50.13 33.79 21.27
C GLY C 606 49.02 33.78 22.30
N GLY C 607 48.58 34.97 22.70
CA GLY C 607 47.57 35.08 23.74
C GLY C 607 46.16 35.29 23.25
N SER C 608 45.94 35.08 21.95
CA SER C 608 44.62 35.35 21.36
C SER C 608 43.51 34.52 22.00
N LEU C 609 43.77 33.23 22.23
CA LEU C 609 42.73 32.34 22.74
C LEU C 609 42.24 32.72 24.15
N ASP C 610 43.15 33.15 25.01
CA ASP C 610 42.72 33.63 26.32
C ASP C 610 41.80 34.84 26.19
N LYS C 611 42.09 35.69 25.21
CA LYS C 611 41.28 36.87 24.95
C LYS C 611 39.97 36.50 24.28
N ALA C 612 40.02 35.51 23.39
CA ALA C 612 38.80 35.02 22.72
C ALA C 612 37.85 34.46 23.78
N LYS C 613 38.42 33.82 24.80
CA LYS C 613 37.65 33.23 25.89
C LYS C 613 36.88 34.26 26.71
N ALA C 614 37.56 35.36 27.06
CA ALA C 614 36.91 36.42 27.82
C ALA C 614 35.81 37.08 26.99
N LEU C 615 36.11 37.31 25.72
CA LEU C 615 35.14 37.86 24.78
C LEU C 615 33.90 36.97 24.71
N LYS C 616 34.12 35.66 24.57
CA LYS C 616 33.04 34.68 24.57
C LYS C 616 32.22 34.68 25.86
N GLU C 617 32.90 34.69 27.00
CA GLU C 617 32.20 34.64 28.29
C GLU C 617 31.27 35.83 28.47
N GLN C 618 31.72 37.01 28.04
CA GLN C 618 30.87 38.19 28.13
C GLN C 618 29.67 38.15 27.17
N LEU C 619 29.91 37.75 25.92
CA LEU C 619 28.85 37.72 24.92
C LEU C 619 27.75 36.72 25.30
N GLU C 620 28.14 35.59 25.88
CA GLU C 620 27.17 34.57 26.28
C GLU C 620 26.39 34.98 27.51
N LYS C 621 26.99 35.85 28.33
CA LYS C 621 26.32 36.42 29.49
C LYS C 621 25.19 37.29 28.97
N ASP C 622 25.43 37.90 27.81
CA ASP C 622 24.44 38.77 27.17
C ASP C 622 23.45 38.01 26.29
N GLY C 623 23.47 36.68 26.38
CA GLY C 623 22.47 35.85 25.73
C GLY C 623 22.79 35.33 24.34
N LEU C 624 23.99 35.64 23.84
CA LEU C 624 24.38 35.20 22.51
C LEU C 624 25.03 33.82 22.54
N LYS C 625 25.06 33.19 21.37
CA LYS C 625 25.70 31.91 21.20
C LYS C 625 27.04 32.10 20.48
N VAL C 626 28.13 31.74 21.15
CA VAL C 626 29.46 32.07 20.65
C VAL C 626 30.26 30.84 20.22
N THR C 627 30.87 30.95 19.04
CA THR C 627 31.80 29.94 18.54
C THR C 627 33.18 30.53 18.37
N VAL C 628 34.12 30.11 19.22
CA VAL C 628 35.52 30.48 19.06
C VAL C 628 36.17 29.59 18.00
N ILE C 629 36.78 30.21 16.98
CA ILE C 629 37.35 29.46 15.87
C ILE C 629 38.87 29.58 15.82
N ALA C 630 39.57 28.47 15.64
CA ALA C 630 41.04 28.49 15.53
C ALA C 630 41.54 27.42 14.56
N GLU C 631 42.85 27.33 14.39
CA GLU C 631 43.42 26.39 13.43
C GLU C 631 43.10 24.94 13.82
N TYR C 632 43.12 24.66 15.12
CA TYR C 632 42.78 23.32 15.61
C TYR C 632 42.01 23.41 16.93
N LEU C 633 41.54 22.26 17.40
CA LEU C 633 40.64 22.23 18.55
C LEU C 633 41.44 22.28 19.86
N ALA C 634 42.14 23.39 20.08
CA ALA C 634 42.84 23.61 21.34
C ALA C 634 41.80 23.84 22.43
N SER C 635 42.23 23.86 23.68
CA SER C 635 41.31 24.16 24.79
C SER C 635 40.66 25.51 24.56
N GLY C 636 39.33 25.56 24.65
CA GLY C 636 38.60 26.80 24.45
C GLY C 636 38.06 26.98 23.04
N VAL C 637 38.49 26.12 22.11
CA VAL C 637 38.12 26.29 20.70
C VAL C 637 36.89 25.44 20.34
N ASP C 638 35.88 26.07 19.73
CA ASP C 638 34.65 25.35 19.44
C ASP C 638 34.62 24.75 18.05
N GLN C 639 35.38 25.34 17.14
CA GLN C 639 35.34 24.90 15.75
C GLN C 639 36.66 25.26 15.08
N THR C 640 37.08 24.45 14.12
CA THR C 640 38.29 24.76 13.38
C THR C 640 37.96 25.64 12.18
N TYR C 641 38.98 26.30 11.64
CA TYR C 641 38.77 27.10 10.44
C TYR C 641 38.29 26.25 9.26
N SER C 642 38.76 25.01 9.19
CA SER C 642 38.35 24.11 8.11
C SER C 642 36.83 23.87 8.11
N ALA C 643 36.27 23.72 9.31
CA ALA C 643 34.86 23.43 9.49
C ALA C 643 33.99 24.68 9.50
N ALA C 644 34.63 25.84 9.48
CA ALA C 644 33.94 27.11 9.70
C ALA C 644 33.52 27.82 8.43
N ASP C 645 32.44 28.58 8.54
CA ASP C 645 32.01 29.44 7.43
C ASP C 645 31.20 30.60 7.97
N ALA C 646 31.25 31.74 7.28
CA ALA C 646 30.53 32.92 7.76
C ALA C 646 29.02 32.69 7.84
N THR C 647 28.50 31.77 7.03
CA THR C 647 27.05 31.56 6.94
C THR C 647 26.47 31.08 8.27
N ALA C 648 27.34 30.52 9.11
CA ALA C 648 26.89 29.96 10.38
C ALA C 648 26.59 31.01 11.43
N PHE C 649 27.08 32.24 11.20
CA PHE C 649 27.05 33.28 12.23
C PHE C 649 26.29 34.54 11.83
N ASP C 650 25.85 35.28 12.84
CA ASP C 650 25.14 36.54 12.66
C ASP C 650 26.09 37.73 12.80
N ALA C 651 27.23 37.48 13.44
CA ALA C 651 28.30 38.47 13.54
C ALA C 651 29.63 37.76 13.60
N VAL C 652 30.67 38.45 13.13
CA VAL C 652 32.02 37.90 13.10
C VAL C 652 32.97 38.91 13.74
N VAL C 653 33.67 38.51 14.79
CA VAL C 653 34.69 39.36 15.38
C VAL C 653 36.06 38.68 15.48
N VAL C 654 37.09 39.40 15.07
CA VAL C 654 38.45 38.88 15.11
C VAL C 654 39.03 39.18 16.47
N ALA C 655 39.50 38.14 17.16
CA ALA C 655 40.10 38.30 18.47
C ALA C 655 41.50 38.91 18.32
N GLU C 656 41.93 39.67 19.31
CA GLU C 656 43.23 40.34 19.23
C GLU C 656 44.32 39.29 19.03
N GLY C 657 45.24 39.56 18.10
CA GLY C 657 46.32 38.63 17.81
C GLY C 657 46.06 37.79 16.57
N ALA C 658 44.79 37.54 16.28
CA ALA C 658 44.42 36.65 15.18
C ALA C 658 44.60 37.29 13.80
N GLU C 659 44.99 38.56 13.76
CA GLU C 659 45.38 39.17 12.49
C GLU C 659 46.50 38.37 11.83
N ARG C 660 47.23 37.61 12.64
CA ARG C 660 48.30 36.76 12.13
C ARG C 660 47.84 35.68 11.15
N VAL C 661 46.54 35.38 11.07
CA VAL C 661 46.08 34.38 10.11
C VAL C 661 45.45 34.99 8.87
N PHE C 662 45.55 36.32 8.77
CA PHE C 662 45.01 37.04 7.61
C PHE C 662 46.09 37.41 6.60
N SER C 663 47.35 37.19 6.98
CA SER C 663 48.45 37.38 6.05
C SER C 663 49.69 36.65 6.56
N GLY C 664 50.65 36.47 5.66
CA GLY C 664 51.93 35.87 6.02
C GLY C 664 51.86 34.39 6.32
N LYS C 665 52.83 33.94 7.11
CA LYS C 665 52.99 32.55 7.50
C LYS C 665 51.72 31.95 8.08
N GLY C 666 51.07 32.69 8.98
CA GLY C 666 49.87 32.20 9.66
C GLY C 666 48.69 31.93 8.73
N ALA C 667 48.63 32.65 7.63
CA ALA C 667 47.53 32.49 6.69
C ALA C 667 47.71 31.26 5.83
N MET C 668 48.90 30.65 5.94
CA MET C 668 49.26 29.55 5.07
C MET C 668 49.52 28.29 5.88
N SER C 669 48.44 27.57 6.18
CA SER C 669 48.50 26.38 7.02
C SER C 669 47.79 25.24 6.32
N PRO C 670 48.37 24.04 6.42
CA PRO C 670 47.75 22.83 5.86
C PRO C 670 46.48 22.46 6.64
N LEU C 671 46.24 23.14 7.76
CA LEU C 671 45.08 22.87 8.60
C LEU C 671 43.74 23.42 8.09
N PHE C 672 43.79 24.36 7.13
CA PHE C 672 42.56 24.92 6.57
C PHE C 672 42.79 25.39 5.15
N PRO C 673 41.71 25.52 4.35
CA PRO C 673 41.87 25.97 2.96
C PRO C 673 42.46 27.37 2.85
N ALA C 674 43.27 27.60 1.84
CA ALA C 674 43.91 28.90 1.65
C ALA C 674 42.90 30.04 1.70
N GLY C 675 43.18 31.05 2.52
CA GLY C 675 42.33 32.24 2.58
C GLY C 675 41.11 32.13 3.48
N ARG C 676 40.93 30.98 4.11
CA ARG C 676 39.72 30.73 4.89
C ARG C 676 39.38 31.82 5.93
N PRO C 677 40.35 32.21 6.79
CA PRO C 677 39.96 33.27 7.75
C PRO C 677 39.60 34.59 7.07
N SER C 678 40.31 34.96 6.01
CA SER C 678 39.97 36.17 5.26
C SER C 678 38.62 36.04 4.57
N GLN C 679 38.34 34.85 4.05
CA GLN C 679 37.08 34.65 3.33
C GLN C 679 35.90 34.76 4.29
N ILE C 680 36.08 34.25 5.51
CA ILE C 680 35.03 34.33 6.52
C ILE C 680 34.71 35.79 6.87
N LEU C 681 35.76 36.60 7.09
CA LEU C 681 35.57 38.02 7.39
C LEU C 681 34.98 38.73 6.17
N THR C 682 35.48 38.39 4.99
CA THR C 682 35.00 39.01 3.75
C THR C 682 33.51 38.72 3.51
N ASP C 683 33.11 37.45 3.61
CA ASP C 683 31.73 37.06 3.43
C ASP C 683 30.85 37.75 4.46
N GLY C 684 31.30 37.68 5.72
CA GLY C 684 30.60 38.33 6.81
C GLY C 684 30.31 39.80 6.52
N TYR C 685 31.32 40.54 6.07
CA TYR C 685 31.12 41.94 5.74
C TYR C 685 30.16 42.07 4.54
N ARG C 686 30.43 41.32 3.48
CA ARG C 686 29.70 41.51 2.22
C ARG C 686 28.24 41.12 2.33
N TRP C 687 27.93 40.26 3.30
CA TRP C 687 26.57 39.81 3.55
C TRP C 687 25.86 40.69 4.58
N GLY C 688 26.47 41.83 4.91
CA GLY C 688 25.84 42.85 5.73
C GLY C 688 25.83 42.61 7.23
N LYS C 689 26.63 41.67 7.70
CA LYS C 689 26.67 41.36 9.13
C LYS C 689 27.48 42.40 9.92
N PRO C 690 27.16 42.54 11.22
CA PRO C 690 28.10 43.25 12.09
C PRO C 690 29.45 42.53 12.04
N VAL C 691 30.52 43.27 11.77
CA VAL C 691 31.86 42.70 11.83
C VAL C 691 32.72 43.58 12.73
N ALA C 692 33.73 42.98 13.36
CA ALA C 692 34.52 43.70 14.33
C ALA C 692 35.89 43.08 14.54
N ALA C 693 36.78 43.85 15.15
CA ALA C 693 38.08 43.33 15.53
C ALA C 693 38.55 44.06 16.78
N VAL C 694 39.11 43.30 17.72
CA VAL C 694 39.60 43.87 18.97
C VAL C 694 41.07 44.24 18.84
N GLY C 695 41.41 45.48 19.21
CA GLY C 695 42.79 45.91 19.27
C GLY C 695 43.57 45.77 17.98
N SER C 696 44.72 45.11 18.06
CA SER C 696 45.63 44.96 16.92
C SER C 696 44.98 44.20 15.77
N ALA C 697 43.92 43.44 16.08
CA ALA C 697 43.20 42.69 15.05
C ALA C 697 42.58 43.59 13.97
N LYS C 698 42.51 44.90 14.23
CA LYS C 698 42.09 45.87 13.22
C LYS C 698 42.82 45.66 11.90
N LYS C 699 44.04 45.13 11.97
CA LYS C 699 44.81 44.85 10.77
C LYS C 699 44.06 43.86 9.86
N ALA C 700 43.32 42.94 10.47
CA ALA C 700 42.49 41.99 9.72
C ALA C 700 41.45 42.74 8.89
N LEU C 701 40.81 43.73 9.49
CA LEU C 701 39.87 44.56 8.75
C LEU C 701 40.55 45.30 7.61
N GLN C 702 41.73 45.86 7.90
CA GLN C 702 42.47 46.62 6.91
C GLN C 702 42.88 45.70 5.75
N SER C 703 43.22 44.46 6.06
CA SER C 703 43.64 43.51 5.03
C SER C 703 42.55 43.24 3.99
N ILE C 704 41.28 43.48 4.32
CA ILE C 704 40.21 43.31 3.34
C ILE C 704 39.56 44.63 2.88
N GLY C 705 40.18 45.76 3.19
CA GLY C 705 39.70 47.05 2.70
C GLY C 705 38.44 47.56 3.38
N VAL C 706 38.20 47.07 4.59
CA VAL C 706 37.03 47.46 5.37
C VAL C 706 37.44 48.48 6.42
N GLU C 707 36.74 49.61 6.47
CA GLU C 707 37.16 50.72 7.34
C GLU C 707 36.31 50.86 8.61
N GLU C 708 36.96 51.22 9.71
CA GLU C 708 36.31 51.29 11.01
C GLU C 708 35.15 52.30 11.05
N LYS C 709 35.19 53.29 10.17
CA LYS C 709 34.16 54.33 10.16
C LYS C 709 32.81 53.82 9.63
N GLU C 710 32.83 52.71 8.89
CA GLU C 710 31.61 52.16 8.32
C GLU C 710 30.59 51.74 9.37
N ALA C 711 29.32 51.85 9.03
CA ALA C 711 28.25 51.34 9.87
C ALA C 711 28.35 49.82 9.98
N GLY C 712 28.15 49.30 11.19
CA GLY C 712 28.21 47.86 11.42
C GLY C 712 29.63 47.33 11.39
N VAL C 713 30.60 48.23 11.45
CA VAL C 713 32.00 47.83 11.63
C VAL C 713 32.52 48.40 12.95
N TYR C 714 33.13 47.55 13.76
CA TYR C 714 33.52 47.97 15.11
C TYR C 714 34.97 47.61 15.41
N ALA C 715 35.73 48.55 15.94
CA ALA C 715 37.10 48.26 16.37
C ALA C 715 37.42 49.03 17.64
N GLY C 716 38.39 48.55 18.41
CA GLY C 716 38.72 49.17 19.67
C GLY C 716 38.90 48.11 20.74
N ALA C 717 38.75 48.52 21.99
CA ALA C 717 38.93 47.58 23.09
C ALA C 717 37.75 46.62 23.14
N GLN C 718 37.91 45.55 23.90
CA GLN C 718 36.87 44.52 24.03
C GLN C 718 35.50 45.09 24.39
N ASP C 719 35.48 46.00 25.36
CA ASP C 719 34.23 46.61 25.79
C ASP C 719 33.51 47.35 24.66
N GLU C 720 34.26 48.15 23.91
CA GLU C 720 33.69 48.90 22.79
C GLU C 720 33.12 47.94 21.72
N VAL C 721 33.88 46.90 21.40
CA VAL C 721 33.49 45.94 20.37
C VAL C 721 32.20 45.19 20.75
N ILE C 722 32.15 44.70 21.98
CA ILE C 722 30.97 43.99 22.45
C ILE C 722 29.72 44.85 22.35
N LYS C 723 29.76 46.05 22.94
CA LYS C 723 28.64 46.98 22.84
C LYS C 723 28.23 47.19 21.40
N GLY C 724 29.22 47.44 20.53
CA GLY C 724 28.94 47.71 19.14
C GLY C 724 28.27 46.53 18.44
N VAL C 725 28.84 45.35 18.64
CA VAL C 725 28.33 44.15 17.98
C VAL C 725 26.87 43.91 18.39
N GLU C 726 26.61 43.98 19.69
CA GLU C 726 25.25 43.79 20.20
C GLU C 726 24.24 44.83 19.70
N GLU C 727 24.68 46.07 19.51
CA GLU C 727 23.79 47.08 18.94
C GLU C 727 23.55 46.78 17.46
N GLY C 728 24.61 46.32 16.79
CA GLY C 728 24.54 45.98 15.38
C GLY C 728 23.68 44.75 15.11
N LEU C 729 23.68 43.81 16.06
CA LEU C 729 22.87 42.60 15.89
C LEU C 729 21.39 42.93 15.86
N LYS C 730 21.01 44.06 16.46
CA LYS C 730 19.62 44.47 16.43
C LYS C 730 19.21 45.01 15.08
N VAL C 731 20.12 45.74 14.44
CA VAL C 731 19.92 46.18 13.07
C VAL C 731 19.94 44.96 12.17
N PHE C 732 20.78 44.00 12.57
CA PHE C 732 20.93 42.69 11.94
C PHE C 732 21.64 42.67 10.57
N LYS C 733 21.11 43.38 9.58
CA LYS C 733 21.79 43.52 8.30
C LYS C 733 22.07 44.99 8.05
N PHE C 734 23.29 45.30 7.62
CA PHE C 734 23.64 46.68 7.32
C PHE C 734 23.53 46.93 5.82
N LEU C 735 22.43 47.58 5.45
CA LEU C 735 22.05 47.67 4.05
C LEU C 735 22.80 48.72 3.25
N GLU C 736 23.68 49.49 3.91
CA GLU C 736 24.54 50.45 3.20
C GLU C 736 25.49 49.74 2.24
N ARG C 737 25.70 48.44 2.46
CA ARG C 737 26.71 47.71 1.69
C ARG C 737 26.18 47.13 0.40
N PHE C 738 24.97 47.54 0.03
CA PHE C 738 24.34 46.97 -1.16
C PHE C 738 23.98 48.07 -2.15
N ALA C 739 24.58 47.99 -3.33
CA ALA C 739 24.36 48.98 -4.40
C ALA C 739 22.91 48.94 -4.87
N VAL C 740 22.36 50.12 -5.15
CA VAL C 740 21.00 50.25 -5.64
C VAL C 740 21.01 50.83 -7.05
N ASP C 741 20.08 50.43 -7.90
CA ASP C 741 20.03 50.93 -9.27
C ASP C 741 19.96 52.44 -9.26
N GLY C 742 20.80 53.09 -10.06
CA GLY C 742 20.78 54.54 -10.15
C GLY C 742 21.40 55.24 -8.96
N ASP C 743 22.24 54.53 -8.20
CA ASP C 743 23.04 55.21 -7.18
C ASP C 743 24.48 55.39 -7.66
N ASP D 65 -15.16 -9.00 -31.95
CA ASP D 65 -14.75 -9.40 -30.59
C ASP D 65 -14.64 -8.18 -29.68
N ALA D 66 -15.47 -8.15 -28.64
CA ALA D 66 -15.46 -7.05 -27.68
C ALA D 66 -14.14 -6.96 -26.91
N ARG D 67 -13.43 -8.09 -26.79
CA ARG D 67 -12.15 -8.13 -26.08
C ARG D 67 -10.94 -7.79 -26.95
N GLN D 68 -11.18 -7.38 -28.20
CA GLN D 68 -10.12 -7.16 -29.16
C GLN D 68 -8.94 -6.34 -28.64
N ARG D 69 -9.25 -5.21 -27.99
CA ARG D 69 -8.23 -4.29 -27.49
C ARG D 69 -7.36 -4.91 -26.39
N LEU D 70 -7.85 -5.97 -25.76
CA LEU D 70 -7.10 -6.64 -24.69
C LEU D 70 -6.08 -7.64 -25.23
N LYS D 71 -6.13 -7.93 -26.53
CA LYS D 71 -5.26 -8.95 -27.10
C LYS D 71 -3.78 -8.62 -26.95
N GLU D 72 -3.43 -7.33 -27.02
CA GLU D 72 -2.03 -6.94 -26.92
C GLU D 72 -1.42 -7.15 -25.53
N VAL D 73 -2.25 -7.47 -24.53
CA VAL D 73 -1.72 -7.76 -23.20
C VAL D 73 -1.86 -9.23 -22.83
N GLU D 74 -2.34 -10.03 -23.80
CA GLU D 74 -2.45 -11.47 -23.57
C GLU D 74 -1.11 -12.19 -23.70
N VAL D 75 -0.86 -13.12 -22.79
CA VAL D 75 0.44 -13.79 -22.72
C VAL D 75 0.26 -15.29 -22.88
N ASP D 76 0.90 -15.85 -23.90
CA ASP D 76 0.76 -17.27 -24.19
C ASP D 76 2.04 -17.99 -23.76
N ASP D 77 1.89 -18.99 -22.88
CA ASP D 77 3.03 -19.71 -22.32
C ASP D 77 3.21 -21.13 -22.90
N ASN D 78 2.34 -21.49 -23.84
CA ASN D 78 2.44 -22.80 -24.50
C ASN D 78 3.74 -22.88 -25.29
N GLY D 79 4.42 -24.02 -25.19
CA GLY D 79 5.65 -24.22 -25.95
C GLY D 79 6.84 -23.40 -25.45
N GLN D 80 6.75 -22.89 -24.21
CA GLN D 80 7.84 -22.06 -23.69
C GLN D 80 8.50 -22.73 -22.49
N PHE D 81 9.76 -22.37 -22.23
CA PHE D 81 10.40 -22.71 -20.95
C PHE D 81 9.98 -21.74 -19.86
N MET D 82 9.91 -22.26 -18.63
CA MET D 82 9.70 -21.49 -17.41
C MET D 82 10.74 -20.38 -17.28
N THR D 83 10.32 -19.20 -16.78
CA THR D 83 11.25 -18.09 -16.53
C THR D 83 10.97 -17.40 -15.19
N THR D 84 11.93 -16.61 -14.71
CA THR D 84 11.66 -15.67 -13.63
C THR D 84 10.83 -14.53 -14.20
N ASP D 85 10.46 -13.59 -13.33
CA ASP D 85 9.70 -12.41 -13.76
C ASP D 85 10.57 -11.34 -14.42
N PHE D 86 11.88 -11.53 -14.37
CA PHE D 86 12.82 -10.63 -15.05
C PHE D 86 13.53 -11.34 -16.21
N GLY D 87 12.93 -12.42 -16.67
CA GLY D 87 13.49 -13.15 -17.77
C GLY D 87 14.57 -14.13 -17.32
N GLY D 88 14.97 -14.99 -18.24
CA GLY D 88 15.91 -16.04 -17.91
C GLY D 88 15.18 -17.35 -17.67
N ASN D 89 15.50 -18.37 -18.46
CA ASN D 89 14.87 -19.69 -18.30
C ASN D 89 15.35 -20.35 -17.00
N ILE D 90 14.46 -21.09 -16.35
CA ILE D 90 14.74 -21.69 -15.05
C ILE D 90 14.00 -23.01 -14.83
N GLU D 91 14.38 -23.72 -13.78
CA GLU D 91 13.56 -24.79 -13.22
C GLU D 91 13.14 -24.28 -11.86
N GLU D 92 11.95 -24.66 -11.40
CA GLU D 92 11.47 -24.13 -10.12
C GLU D 92 10.63 -25.15 -9.36
N GLN D 93 11.12 -26.39 -9.30
CA GLN D 93 10.41 -27.45 -8.59
C GLN D 93 11.23 -27.99 -7.42
N PHE D 94 12.45 -27.46 -7.25
CA PHE D 94 13.34 -27.84 -6.14
C PHE D 94 14.00 -26.63 -5.51
N SER D 95 13.92 -26.51 -4.18
CA SER D 95 14.64 -25.46 -3.47
C SER D 95 16.15 -25.78 -3.53
N LEU D 96 16.98 -24.74 -3.63
CA LEU D 96 18.43 -24.93 -3.55
C LEU D 96 18.83 -25.17 -2.10
N LYS D 97 19.60 -26.23 -1.87
CA LYS D 97 19.90 -26.69 -0.51
C LYS D 97 21.39 -26.92 -0.29
N ALA D 98 21.82 -26.77 0.96
CA ALA D 98 23.20 -27.03 1.36
C ALA D 98 23.41 -28.49 1.77
N GLY D 99 23.70 -29.36 0.79
CA GLY D 99 23.80 -30.80 1.05
C GLY D 99 22.50 -31.53 0.78
N GLY D 100 22.58 -32.86 0.63
CA GLY D 100 21.45 -33.65 0.17
C GLY D 100 20.18 -33.53 1.01
N ARG D 101 20.35 -33.48 2.32
CA ARG D 101 19.24 -33.30 3.25
C ARG D 101 19.45 -32.00 4.01
N GLY D 102 19.91 -30.97 3.30
CA GLY D 102 20.29 -29.71 3.94
C GLY D 102 19.26 -28.60 3.92
N SER D 103 19.55 -27.52 4.64
CA SER D 103 18.70 -26.34 4.69
C SER D 103 18.66 -25.57 3.36
N THR D 104 17.55 -24.87 3.14
CA THR D 104 17.39 -24.08 1.94
C THR D 104 18.25 -22.81 2.02
N LEU D 105 18.88 -22.45 0.90
CA LEU D 105 19.76 -21.29 0.90
C LEU D 105 19.01 -19.99 0.58
N LEU D 106 19.40 -18.93 1.27
CA LEU D 106 18.89 -17.60 1.00
C LEU D 106 19.20 -17.16 -0.44
N GLU D 107 20.28 -17.68 -1.03
CA GLU D 107 20.67 -17.29 -2.37
C GLU D 107 19.85 -17.96 -3.46
N ASP D 108 18.88 -18.77 -3.07
CA ASP D 108 17.92 -19.31 -4.03
C ASP D 108 17.00 -18.18 -4.47
N PHE D 109 17.44 -17.41 -5.46
CA PHE D 109 16.65 -16.28 -5.96
C PHE D 109 15.40 -16.76 -6.64
N ILE D 110 15.44 -17.99 -7.15
CA ILE D 110 14.31 -18.57 -7.89
C ILE D 110 13.16 -18.86 -6.94
N PHE D 111 13.47 -19.46 -5.79
CA PHE D 111 12.45 -19.72 -4.78
C PHE D 111 11.80 -18.42 -4.31
N ARG D 112 12.62 -17.44 -3.98
CA ARG D 112 12.06 -16.22 -3.42
C ARG D 112 11.20 -15.45 -4.41
N GLN D 113 11.62 -15.33 -5.67
CA GLN D 113 10.80 -14.58 -6.64
C GLN D 113 9.49 -15.28 -6.97
N LYS D 114 9.47 -16.61 -6.87
CA LYS D 114 8.24 -17.34 -7.14
C LYS D 114 7.29 -17.25 -5.96
N LEU D 115 7.80 -17.48 -4.75
CA LEU D 115 6.94 -17.42 -3.56
C LEU D 115 6.54 -15.99 -3.20
N GLN D 116 7.39 -15.01 -3.50
CA GLN D 116 6.99 -13.63 -3.22
C GLN D 116 5.75 -13.34 -4.05
N HIS D 117 5.80 -13.70 -5.33
CA HIS D 117 4.65 -13.36 -6.16
C HIS D 117 3.38 -14.05 -5.65
N PHE D 118 3.52 -15.30 -5.23
CA PHE D 118 2.38 -16.02 -4.65
C PHE D 118 1.89 -15.37 -3.37
N ASP D 119 2.83 -15.03 -2.47
CA ASP D 119 2.49 -14.48 -1.16
C ASP D 119 1.68 -13.19 -1.29
N HIS D 120 1.84 -12.52 -2.42
CA HIS D 120 1.24 -11.19 -2.64
C HIS D 120 0.11 -11.21 -3.67
N GLU D 121 -0.51 -12.36 -3.90
CA GLU D 121 -1.50 -12.44 -4.97
C GLU D 121 -2.80 -11.69 -4.66
N ARG D 122 -3.18 -11.63 -3.39
CA ARG D 122 -4.50 -11.13 -3.03
C ARG D 122 -4.56 -9.62 -2.93
N ILE D 123 -5.69 -9.06 -3.36
CA ILE D 123 -5.98 -7.65 -3.19
C ILE D 123 -7.29 -7.60 -2.40
N PRO D 124 -7.57 -6.46 -1.75
CA PRO D 124 -8.79 -6.39 -0.91
C PRO D 124 -10.03 -6.64 -1.77
N GLU D 125 -11.03 -7.35 -1.25
CA GLU D 125 -12.27 -7.49 -2.00
C GLU D 125 -13.01 -6.16 -1.97
N ARG D 126 -13.97 -5.98 -2.88
CA ARG D 126 -14.83 -4.80 -2.87
C ARG D 126 -15.51 -4.67 -1.50
N VAL D 127 -15.62 -3.44 -1.00
CA VAL D 127 -16.20 -3.19 0.33
C VAL D 127 -17.68 -3.62 0.32
N VAL D 128 -18.32 -3.50 -0.83
CA VAL D 128 -19.64 -4.09 -1.07
C VAL D 128 -19.64 -4.74 -2.45
N HIS D 129 -20.59 -5.65 -2.69
CA HIS D 129 -20.67 -6.41 -3.95
C HIS D 129 -19.40 -7.22 -4.22
N ALA D 130 -18.77 -7.73 -3.15
CA ALA D 130 -17.54 -8.51 -3.28
C ALA D 130 -17.69 -9.76 -4.14
N ARG D 131 -18.86 -10.37 -4.07
CA ARG D 131 -19.12 -11.64 -4.75
C ARG D 131 -19.83 -11.30 -6.06
N GLY D 132 -19.25 -11.67 -7.19
CA GLY D 132 -19.88 -11.38 -8.47
C GLY D 132 -19.12 -11.98 -9.63
N ALA D 133 -19.63 -11.78 -10.83
CA ALA D 133 -18.97 -12.30 -12.02
C ALA D 133 -19.40 -11.45 -13.21
N GLY D 134 -18.59 -11.44 -14.25
CA GLY D 134 -18.91 -10.59 -15.38
C GLY D 134 -18.54 -11.10 -16.76
N ALA D 135 -18.83 -10.29 -17.77
CA ALA D 135 -18.52 -10.67 -19.13
C ALA D 135 -18.46 -9.48 -20.06
N HIS D 136 -17.82 -9.68 -21.21
CA HIS D 136 -17.74 -8.65 -22.24
C HIS D 136 -18.90 -8.75 -23.23
N GLY D 137 -19.19 -7.66 -23.92
CA GLY D 137 -20.21 -7.71 -24.94
C GLY D 137 -20.24 -6.47 -25.81
N ILE D 138 -21.35 -6.30 -26.52
CA ILE D 138 -21.51 -5.18 -27.44
C ILE D 138 -22.87 -4.55 -27.21
N PHE D 139 -22.90 -3.22 -27.08
CA PHE D 139 -24.15 -2.48 -27.09
C PHE D 139 -24.37 -1.87 -28.48
N THR D 140 -25.61 -1.97 -28.98
CA THR D 140 -25.97 -1.41 -30.27
C THR D 140 -27.11 -0.41 -30.11
N SER D 141 -26.87 0.82 -30.54
CA SER D 141 -27.90 1.85 -30.50
C SER D 141 -28.93 1.55 -31.58
N TYR D 142 -30.22 1.72 -31.27
CA TYR D 142 -31.25 1.50 -32.27
C TYR D 142 -31.51 2.79 -33.04
N GLY D 143 -30.91 3.90 -32.61
CA GLY D 143 -31.21 5.15 -33.27
C GLY D 143 -30.20 6.26 -33.07
N ASP D 144 -30.41 7.37 -33.79
CA ASP D 144 -29.72 8.62 -33.55
C ASP D 144 -30.52 9.34 -32.48
N TRP D 145 -30.00 9.39 -31.26
CA TRP D 145 -30.76 9.96 -30.16
C TRP D 145 -30.31 11.38 -29.82
N SER D 146 -29.74 12.07 -30.80
CA SER D 146 -29.21 13.40 -30.58
C SER D 146 -30.29 14.40 -30.15
N ASN D 147 -31.55 14.06 -30.41
CA ASN D 147 -32.65 14.93 -30.01
C ASN D 147 -32.91 14.89 -28.50
N ILE D 148 -32.36 13.88 -27.83
CA ILE D 148 -32.47 13.81 -26.36
C ILE D 148 -31.13 13.83 -25.64
N THR D 149 -30.05 13.38 -26.28
CA THR D 149 -28.73 13.45 -25.64
C THR D 149 -27.57 13.66 -26.59
N ALA D 150 -26.56 14.38 -26.13
CA ALA D 150 -25.33 14.59 -26.90
C ALA D 150 -24.37 13.38 -26.85
N ALA D 151 -24.73 12.39 -26.03
CA ALA D 151 -23.88 11.21 -25.78
C ALA D 151 -23.54 10.43 -27.06
N SER D 152 -22.25 10.23 -27.31
CA SER D 152 -21.80 9.67 -28.58
C SER D 152 -22.21 8.22 -28.83
N PHE D 153 -22.23 7.40 -27.78
CA PHE D 153 -22.61 6.00 -27.96
C PHE D 153 -24.07 5.85 -28.38
N LEU D 154 -24.85 6.91 -28.21
CA LEU D 154 -26.26 6.93 -28.58
C LEU D 154 -26.53 7.81 -29.81
N GLY D 155 -25.47 8.18 -30.52
CA GLY D 155 -25.58 9.22 -31.54
C GLY D 155 -25.94 8.76 -32.94
N ALA D 156 -26.00 7.45 -33.17
CA ALA D 156 -26.31 6.94 -34.50
C ALA D 156 -26.92 5.55 -34.44
N LYS D 157 -27.83 5.29 -35.38
CA LYS D 157 -28.44 3.97 -35.47
C LYS D 157 -27.40 2.91 -35.84
N ASP D 158 -27.50 1.75 -35.19
CA ASP D 158 -26.58 0.62 -35.39
C ASP D 158 -25.17 0.85 -34.83
N LYS D 159 -24.92 2.01 -34.22
CA LYS D 159 -23.59 2.27 -33.64
C LYS D 159 -23.26 1.29 -32.53
N GLN D 160 -22.09 0.69 -32.60
CA GLN D 160 -21.68 -0.34 -31.65
C GLN D 160 -20.60 0.13 -30.69
N THR D 161 -20.74 -0.26 -29.42
CA THR D 161 -19.82 0.13 -28.36
C THR D 161 -19.52 -1.10 -27.52
N PRO D 162 -18.23 -1.37 -27.25
CA PRO D 162 -17.88 -2.49 -26.38
C PRO D 162 -18.40 -2.26 -24.97
N VAL D 163 -18.83 -3.31 -24.28
CA VAL D 163 -19.22 -3.18 -22.89
C VAL D 163 -18.55 -4.25 -22.03
N PHE D 164 -18.52 -4.01 -20.72
CA PHE D 164 -18.26 -5.09 -19.79
C PHE D 164 -19.30 -4.93 -18.69
N VAL D 165 -19.87 -6.04 -18.23
CA VAL D 165 -20.88 -6.01 -17.18
C VAL D 165 -20.47 -6.94 -16.07
N ARG D 166 -20.64 -6.51 -14.82
CA ARG D 166 -20.44 -7.39 -13.67
C ARG D 166 -21.73 -7.44 -12.87
N PHE D 167 -22.15 -8.66 -12.55
CA PHE D 167 -23.33 -8.88 -11.70
C PHE D 167 -22.82 -9.37 -10.36
N SER D 168 -23.58 -9.15 -9.30
CA SER D 168 -23.09 -9.42 -7.95
C SER D 168 -24.21 -9.52 -6.93
N THR D 169 -23.87 -9.95 -5.72
CA THR D 169 -24.73 -9.72 -4.56
C THR D 169 -24.17 -8.46 -3.89
N VAL D 170 -24.55 -8.20 -2.64
CA VAL D 170 -24.12 -6.97 -1.97
C VAL D 170 -23.31 -7.25 -0.69
N ALA D 171 -23.85 -8.08 0.20
CA ALA D 171 -23.32 -8.19 1.56
C ALA D 171 -22.19 -9.20 1.68
N GLY D 172 -22.33 -10.32 0.98
CA GLY D 172 -21.41 -11.43 1.16
C GLY D 172 -20.00 -11.10 0.74
N SER D 173 -19.02 -11.69 1.44
CA SER D 173 -17.64 -11.64 1.02
C SER D 173 -17.44 -12.49 -0.22
N ARG D 174 -16.27 -12.39 -0.84
N ARG D 174 -16.21 -12.51 -0.73
CA ARG D 174 -15.96 -13.20 -2.01
CA ARG D 174 -15.88 -13.07 -2.05
C ARG D 174 -16.09 -14.68 -1.65
C ARG D 174 -16.24 -14.51 -2.38
N GLY D 175 -16.70 -15.47 -2.50
N GLY D 175 -16.29 -15.40 -1.41
CA GLY D 175 -16.80 -16.88 -2.19
CA GLY D 175 -16.58 -16.78 -1.72
C GLY D 175 -18.01 -17.23 -1.35
C GLY D 175 -17.94 -17.20 -1.20
N SER D 176 -18.80 -16.21 -0.96
CA SER D 176 -20.12 -16.48 -0.41
C SER D 176 -21.00 -16.97 -1.56
N ALA D 177 -22.18 -17.48 -1.28
CA ALA D 177 -22.94 -18.15 -2.33
C ALA D 177 -23.69 -17.20 -3.25
N ASP D 178 -23.76 -17.55 -4.52
CA ASP D 178 -24.54 -16.76 -5.47
C ASP D 178 -26.01 -16.65 -5.08
N THR D 179 -26.57 -17.72 -4.53
CA THR D 179 -28.02 -17.78 -4.25
C THR D 179 -28.36 -17.44 -2.80
N ALA D 180 -27.52 -16.64 -2.16
CA ALA D 180 -27.95 -15.97 -0.93
C ALA D 180 -29.07 -15.01 -1.33
N ARG D 181 -29.95 -14.67 -0.39
CA ARG D 181 -30.95 -13.64 -0.67
C ARG D 181 -30.33 -12.26 -0.45
N ASP D 182 -30.37 -11.41 -1.47
CA ASP D 182 -29.71 -10.12 -1.39
C ASP D 182 -30.16 -9.23 -2.55
N VAL D 183 -29.92 -7.94 -2.43
CA VAL D 183 -30.04 -7.06 -3.58
C VAL D 183 -28.93 -7.54 -4.52
N HIS D 184 -29.08 -7.33 -5.83
CA HIS D 184 -28.01 -7.68 -6.77
C HIS D 184 -27.49 -6.48 -7.54
N GLY D 185 -26.18 -6.44 -7.77
CA GLY D 185 -25.59 -5.42 -8.60
C GLY D 185 -25.65 -5.77 -10.08
N PHE D 186 -25.71 -4.76 -10.93
CA PHE D 186 -25.83 -4.94 -12.37
C PHE D 186 -25.11 -3.72 -12.89
N ALA D 187 -23.79 -3.84 -13.05
CA ALA D 187 -22.97 -2.68 -13.38
C ALA D 187 -22.48 -2.78 -14.82
N THR D 188 -22.67 -1.72 -15.59
CA THR D 188 -22.33 -1.76 -17.02
C THR D 188 -21.34 -0.68 -17.40
N ARG D 189 -20.24 -1.06 -18.03
CA ARG D 189 -19.36 -0.07 -18.65
C ARG D 189 -19.56 0.00 -20.15
N PHE D 190 -19.75 1.21 -20.68
CA PHE D 190 -19.70 1.46 -22.12
C PHE D 190 -18.35 2.10 -22.40
N TYR D 191 -17.53 1.41 -23.18
CA TYR D 191 -16.25 1.96 -23.58
C TYR D 191 -16.49 2.83 -24.81
N THR D 192 -17.00 4.05 -24.61
CA THR D 192 -17.44 4.88 -25.74
C THR D 192 -16.26 5.65 -26.31
N ASP D 193 -16.46 6.25 -27.48
CA ASP D 193 -15.39 6.98 -28.13
C ASP D 193 -15.26 8.39 -27.55
N GLU D 194 -16.02 8.66 -26.50
CA GLU D 194 -15.87 9.91 -25.76
C GLU D 194 -15.69 9.64 -24.26
N GLY D 195 -15.07 8.51 -23.94
CA GLY D 195 -14.78 8.20 -22.55
C GLY D 195 -15.60 7.02 -22.05
N ASN D 196 -15.12 6.41 -20.97
CA ASN D 196 -15.89 5.37 -20.29
C ASN D 196 -17.14 5.95 -19.61
N PHE D 197 -18.29 5.34 -19.89
CA PHE D 197 -19.53 5.73 -19.23
C PHE D 197 -20.08 4.51 -18.53
N ASP D 198 -20.19 4.59 -17.21
CA ASP D 198 -20.68 3.49 -16.41
C ASP D 198 -22.11 3.76 -15.91
N ILE D 199 -22.98 2.77 -16.07
CA ILE D 199 -24.25 2.76 -15.34
C ILE D 199 -24.15 1.69 -14.27
N VAL D 200 -23.94 2.14 -13.03
CA VAL D 200 -23.69 1.23 -11.91
C VAL D 200 -25.03 1.02 -11.22
N GLY D 201 -25.73 -0.04 -11.59
CA GLY D 201 -27.10 -0.22 -11.13
C GLY D 201 -27.30 -1.48 -10.31
N ASN D 202 -28.56 -1.73 -9.92
CA ASN D 202 -28.93 -2.97 -9.22
C ASN D 202 -30.08 -3.64 -9.95
N ASN D 203 -30.45 -4.83 -9.51
CA ASN D 203 -31.59 -5.53 -10.11
C ASN D 203 -32.89 -5.12 -9.43
N ILE D 204 -32.83 -4.05 -8.64
CA ILE D 204 -33.98 -3.51 -7.92
C ILE D 204 -33.99 -1.99 -8.12
N PRO D 205 -35.17 -1.40 -8.41
CA PRO D 205 -35.19 0.00 -8.87
C PRO D 205 -35.10 1.08 -7.77
N VAL D 206 -35.04 0.68 -6.50
CA VAL D 206 -34.98 1.64 -5.40
C VAL D 206 -33.93 1.21 -4.40
N PHE D 207 -33.36 2.18 -3.66
CA PHE D 207 -32.33 1.84 -2.68
C PHE D 207 -32.80 2.06 -1.24
N PHE D 208 -32.07 1.49 -0.28
CA PHE D 208 -32.51 1.49 1.13
C PHE D 208 -32.55 2.87 1.80
N ILE D 209 -31.63 3.74 1.41
CA ILE D 209 -31.46 5.00 2.14
C ILE D 209 -31.45 6.21 1.20
N GLN D 210 -31.62 7.39 1.79
CA GLN D 210 -31.88 8.62 1.02
C GLN D 210 -30.70 9.59 1.01
N ASP D 211 -29.69 9.34 1.83
CA ASP D 211 -28.52 10.21 1.86
C ASP D 211 -27.29 9.33 1.96
N ALA D 212 -26.31 9.56 1.09
CA ALA D 212 -25.12 8.72 1.02
C ALA D 212 -24.34 8.65 2.32
N ILE D 213 -24.56 9.59 3.22
CA ILE D 213 -23.78 9.62 4.45
C ILE D 213 -24.18 8.48 5.38
N ARG D 214 -25.34 7.88 5.10
CA ARG D 214 -25.84 6.77 5.90
C ARG D 214 -25.40 5.41 5.36
N PHE D 215 -24.65 5.43 4.26
CA PHE D 215 -24.24 4.17 3.64
C PHE D 215 -23.45 3.24 4.59
N PRO D 216 -22.46 3.79 5.34
CA PRO D 216 -21.77 2.86 6.24
C PRO D 216 -22.70 2.28 7.34
N ASP D 217 -23.72 3.05 7.71
CA ASP D 217 -24.69 2.54 8.67
C ASP D 217 -25.51 1.36 8.13
N LEU D 218 -26.11 1.54 6.96
CA LEU D 218 -26.83 0.46 6.30
C LEU D 218 -25.94 -0.76 6.14
N ILE D 219 -24.74 -0.58 5.60
CA ILE D 219 -23.88 -1.72 5.25
C ILE D 219 -23.35 -2.43 6.50
N HIS D 220 -22.90 -1.68 7.51
CA HIS D 220 -22.52 -2.30 8.79
C HIS D 220 -23.65 -3.18 9.34
N SER D 221 -24.89 -2.68 9.25
CA SER D 221 -26.01 -3.42 9.85
C SER D 221 -26.36 -4.71 9.11
N VAL D 222 -26.21 -4.74 7.79
CA VAL D 222 -26.56 -5.94 7.04
C VAL D 222 -25.43 -6.98 7.02
N LYS D 223 -24.19 -6.52 7.08
CA LYS D 223 -23.01 -7.41 7.06
C LYS D 223 -22.82 -8.10 8.42
N PRO D 224 -21.90 -9.09 8.51
CA PRO D 224 -21.86 -9.88 9.74
C PRO D 224 -21.67 -9.08 11.02
N SER D 225 -22.16 -9.61 12.14
CA SER D 225 -21.96 -8.95 13.43
C SER D 225 -20.46 -8.84 13.62
N PRO D 226 -19.99 -7.69 14.10
CA PRO D 226 -18.54 -7.43 14.17
C PRO D 226 -17.82 -8.12 15.31
N ASP D 227 -18.56 -8.76 16.21
CA ASP D 227 -17.88 -9.49 17.27
C ASP D 227 -17.44 -10.88 16.80
N ASN D 228 -18.35 -11.60 16.14
CA ASN D 228 -18.04 -12.96 15.70
C ASN D 228 -18.02 -13.18 14.19
N GLU D 229 -18.32 -12.12 13.45
CA GLU D 229 -18.48 -12.19 11.99
C GLU D 229 -19.45 -13.29 11.58
N VAL D 230 -20.65 -13.23 12.14
CA VAL D 230 -21.78 -14.06 11.76
C VAL D 230 -22.96 -13.10 11.61
N PRO D 231 -23.82 -13.29 10.60
CA PRO D 231 -23.85 -14.37 9.61
C PRO D 231 -23.40 -13.92 8.23
N GLN D 232 -22.85 -14.87 7.48
CA GLN D 232 -22.37 -14.61 6.12
C GLN D 232 -23.53 -14.38 5.14
N ALA D 233 -23.47 -13.26 4.41
CA ALA D 233 -24.35 -13.04 3.26
C ALA D 233 -25.83 -13.22 3.58
N ALA D 234 -26.28 -12.58 4.66
CA ALA D 234 -27.67 -12.73 5.06
C ALA D 234 -28.11 -11.51 5.85
N THR D 235 -29.37 -11.11 5.67
CA THR D 235 -29.94 -10.03 6.44
C THR D 235 -30.73 -10.59 7.61
N ALA D 236 -30.73 -11.91 7.72
CA ALA D 236 -31.53 -12.59 8.74
C ALA D 236 -30.83 -12.55 10.11
N HIS D 237 -30.62 -11.34 10.63
CA HIS D 237 -29.99 -11.20 11.95
C HIS D 237 -30.39 -9.87 12.60
N ASP D 238 -30.23 -9.79 13.92
CA ASP D 238 -30.70 -8.65 14.72
C ASP D 238 -30.38 -7.26 14.16
N SER D 239 -29.12 -7.03 13.80
CA SER D 239 -28.69 -5.67 13.44
C SER D 239 -29.36 -5.16 12.16
N ALA D 240 -29.58 -6.06 11.21
CA ALA D 240 -30.19 -5.67 9.93
C ALA D 240 -31.63 -5.22 10.13
N TRP D 241 -32.40 -6.02 10.86
CA TRP D 241 -33.80 -5.70 11.11
C TRP D 241 -33.98 -4.57 12.12
N ASP D 242 -32.99 -4.40 12.99
CA ASP D 242 -32.92 -3.19 13.82
C ASP D 242 -32.84 -1.95 12.91
N PHE D 243 -31.92 -1.98 11.94
CA PHE D 243 -31.72 -0.84 11.05
C PHE D 243 -32.92 -0.61 10.14
N PHE D 244 -33.49 -1.68 9.59
CA PHE D 244 -34.61 -1.53 8.66
C PHE D 244 -35.79 -0.89 9.37
N SER D 245 -35.95 -1.23 10.65
CA SER D 245 -37.08 -0.71 11.41
C SER D 245 -36.75 0.65 12.06
N SER D 246 -35.46 0.94 12.23
CA SER D 246 -35.04 2.24 12.79
C SER D 246 -34.92 3.31 11.70
N GLN D 247 -34.69 2.85 10.47
CA GLN D 247 -34.53 3.74 9.33
C GLN D 247 -35.55 3.34 8.25
N PRO D 248 -36.81 3.74 8.43
CA PRO D 248 -37.94 3.27 7.61
C PRO D 248 -37.82 3.49 6.09
N SER D 249 -36.92 4.37 5.64
CA SER D 249 -36.70 4.51 4.20
C SER D 249 -36.39 3.16 3.58
N ALA D 250 -35.78 2.28 4.38
CA ALA D 250 -35.26 1.00 3.90
C ALA D 250 -36.37 0.03 3.53
N LEU D 251 -37.61 0.34 3.90
CA LEU D 251 -38.68 -0.64 3.77
C LEU D 251 -38.98 -0.97 2.31
N HIS D 252 -38.87 0.00 1.41
CA HIS D 252 -39.19 -0.30 0.02
C HIS D 252 -38.21 -1.30 -0.60
N THR D 253 -36.91 -1.01 -0.52
CA THR D 253 -35.92 -1.98 -0.99
C THR D 253 -36.02 -3.33 -0.27
N LEU D 254 -36.35 -3.29 1.01
CA LEU D 254 -36.51 -4.52 1.79
C LEU D 254 -37.59 -5.41 1.16
N PHE D 255 -38.74 -4.84 0.85
CA PHE D 255 -39.82 -5.61 0.22
C PHE D 255 -39.36 -6.21 -1.11
N TRP D 256 -38.58 -5.47 -1.88
CA TRP D 256 -38.08 -6.03 -3.16
C TRP D 256 -37.13 -7.19 -2.90
N ALA D 257 -36.26 -7.04 -1.89
CA ALA D 257 -35.26 -8.07 -1.62
C ALA D 257 -35.92 -9.28 -0.99
N MET D 258 -37.12 -9.10 -0.44
CA MET D 258 -37.86 -10.21 0.16
C MET D 258 -38.73 -10.90 -0.88
N SER D 259 -38.77 -10.35 -2.10
CA SER D 259 -39.50 -10.95 -3.22
C SER D 259 -38.55 -11.81 -4.06
N GLY D 260 -38.99 -12.15 -5.27
CA GLY D 260 -38.16 -12.95 -6.17
C GLY D 260 -36.88 -12.24 -6.61
N ASN D 261 -36.89 -10.92 -6.60
CA ASN D 261 -35.70 -10.14 -6.92
C ASN D 261 -34.52 -10.48 -6.01
N GLY D 262 -34.82 -10.98 -4.82
CA GLY D 262 -33.79 -11.33 -3.86
C GLY D 262 -33.11 -12.66 -4.16
N ILE D 263 -33.85 -13.56 -4.82
CA ILE D 263 -33.29 -14.87 -5.17
C ILE D 263 -33.53 -15.22 -6.65
N PRO D 264 -32.90 -14.46 -7.55
CA PRO D 264 -33.14 -14.65 -8.99
C PRO D 264 -32.57 -15.94 -9.52
N ARG D 265 -33.19 -16.46 -10.57
CA ARG D 265 -32.73 -17.69 -11.23
C ARG D 265 -31.32 -17.56 -11.80
N SER D 266 -31.02 -16.41 -12.39
CA SER D 266 -29.68 -16.16 -12.94
C SER D 266 -29.51 -14.68 -13.16
N TYR D 267 -28.27 -14.27 -13.44
CA TYR D 267 -28.01 -12.89 -13.81
C TYR D 267 -28.77 -12.56 -15.09
N ARG D 268 -28.92 -13.56 -15.96
CA ARG D 268 -29.53 -13.39 -17.27
C ARG D 268 -31.04 -13.18 -17.17
N HIS D 269 -31.59 -13.53 -16.02
CA HIS D 269 -33.03 -13.39 -15.80
C HIS D 269 -33.34 -12.24 -14.85
N MET D 270 -32.47 -11.22 -14.86
CA MET D 270 -32.68 -10.02 -14.05
C MET D 270 -32.93 -8.82 -14.94
N ASP D 271 -33.75 -7.89 -14.46
CA ASP D 271 -33.79 -6.55 -15.03
C ASP D 271 -32.72 -5.76 -14.29
N GLY D 272 -32.37 -4.58 -14.81
CA GLY D 272 -31.44 -3.71 -14.11
C GLY D 272 -31.96 -2.29 -14.12
N PHE D 273 -31.51 -1.50 -13.14
CA PHE D 273 -31.97 -0.12 -13.01
C PHE D 273 -30.80 0.75 -12.57
N GLY D 274 -30.74 1.98 -13.04
CA GLY D 274 -29.75 2.90 -12.51
C GLY D 274 -30.23 3.49 -11.18
N ILE D 275 -31.51 3.29 -10.89
N ILE D 275 -31.49 3.26 -10.86
CA ILE D 275 -32.17 3.80 -9.67
CA ILE D 275 -32.17 3.79 -9.66
C ILE D 275 -32.31 5.31 -9.62
C ILE D 275 -32.31 5.31 -9.63
N HIS D 276 -31.18 6.02 -9.64
CA HIS D 276 -31.21 7.47 -9.56
C HIS D 276 -31.83 8.09 -10.79
N THR D 277 -32.44 9.25 -10.61
CA THR D 277 -32.78 10.10 -11.74
C THR D 277 -31.49 10.79 -12.17
N PHE D 278 -31.17 10.69 -13.47
CA PHE D 278 -30.04 11.43 -14.01
C PHE D 278 -30.59 12.47 -14.98
N ARG D 279 -29.70 13.15 -15.69
CA ARG D 279 -30.11 14.10 -16.75
C ARG D 279 -29.50 13.69 -18.09
N LEU D 280 -30.31 13.76 -19.14
CA LEU D 280 -29.79 13.69 -20.50
C LEU D 280 -29.72 15.12 -21.02
N VAL D 281 -28.62 15.47 -21.65
CA VAL D 281 -28.36 16.85 -22.04
C VAL D 281 -28.01 16.90 -23.53
N THR D 282 -28.64 17.81 -24.27
CA THR D 282 -28.39 17.95 -25.70
C THR D 282 -27.28 18.97 -25.93
N GLU D 283 -26.79 19.08 -27.17
CA GLU D 283 -25.67 19.97 -27.44
C GLU D 283 -25.98 21.40 -27.02
N ASP D 284 -27.24 21.79 -27.18
CA ASP D 284 -27.63 23.15 -26.85
C ASP D 284 -27.76 23.39 -25.35
N GLY D 285 -27.64 22.32 -24.55
CA GLY D 285 -27.65 22.47 -23.11
C GLY D 285 -28.98 22.21 -22.44
N LYS D 286 -30.00 21.90 -23.23
CA LYS D 286 -31.32 21.53 -22.70
C LYS D 286 -31.28 20.15 -22.06
N SER D 287 -31.99 20.00 -20.95
CA SER D 287 -31.97 18.74 -20.21
C SER D 287 -33.35 18.12 -20.02
N LYS D 288 -33.35 16.81 -19.83
CA LYS D 288 -34.54 16.06 -19.47
C LYS D 288 -34.13 15.13 -18.33
N LEU D 289 -35.03 14.89 -17.38
CA LEU D 289 -34.75 13.95 -16.31
C LEU D 289 -34.89 12.53 -16.89
N VAL D 290 -34.03 11.61 -16.46
CA VAL D 290 -34.04 10.25 -17.02
C VAL D 290 -33.89 9.15 -15.97
N LYS D 291 -34.56 8.01 -16.20
CA LYS D 291 -34.31 6.79 -15.43
C LYS D 291 -33.82 5.73 -16.40
N TRP D 292 -32.74 5.04 -16.05
CA TRP D 292 -32.20 3.97 -16.90
C TRP D 292 -32.78 2.62 -16.50
N HIS D 293 -33.20 1.84 -17.49
CA HIS D 293 -33.70 0.47 -17.25
C HIS D 293 -32.98 -0.53 -18.15
N TRP D 294 -32.66 -1.71 -17.63
CA TRP D 294 -32.23 -2.80 -18.48
C TRP D 294 -33.34 -3.85 -18.44
N LYS D 295 -33.92 -4.16 -19.60
CA LYS D 295 -35.00 -5.13 -19.69
C LYS D 295 -34.47 -6.43 -20.27
N THR D 296 -34.51 -7.49 -19.47
CA THR D 296 -33.95 -8.77 -19.93
C THR D 296 -34.75 -9.42 -21.05
N LYS D 297 -34.06 -9.90 -22.07
CA LYS D 297 -34.74 -10.56 -23.17
C LYS D 297 -34.96 -12.03 -22.87
N GLN D 298 -34.38 -12.49 -21.76
CA GLN D 298 -34.57 -13.88 -21.33
C GLN D 298 -35.79 -14.02 -20.43
N GLY D 299 -36.35 -12.88 -20.00
CA GLY D 299 -37.45 -12.86 -19.04
C GLY D 299 -36.97 -12.97 -17.60
N LYS D 300 -37.72 -12.40 -16.66
N LYS D 300 -37.72 -12.40 -16.66
CA LYS D 300 -37.35 -12.53 -15.24
CA LYS D 300 -37.35 -12.53 -15.24
C LYS D 300 -37.78 -13.88 -14.69
C LYS D 300 -37.78 -13.88 -14.68
N ALA D 301 -36.96 -14.43 -13.81
CA ALA D 301 -37.26 -15.70 -13.15
C ALA D 301 -36.59 -15.72 -11.78
N ALA D 302 -37.21 -16.40 -10.83
CA ALA D 302 -36.66 -16.47 -9.48
C ALA D 302 -36.80 -17.87 -8.92
N LEU D 303 -35.99 -18.18 -7.91
CA LEU D 303 -36.09 -19.46 -7.22
C LEU D 303 -37.07 -19.35 -6.08
N VAL D 304 -37.26 -20.44 -5.35
CA VAL D 304 -37.92 -20.36 -4.05
C VAL D 304 -36.87 -20.47 -2.94
N TRP D 305 -37.16 -19.90 -1.77
CA TRP D 305 -36.15 -19.80 -0.72
C TRP D 305 -35.59 -21.15 -0.26
N GLU D 306 -36.47 -22.12 0.01
CA GLU D 306 -36.02 -23.45 0.44
C GLU D 306 -35.09 -24.15 -0.57
N GLU D 307 -35.25 -23.78 -1.84
CA GLU D 307 -34.39 -24.24 -2.93
C GLU D 307 -33.08 -23.45 -2.96
N ALA D 308 -33.19 -22.13 -2.87
CA ALA D 308 -32.01 -21.26 -2.90
C ALA D 308 -31.01 -21.65 -1.80
N GLN D 309 -31.54 -22.02 -0.63
CA GLN D 309 -30.69 -22.42 0.50
C GLN D 309 -29.87 -23.69 0.21
N VAL D 310 -30.53 -24.71 -0.32
CA VAL D 310 -29.82 -25.94 -0.64
C VAL D 310 -28.81 -25.67 -1.75
N LEU D 311 -29.22 -24.85 -2.72
CA LEU D 311 -28.36 -24.51 -3.87
C LEU D 311 -27.09 -23.78 -3.43
N ALA D 312 -27.22 -22.99 -2.37
CA ALA D 312 -26.06 -22.29 -1.79
C ALA D 312 -24.98 -23.26 -1.37
N GLY D 313 -25.38 -24.45 -0.92
CA GLY D 313 -24.40 -25.46 -0.52
C GLY D 313 -24.00 -26.40 -1.65
N LYS D 314 -24.98 -26.82 -2.45
CA LYS D 314 -24.69 -27.71 -3.58
C LYS D 314 -23.86 -27.04 -4.67
N ASN D 315 -24.09 -25.76 -4.91
CA ASN D 315 -23.28 -25.04 -5.89
C ASN D 315 -23.27 -23.55 -5.62
N ALA D 316 -22.26 -23.10 -4.90
CA ALA D 316 -22.13 -21.68 -4.59
C ALA D 316 -21.92 -20.85 -5.84
N ASP D 317 -21.46 -21.49 -6.91
CA ASP D 317 -21.17 -20.80 -8.17
C ASP D 317 -22.31 -20.85 -9.18
N PHE D 318 -23.54 -21.11 -8.73
CA PHE D 318 -24.66 -21.33 -9.65
C PHE D 318 -24.83 -20.22 -10.70
N HIS D 319 -24.80 -18.97 -10.26
CA HIS D 319 -25.02 -17.85 -11.19
C HIS D 319 -23.81 -17.55 -12.05
N ARG D 320 -22.61 -17.58 -11.47
CA ARG D 320 -21.44 -17.35 -12.32
C ARG D 320 -21.26 -18.48 -13.35
N GLN D 321 -21.58 -19.71 -12.98
CA GLN D 321 -21.49 -20.81 -13.94
C GLN D 321 -22.57 -20.70 -15.01
N ASP D 322 -23.77 -20.27 -14.61
CA ASP D 322 -24.88 -20.10 -15.56
C ASP D 322 -24.51 -19.11 -16.66
N LEU D 323 -23.95 -17.97 -16.27
CA LEU D 323 -23.58 -16.92 -17.22
C LEU D 323 -22.47 -17.41 -18.14
N TRP D 324 -21.44 -18.01 -17.52
CA TRP D 324 -20.30 -18.54 -18.24
C TRP D 324 -20.72 -19.55 -19.31
N ASP D 325 -21.58 -20.50 -18.91
CA ASP D 325 -22.03 -21.58 -19.80
C ASP D 325 -22.89 -21.07 -20.97
N ALA D 326 -23.76 -20.11 -20.69
CA ALA D 326 -24.64 -19.58 -21.72
C ALA D 326 -23.83 -18.88 -22.80
N ILE D 327 -22.76 -18.20 -22.38
CA ILE D 327 -21.90 -17.52 -23.34
C ILE D 327 -21.08 -18.52 -24.15
N GLU D 328 -20.52 -19.55 -23.51
CA GLU D 328 -19.73 -20.54 -24.24
C GLU D 328 -20.58 -21.39 -25.19
N SER D 329 -21.86 -21.56 -24.86
CA SER D 329 -22.74 -22.38 -25.69
C SER D 329 -23.36 -21.59 -26.83
N GLY D 330 -22.94 -20.34 -26.99
CA GLY D 330 -23.48 -19.50 -28.05
C GLY D 330 -24.87 -18.99 -27.73
N ASN D 331 -25.20 -18.92 -26.46
CA ASN D 331 -26.49 -18.39 -26.04
C ASN D 331 -26.29 -17.09 -25.27
N ALA D 332 -25.55 -16.16 -25.90
CA ALA D 332 -25.32 -14.84 -25.34
C ALA D 332 -26.62 -14.15 -24.93
N PRO D 333 -26.72 -13.76 -23.65
CA PRO D 333 -27.89 -13.05 -23.12
C PRO D 333 -27.95 -11.60 -23.58
N SER D 334 -29.16 -11.06 -23.71
CA SER D 334 -29.34 -9.67 -24.13
C SER D 334 -30.28 -8.92 -23.21
N TRP D 335 -30.10 -7.60 -23.18
CA TRP D 335 -31.01 -6.70 -22.46
C TRP D 335 -31.27 -5.52 -23.37
N GLU D 336 -32.47 -4.97 -23.32
CA GLU D 336 -32.69 -3.69 -23.96
C GLU D 336 -32.48 -2.56 -22.96
N LEU D 337 -31.76 -1.54 -23.41
CA LEU D 337 -31.63 -0.31 -22.68
C LEU D 337 -32.87 0.52 -22.96
N ALA D 338 -33.62 0.84 -21.91
CA ALA D 338 -34.79 1.69 -22.05
C ALA D 338 -34.69 2.85 -21.07
N VAL D 339 -35.37 3.94 -21.38
CA VAL D 339 -35.39 5.08 -20.47
C VAL D 339 -36.81 5.55 -20.22
N GLN D 340 -37.03 6.11 -19.04
CA GLN D 340 -38.18 6.98 -18.81
C GLN D 340 -37.66 8.41 -18.90
N LEU D 341 -38.35 9.23 -19.68
CA LEU D 341 -37.92 10.61 -19.90
C LEU D 341 -39.00 11.58 -19.45
N ILE D 342 -38.64 12.46 -18.52
CA ILE D 342 -39.58 13.48 -18.09
C ILE D 342 -38.94 14.85 -18.01
N ASP D 343 -39.77 15.89 -18.18
CA ASP D 343 -39.28 17.25 -18.14
C ASP D 343 -38.83 17.60 -16.73
N GLU D 344 -37.92 18.56 -16.63
CA GLU D 344 -37.44 19.06 -15.34
C GLU D 344 -38.60 19.46 -14.45
N ASP D 345 -39.68 19.94 -15.05
CA ASP D 345 -40.81 20.46 -14.25
C ASP D 345 -41.67 19.36 -13.61
N LYS D 346 -41.29 18.11 -13.83
CA LYS D 346 -42.01 16.97 -13.28
C LYS D 346 -41.36 16.41 -12.01
N ALA D 347 -40.28 17.06 -11.56
CA ALA D 347 -39.50 16.56 -10.41
C ALA D 347 -40.33 16.17 -9.20
N GLN D 348 -41.36 16.96 -8.90
CA GLN D 348 -42.20 16.71 -7.73
C GLN D 348 -43.66 16.52 -8.14
N ALA D 349 -43.88 16.11 -9.38
CA ALA D 349 -45.21 16.06 -9.99
C ALA D 349 -45.96 14.76 -9.76
N TYR D 350 -45.27 13.71 -9.34
CA TYR D 350 -45.91 12.40 -9.34
C TYR D 350 -46.09 11.81 -7.94
N GLY D 351 -46.27 12.69 -6.95
CA GLY D 351 -46.55 12.25 -5.59
C GLY D 351 -45.31 11.88 -4.79
N PHE D 352 -44.14 12.14 -5.37
CA PHE D 352 -42.89 11.94 -4.65
C PHE D 352 -41.85 12.79 -5.35
N ASP D 353 -40.65 12.82 -4.78
CA ASP D 353 -39.59 13.65 -5.33
C ASP D 353 -38.65 12.77 -6.16
N LEU D 354 -38.46 13.13 -7.44
CA LEU D 354 -37.58 12.33 -8.31
C LEU D 354 -36.10 12.34 -7.88
N LEU D 355 -35.74 13.17 -6.92
CA LEU D 355 -34.40 13.14 -6.34
C LEU D 355 -34.28 12.09 -5.23
N ASP D 356 -35.40 11.46 -4.90
CA ASP D 356 -35.49 10.50 -3.81
C ASP D 356 -35.34 9.10 -4.41
N PRO D 357 -34.24 8.41 -4.07
CA PRO D 357 -33.91 7.12 -4.68
C PRO D 357 -34.65 5.94 -4.04
N THR D 358 -35.53 6.20 -3.08
CA THR D 358 -36.29 5.12 -2.46
C THR D 358 -37.66 4.96 -3.12
N LYS D 359 -37.87 5.72 -4.19
CA LYS D 359 -39.11 5.62 -4.97
C LYS D 359 -38.77 5.35 -6.43
N PHE D 360 -39.66 4.64 -7.13
CA PHE D 360 -39.54 4.54 -8.57
C PHE D 360 -40.70 5.26 -9.24
N LEU D 361 -40.56 5.53 -10.53
CA LEU D 361 -41.58 6.26 -11.28
C LEU D 361 -42.43 5.24 -12.01
N PRO D 362 -43.70 5.08 -11.61
CA PRO D 362 -44.57 4.08 -12.26
C PRO D 362 -44.67 4.30 -13.77
N GLU D 363 -44.62 3.20 -14.52
CA GLU D 363 -44.62 3.28 -15.97
C GLU D 363 -45.89 3.91 -16.50
N GLU D 364 -46.93 3.88 -15.69
CA GLU D 364 -48.20 4.47 -16.10
C GLU D 364 -48.07 6.00 -16.27
N PHE D 365 -47.07 6.61 -15.65
CA PHE D 365 -46.88 8.07 -15.76
C PHE D 365 -45.85 8.45 -16.80
N ALA D 366 -45.02 7.49 -17.18
CA ALA D 366 -43.92 7.71 -18.12
C ALA D 366 -43.45 6.34 -18.61
N PRO D 367 -43.83 5.99 -19.85
CA PRO D 367 -43.54 4.67 -20.42
C PRO D 367 -42.07 4.49 -20.78
N LEU D 368 -41.65 3.24 -20.86
CA LEU D 368 -40.29 2.91 -21.28
C LEU D 368 -40.12 3.25 -22.76
N GLN D 369 -39.00 3.88 -23.09
CA GLN D 369 -38.65 4.12 -24.48
C GLN D 369 -37.34 3.40 -24.71
N VAL D 370 -37.35 2.42 -25.61
N VAL D 370 -37.35 2.42 -25.61
CA VAL D 370 -36.16 1.61 -25.84
CA VAL D 370 -36.18 1.58 -25.87
C VAL D 370 -35.15 2.34 -26.73
C VAL D 370 -35.15 2.28 -26.75
N LEU D 371 -33.90 2.34 -26.30
CA LEU D 371 -32.84 3.05 -27.02
C LEU D 371 -31.90 2.13 -27.78
N GLY D 372 -31.78 0.89 -27.31
CA GLY D 372 -30.80 -0.02 -27.87
C GLY D 372 -30.73 -1.33 -27.12
N GLU D 373 -29.70 -2.10 -27.43
CA GLU D 373 -29.63 -3.49 -27.03
C GLU D 373 -28.18 -3.81 -26.71
N MET D 374 -27.97 -4.50 -25.58
CA MET D 374 -26.65 -4.96 -25.18
C MET D 374 -26.64 -6.48 -25.14
N THR D 375 -25.65 -7.12 -25.77
CA THR D 375 -25.52 -8.57 -25.77
C THR D 375 -24.16 -8.97 -25.19
N LEU D 376 -24.14 -9.82 -24.17
CA LEU D 376 -22.88 -10.28 -23.60
C LEU D 376 -22.44 -11.60 -24.24
N ASN D 377 -21.34 -11.55 -25.00
CA ASN D 377 -20.96 -12.67 -25.84
C ASN D 377 -19.50 -13.13 -25.73
N ARG D 378 -18.75 -12.57 -24.78
CA ARG D 378 -17.38 -13.05 -24.55
C ARG D 378 -17.08 -13.16 -23.06
N ASN D 379 -16.62 -14.32 -22.64
CA ASN D 379 -16.17 -14.51 -21.27
C ASN D 379 -14.78 -13.90 -21.13
N PRO D 380 -14.37 -13.60 -19.89
CA PRO D 380 -12.98 -13.15 -19.75
C PRO D 380 -11.99 -14.31 -19.96
N MET D 381 -10.72 -13.99 -20.18
CA MET D 381 -9.67 -15.01 -20.25
C MET D 381 -9.04 -15.25 -18.88
N ASN D 382 -8.88 -14.18 -18.11
CA ASN D 382 -8.40 -14.27 -16.73
C ASN D 382 -9.37 -13.55 -15.80
N TYR D 383 -10.01 -14.29 -14.91
CA TYR D 383 -11.03 -13.68 -14.05
C TYR D 383 -10.44 -12.55 -13.23
N PHE D 384 -9.29 -12.79 -12.60
CA PHE D 384 -8.70 -11.76 -11.75
C PHE D 384 -8.36 -10.48 -12.52
N ALA D 385 -7.63 -10.59 -13.62
CA ALA D 385 -7.17 -9.40 -14.32
C ALA D 385 -8.34 -8.60 -14.91
N GLU D 386 -9.45 -9.28 -15.19
CA GLU D 386 -10.57 -8.60 -15.83
C GLU D 386 -11.71 -8.33 -14.86
N THR D 387 -12.40 -9.39 -14.44
CA THR D 387 -13.54 -9.24 -13.53
C THR D 387 -13.18 -8.67 -12.16
N GLU D 388 -12.17 -9.23 -11.49
CA GLU D 388 -11.85 -8.77 -10.14
C GLU D 388 -11.29 -7.34 -10.13
N GLN D 389 -10.46 -7.02 -11.12
CA GLN D 389 -9.81 -5.71 -11.14
C GLN D 389 -10.64 -4.54 -11.71
N ILE D 390 -11.73 -4.83 -12.43
CA ILE D 390 -12.48 -3.73 -13.01
C ILE D 390 -13.07 -2.83 -11.91
N SER D 391 -12.95 -1.53 -12.13
CA SER D 391 -13.30 -0.51 -11.15
C SER D 391 -14.40 0.38 -11.67
N PHE D 392 -15.65 0.08 -11.31
CA PHE D 392 -16.78 0.92 -11.74
C PHE D 392 -16.87 2.22 -10.93
N GLN D 393 -17.44 3.26 -11.54
CA GLN D 393 -17.75 4.52 -10.83
C GLN D 393 -18.90 5.25 -11.49
N PRO D 394 -19.90 5.68 -10.70
N PRO D 394 -19.90 5.68 -10.70
CA PRO D 394 -20.97 6.53 -11.23
CA PRO D 394 -20.97 6.53 -11.23
C PRO D 394 -20.39 7.87 -11.73
C PRO D 394 -20.39 7.87 -11.73
N GLY D 395 -19.19 8.21 -11.25
CA GLY D 395 -18.49 9.40 -11.72
C GLY D 395 -17.94 9.29 -13.14
N HIS D 396 -17.94 8.07 -13.69
CA HIS D 396 -17.57 7.85 -15.09
C HIS D 396 -18.72 8.31 -15.98
N ILE D 397 -18.73 9.60 -16.29
CA ILE D 397 -19.80 10.20 -17.05
C ILE D 397 -19.23 10.83 -18.32
N VAL D 398 -20.07 11.00 -19.34
CA VAL D 398 -19.61 11.53 -20.62
C VAL D 398 -20.47 12.74 -21.02
N ARG D 399 -20.01 13.50 -22.02
CA ARG D 399 -20.81 14.59 -22.57
C ARG D 399 -22.17 14.04 -22.98
N GLY D 400 -23.24 14.71 -22.56
CA GLY D 400 -24.59 14.31 -22.93
C GLY D 400 -25.36 13.73 -21.76
N VAL D 401 -24.65 13.51 -20.64
CA VAL D 401 -25.26 13.00 -19.41
C VAL D 401 -24.82 13.89 -18.26
N ASP D 402 -25.70 14.11 -17.28
CA ASP D 402 -25.32 14.89 -16.08
C ASP D 402 -25.97 14.29 -14.84
N PHE D 403 -25.45 14.66 -13.68
CA PHE D 403 -26.01 14.25 -12.40
C PHE D 403 -27.28 15.03 -12.03
N THR D 404 -28.00 14.54 -11.02
CA THR D 404 -29.01 15.32 -10.32
C THR D 404 -28.64 15.44 -8.86
N GLU D 405 -29.40 16.25 -8.14
CA GLU D 405 -29.12 16.54 -6.73
C GLU D 405 -29.63 15.45 -5.79
N ASP D 406 -29.72 14.23 -6.29
CA ASP D 406 -30.06 13.05 -5.50
C ASP D 406 -28.98 12.89 -4.42
N PRO D 407 -29.33 13.06 -3.14
CA PRO D 407 -28.30 13.03 -2.09
C PRO D 407 -27.59 11.69 -1.94
N LEU D 408 -28.18 10.62 -2.47
CA LEU D 408 -27.51 9.33 -2.42
C LEU D 408 -26.46 9.28 -3.52
N LEU D 409 -26.89 9.60 -4.73
CA LEU D 409 -25.99 9.66 -5.87
C LEU D 409 -24.84 10.61 -5.61
N GLN D 410 -25.13 11.75 -4.99
CA GLN D 410 -24.11 12.77 -4.78
C GLN D 410 -22.89 12.20 -4.06
N GLY D 411 -23.14 11.41 -3.01
CA GLY D 411 -22.06 10.87 -2.20
C GLY D 411 -21.35 9.71 -2.86
N ARG D 412 -22.08 8.91 -3.64
CA ARG D 412 -21.47 7.85 -4.44
C ARG D 412 -20.32 8.40 -5.26
N LEU D 413 -20.48 9.59 -5.84
CA LEU D 413 -19.44 10.15 -6.71
C LEU D 413 -18.08 10.18 -5.99
N TYR D 414 -18.11 10.57 -4.73
CA TYR D 414 -16.90 10.57 -3.91
C TYR D 414 -16.38 9.16 -3.60
N SER D 415 -17.30 8.28 -3.20
N SER D 415 -17.27 8.27 -3.17
CA SER D 415 -16.94 6.99 -2.62
CA SER D 415 -16.86 7.00 -2.60
C SER D 415 -16.25 6.02 -3.57
C SER D 415 -16.20 6.02 -3.59
N TYR D 416 -16.69 6.00 -4.83
CA TYR D 416 -16.15 5.03 -5.77
C TYR D 416 -14.77 5.37 -6.27
N LEU D 417 -14.45 6.65 -6.34
CA LEU D 417 -13.11 7.05 -6.75
C LEU D 417 -12.15 6.74 -5.60
N ASP D 418 -12.52 7.22 -4.41
CA ASP D 418 -11.74 7.00 -3.19
C ASP D 418 -11.45 5.53 -2.89
N THR D 419 -12.48 4.68 -2.97
CA THR D 419 -12.30 3.28 -2.60
C THR D 419 -11.30 2.56 -3.52
N GLN D 420 -11.12 3.04 -4.75
CA GLN D 420 -10.15 2.38 -5.65
C GLN D 420 -8.74 2.49 -5.10
N LEU D 421 -8.51 3.52 -4.28
CA LEU D 421 -7.18 3.74 -3.71
C LEU D 421 -6.87 2.61 -2.76
N ASN D 422 -7.89 2.10 -2.09
CA ASN D 422 -7.69 0.98 -1.18
C ASN D 422 -7.58 -0.32 -1.96
N ARG D 423 -8.50 -0.52 -2.90
CA ARG D 423 -8.57 -1.82 -3.57
C ARG D 423 -7.35 -2.06 -4.47
N HIS D 424 -6.89 -1.00 -5.14
CA HIS D 424 -5.77 -1.10 -6.07
C HIS D 424 -4.46 -0.55 -5.52
N ARG D 425 -4.45 -0.08 -4.27
CA ARG D 425 -3.21 0.35 -3.61
C ARG D 425 -2.46 1.46 -4.34
N GLY D 426 -3.18 2.27 -5.10
CA GLY D 426 -2.54 3.37 -5.79
C GLY D 426 -3.50 4.11 -6.70
N PRO D 427 -3.03 5.19 -7.32
CA PRO D 427 -3.82 6.14 -8.11
C PRO D 427 -3.89 5.85 -9.61
N ASN D 428 -3.20 4.82 -10.10
CA ASN D 428 -3.12 4.59 -11.54
C ASN D 428 -3.96 3.42 -12.03
N PHE D 429 -5.03 3.11 -11.30
CA PHE D 429 -5.88 1.96 -11.60
C PHE D 429 -6.62 2.10 -12.92
N GLU D 430 -6.79 3.33 -13.42
CA GLU D 430 -7.44 3.53 -14.71
C GLU D 430 -6.55 3.07 -15.87
N GLN D 431 -5.26 2.82 -15.58
CA GLN D 431 -4.33 2.35 -16.59
C GLN D 431 -4.39 0.83 -16.78
N LEU D 432 -5.04 0.15 -15.84
CA LEU D 432 -5.21 -1.31 -15.97
C LEU D 432 -5.96 -1.62 -17.25
N PRO D 433 -5.54 -2.68 -17.96
CA PRO D 433 -6.15 -2.95 -19.27
C PRO D 433 -7.68 -2.96 -19.25
N ILE D 434 -8.31 -3.56 -18.24
CA ILE D 434 -9.77 -3.66 -18.21
C ILE D 434 -10.44 -2.30 -17.93
N ASN D 435 -9.68 -1.39 -17.36
CA ASN D 435 -10.19 -0.06 -16.99
C ASN D 435 -9.94 1.01 -18.03
N ARG D 436 -8.97 0.79 -18.91
CA ARG D 436 -8.60 1.81 -19.90
C ARG D 436 -9.74 2.09 -20.86
N PRO D 437 -9.94 3.38 -21.17
CA PRO D 437 -10.91 3.74 -22.21
C PRO D 437 -10.33 3.39 -23.57
N VAL D 438 -11.14 3.51 -24.61
CA VAL D 438 -10.66 3.32 -25.97
C VAL D 438 -10.38 4.65 -26.64
N SER D 439 -10.69 5.76 -25.95
CA SER D 439 -10.77 7.06 -26.61
C SER D 439 -9.59 8.02 -26.43
N GLY D 440 -8.60 7.64 -25.65
CA GLY D 440 -7.39 8.46 -25.56
C GLY D 440 -7.37 9.30 -24.30
N VAL D 441 -6.22 9.31 -23.64
CA VAL D 441 -6.07 10.03 -22.36
C VAL D 441 -4.97 11.05 -22.52
N HIS D 442 -5.32 12.32 -22.35
CA HIS D 442 -4.36 13.40 -22.57
C HIS D 442 -4.52 14.48 -21.52
N ASN D 443 -3.62 14.49 -20.55
CA ASN D 443 -3.70 15.47 -19.48
C ASN D 443 -2.34 15.61 -18.83
N ASN D 444 -2.27 16.40 -17.76
CA ASN D 444 -0.99 16.69 -17.13
C ASN D 444 -0.74 15.88 -15.87
N HIS D 445 -1.49 14.78 -15.70
CA HIS D 445 -1.25 13.88 -14.56
C HIS D 445 0.06 13.15 -14.76
N ARG D 446 0.83 12.97 -13.68
CA ARG D 446 2.14 12.30 -13.77
C ARG D 446 2.39 11.45 -12.55
N ASP D 447 3.33 10.54 -12.65
CA ASP D 447 3.85 9.80 -11.55
C ASP D 447 2.79 8.86 -10.90
N GLY D 448 2.94 8.63 -9.60
CA GLY D 448 2.04 7.74 -8.87
C GLY D 448 2.51 6.31 -8.93
N GLN D 449 2.17 5.52 -7.91
CA GLN D 449 2.51 4.10 -7.88
C GLN D 449 2.15 3.41 -9.19
N GLY D 450 3.10 2.64 -9.72
CA GLY D 450 2.83 1.80 -10.87
C GLY D 450 2.62 2.53 -12.19
N GLN D 451 3.08 3.77 -12.28
CA GLN D 451 2.91 4.57 -13.51
C GLN D 451 3.38 3.79 -14.75
N ALA D 452 2.44 3.52 -15.65
CA ALA D 452 2.69 2.57 -16.75
C ALA D 452 3.06 3.22 -18.09
N TRP D 453 2.99 4.55 -18.16
CA TRP D 453 3.29 5.24 -19.41
C TRP D 453 4.52 6.10 -19.25
N ILE D 454 5.00 6.62 -20.38
CA ILE D 454 6.10 7.58 -20.36
C ILE D 454 5.61 8.81 -21.12
N HIS D 455 5.41 9.91 -20.40
CA HIS D 455 4.84 11.12 -20.99
C HIS D 455 5.87 11.93 -21.74
N LYS D 456 5.49 12.38 -22.94
CA LYS D 456 6.39 13.11 -23.82
C LYS D 456 6.39 14.60 -23.52
N ASN D 457 5.25 15.13 -23.09
CA ASN D 457 5.14 16.56 -22.79
C ASN D 457 5.80 16.92 -21.46
N ILE D 458 6.90 17.66 -21.53
CA ILE D 458 7.64 18.03 -20.33
C ILE D 458 7.05 19.27 -19.66
N HIS D 459 6.15 19.95 -20.35
CA HIS D 459 5.47 21.11 -19.75
C HIS D 459 4.11 20.69 -19.26
N HIS D 460 4.15 19.97 -18.14
CA HIS D 460 3.01 19.29 -17.55
C HIS D 460 2.16 20.18 -16.66
N TYR D 461 1.79 21.35 -17.19
CA TYR D 461 0.95 22.30 -16.46
C TYR D 461 0.19 23.17 -17.45
N SER D 462 -0.90 23.75 -16.99
CA SER D 462 -1.70 24.67 -17.77
C SER D 462 -2.04 25.86 -16.85
N PRO D 463 -2.07 27.09 -17.40
CA PRO D 463 -1.75 27.54 -18.76
C PRO D 463 -0.25 27.64 -18.94
N SER D 464 0.18 27.77 -20.18
CA SER D 464 1.60 27.65 -20.50
C SER D 464 1.91 28.15 -21.90
N TYR D 465 2.93 28.98 -22.03
CA TYR D 465 3.41 29.33 -23.36
C TYR D 465 4.15 28.15 -23.96
N LEU D 466 4.92 27.46 -23.11
CA LEU D 466 5.88 26.48 -23.58
C LEU D 466 5.29 25.20 -24.20
N ASN D 467 4.08 24.81 -23.78
CA ASN D 467 3.44 23.66 -24.43
C ASN D 467 2.45 24.09 -25.52
N LYS D 468 2.48 25.38 -25.85
CA LYS D 468 1.64 25.95 -26.90
C LYS D 468 0.15 25.73 -26.65
N GLY D 469 -0.22 25.52 -25.39
CA GLY D 469 -1.61 25.37 -25.02
C GLY D 469 -2.14 23.96 -25.12
N TYR D 470 -1.24 22.98 -25.21
CA TYR D 470 -1.65 21.57 -25.26
C TYR D 470 -1.14 20.75 -24.06
N PRO D 471 -2.00 19.87 -23.51
CA PRO D 471 -3.40 19.60 -23.94
C PRO D 471 -4.35 20.75 -23.65
N ALA D 472 -5.32 20.97 -24.56
CA ALA D 472 -6.17 22.17 -24.56
C ALA D 472 -7.47 21.98 -23.79
N GLN D 473 -8.05 23.10 -23.33
CA GLN D 473 -9.33 23.04 -22.63
C GLN D 473 -10.46 22.73 -23.60
N ALA D 474 -11.35 21.82 -23.19
CA ALA D 474 -12.55 21.56 -23.98
C ALA D 474 -13.77 21.94 -23.15
N ASN D 475 -14.83 22.40 -23.81
CA ASN D 475 -16.05 22.76 -23.08
C ASN D 475 -17.30 22.49 -23.90
N GLN D 476 -18.39 23.16 -23.56
CA GLN D 476 -19.64 22.95 -24.30
C GLN D 476 -19.51 23.30 -25.78
N THR D 477 -18.72 24.34 -26.06
CA THR D 477 -18.61 24.88 -27.41
C THR D 477 -17.39 24.39 -28.19
N VAL D 478 -16.30 24.06 -27.49
CA VAL D 478 -15.10 23.56 -28.18
C VAL D 478 -14.61 22.21 -27.67
N GLY D 479 -14.31 21.30 -28.60
CA GLY D 479 -13.67 20.03 -28.26
C GLY D 479 -14.56 19.00 -27.58
N ARG D 480 -15.87 19.17 -27.72
CA ARG D 480 -16.85 18.24 -27.15
C ARG D 480 -16.56 17.98 -25.69
N GLY D 481 -16.26 19.02 -24.93
CA GLY D 481 -15.92 18.83 -23.52
C GLY D 481 -17.15 18.50 -22.70
N PHE D 482 -16.95 17.88 -21.53
CA PHE D 482 -18.06 17.73 -20.61
C PHE D 482 -18.53 19.10 -20.18
N PHE D 483 -19.84 19.22 -19.92
CA PHE D 483 -20.36 20.42 -19.28
C PHE D 483 -21.57 20.10 -18.39
N THR D 484 -21.61 20.76 -17.25
CA THR D 484 -22.72 20.66 -16.32
C THR D 484 -23.92 21.35 -16.96
N THR D 485 -25.10 20.75 -16.82
CA THR D 485 -26.35 21.35 -17.31
C THR D 485 -26.42 22.83 -16.98
N PRO D 486 -26.43 23.70 -18.01
CA PRO D 486 -26.24 25.15 -17.83
C PRO D 486 -27.32 25.81 -16.96
N GLY D 487 -28.52 25.26 -16.97
CA GLY D 487 -29.60 25.87 -16.22
C GLY D 487 -29.65 25.50 -14.76
N ARG D 488 -28.77 24.61 -14.32
CA ARG D 488 -28.82 24.16 -12.93
C ARG D 488 -28.44 25.29 -11.98
N THR D 489 -29.24 25.47 -10.94
CA THR D 489 -29.00 26.55 -9.99
C THR D 489 -29.04 26.03 -8.56
N ALA D 490 -28.45 26.80 -7.65
CA ALA D 490 -28.54 26.53 -6.22
C ALA D 490 -29.27 27.69 -5.55
N SER D 491 -30.08 27.39 -4.55
CA SER D 491 -30.85 28.43 -3.86
C SER D 491 -31.11 28.05 -2.41
N GLY D 492 -30.96 29.01 -1.51
CA GLY D 492 -31.28 28.77 -0.11
C GLY D 492 -30.05 28.62 0.77
N VAL D 493 -30.25 28.20 2.01
CA VAL D 493 -29.17 28.09 2.98
C VAL D 493 -28.41 26.77 2.84
N LEU D 494 -27.14 26.78 3.21
CA LEU D 494 -26.43 25.51 3.36
C LEU D 494 -27.15 24.79 4.49
N ASN D 495 -27.28 23.48 4.38
CA ASN D 495 -28.08 22.76 5.35
C ASN D 495 -27.62 21.32 5.45
N ARG D 496 -27.79 20.74 6.64
CA ARG D 496 -27.61 19.32 6.83
C ARG D 496 -28.98 18.73 7.11
N GLU D 497 -29.80 18.74 6.07
CA GLU D 497 -31.19 18.30 6.15
C GLU D 497 -31.56 17.51 4.91
N LEU D 498 -32.77 16.98 4.91
CA LEU D 498 -33.35 16.40 3.69
C LEU D 498 -34.69 17.06 3.50
N SER D 499 -35.17 17.13 2.25
CA SER D 499 -36.46 17.75 1.99
C SER D 499 -37.61 16.94 2.58
N ALA D 500 -38.67 17.64 3.01
CA ALA D 500 -39.82 16.97 3.60
C ALA D 500 -40.56 16.15 2.54
N THR D 501 -40.28 16.43 1.26
CA THR D 501 -40.82 15.65 0.15
C THR D 501 -40.33 14.20 0.18
N PHE D 502 -39.28 13.94 0.97
CA PHE D 502 -38.68 12.61 1.12
C PHE D 502 -39.37 11.75 2.20
N ASP D 503 -40.34 12.33 2.91
CA ASP D 503 -40.80 11.75 4.19
C ASP D 503 -41.69 10.51 4.14
N ASP D 504 -42.31 10.22 3.00
CA ASP D 504 -43.25 9.09 2.93
C ASP D 504 -42.51 7.81 2.60
N HIS D 505 -42.31 6.97 3.61
CA HIS D 505 -41.54 5.74 3.42
C HIS D 505 -42.44 4.52 3.22
N TYR D 506 -43.75 4.73 3.11
CA TYR D 506 -44.70 3.63 3.22
C TYR D 506 -45.60 3.41 2.00
N THR D 507 -45.89 4.48 1.26
CA THR D 507 -46.85 4.37 0.15
C THR D 507 -46.34 3.45 -0.96
N GLN D 508 -45.08 3.63 -1.35
CA GLN D 508 -44.56 2.80 -2.43
C GLN D 508 -44.29 1.32 -2.09
N PRO D 509 -43.81 1.01 -0.87
CA PRO D 509 -43.77 -0.41 -0.52
C PRO D 509 -45.15 -1.05 -0.65
N ARG D 510 -46.19 -0.32 -0.24
CA ARG D 510 -47.57 -0.80 -0.42
C ARG D 510 -47.92 -0.98 -1.92
N LEU D 511 -47.58 0.03 -2.73
CA LEU D 511 -47.74 -0.08 -4.18
C LEU D 511 -47.09 -1.34 -4.75
N PHE D 512 -45.82 -1.56 -4.39
CA PHE D 512 -45.08 -2.76 -4.82
C PHE D 512 -45.81 -4.04 -4.38
N PHE D 513 -46.15 -4.11 -3.10
CA PHE D 513 -46.80 -5.31 -2.59
C PHE D 513 -48.14 -5.55 -3.28
N ASN D 514 -48.91 -4.49 -3.49
CA ASN D 514 -50.19 -4.62 -4.20
C ASN D 514 -50.02 -5.19 -5.60
N SER D 515 -48.87 -4.95 -6.23
CA SER D 515 -48.68 -5.28 -7.64
C SER D 515 -48.12 -6.68 -7.89
N LEU D 516 -48.04 -7.49 -6.84
CA LEU D 516 -47.59 -8.88 -7.00
C LEU D 516 -48.78 -9.85 -7.02
N THR D 517 -48.59 -11.03 -7.61
CA THR D 517 -49.62 -12.07 -7.55
C THR D 517 -49.78 -12.57 -6.12
N PRO D 518 -50.93 -13.19 -5.80
CA PRO D 518 -51.17 -13.65 -4.42
C PRO D 518 -50.08 -14.58 -3.88
N VAL D 519 -49.58 -15.50 -4.70
CA VAL D 519 -48.52 -16.37 -4.22
C VAL D 519 -47.20 -15.59 -4.07
N GLU D 520 -46.94 -14.66 -5.01
CA GLU D 520 -45.77 -13.79 -4.87
C GLU D 520 -45.80 -13.00 -3.57
N GLN D 521 -47.00 -12.58 -3.17
CA GLN D 521 -47.18 -11.85 -1.93
C GLN D 521 -46.85 -12.77 -0.75
N GLN D 522 -47.29 -14.02 -0.85
CA GLN D 522 -47.01 -14.99 0.19
C GLN D 522 -45.49 -15.20 0.33
N PHE D 523 -44.79 -15.26 -0.80
CA PHE D 523 -43.33 -15.44 -0.78
C PHE D 523 -42.66 -14.28 -0.04
N VAL D 524 -43.16 -13.06 -0.25
CA VAL D 524 -42.64 -11.91 0.46
C VAL D 524 -42.93 -12.04 1.96
N ILE D 525 -44.16 -12.42 2.29
CA ILE D 525 -44.54 -12.63 3.69
C ILE D 525 -43.66 -13.73 4.32
N ASN D 526 -43.45 -14.81 3.59
CA ASN D 526 -42.69 -15.93 4.12
C ASN D 526 -41.18 -15.68 4.25
N ALA D 527 -40.63 -14.84 3.36
CA ALA D 527 -39.25 -14.38 3.51
C ALA D 527 -39.12 -13.54 4.77
N ILE D 528 -40.06 -12.62 4.98
CA ILE D 528 -40.01 -11.79 6.20
C ILE D 528 -40.17 -12.63 7.45
N ARG D 529 -41.12 -13.57 7.42
CA ARG D 529 -41.32 -14.52 8.52
C ARG D 529 -40.05 -15.32 8.85
N PHE D 530 -39.41 -15.84 7.82
CA PHE D 530 -38.18 -16.58 7.98
C PHE D 530 -37.13 -15.68 8.64
N GLU D 531 -36.88 -14.53 8.03
CA GLU D 531 -35.83 -13.63 8.50
C GLU D 531 -36.08 -13.05 9.89
N ALA D 532 -37.25 -12.46 10.08
CA ALA D 532 -37.56 -11.82 11.35
C ALA D 532 -37.54 -12.81 12.53
N SER D 533 -37.79 -14.09 12.26
CA SER D 533 -37.76 -15.10 13.33
C SER D 533 -36.33 -15.40 13.81
N HIS D 534 -35.33 -14.91 13.09
CA HIS D 534 -33.93 -15.05 13.52
C HIS D 534 -33.52 -13.94 14.49
N VAL D 535 -34.37 -12.93 14.61
CA VAL D 535 -34.04 -11.76 15.41
C VAL D 535 -34.24 -12.14 16.86
N THR D 536 -33.20 -12.03 17.67
CA THR D 536 -33.30 -12.47 19.06
C THR D 536 -34.02 -11.45 19.94
N ASN D 537 -33.80 -10.17 19.65
CA ASN D 537 -34.36 -9.11 20.48
C ASN D 537 -35.85 -8.92 20.21
N GLU D 538 -36.65 -9.07 21.25
CA GLU D 538 -38.11 -8.99 21.17
C GLU D 538 -38.58 -7.61 20.72
N GLN D 539 -37.99 -6.57 21.30
CA GLN D 539 -38.38 -5.22 20.96
C GLN D 539 -38.11 -4.90 19.50
N VAL D 540 -37.00 -5.41 18.95
CA VAL D 540 -36.72 -5.18 17.52
C VAL D 540 -37.80 -5.82 16.67
N LYS D 541 -38.18 -7.06 17.00
CA LYS D 541 -39.30 -7.70 16.29
C LYS D 541 -40.57 -6.86 16.38
N LYS D 542 -40.87 -6.32 17.57
CA LYS D 542 -42.03 -5.45 17.72
C LYS D 542 -41.88 -4.19 16.86
N ASN D 543 -40.67 -3.64 16.80
CA ASN D 543 -40.41 -2.47 15.97
C ASN D 543 -40.65 -2.78 14.50
N VAL D 544 -40.22 -3.96 14.07
CA VAL D 544 -40.46 -4.36 12.70
C VAL D 544 -41.96 -4.42 12.39
N LEU D 545 -42.73 -5.00 13.30
CA LEU D 545 -44.16 -5.15 13.07
C LEU D 545 -44.87 -3.79 12.99
N GLU D 546 -44.43 -2.87 13.84
CA GLU D 546 -45.02 -1.52 13.84
C GLU D 546 -44.80 -0.86 12.48
N GLN D 547 -43.60 -1.05 11.92
CA GLN D 547 -43.26 -0.44 10.64
C GLN D 547 -43.98 -1.10 9.48
N LEU D 548 -44.05 -2.43 9.50
CA LEU D 548 -44.80 -3.16 8.48
C LEU D 548 -46.29 -2.74 8.47
N ASN D 549 -46.81 -2.48 9.66
CA ASN D 549 -48.22 -2.14 9.81
C ASN D 549 -48.57 -0.83 9.13
N LYS D 550 -47.59 0.06 8.98
CA LYS D 550 -47.84 1.33 8.32
C LYS D 550 -47.99 1.11 6.82
N ILE D 551 -47.48 -0.02 6.35
CA ILE D 551 -47.54 -0.37 4.94
C ILE D 551 -48.81 -1.14 4.63
N SER D 552 -49.07 -2.17 5.44
CA SER D 552 -50.23 -3.03 5.25
C SER D 552 -50.51 -3.75 6.56
N ASN D 553 -51.73 -3.59 7.08
CA ASN D 553 -52.12 -4.29 8.30
C ASN D 553 -52.11 -5.80 8.07
N ASP D 554 -52.55 -6.24 6.89
CA ASP D 554 -52.59 -7.68 6.59
C ASP D 554 -51.19 -8.30 6.62
N VAL D 555 -50.23 -7.64 5.96
CA VAL D 555 -48.84 -8.09 6.00
C VAL D 555 -48.34 -8.22 7.44
N ALA D 556 -48.56 -7.17 8.23
CA ALA D 556 -48.11 -7.18 9.62
C ALA D 556 -48.72 -8.35 10.38
N LYS D 557 -50.00 -8.61 10.14
CA LYS D 557 -50.71 -9.66 10.86
C LYS D 557 -50.14 -11.02 10.53
N ARG D 558 -49.96 -11.24 9.23
CA ARG D 558 -49.46 -12.52 8.73
C ARG D 558 -48.00 -12.78 9.15
N VAL D 559 -47.18 -11.74 9.17
CA VAL D 559 -45.82 -11.89 9.69
C VAL D 559 -45.83 -12.15 11.20
N ALA D 560 -46.66 -11.39 11.92
CA ALA D 560 -46.76 -11.52 13.37
C ALA D 560 -47.10 -12.95 13.82
N VAL D 561 -47.87 -13.66 13.00
CA VAL D 561 -48.18 -15.06 13.29
C VAL D 561 -46.91 -15.88 13.53
N ALA D 562 -45.97 -15.79 12.59
CA ALA D 562 -44.74 -16.58 12.70
C ALA D 562 -43.95 -16.18 13.94
N LEU D 563 -44.07 -14.92 14.34
CA LEU D 563 -43.28 -14.40 15.45
C LEU D 563 -43.95 -14.64 16.79
N GLY D 564 -45.19 -15.11 16.78
CA GLY D 564 -45.92 -15.32 18.02
C GLY D 564 -46.21 -14.02 18.75
N LEU D 565 -46.48 -12.97 17.98
CA LEU D 565 -46.76 -11.66 18.55
C LEU D 565 -48.09 -11.13 18.01
N GLU D 566 -48.61 -10.09 18.64
CA GLU D 566 -49.80 -9.43 18.17
C GLU D 566 -49.41 -8.22 17.31
N ALA D 567 -49.98 -8.13 16.12
CA ALA D 567 -49.74 -6.96 15.28
C ALA D 567 -50.49 -5.75 15.84
N PRO D 568 -49.91 -4.56 15.68
CA PRO D 568 -50.63 -3.35 16.11
C PRO D 568 -51.95 -3.20 15.34
N GLN D 569 -52.85 -2.36 15.83
CA GLN D 569 -54.12 -2.13 15.17
C GLN D 569 -53.88 -1.40 13.85
N PRO D 570 -54.79 -1.57 12.87
CA PRO D 570 -54.59 -0.95 11.55
C PRO D 570 -54.28 0.54 11.67
N ASP D 571 -53.35 1.03 10.86
CA ASP D 571 -53.05 2.46 10.76
C ASP D 571 -53.22 2.87 9.30
N PRO D 572 -54.41 3.39 8.96
CA PRO D 572 -54.77 3.61 7.56
C PRO D 572 -54.05 4.76 6.86
N THR D 573 -53.15 5.49 7.54
CA THR D 573 -52.54 6.69 6.97
C THR D 573 -52.01 6.52 5.55
N TYR D 574 -51.26 5.44 5.32
CA TYR D 574 -50.63 5.22 4.03
C TYR D 574 -51.25 4.09 3.22
N TYR D 575 -52.30 3.45 3.74
CA TYR D 575 -52.88 2.32 3.00
C TYR D 575 -53.49 2.79 1.69
N HIS D 576 -53.41 1.95 0.66
CA HIS D 576 -54.07 2.24 -0.60
C HIS D 576 -54.11 0.97 -1.43
N ASN D 577 -54.86 1.00 -2.53
CA ASN D 577 -55.08 -0.19 -3.32
C ASN D 577 -54.52 -0.07 -4.72
N ASN D 578 -53.64 0.90 -4.94
CA ASN D 578 -53.10 1.13 -6.28
C ASN D 578 -52.09 0.08 -6.67
N VAL D 579 -52.03 -0.19 -7.98
CA VAL D 579 -51.09 -1.16 -8.52
C VAL D 579 -50.34 -0.55 -9.71
N THR D 580 -49.22 -1.18 -10.07
CA THR D 580 -48.39 -0.68 -11.18
C THR D 580 -47.78 -1.88 -11.89
N ARG D 581 -47.54 -1.74 -13.18
CA ARG D 581 -47.14 -2.87 -14.00
C ARG D 581 -45.64 -3.12 -13.96
N GLY D 582 -45.26 -4.37 -14.24
CA GLY D 582 -43.88 -4.72 -14.51
C GLY D 582 -42.99 -5.00 -13.34
N VAL D 583 -43.58 -5.10 -12.14
CA VAL D 583 -42.75 -5.35 -10.97
C VAL D 583 -42.84 -6.80 -10.48
N SER D 584 -43.75 -7.55 -11.10
CA SER D 584 -43.91 -8.96 -10.79
C SER D 584 -42.92 -9.84 -11.56
N ILE D 585 -42.56 -10.98 -11.00
CA ILE D 585 -41.67 -11.92 -11.70
C ILE D 585 -42.44 -13.13 -12.24
N PHE D 586 -43.23 -13.77 -11.40
CA PHE D 586 -43.86 -15.04 -11.75
C PHE D 586 -45.12 -14.91 -12.62
N ASN D 587 -45.61 -13.69 -12.76
CA ASN D 587 -46.89 -13.48 -13.40
C ASN D 587 -46.85 -13.63 -14.93
N GLU D 588 -45.65 -13.60 -15.50
CA GLU D 588 -45.52 -13.70 -16.95
C GLU D 588 -44.61 -14.86 -17.34
N SER D 589 -45.00 -15.61 -18.37
N SER D 589 -45.00 -15.60 -18.38
CA SER D 589 -44.20 -16.74 -18.81
CA SER D 589 -44.22 -16.72 -18.87
C SER D 589 -42.94 -16.25 -19.53
C SER D 589 -42.92 -16.23 -19.51
N LEU D 590 -41.93 -17.11 -19.57
CA LEU D 590 -40.65 -16.77 -20.19
C LEU D 590 -40.77 -16.75 -21.70
N PRO D 591 -40.07 -15.80 -22.35
CA PRO D 591 -40.16 -15.67 -23.81
C PRO D 591 -39.35 -16.72 -24.57
N THR D 592 -38.42 -17.36 -23.87
CA THR D 592 -37.62 -18.43 -24.47
C THR D 592 -37.25 -19.42 -23.38
N ILE D 593 -37.05 -20.67 -23.74
CA ILE D 593 -36.59 -21.65 -22.75
C ILE D 593 -35.19 -22.12 -23.08
N ALA D 594 -34.56 -21.45 -24.04
CA ALA D 594 -33.19 -21.80 -24.43
C ALA D 594 -32.29 -21.71 -23.21
N THR D 595 -31.35 -22.65 -23.10
CA THR D 595 -30.40 -22.79 -21.97
C THR D 595 -30.99 -23.37 -20.70
N LEU D 596 -32.31 -23.41 -20.56
CA LEU D 596 -32.89 -24.00 -19.36
C LEU D 596 -32.46 -25.46 -19.20
N ARG D 597 -32.31 -25.91 -17.96
CA ARG D 597 -31.69 -27.20 -17.69
C ARG D 597 -32.67 -28.31 -17.33
N VAL D 598 -32.49 -29.47 -17.94
CA VAL D 598 -33.32 -30.63 -17.68
C VAL D 598 -32.46 -31.75 -17.10
N GLY D 599 -32.74 -32.13 -15.87
CA GLY D 599 -32.10 -33.30 -15.30
C GLY D 599 -32.91 -34.53 -15.65
N VAL D 600 -32.28 -35.48 -16.34
CA VAL D 600 -32.97 -36.71 -16.73
C VAL D 600 -32.49 -37.88 -15.86
N LEU D 601 -33.33 -38.35 -14.97
CA LEU D 601 -32.96 -39.44 -14.06
C LEU D 601 -33.10 -40.80 -14.75
N SER D 602 -31.98 -41.48 -14.93
CA SER D 602 -31.97 -42.76 -15.63
C SER D 602 -31.37 -43.83 -14.72
N THR D 603 -30.88 -44.91 -15.34
CA THR D 603 -30.19 -45.96 -14.61
C THR D 603 -29.36 -46.78 -15.59
N THR D 604 -28.31 -47.43 -15.07
CA THR D 604 -27.41 -48.20 -15.91
C THR D 604 -27.96 -49.59 -16.25
N LYS D 605 -28.98 -50.03 -15.53
CA LYS D 605 -29.59 -51.34 -15.78
C LYS D 605 -30.65 -51.25 -16.88
N GLY D 606 -30.69 -52.25 -17.74
CA GLY D 606 -31.76 -52.36 -18.72
C GLY D 606 -31.71 -51.34 -19.83
N GLY D 607 -32.88 -50.90 -20.28
CA GLY D 607 -32.96 -50.06 -21.45
C GLY D 607 -33.20 -48.58 -21.20
N SER D 608 -33.12 -48.16 -19.94
CA SER D 608 -33.39 -46.76 -19.61
C SER D 608 -32.43 -45.83 -20.35
N LEU D 609 -31.14 -46.12 -20.24
CA LEU D 609 -30.10 -45.23 -20.74
C LEU D 609 -30.25 -44.86 -22.23
N ASP D 610 -30.55 -45.85 -23.06
CA ASP D 610 -30.72 -45.59 -24.49
C ASP D 610 -31.90 -44.66 -24.78
N LYS D 611 -32.97 -44.81 -24.02
CA LYS D 611 -34.14 -43.94 -24.16
C LYS D 611 -33.86 -42.54 -23.64
N ALA D 612 -32.97 -42.44 -22.66
CA ALA D 612 -32.59 -41.17 -22.10
C ALA D 612 -31.76 -40.39 -23.12
N LYS D 613 -30.90 -41.10 -23.84
CA LYS D 613 -30.13 -40.50 -24.94
C LYS D 613 -31.06 -39.85 -25.96
N ALA D 614 -32.16 -40.53 -26.27
CA ALA D 614 -33.12 -40.06 -27.28
C ALA D 614 -33.87 -38.84 -26.78
N LEU D 615 -34.28 -38.90 -25.52
CA LEU D 615 -34.95 -37.77 -24.88
C LEU D 615 -34.02 -36.55 -24.91
N LYS D 616 -32.78 -36.75 -24.47
CA LYS D 616 -31.77 -35.71 -24.47
C LYS D 616 -31.58 -35.07 -25.84
N GLU D 617 -31.41 -35.90 -26.86
CA GLU D 617 -31.20 -35.41 -28.23
C GLU D 617 -32.35 -34.52 -28.71
N GLN D 618 -33.58 -34.90 -28.38
CA GLN D 618 -34.73 -34.10 -28.77
C GLN D 618 -34.79 -32.79 -28.00
N LEU D 619 -34.60 -32.85 -26.69
CA LEU D 619 -34.65 -31.65 -25.85
C LEU D 619 -33.59 -30.64 -26.26
N GLU D 620 -32.38 -31.13 -26.56
CA GLU D 620 -31.28 -30.26 -26.94
C GLU D 620 -31.54 -29.58 -28.27
N LYS D 621 -32.20 -30.27 -29.20
CA LYS D 621 -32.48 -29.64 -30.49
C LYS D 621 -33.43 -28.46 -30.29
N ASP D 622 -34.14 -28.46 -29.17
CA ASP D 622 -35.01 -27.32 -28.86
C ASP D 622 -34.40 -26.35 -27.85
N GLY D 623 -33.07 -26.33 -27.76
CA GLY D 623 -32.37 -25.27 -27.07
C GLY D 623 -32.09 -25.51 -25.61
N LEU D 624 -32.44 -26.70 -25.13
CA LEU D 624 -32.26 -27.03 -23.72
C LEU D 624 -30.90 -27.65 -23.40
N LYS D 625 -30.51 -27.52 -22.13
CA LYS D 625 -29.27 -28.07 -21.63
C LYS D 625 -29.66 -29.29 -20.83
N VAL D 626 -29.25 -30.48 -21.29
CA VAL D 626 -29.71 -31.72 -20.67
C VAL D 626 -28.58 -32.48 -20.00
N THR D 627 -28.85 -32.95 -18.78
CA THR D 627 -27.91 -33.76 -18.02
C THR D 627 -28.49 -35.14 -17.75
N VAL D 628 -27.94 -36.17 -18.39
CA VAL D 628 -28.39 -37.54 -18.12
C VAL D 628 -27.73 -38.06 -16.83
N ILE D 629 -28.54 -38.44 -15.84
CA ILE D 629 -28.04 -38.91 -14.56
C ILE D 629 -28.25 -40.43 -14.37
N ALA D 630 -27.26 -41.10 -13.78
CA ALA D 630 -27.36 -42.51 -13.46
C ALA D 630 -26.42 -42.85 -12.31
N GLU D 631 -26.35 -44.13 -11.96
CA GLU D 631 -25.57 -44.54 -10.78
C GLU D 631 -24.07 -44.38 -10.95
N TYR D 632 -23.58 -44.52 -12.19
CA TYR D 632 -22.16 -44.31 -12.47
C TYR D 632 -21.98 -43.79 -13.88
N LEU D 633 -20.76 -43.35 -14.23
CA LEU D 633 -20.58 -42.69 -15.50
C LEU D 633 -20.53 -43.66 -16.68
N ALA D 634 -21.66 -44.31 -16.93
CA ALA D 634 -21.80 -45.18 -18.10
C ALA D 634 -21.77 -44.31 -19.35
N SER D 635 -21.61 -44.93 -20.51
CA SER D 635 -21.61 -44.17 -21.75
C SER D 635 -22.94 -43.45 -21.92
N GLY D 636 -22.89 -42.14 -22.15
CA GLY D 636 -24.11 -41.36 -22.30
C GLY D 636 -24.61 -40.74 -21.00
N VAL D 637 -23.91 -41.01 -19.91
CA VAL D 637 -24.27 -40.43 -18.62
C VAL D 637 -23.44 -39.16 -18.35
N ASP D 638 -24.12 -38.06 -18.02
CA ASP D 638 -23.43 -36.80 -17.79
C ASP D 638 -22.99 -36.61 -16.34
N GLN D 639 -23.73 -37.23 -15.41
CA GLN D 639 -23.51 -36.97 -13.98
C GLN D 639 -24.02 -38.14 -13.16
N THR D 640 -23.34 -38.45 -12.05
CA THR D 640 -23.81 -39.50 -11.14
C THR D 640 -24.84 -38.98 -10.14
N TYR D 641 -25.67 -39.89 -9.62
CA TYR D 641 -26.63 -39.55 -8.58
C TYR D 641 -25.93 -38.98 -7.36
N SER D 642 -24.72 -39.46 -7.10
CA SER D 642 -23.97 -38.94 -5.97
C SER D 642 -23.70 -37.45 -6.18
N ALA D 643 -23.47 -37.06 -7.43
CA ALA D 643 -23.11 -35.68 -7.74
C ALA D 643 -24.31 -34.81 -8.06
N ALA D 644 -25.48 -35.43 -8.22
CA ALA D 644 -26.66 -34.70 -8.68
C ALA D 644 -27.49 -34.08 -7.55
N ASP D 645 -28.20 -33.01 -7.90
CA ASP D 645 -29.16 -32.37 -7.00
C ASP D 645 -30.18 -31.63 -7.84
N ALA D 646 -31.42 -31.57 -7.36
CA ALA D 646 -32.50 -30.91 -8.10
C ALA D 646 -32.25 -29.42 -8.31
N THR D 647 -31.50 -28.79 -7.41
CA THR D 647 -31.25 -27.35 -7.48
C THR D 647 -30.56 -26.96 -8.78
N ALA D 648 -29.86 -27.92 -9.40
CA ALA D 648 -29.10 -27.65 -10.62
C ALA D 648 -29.97 -27.55 -11.86
N PHE D 649 -31.23 -27.96 -11.74
CA PHE D 649 -32.09 -28.09 -12.93
C PHE D 649 -33.35 -27.26 -12.87
N ASP D 650 -33.87 -26.91 -14.06
CA ASP D 650 -35.13 -26.20 -14.18
C ASP D 650 -36.32 -27.15 -14.36
N ALA D 651 -36.03 -28.37 -14.78
CA ALA D 651 -37.06 -29.40 -14.95
C ALA D 651 -36.44 -30.75 -14.63
N VAL D 652 -37.24 -31.68 -14.11
CA VAL D 652 -36.73 -33.01 -13.79
C VAL D 652 -37.58 -34.09 -14.48
N VAL D 653 -36.94 -35.00 -15.21
CA VAL D 653 -37.64 -36.04 -15.95
C VAL D 653 -37.08 -37.43 -15.63
N VAL D 654 -37.96 -38.37 -15.29
CA VAL D 654 -37.53 -39.75 -15.02
C VAL D 654 -37.61 -40.55 -16.31
N ALA D 655 -36.49 -41.09 -16.79
CA ALA D 655 -36.50 -41.87 -18.01
C ALA D 655 -37.14 -43.23 -17.75
N GLU D 656 -37.78 -43.81 -18.76
CA GLU D 656 -38.50 -45.07 -18.56
C GLU D 656 -37.57 -46.17 -18.06
N GLY D 657 -38.00 -46.87 -17.02
CA GLY D 657 -37.17 -47.91 -16.44
C GLY D 657 -36.48 -47.45 -15.18
N ALA D 658 -36.21 -46.15 -15.10
CA ALA D 658 -35.46 -45.60 -13.96
C ALA D 658 -36.28 -45.68 -12.67
N GLU D 659 -37.54 -46.07 -12.77
CA GLU D 659 -38.35 -46.29 -11.58
C GLU D 659 -37.70 -47.30 -10.63
N ARG D 660 -36.77 -48.10 -11.14
CA ARG D 660 -36.11 -49.12 -10.32
C ARG D 660 -35.22 -48.53 -9.24
N VAL D 661 -34.87 -47.25 -9.36
CA VAL D 661 -34.02 -46.62 -8.33
C VAL D 661 -34.84 -45.84 -7.28
N PHE D 662 -36.16 -45.94 -7.37
CA PHE D 662 -37.04 -45.22 -6.46
C PHE D 662 -37.61 -46.11 -5.37
N SER D 663 -37.44 -47.41 -5.54
CA SER D 663 -37.91 -48.38 -4.56
C SER D 663 -37.07 -49.64 -4.68
N GLY D 664 -37.10 -50.48 -3.65
CA GLY D 664 -36.45 -51.77 -3.73
C GLY D 664 -34.94 -51.72 -3.68
N LYS D 665 -34.30 -52.67 -4.35
CA LYS D 665 -32.84 -52.80 -4.30
C LYS D 665 -32.14 -51.72 -5.12
N GLY D 666 -32.76 -51.28 -6.22
CA GLY D 666 -32.19 -50.26 -7.07
C GLY D 666 -31.94 -48.95 -6.34
N ALA D 667 -32.73 -48.71 -5.30
CA ALA D 667 -32.61 -47.49 -4.51
C ALA D 667 -31.53 -47.60 -3.44
N MET D 668 -30.96 -48.79 -3.29
CA MET D 668 -29.98 -49.00 -2.22
C MET D 668 -28.57 -49.31 -2.69
N SER D 669 -28.04 -48.50 -3.60
CA SER D 669 -26.65 -48.65 -4.04
C SER D 669 -25.73 -47.90 -3.11
N PRO D 670 -24.51 -48.44 -2.91
CA PRO D 670 -23.48 -47.66 -2.20
C PRO D 670 -22.85 -46.59 -3.10
N LEU D 671 -23.32 -46.48 -4.34
CA LEU D 671 -22.81 -45.48 -5.28
C LEU D 671 -23.46 -44.10 -5.08
N PHE D 672 -24.54 -44.05 -4.30
CA PHE D 672 -25.20 -42.77 -4.02
C PHE D 672 -25.84 -42.80 -2.63
N PRO D 673 -26.03 -41.62 -2.01
CA PRO D 673 -26.64 -41.55 -0.69
C PRO D 673 -28.07 -42.08 -0.69
N ALA D 674 -28.49 -42.68 0.42
CA ALA D 674 -29.83 -43.27 0.52
C ALA D 674 -30.91 -42.29 0.09
N GLY D 675 -31.83 -42.77 -0.74
CA GLY D 675 -32.98 -41.97 -1.14
C GLY D 675 -32.70 -40.91 -2.19
N ARG D 676 -31.47 -40.85 -2.69
CA ARG D 676 -31.07 -39.75 -3.57
C ARG D 676 -31.97 -39.53 -4.80
N PRO D 677 -32.28 -40.59 -5.56
CA PRO D 677 -33.14 -40.30 -6.72
C PRO D 677 -34.52 -39.81 -6.32
N SER D 678 -35.09 -40.37 -5.26
CA SER D 678 -36.39 -39.91 -4.75
C SER D 678 -36.32 -38.47 -4.27
N GLN D 679 -35.22 -38.11 -3.61
CA GLN D 679 -35.07 -36.75 -3.12
C GLN D 679 -35.01 -35.72 -4.25
N ILE D 680 -34.35 -36.05 -5.35
CA ILE D 680 -34.25 -35.13 -6.49
C ILE D 680 -35.64 -34.86 -7.10
N LEU D 681 -36.42 -35.92 -7.27
CA LEU D 681 -37.78 -35.78 -7.79
C LEU D 681 -38.66 -35.04 -6.77
N THR D 682 -38.45 -35.32 -5.49
CA THR D 682 -39.23 -34.67 -4.45
C THR D 682 -38.93 -33.17 -4.39
N ASP D 683 -37.64 -32.83 -4.34
CA ASP D 683 -37.21 -31.44 -4.34
C ASP D 683 -37.76 -30.73 -5.58
N GLY D 684 -37.59 -31.35 -6.73
CA GLY D 684 -38.05 -30.78 -7.98
C GLY D 684 -39.53 -30.44 -7.94
N TYR D 685 -40.33 -31.36 -7.41
CA TYR D 685 -41.77 -31.12 -7.32
C TYR D 685 -42.10 -29.98 -6.35
N ARG D 686 -41.62 -30.08 -5.12
CA ARG D 686 -41.97 -29.13 -4.07
C ARG D 686 -41.44 -27.71 -4.31
N TRP D 687 -40.41 -27.60 -5.14
CA TRP D 687 -39.83 -26.31 -5.49
C TRP D 687 -40.49 -25.76 -6.76
N GLY D 688 -41.54 -26.43 -7.22
CA GLY D 688 -42.39 -25.90 -8.26
C GLY D 688 -41.95 -26.10 -9.70
N LYS D 689 -41.02 -27.03 -9.90
CA LYS D 689 -40.46 -27.26 -11.23
C LYS D 689 -41.40 -28.14 -12.05
N PRO D 690 -41.34 -27.99 -13.38
CA PRO D 690 -41.94 -29.03 -14.23
C PRO D 690 -41.29 -30.36 -13.89
N VAL D 691 -42.09 -31.39 -13.61
CA VAL D 691 -41.55 -32.73 -13.37
C VAL D 691 -42.33 -33.74 -14.20
N ALA D 692 -41.67 -34.82 -14.58
CA ALA D 692 -42.25 -35.73 -15.56
C ALA D 692 -41.64 -37.13 -15.50
N ALA D 693 -42.36 -38.09 -16.09
CA ALA D 693 -41.88 -39.46 -16.14
C ALA D 693 -42.40 -40.12 -17.41
N VAL D 694 -41.51 -40.74 -18.16
CA VAL D 694 -41.88 -41.38 -19.42
C VAL D 694 -42.29 -42.85 -19.20
N GLY D 695 -43.45 -43.22 -19.71
CA GLY D 695 -43.90 -44.60 -19.68
C GLY D 695 -44.04 -45.17 -18.29
N SER D 696 -43.40 -46.31 -18.06
CA SER D 696 -43.50 -47.02 -16.78
C SER D 696 -42.85 -46.25 -15.64
N ALA D 697 -42.08 -45.22 -15.97
CA ALA D 697 -41.43 -44.38 -14.97
C ALA D 697 -42.45 -43.60 -14.13
N LYS D 698 -43.72 -43.60 -14.55
CA LYS D 698 -44.79 -43.00 -13.75
C LYS D 698 -44.83 -43.58 -12.36
N LYS D 699 -44.31 -44.79 -12.21
CA LYS D 699 -44.21 -45.43 -10.90
C LYS D 699 -43.37 -44.57 -9.95
N ALA D 700 -42.39 -43.86 -10.50
CA ALA D 700 -41.56 -42.98 -9.68
C ALA D 700 -42.39 -41.80 -9.17
N LEU D 701 -43.22 -41.22 -10.04
CA LEU D 701 -44.15 -40.17 -9.61
C LEU D 701 -45.08 -40.70 -8.53
N GLN D 702 -45.55 -41.92 -8.71
CA GLN D 702 -46.46 -42.53 -7.74
C GLN D 702 -45.76 -42.75 -6.41
N SER D 703 -44.48 -43.11 -6.47
CA SER D 703 -43.70 -43.40 -5.26
C SER D 703 -43.60 -42.19 -4.33
N ILE D 704 -43.73 -40.98 -4.86
CA ILE D 704 -43.63 -39.78 -4.03
C ILE D 704 -44.97 -39.06 -3.88
N GLY D 705 -46.05 -39.74 -4.28
CA GLY D 705 -47.38 -39.20 -4.05
C GLY D 705 -47.77 -38.06 -4.97
N VAL D 706 -47.08 -37.94 -6.11
CA VAL D 706 -47.41 -36.90 -7.09
C VAL D 706 -48.30 -37.48 -8.19
N GLU D 707 -49.38 -36.78 -8.50
CA GLU D 707 -50.36 -37.30 -9.46
C GLU D 707 -50.20 -36.72 -10.86
N GLU D 708 -50.39 -37.58 -11.86
CA GLU D 708 -50.16 -37.25 -13.26
C GLU D 708 -51.01 -36.06 -13.74
N LYS D 709 -52.15 -35.85 -13.09
CA LYS D 709 -53.12 -34.86 -13.53
C LYS D 709 -52.76 -33.43 -13.09
N GLU D 710 -51.78 -33.31 -12.20
CA GLU D 710 -51.43 -32.02 -11.62
C GLU D 710 -50.82 -31.06 -12.65
N ALA D 711 -50.97 -29.75 -12.42
CA ALA D 711 -50.30 -28.79 -13.29
C ALA D 711 -48.79 -28.94 -13.14
N GLY D 712 -48.06 -28.87 -14.25
CA GLY D 712 -46.62 -28.98 -14.21
C GLY D 712 -46.09 -30.39 -13.96
N VAL D 713 -46.98 -31.37 -13.99
CA VAL D 713 -46.60 -32.78 -13.90
C VAL D 713 -47.01 -33.50 -15.18
N TYR D 714 -46.07 -34.22 -15.81
CA TYR D 714 -46.30 -34.82 -17.12
C TYR D 714 -45.92 -36.30 -17.20
N ALA D 715 -46.81 -37.12 -17.73
CA ALA D 715 -46.52 -38.54 -17.92
C ALA D 715 -46.96 -39.00 -19.30
N GLY D 716 -46.59 -40.22 -19.66
CA GLY D 716 -46.94 -40.76 -20.96
C GLY D 716 -45.72 -41.07 -21.78
N ALA D 717 -45.84 -40.94 -23.09
CA ALA D 717 -44.74 -41.24 -24.00
C ALA D 717 -43.81 -40.04 -24.17
N GLN D 718 -42.60 -40.32 -24.66
CA GLN D 718 -41.55 -39.32 -24.83
C GLN D 718 -42.04 -38.03 -25.53
N ASP D 719 -42.92 -38.19 -26.51
CA ASP D 719 -43.47 -37.04 -27.23
C ASP D 719 -44.38 -36.17 -26.35
N GLU D 720 -45.31 -36.80 -25.62
CA GLU D 720 -46.18 -36.05 -24.73
C GLU D 720 -45.37 -35.40 -23.60
N VAL D 721 -44.38 -36.13 -23.07
CA VAL D 721 -43.54 -35.61 -22.01
C VAL D 721 -42.69 -34.42 -22.45
N ILE D 722 -42.05 -34.54 -23.61
CA ILE D 722 -41.22 -33.46 -24.12
C ILE D 722 -42.03 -32.19 -24.33
N LYS D 723 -43.20 -32.32 -24.97
CA LYS D 723 -44.04 -31.17 -25.25
C LYS D 723 -44.56 -30.52 -23.97
N GLY D 724 -44.90 -31.35 -22.98
CA GLY D 724 -45.42 -30.85 -21.73
C GLY D 724 -44.34 -30.19 -20.90
N VAL D 725 -43.16 -30.80 -20.86
CA VAL D 725 -42.03 -30.22 -20.14
C VAL D 725 -41.65 -28.87 -20.74
N GLU D 726 -41.52 -28.81 -22.06
CA GLU D 726 -41.18 -27.55 -22.71
C GLU D 726 -42.22 -26.45 -22.49
N GLU D 727 -43.52 -26.81 -22.45
CA GLU D 727 -44.53 -25.80 -22.14
C GLU D 727 -44.46 -25.39 -20.65
N GLY D 728 -44.15 -26.35 -19.78
CA GLY D 728 -44.04 -26.07 -18.35
C GLY D 728 -42.86 -25.17 -18.02
N LEU D 729 -41.79 -25.29 -18.80
CA LEU D 729 -40.58 -24.48 -18.62
C LEU D 729 -40.82 -22.99 -18.91
N LYS D 730 -41.83 -22.70 -19.72
CA LYS D 730 -42.22 -21.30 -19.98
C LYS D 730 -42.92 -20.71 -18.77
N VAL D 731 -43.76 -21.51 -18.11
CA VAL D 731 -44.41 -21.11 -16.87
C VAL D 731 -43.36 -20.95 -15.79
N PHE D 732 -42.41 -21.88 -15.83
CA PHE D 732 -41.21 -21.91 -15.01
C PHE D 732 -41.42 -22.44 -13.58
N LYS D 733 -42.25 -21.75 -12.79
CA LYS D 733 -42.60 -22.27 -11.46
C LYS D 733 -44.12 -22.47 -11.40
N PHE D 734 -44.55 -23.62 -10.89
CA PHE D 734 -45.98 -23.85 -10.70
C PHE D 734 -46.43 -23.45 -9.29
N LEU D 735 -46.96 -22.24 -9.20
CA LEU D 735 -47.20 -21.60 -7.92
C LEU D 735 -48.39 -22.22 -7.18
N GLU D 736 -49.17 -23.06 -7.86
CA GLU D 736 -50.28 -23.70 -7.18
C GLU D 736 -49.80 -24.70 -6.11
N ARG D 737 -48.53 -25.09 -6.17
CA ARG D 737 -47.97 -26.01 -5.18
C ARG D 737 -47.57 -25.33 -3.87
N PHE D 738 -47.79 -24.03 -3.76
CA PHE D 738 -47.41 -23.30 -2.55
C PHE D 738 -48.62 -22.78 -1.78
N ALA D 739 -48.67 -23.12 -0.49
CA ALA D 739 -49.82 -22.75 0.34
C ALA D 739 -49.82 -21.25 0.63
N VAL D 740 -51.02 -20.69 0.70
CA VAL D 740 -51.20 -19.28 1.00
C VAL D 740 -51.97 -19.22 2.30
N ASP D 741 -51.69 -18.20 3.11
CA ASP D 741 -52.36 -18.02 4.40
C ASP D 741 -53.88 -18.15 4.28
N GLY D 742 -54.46 -18.96 5.15
CA GLY D 742 -55.88 -19.24 5.11
C GLY D 742 -56.21 -20.34 4.12
C1 EDO E . 3.43 -49.65 10.35
C2 EDO E . 3.11 -50.43 11.58
O2 EDO E . 2.55 -49.59 12.53
C1 EDO F . 22.01 -32.98 13.57
C2 EDO F . 22.44 -33.66 14.83
O2 EDO F . 23.12 -32.78 15.64
O1 PG4 G . 8.81 -50.99 0.29
C1 PG4 G . 8.20 -50.18 -0.65
C2 PG4 G . 8.65 -50.24 -2.09
O2 PG4 G . 10.00 -50.26 -2.35
C3 PG4 G . 10.53 -49.59 -3.44
C4 PG4 G . 12.01 -49.37 -3.43
O1 PG4 H . 30.67 3.18 29.03
C1 PG4 H . 30.45 4.53 28.86
C2 PG4 H . 29.91 5.02 27.55
O2 PG4 H . 29.55 6.35 27.45
C3 PG4 H . 28.48 6.72 26.65
C4 PG4 H . 27.99 8.13 26.75
C1 AE3 I . -31.56 -19.67 18.34
C2 AE3 I . -32.42 -20.81 17.94
O2 AE3 I . -31.93 -21.71 17.01
C3 AE3 I . -30.72 -22.33 17.24
C4 AE3 I . -30.26 -23.35 16.26
O3 AE3 I . -29.01 -23.16 15.71
C5 AE3 I . -28.87 -22.36 14.60
C6 AE3 I . -29.78 -22.59 13.43
O4 AE3 I . -29.56 -21.91 12.25
CHA HEM J . -1.46 -19.85 6.21
CHB HEM J . -0.78 -24.36 7.90
CHC HEM J . 2.37 -25.13 4.31
CHD HEM J . 2.29 -20.42 3.14
C1A HEM J . -1.57 -21.00 6.96
C2A HEM J . -2.47 -21.21 8.09
C3A HEM J . -2.28 -22.46 8.54
C4A HEM J . -1.26 -23.08 7.73
CMA HEM J . -3.01 -23.12 9.73
CAA HEM J . -3.48 -20.18 8.64
CBA HEM J . -2.95 -19.42 9.86
CGA HEM J . -4.11 -18.57 10.30
O1A HEM J . -4.07 -17.32 10.11
O2A HEM J . -5.10 -19.14 10.83
C1B HEM J . 0.19 -24.93 7.11
C2B HEM J . 0.85 -26.19 7.38
C3B HEM J . 1.71 -26.42 6.37
C4B HEM J . 1.64 -25.28 5.46
CMB HEM J . 0.53 -27.07 8.61
CAB HEM J . 2.69 -27.60 6.15
CBB HEM J . 3.08 -28.39 7.16
C1C HEM J . 2.67 -23.91 3.73
C2C HEM J . 3.74 -23.66 2.77
C3C HEM J . 3.69 -22.36 2.44
C4C HEM J . 2.62 -21.75 3.20
CMC HEM J . 4.70 -24.73 2.21
CAC HEM J . 4.61 -21.55 1.51
CBC HEM J . 5.93 -21.73 1.51
C1D HEM J . 1.26 -19.82 3.83
C2D HEM J . 0.90 -18.43 3.73
C3D HEM J . -0.27 -18.24 4.69
C4D HEM J . -0.49 -19.55 5.28
CMD HEM J . 1.57 -17.36 2.85
CAD HEM J . -1.03 -16.92 4.97
CBD HEM J . -0.45 -16.30 6.26
CGD HEM J . -1.06 -14.97 6.60
O1D HEM J . -0.94 -14.52 7.79
O2D HEM J . -1.65 -14.32 5.70
NA HEM J . -0.84 -22.16 6.78
NB HEM J . 0.69 -24.39 5.94
NC HEM J . 2.02 -22.72 3.98
ND HEM J . 0.42 -20.46 4.74
FE HEM J . 0.69 -22.38 5.48
C1 EDO K . -5.22 -31.66 -23.61
C2 EDO K . -3.85 -31.98 -23.10
O2 EDO K . -3.15 -32.74 -24.03
C1 EDO L . 34.44 -25.54 -7.18
C2 EDO L . 33.62 -24.47 -6.54
O2 EDO L . 33.96 -24.37 -5.20
C1 EDO M . 51.74 18.40 -8.65
C2 EDO M . 51.84 17.16 -7.81
O2 EDO M . 51.89 17.54 -6.48
C1 EDO N . 52.21 -5.43 -4.79
C2 EDO N . 51.24 -4.91 -3.76
O2 EDO N . 50.90 -5.89 -2.83
C1 EDO O . 52.23 3.60 -6.51
C2 EDO O . 52.21 2.73 -7.74
O2 EDO O . 53.21 1.77 -7.69
O1 PG4 P . 41.55 36.62 -0.15
C1 PG4 P . 40.34 37.06 0.36
C2 PG4 P . 39.17 36.18 0.10
O2 PG4 P . 38.06 36.74 -0.51
C3 PG4 P . 38.21 37.53 -1.63
C4 PG4 P . 37.84 36.94 -2.94
O1 PG4 Q . 37.33 39.84 -3.51
C1 PG4 Q . 38.58 40.41 -3.65
C2 PG4 Q . 38.59 41.86 -3.96
O2 PG4 Q . 37.36 42.49 -3.84
C3 PG4 Q . 37.13 43.68 -4.50
C4 PG4 Q . 36.90 43.60 -5.96
O1 PG4 R . 48.83 -10.40 12.11
C1 PG4 R . 48.88 -9.16 11.50
C2 PG4 R . 49.85 -8.89 10.41
O2 PG4 R . 49.87 -9.74 9.32
C3 PG4 R . 50.37 -9.30 8.10
C4 PG4 R . 50.51 -10.31 7.01
C1 AE3 S . 22.71 27.45 -19.46
C2 AE3 S . 23.34 28.67 -18.91
O2 AE3 S . 24.72 28.78 -18.99
C3 AE3 S . 25.47 28.61 -17.85
C4 AE3 S . 25.68 27.23 -17.34
O3 AE3 S . 26.55 27.05 -16.28
C5 AE3 S . 26.09 26.47 -15.12
C6 AE3 S . 25.34 27.31 -14.15
O4 AE3 S . 25.04 26.73 -12.93
CHA HEM T . 20.48 0.25 -3.23
CHB HEM T . 25.14 -0.81 -4.10
CHC HEM T . 25.35 -3.25 0.08
CHD HEM T . 20.50 -3.05 0.39
C1A HEM T . 21.73 0.22 -3.81
C2A HEM T . 22.15 0.94 -5.00
C3A HEM T . 23.43 0.64 -5.23
C4A HEM T . 23.88 -0.28 -4.20
CMA HEM T . 24.29 1.18 -6.41
CAA HEM T . 21.27 1.88 -5.87
CBA HEM T . 20.62 1.15 -7.04
CGA HEM T . 19.92 2.23 -7.82
O1A HEM T . 18.66 2.21 -7.85
O2A HEM T . 20.62 3.12 -8.37
C1B HEM T . 25.60 -1.60 -3.07
C2B HEM T . 26.89 -2.26 -3.01
C3B HEM T . 26.96 -2.93 -1.83
C4B HEM T . 25.70 -2.73 -1.15
CMB HEM T . 27.98 -2.13 -4.13
CAB HEM T . 28.10 -3.82 -1.26
CBB HEM T . 28.99 -4.47 -2.03
C1C HEM T . 24.04 -3.50 0.46
C2C HEM T . 23.61 -4.44 1.48
C3C HEM T . 22.27 -4.38 1.55
C4C HEM T . 21.82 -3.40 0.59
CMC HEM T . 24.56 -5.34 2.31
CAC HEM T . 21.27 -5.17 2.44
CBC HEM T . 21.48 -6.40 2.94
C1D HEM T . 20.04 -2.14 -0.52
C2D HEM T . 18.65 -1.77 -0.68
C3D HEM T . 18.64 -0.75 -1.80
C4D HEM T . 20.02 -0.60 -2.22
CMD HEM T . 17.43 -2.29 0.11
CAD HEM T . 17.39 -0.03 -2.38
CBD HEM T . 17.14 -0.67 -3.75
CGD HEM T . 15.84 -0.17 -4.32
O1D HEM T . 15.57 -0.41 -5.54
O2D HEM T . 15.07 0.46 -3.56
NA HEM T . 22.82 -0.50 -3.35
NB HEM T . 24.89 -1.91 -1.93
NC HEM T . 22.93 -2.88 -0.06
ND HEM T . 20.81 -1.44 -1.45
FE HEM T . 22.87 -1.76 -1.83
O1 TAR U . 4.76 44.84 12.05
O11 TAR U . 5.65 45.06 14.03
C1 TAR U . 5.71 44.61 12.85
C2 TAR U . 6.88 43.82 12.36
O2 TAR U . 8.05 44.51 12.54
C3 TAR U . 6.99 42.48 13.06
O3 TAR U . 6.12 42.36 14.12
C4 TAR U . 8.40 42.18 13.47
O4 TAR U . 9.04 42.84 14.33
O41 TAR U . 8.95 41.20 12.91
C1 EDO V . -8.77 8.18 22.00
C2 EDO V . -8.51 9.66 21.95
O2 EDO V . -8.10 10.12 23.20
O1 PG4 W . -8.44 50.17 -9.65
C1 PG4 W . -7.44 49.84 -10.56
C2 PG4 W . -7.78 49.72 -12.00
O2 PG4 W . -8.79 48.85 -12.33
C3 PG4 W . -9.07 48.56 -13.64
C4 PG4 W . -10.12 47.52 -13.89
O1 PG4 X . -7.69 51.20 -1.50
C1 PG4 X . -8.93 51.22 -0.86
C2 PG4 X . -10.09 50.57 -1.53
O2 PG4 X . -11.33 51.16 -1.43
C3 PG4 X . -12.41 50.62 -2.12
C4 PG4 X . -12.81 51.25 -3.42
O1 PG4 Y . 29.60 23.36 17.62
C1 PG4 Y . 30.50 24.03 16.83
C2 PG4 Y . 30.04 25.25 16.11
O2 PG4 Y . 28.87 25.16 15.39
C3 PG4 Y . 28.38 26.28 14.72
C4 PG4 Y . 26.89 26.44 14.68
O1 PG4 Z . 7.33 55.21 9.56
C1 PG4 Z . 6.03 55.63 9.49
C2 PG4 Z . 4.94 54.62 9.02
O2 PG4 Z . 4.76 54.49 7.66
C3 PG4 Z . 3.59 53.75 7.16
C4 PG4 Z . 3.83 52.81 6.06
O3 PG4 Z . 4.79 51.89 6.22
C5 PG4 Z . 5.73 51.66 5.16
C6 PG4 Z . 7.01 51.00 5.53
O4 PG4 Z . 8.18 51.36 4.81
C7 PG4 Z . 8.04 51.67 3.42
C8 PG4 Z . 8.95 52.73 2.81
O1 PG4 AA . -4.31 46.87 18.70
C1 PG4 AA . -5.47 46.59 18.04
C2 PG4 AA . -6.77 46.30 18.86
O2 PG4 AA . -6.68 45.30 19.81
C3 PG4 AA . -7.83 44.97 20.66
C4 PG4 AA . -7.85 43.70 21.39
O3 PG4 AA . -8.26 42.62 20.72
C5 PG4 AA . -8.68 41.44 21.41
C6 PG4 AA . -9.77 40.65 20.77
O4 PG4 AA . -11.12 40.96 21.07
C7 PG4 AA . -12.11 40.96 20.05
C8 PG4 AA . -13.40 41.74 20.29
CHA HEM BA . 1.01 20.50 2.58
CHB HEM BA . 0.15 25.25 3.31
CHC HEM BA . -2.45 25.39 -0.77
CHD HEM BA . -2.40 20.53 -0.91
C1A HEM BA . 1.03 21.78 3.11
C2A HEM BA . 1.81 22.22 4.27
C3A HEM BA . 1.58 23.52 4.45
C4A HEM BA . 0.65 23.97 3.43
CMA HEM BA . 2.18 24.41 5.57
CAA HEM BA . 2.74 21.33 5.10
CBA HEM BA . 2.08 20.80 6.37
CGA HEM BA . 3.13 20.01 7.08
O1A HEM BA . 3.07 18.73 7.07
O2A HEM BA . 4.06 20.66 7.64
C1B HEM BA . -0.68 25.69 2.32
C2B HEM BA . -1.32 26.99 2.25
C3B HEM BA . -2.03 27.03 1.10
C4B HEM BA . -1.88 25.75 0.43
CMB HEM BA . -1.14 28.09 3.32
CAB HEM BA . -2.93 28.14 0.50
CBB HEM BA . -3.45 29.14 1.21
C1C HEM BA . -2.73 24.08 -1.13
C2C HEM BA . -3.69 23.62 -2.14
C3C HEM BA . -3.64 22.28 -2.17
C4C HEM BA . -2.68 21.85 -1.17
CMC HEM BA . -4.55 24.54 -3.03
CAC HEM BA . -4.46 21.28 -3.03
CBC HEM BA . -5.73 21.51 -3.37
C1D HEM BA . -1.46 20.06 -0.02
C2D HEM BA . -1.09 18.67 0.14
C3D HEM BA . -0.02 18.65 1.23
C4D HEM BA . 0.14 20.04 1.63
CMD HEM BA . -1.66 17.44 -0.60
CAD HEM BA . 0.69 17.41 1.81
CBD HEM BA . 0.08 17.21 3.20
CGD HEM BA . 0.51 15.91 3.80
O1D HEM BA . 0.32 15.73 5.04
O2D HEM BA . 1.01 15.04 3.05
NA HEM BA . 0.34 22.89 2.63
NB HEM BA . -1.04 24.96 1.21
NC HEM BA . -2.16 22.98 -0.55
ND HEM BA . -0.71 20.83 0.86
FE HEM BA . -1.00 22.91 1.11
C1 EDO CA . -0.40 4.67 -24.81
C2 EDO CA . -0.49 3.95 -23.51
O2 EDO CA . -0.43 2.57 -23.73
C1 EDO DA . -45.56 -34.62 -2.54
C2 EDO DA . -44.10 -34.93 -2.43
O2 EDO DA . -43.87 -35.94 -1.50
C1 EDO EA . 5.53 28.51 -29.19
C2 EDO EA . 6.09 27.83 -27.97
O2 EDO EA . 7.35 27.32 -28.24
O1 PG4 FA . -43.84 15.66 -3.36
C1 PG4 FA . -44.66 15.07 -2.42
C2 PG4 FA . -44.01 14.54 -1.19
O2 PG4 FA . -44.78 14.21 -0.10
C3 PG4 FA . -44.18 13.84 1.08
C4 PG4 FA . -44.73 14.37 2.38
O1 PG4 GA . -49.37 11.51 4.06
C1 PG4 GA . -49.98 10.30 3.73
C2 PG4 GA . -50.04 9.89 2.29
O2 PG4 GA . -51.11 10.36 1.54
C3 PG4 GA . -50.88 10.92 0.30
C4 PG4 GA . -49.91 10.23 -0.59
C1 AE3 HA . -50.57 3.17 -11.78
C2 AE3 HA . -50.24 3.62 -10.40
O2 AE3 HA . -50.90 4.74 -9.92
C3 AE3 HA . -50.83 5.02 -8.57
C4 AE3 HA . -49.97 6.13 -8.05
O3 AE3 HA . -48.88 5.82 -7.24
C5 AE3 HA . -48.98 5.74 -5.86
C6 AE3 HA . -50.14 4.98 -5.28
O4 AE3 HA . -50.51 5.24 -3.99
CHA HEM IA . -20.03 -1.18 -5.33
CHB HEM IA . -24.55 -0.33 -6.94
CHC HEM IA . -25.15 2.88 -3.35
CHD HEM IA . -20.38 2.79 -2.48
C1A HEM IA . -21.20 -1.26 -6.05
C2A HEM IA . -21.45 -2.14 -7.16
C3A HEM IA . -22.69 -1.91 -7.61
C4A HEM IA . -23.27 -0.86 -6.80
CMA HEM IA . -23.39 -2.64 -8.79
CAA HEM IA . -20.46 -3.19 -7.71
CBA HEM IA . -19.72 -2.71 -8.96
CGA HEM IA . -18.93 -3.91 -9.41
O1A HEM IA . -17.68 -3.92 -9.27
O2A HEM IA . -19.57 -4.87 -9.90
C1B HEM IA . -25.09 0.66 -6.15
C2B HEM IA . -26.35 1.36 -6.37
C3B HEM IA . -26.51 2.24 -5.36
C4B HEM IA . -25.36 2.14 -4.50
CMB HEM IA . -27.28 1.06 -7.58
CAB HEM IA . -27.66 3.26 -5.10
CBB HEM IA . -28.57 3.61 -6.03
C1C HEM IA . -23.91 3.21 -2.87
C2C HEM IA . -23.59 4.30 -1.97
C3C HEM IA . -22.26 4.26 -1.74
C4C HEM IA . -21.71 3.15 -2.49
CMC HEM IA . -24.64 5.28 -1.40
CAC HEM IA . -21.37 5.18 -0.87
CBC HEM IA . -21.67 6.45 -0.61
C1D HEM IA . -19.83 1.71 -3.14
C2D HEM IA . -18.45 1.30 -3.06
C3D HEM IA . -18.34 0.06 -3.95
C4D HEM IA . -19.66 -0.15 -4.48
CMD HEM IA . -17.30 1.98 -2.26
CAD HEM IA . -17.06 -0.76 -4.23
CBD HEM IA . -16.48 -0.22 -5.54
CGD HEM IA . -15.18 -0.88 -5.89
O1D HEM IA . -14.83 -0.86 -7.11
O2D HEM IA . -14.51 -1.43 -4.97
NA HEM IA . -22.33 -0.48 -5.85
NB HEM IA . -24.51 1.16 -5.00
NC HEM IA . -22.74 2.52 -3.16
ND HEM IA . -20.51 0.83 -3.98
FE HEM IA . -22.51 1.14 -4.65
#